data_5IZD
#
_entry.id   5IZD
#
_cell.length_a   95.289
_cell.length_b   152.353
_cell.length_c   149.905
_cell.angle_alpha   90.00
_cell.angle_beta   92.19
_cell.angle_gamma   90.00
#
_symmetry.space_group_name_H-M   'P 1 21 1'
#
loop_
_entity.id
_entity.type
_entity.pdbx_description
1 polymer 'D-glyceraldehyde dehydrogenase (NADP(+))'
2 non-polymer 'NADP NICOTINAMIDE-ADENINE-DINUCLEOTIDE PHOSPHATE'
3 water water
#
_entity_poly.entity_id   1
_entity_poly.type   'polypeptide(L)'
_entity_poly.pdbx_seq_one_letter_code
;MDTKLYIDGQWVNSSSGKTVDKYSPVTGQVIGRFEAATRDDVDRAIDAAEDAFWAWNDLGSVERSKIIYRAKELIEKNRA
ELENIIMEENGKPVKEAKEEVDGVIDQIQYYAEWARKLNGEVVEGTSSHRKIFQYKVPYGIVVALTPWNFPAGMVARKLA
PALLTGNTVVLKPSSDTPGSAEWIVRKFVEAGVPKGVLNFITGRGSEIGDYIVEHKKVNLITMTGSTATGQRIMQKASAN
MAKLILELGGKAPFMVWKDADMDNALKTLLWAKYWNAGQS(CSD)IAAERLYVHEDIYDTFMSRFVELSRKLALGDPKNA
DMGPLINKGALQATSEIVEEAKESGAKILFGGSQPSLSGPYRNGYFFLPTIIGNADQKSKIFQEEIFAPVIGARKISSVE
EMYDLANDSKYGLASYLFTKDPNIIFEASERIRFGELYVNMPGPEASQGYHTGFRMTGQAGEGSKYGISEYLKLKNIYVD
YSGKPLHINTVRDDLFQSGRPVLGSSHHHHHH
;
_entity_poly.pdbx_strand_id   A,B,C,D,E,F,G,H
#
# COMPACT_ATOMS: atom_id res chain seq x y z
N MET A 1 -34.25 17.47 -11.86
CA MET A 1 -35.40 18.23 -11.25
C MET A 1 -35.26 19.70 -11.57
N ASP A 2 -36.34 20.42 -11.44
CA ASP A 2 -36.39 21.87 -11.72
C ASP A 2 -36.44 22.68 -10.42
N THR A 3 -35.49 23.57 -10.22
CA THR A 3 -35.61 24.44 -9.08
C THR A 3 -36.35 25.75 -9.38
N LYS A 4 -36.95 26.32 -8.32
CA LYS A 4 -37.56 27.64 -8.36
C LYS A 4 -36.90 28.62 -7.36
N LEU A 5 -37.46 29.84 -7.33
CA LEU A 5 -37.08 30.87 -6.40
C LEU A 5 -37.96 30.81 -5.13
N TYR A 6 -37.41 31.22 -3.99
CA TYR A 6 -38.21 31.47 -2.79
C TYR A 6 -38.05 32.92 -2.41
N ILE A 7 -39.09 33.71 -2.64
CA ILE A 7 -39.05 35.17 -2.42
C ILE A 7 -40.24 35.61 -1.57
N ASP A 8 -39.98 36.31 -0.44
CA ASP A 8 -41.07 36.77 0.48
C ASP A 8 -42.09 35.67 0.81
N GLY A 9 -41.56 34.49 1.10
CA GLY A 9 -42.37 33.40 1.61
C GLY A 9 -43.19 32.60 0.60
N GLN A 10 -42.89 32.74 -0.70
CA GLN A 10 -43.50 31.99 -1.81
C GLN A 10 -42.45 31.37 -2.75
N TRP A 11 -42.72 30.18 -3.24
CA TRP A 11 -41.98 29.61 -4.37
C TRP A 11 -42.47 30.20 -5.68
N VAL A 12 -41.60 30.83 -6.48
CA VAL A 12 -42.01 31.54 -7.70
C VAL A 12 -41.02 31.24 -8.85
N ASN A 13 -41.46 31.57 -10.07
CA ASN A 13 -40.65 31.53 -11.27
C ASN A 13 -39.91 32.85 -11.38
N SER A 14 -38.86 32.87 -12.18
CA SER A 14 -38.18 34.11 -12.55
C SER A 14 -39.20 35.04 -13.17
N SER A 15 -39.06 36.36 -12.99
CA SER A 15 -40.06 37.29 -13.59
C SER A 15 -39.95 37.39 -15.11
N SER A 16 -38.80 37.00 -15.68
CA SER A 16 -38.66 36.89 -17.15
C SER A 16 -39.10 35.53 -17.69
N GLY A 17 -39.45 34.60 -16.80
CA GLY A 17 -39.59 33.17 -17.07
C GLY A 17 -38.40 32.37 -17.59
N LYS A 18 -37.21 32.97 -17.70
CA LYS A 18 -36.05 32.26 -18.26
C LYS A 18 -35.45 31.27 -17.27
N THR A 19 -34.86 30.22 -17.83
CA THR A 19 -34.17 29.17 -17.06
C THR A 19 -32.82 28.78 -17.65
N VAL A 20 -31.99 28.09 -16.86
CA VAL A 20 -30.66 27.67 -17.25
C VAL A 20 -30.52 26.17 -17.00
N ASP A 21 -29.86 25.47 -17.93
CA ASP A 21 -29.66 24.04 -17.77
C ASP A 21 -28.58 23.68 -16.74
N LYS A 22 -28.81 22.59 -16.03
CA LYS A 22 -27.82 21.93 -15.18
C LYS A 22 -27.40 20.61 -15.83
N TYR A 23 -26.09 20.46 -16.02
CA TYR A 23 -25.42 19.23 -16.52
C TYR A 23 -24.93 18.29 -15.44
N SER A 24 -25.10 17.00 -15.71
CA SER A 24 -24.48 15.94 -14.89
C SER A 24 -22.98 15.83 -15.17
N PRO A 25 -22.16 15.83 -14.13
CA PRO A 25 -20.73 15.63 -14.40
C PRO A 25 -20.35 14.18 -14.64
N VAL A 26 -21.30 13.28 -14.36
CA VAL A 26 -21.10 11.84 -14.52
C VAL A 26 -21.37 11.43 -15.94
N THR A 27 -22.44 11.98 -16.53
CA THR A 27 -22.88 11.64 -17.89
C THR A 27 -22.70 12.74 -18.95
N GLY A 28 -22.55 13.99 -18.51
CA GLY A 28 -22.43 15.13 -19.39
C GLY A 28 -23.73 15.57 -20.02
N GLN A 29 -24.87 15.00 -19.61
CA GLN A 29 -26.19 15.31 -20.17
C GLN A 29 -26.92 16.26 -19.23
N VAL A 30 -27.89 16.97 -19.79
CA VAL A 30 -28.72 17.83 -19.02
C VAL A 30 -29.59 17.01 -18.06
N ILE A 31 -29.66 17.37 -16.78
CA ILE A 31 -30.48 16.64 -15.81
C ILE A 31 -31.49 17.51 -15.01
N GLY A 32 -31.50 18.82 -15.22
CA GLY A 32 -32.36 19.72 -14.47
C GLY A 32 -32.27 21.13 -15.01
N ARG A 33 -33.01 22.04 -14.38
CA ARG A 33 -33.01 23.45 -14.74
C ARG A 33 -33.26 24.25 -13.48
N PHE A 34 -32.86 25.51 -13.53
CA PHE A 34 -33.19 26.45 -12.48
C PHE A 34 -33.62 27.77 -13.06
N GLU A 35 -34.36 28.52 -12.26
CA GLU A 35 -34.82 29.85 -12.69
C GLU A 35 -33.66 30.88 -12.76
N ALA A 36 -33.64 31.65 -13.85
CA ALA A 36 -32.71 32.81 -13.96
C ALA A 36 -33.30 34.06 -13.34
N ALA A 37 -33.07 34.30 -12.06
CA ALA A 37 -33.64 35.49 -11.43
C ALA A 37 -33.26 36.82 -12.16
N THR A 38 -34.18 37.78 -12.24
CA THR A 38 -33.85 39.13 -12.71
C THR A 38 -33.39 40.09 -11.58
N ARG A 39 -32.89 41.24 -11.99
CA ARG A 39 -32.65 42.35 -11.13
C ARG A 39 -33.88 42.69 -10.29
N ASP A 40 -35.08 42.56 -10.84
CA ASP A 40 -36.29 42.86 -10.05
C ASP A 40 -36.64 41.73 -9.02
N ASP A 41 -36.29 40.47 -9.33
CA ASP A 41 -36.43 39.36 -8.38
C ASP A 41 -35.50 39.53 -7.16
N VAL A 42 -34.27 39.96 -7.42
CA VAL A 42 -33.29 40.30 -6.40
C VAL A 42 -33.79 41.42 -5.48
N ASP A 43 -34.22 42.53 -6.07
CA ASP A 43 -34.87 43.60 -5.31
C ASP A 43 -36.01 43.12 -4.39
N ARG A 44 -36.98 42.36 -4.91
CA ARG A 44 -38.05 41.85 -4.04
C ARG A 44 -37.51 41.01 -2.89
N ALA A 45 -36.49 40.19 -3.18
CA ALA A 45 -35.91 39.33 -2.17
C ALA A 45 -35.21 40.13 -1.07
N ILE A 46 -34.38 41.10 -1.45
CA ILE A 46 -33.70 41.96 -0.49
C ILE A 46 -34.70 42.80 0.30
N ASP A 47 -35.67 43.38 -0.39
CA ASP A 47 -36.85 44.06 0.27
C ASP A 47 -37.64 43.21 1.26
N ALA A 48 -37.92 41.96 0.91
CA ALA A 48 -38.50 41.03 1.91
C ALA A 48 -37.57 40.81 3.16
N ALA A 49 -36.28 40.61 2.94
CA ALA A 49 -35.33 40.53 4.03
C ALA A 49 -35.33 41.80 4.90
N GLU A 50 -35.36 42.97 4.28
CA GLU A 50 -35.47 44.21 5.08
C GLU A 50 -36.73 44.28 5.93
N ASP A 51 -37.85 43.99 5.31
CA ASP A 51 -39.11 44.07 6.02
C ASP A 51 -39.27 42.98 7.10
N ALA A 52 -38.63 41.83 6.98
CA ALA A 52 -38.70 40.83 8.03
C ALA A 52 -37.70 41.10 9.20
N PHE A 53 -36.75 42.02 9.03
CA PHE A 53 -35.59 42.12 9.92
C PHE A 53 -35.95 42.37 11.38
N TRP A 54 -36.78 43.36 11.67
CA TRP A 54 -37.06 43.72 13.08
C TRP A 54 -37.74 42.65 13.93
N ALA A 55 -38.73 42.03 13.36
CA ALA A 55 -39.44 40.91 13.98
C ALA A 55 -38.60 39.63 14.12
N TRP A 56 -37.64 39.39 13.21
CA TRP A 56 -36.68 38.28 13.39
C TRP A 56 -35.65 38.65 14.50
N ASN A 57 -35.08 39.83 14.44
CA ASN A 57 -34.22 40.29 15.56
C ASN A 57 -34.96 40.11 16.92
N ASP A 58 -36.17 40.64 16.98
CA ASP A 58 -36.96 40.70 18.21
C ASP A 58 -37.47 39.33 18.76
N LEU A 59 -37.53 38.25 17.97
CA LEU A 59 -37.76 36.91 18.54
C LEU A 59 -36.73 36.45 19.57
N GLY A 60 -35.49 36.92 19.44
CA GLY A 60 -34.40 36.44 20.27
C GLY A 60 -33.76 35.14 19.78
N SER A 61 -32.54 34.91 20.25
CA SER A 61 -31.76 33.77 19.80
C SER A 61 -32.38 32.42 20.21
N VAL A 62 -33.04 32.33 21.37
CA VAL A 62 -33.60 31.02 21.81
C VAL A 62 -34.70 30.52 20.86
N GLU A 63 -35.65 31.41 20.58
CA GLU A 63 -36.72 31.09 19.66
C GLU A 63 -36.19 30.86 18.25
N ARG A 64 -35.15 31.60 17.83
CA ARG A 64 -34.61 31.38 16.50
C ARG A 64 -33.94 30.01 16.48
N SER A 65 -33.22 29.66 17.57
CA SER A 65 -32.60 28.36 17.69
C SER A 65 -33.60 27.24 17.61
N LYS A 66 -34.81 27.39 18.14
CA LYS A 66 -35.80 26.28 18.11
C LYS A 66 -36.21 25.91 16.67
N ILE A 67 -36.39 26.95 15.85
CA ILE A 67 -36.70 26.83 14.40
C ILE A 67 -35.50 26.18 13.69
N ILE A 68 -34.28 26.63 14.01
CA ILE A 68 -33.10 26.05 13.37
C ILE A 68 -32.90 24.57 13.74
N TYR A 69 -33.18 24.22 15.02
CA TYR A 69 -33.09 22.81 15.46
C TYR A 69 -34.12 21.88 14.73
N ARG A 70 -35.30 22.42 14.50
CA ARG A 70 -36.39 21.76 13.79
C ARG A 70 -35.87 21.44 12.39
N ALA A 71 -35.33 22.42 11.68
CA ALA A 71 -34.69 22.23 10.36
C ALA A 71 -33.65 21.13 10.39
N LYS A 72 -32.75 21.19 11.37
CA LYS A 72 -31.83 20.10 11.57
C LYS A 72 -32.53 18.71 11.64
N GLU A 73 -33.54 18.57 12.50
CA GLU A 73 -34.26 17.29 12.64
C GLU A 73 -34.94 16.82 11.32
N LEU A 74 -35.54 17.75 10.57
CA LEU A 74 -36.19 17.44 9.27
C LEU A 74 -35.18 17.01 8.24
N ILE A 75 -34.01 17.65 8.22
CA ILE A 75 -32.91 17.29 7.33
C ILE A 75 -32.48 15.87 7.67
N GLU A 76 -32.29 15.61 8.95
CA GLU A 76 -31.86 14.29 9.44
C GLU A 76 -32.82 13.15 9.06
N LYS A 77 -34.11 13.38 9.28
CA LYS A 77 -35.16 12.43 8.98
C LYS A 77 -35.18 12.04 7.48
N ASN A 78 -34.88 13.01 6.62
CA ASN A 78 -34.98 12.86 5.16
C ASN A 78 -33.64 12.93 4.46
N ARG A 79 -32.57 12.70 5.21
CA ARG A 79 -31.18 12.82 4.75
C ARG A 79 -30.84 12.17 3.45
N ALA A 80 -31.36 10.98 3.26
CA ALA A 80 -31.20 10.25 2.02
C ALA A 80 -31.50 11.07 0.76
N GLU A 81 -32.55 11.89 0.77
CA GLU A 81 -32.89 12.72 -0.38
C GLU A 81 -31.75 13.71 -0.70
N LEU A 82 -31.12 14.23 0.32
CA LEU A 82 -30.03 15.16 0.10
C LEU A 82 -28.76 14.49 -0.39
N GLU A 83 -28.49 13.31 0.11
CA GLU A 83 -27.37 12.50 -0.27
C GLU A 83 -27.45 12.20 -1.78
N ASN A 84 -28.63 11.82 -2.23
CA ASN A 84 -28.91 11.59 -3.62
C ASN A 84 -28.72 12.80 -4.53
N ILE A 85 -29.20 13.95 -4.11
CA ILE A 85 -29.04 15.17 -4.91
C ILE A 85 -27.55 15.51 -5.11
N ILE A 86 -26.77 15.41 -4.03
CA ILE A 86 -25.35 15.63 -4.13
C ILE A 86 -24.68 14.62 -5.07
N MET A 87 -25.05 13.33 -4.99
CA MET A 87 -24.46 12.34 -5.90
C MET A 87 -24.85 12.66 -7.32
N GLU A 88 -26.07 13.12 -7.52
CA GLU A 88 -26.57 13.44 -8.90
C GLU A 88 -25.92 14.75 -9.45
N GLU A 89 -25.91 15.82 -8.64
CA GLU A 89 -25.37 17.10 -9.11
C GLU A 89 -23.87 17.20 -9.21
N ASN A 90 -23.19 16.51 -8.32
CA ASN A 90 -21.73 16.62 -8.19
C ASN A 90 -21.00 15.34 -8.59
N GLY A 91 -21.68 14.19 -8.61
CA GLY A 91 -21.05 12.90 -8.94
C GLY A 91 -20.16 12.43 -7.80
N LYS A 92 -20.35 12.97 -6.59
CA LYS A 92 -19.52 12.55 -5.42
C LYS A 92 -19.68 11.08 -5.08
N PRO A 93 -18.57 10.40 -4.74
CA PRO A 93 -18.76 9.05 -4.19
C PRO A 93 -19.71 9.03 -2.99
N VAL A 94 -20.51 7.95 -2.90
CA VAL A 94 -21.55 7.81 -1.84
C VAL A 94 -21.03 8.18 -0.41
N LYS A 95 -19.84 7.70 -0.02
CA LYS A 95 -19.33 8.02 1.30
C LYS A 95 -19.06 9.53 1.46
N GLU A 96 -18.61 10.20 0.38
CA GLU A 96 -18.46 11.66 0.38
C GLU A 96 -19.79 12.39 0.49
N ALA A 97 -20.80 11.86 -0.19
CA ALA A 97 -22.14 12.45 -0.12
C ALA A 97 -22.69 12.27 1.30
N LYS A 98 -22.56 11.09 1.89
CA LYS A 98 -23.04 10.88 3.27
C LYS A 98 -22.28 11.73 4.32
N GLU A 99 -20.96 11.84 4.14
CA GLU A 99 -20.13 12.66 5.01
C GLU A 99 -20.53 14.15 4.93
N GLU A 100 -20.82 14.64 3.74
CA GLU A 100 -21.25 16.01 3.60
C GLU A 100 -22.55 16.30 4.35
N VAL A 101 -23.48 15.37 4.29
CA VAL A 101 -24.74 15.52 4.97
C VAL A 101 -24.56 15.39 6.50
N ASP A 102 -23.66 14.55 6.93
CA ASP A 102 -23.33 14.41 8.31
C ASP A 102 -22.92 15.82 8.80
N GLY A 103 -22.09 16.46 8.01
CA GLY A 103 -21.56 17.77 8.27
C GLY A 103 -22.58 18.87 8.28
N VAL A 104 -23.60 18.73 7.47
CA VAL A 104 -24.65 19.71 7.43
C VAL A 104 -25.35 19.67 8.78
N ILE A 105 -25.61 18.47 9.25
CA ILE A 105 -26.32 18.18 10.50
C ILE A 105 -25.47 18.61 11.68
N ASP A 106 -24.20 18.28 11.71
CA ASP A 106 -23.32 18.73 12.76
C ASP A 106 -23.17 20.26 12.84
N GLN A 107 -23.15 20.95 11.71
CA GLN A 107 -22.91 22.35 11.70
C GLN A 107 -24.12 23.12 12.16
N ILE A 108 -25.28 22.71 11.63
CA ILE A 108 -26.51 23.35 12.04
C ILE A 108 -26.72 23.19 13.58
N GLN A 109 -26.46 21.99 14.12
CA GLN A 109 -26.49 21.80 15.58
C GLN A 109 -25.55 22.76 16.32
N TYR A 110 -24.31 22.77 15.89
CA TYR A 110 -23.25 23.53 16.53
C TYR A 110 -23.59 25.02 16.55
N TYR A 111 -24.02 25.59 15.42
CA TYR A 111 -24.31 27.01 15.38
C TYR A 111 -25.54 27.38 16.20
N ALA A 112 -26.57 26.54 16.13
CA ALA A 112 -27.75 26.76 16.96
C ALA A 112 -27.45 26.70 18.45
N GLU A 113 -26.47 25.90 18.87
CA GLU A 113 -26.06 25.85 20.31
C GLU A 113 -25.47 27.14 20.89
N TRP A 114 -25.20 28.10 20.05
CA TRP A 114 -24.70 29.38 20.46
C TRP A 114 -25.80 30.31 20.99
N ALA A 115 -27.03 29.84 20.99
CA ALA A 115 -28.14 30.63 21.50
C ALA A 115 -27.88 31.16 22.95
N ARG A 116 -28.18 32.44 23.14
CA ARG A 116 -28.00 33.16 24.40
C ARG A 116 -26.62 32.99 25.08
N LYS A 117 -25.60 32.87 24.26
CA LYS A 117 -24.25 32.70 24.71
C LYS A 117 -23.24 33.66 24.08
N LEU A 118 -23.64 34.47 23.12
CA LEU A 118 -22.74 35.42 22.47
C LEU A 118 -22.96 36.78 23.12
N ASN A 119 -22.36 36.93 24.28
CA ASN A 119 -22.58 38.08 25.12
C ASN A 119 -21.92 39.36 24.60
N GLY A 120 -22.54 40.49 24.90
CA GLY A 120 -21.90 41.79 24.84
C GLY A 120 -21.05 42.04 26.13
N GLU A 121 -20.65 43.30 26.33
CA GLU A 121 -19.73 43.61 27.42
C GLU A 121 -20.19 44.91 28.11
N VAL A 122 -19.80 45.04 29.37
CA VAL A 122 -19.98 46.27 30.15
C VAL A 122 -18.59 46.69 30.55
N VAL A 123 -18.20 47.92 30.19
CA VAL A 123 -16.91 48.43 30.60
C VAL A 123 -17.01 49.71 31.40
N GLU A 124 -16.05 49.88 32.27
CA GLU A 124 -15.88 51.13 33.05
C GLU A 124 -15.94 52.37 32.16
N GLY A 125 -16.69 53.40 32.58
CA GLY A 125 -16.69 54.69 31.91
C GLY A 125 -15.57 55.55 32.44
N THR A 126 -15.62 56.82 32.09
CA THR A 126 -14.57 57.78 32.48
C THR A 126 -14.85 58.48 33.79
N SER A 127 -15.96 58.17 34.46
CA SER A 127 -16.14 58.50 35.88
C SER A 127 -16.90 57.38 36.53
N SER A 128 -17.02 57.49 37.86
CA SER A 128 -17.75 56.47 38.62
C SER A 128 -19.22 56.44 38.29
N HIS A 129 -19.80 57.49 37.73
CA HIS A 129 -21.21 57.45 37.34
C HIS A 129 -21.42 57.39 35.82
N ARG A 130 -20.48 56.71 35.15
CA ARG A 130 -20.51 56.44 33.73
C ARG A 130 -20.18 54.97 33.49
N LYS A 131 -20.86 54.37 32.54
CA LYS A 131 -20.54 53.02 32.03
C LYS A 131 -20.62 53.04 30.51
N ILE A 132 -19.96 52.06 29.90
CA ILE A 132 -20.04 51.86 28.45
C ILE A 132 -20.60 50.45 28.19
N PHE A 133 -21.79 50.38 27.61
CA PHE A 133 -22.45 49.11 27.35
C PHE A 133 -22.11 48.72 25.91
N GLN A 134 -21.59 47.52 25.73
CA GLN A 134 -21.33 47.06 24.36
C GLN A 134 -22.25 45.92 23.99
N TYR A 135 -23.18 46.19 23.08
CA TYR A 135 -24.17 45.18 22.68
C TYR A 135 -23.70 44.51 21.39
N LYS A 136 -24.08 43.27 21.19
CA LYS A 136 -23.80 42.56 19.95
C LYS A 136 -25.15 42.38 19.27
N VAL A 137 -25.30 42.93 18.05
CA VAL A 137 -26.57 42.99 17.34
C VAL A 137 -26.36 42.47 15.89
N PRO A 138 -27.42 42.02 15.25
CA PRO A 138 -27.21 41.59 13.85
C PRO A 138 -26.80 42.76 12.93
N TYR A 139 -26.07 42.46 11.88
CA TYR A 139 -25.78 43.44 10.79
C TYR A 139 -27.02 43.82 10.04
N GLY A 140 -27.97 42.91 9.94
CA GLY A 140 -29.17 43.20 9.13
C GLY A 140 -29.36 42.20 8.03
N ILE A 141 -29.18 42.61 6.77
CA ILE A 141 -29.32 41.72 5.62
C ILE A 141 -28.03 41.09 5.12
N VAL A 142 -27.97 39.77 5.23
CA VAL A 142 -26.81 38.95 4.84
C VAL A 142 -27.10 38.37 3.43
N VAL A 143 -26.15 38.54 2.51
CA VAL A 143 -26.13 37.88 1.25
C VAL A 143 -25.10 36.74 1.36
N ALA A 144 -25.60 35.55 1.03
CA ALA A 144 -24.81 34.33 1.10
C ALA A 144 -24.61 33.77 -0.29
N LEU A 145 -23.33 33.66 -0.70
CA LEU A 145 -22.96 33.25 -2.04
C LEU A 145 -22.16 31.97 -1.88
N THR A 146 -22.73 30.84 -2.33
CA THR A 146 -22.13 29.53 -2.06
C THR A 146 -21.51 28.92 -3.30
N PRO A 147 -20.42 28.14 -3.11
CA PRO A 147 -19.79 27.44 -4.24
C PRO A 147 -20.39 26.04 -4.56
N TRP A 148 -19.86 25.41 -5.60
CA TRP A 148 -20.40 24.12 -6.05
C TRP A 148 -19.72 22.93 -5.37
N ASN A 149 -18.54 23.15 -4.80
CA ASN A 149 -17.72 22.01 -4.39
C ASN A 149 -18.25 21.29 -3.15
N PHE A 150 -18.79 22.03 -2.16
CA PHE A 150 -19.49 21.48 -0.99
C PHE A 150 -20.83 22.19 -0.98
N PRO A 151 -21.69 21.80 -1.92
CA PRO A 151 -22.89 22.57 -2.18
C PRO A 151 -23.96 22.48 -1.09
N ALA A 152 -23.87 21.54 -0.16
CA ALA A 152 -24.82 21.44 0.95
C ALA A 152 -24.12 21.95 2.24
N GLY A 153 -22.89 21.48 2.46
CA GLY A 153 -22.01 21.98 3.61
C GLY A 153 -21.90 23.49 3.68
N MET A 154 -21.73 24.12 2.53
CA MET A 154 -21.48 25.57 2.50
C MET A 154 -22.75 26.37 2.77
N VAL A 155 -23.90 25.78 2.40
CA VAL A 155 -25.16 26.41 2.70
C VAL A 155 -25.42 26.37 4.19
N ALA A 156 -25.35 25.19 4.78
CA ALA A 156 -25.43 25.07 6.25
C ALA A 156 -24.43 26.02 6.99
N ARG A 157 -23.19 26.08 6.52
CA ARG A 157 -22.15 26.90 7.17
C ARG A 157 -22.50 28.39 7.27
N LYS A 158 -23.14 28.93 6.25
CA LYS A 158 -23.54 30.31 6.16
C LYS A 158 -24.93 30.62 6.74
N LEU A 159 -25.93 29.79 6.46
CA LEU A 159 -27.30 30.07 6.95
C LEU A 159 -27.43 29.88 8.45
N ALA A 160 -26.88 28.81 9.02
CA ALA A 160 -27.08 28.60 10.48
C ALA A 160 -26.60 29.76 11.35
N PRO A 161 -25.34 30.22 11.15
CA PRO A 161 -24.91 31.29 12.06
C PRO A 161 -25.56 32.62 11.73
N ALA A 162 -25.79 32.89 10.46
CA ALA A 162 -26.46 34.14 10.06
C ALA A 162 -27.84 34.26 10.71
N LEU A 163 -28.60 33.18 10.59
CA LEU A 163 -29.93 33.14 11.18
C LEU A 163 -29.93 33.11 12.71
N LEU A 164 -29.03 32.36 13.34
CA LEU A 164 -29.03 32.24 14.78
C LEU A 164 -28.83 33.63 15.38
N THR A 165 -27.90 34.39 14.79
CA THR A 165 -27.57 35.71 15.24
C THR A 165 -28.61 36.80 14.93
N GLY A 166 -29.68 36.47 14.21
CA GLY A 166 -30.79 37.40 14.00
C GLY A 166 -30.74 38.19 12.69
N ASN A 167 -29.88 37.79 11.73
CA ASN A 167 -29.83 38.42 10.43
C ASN A 167 -30.87 37.75 9.55
N THR A 168 -31.35 38.48 8.56
CA THR A 168 -32.22 37.91 7.53
C THR A 168 -31.32 37.64 6.36
N VAL A 169 -31.74 36.74 5.47
CA VAL A 169 -30.82 36.14 4.52
C VAL A 169 -31.42 36.03 3.09
N VAL A 170 -30.60 36.44 2.13
CA VAL A 170 -30.75 36.15 0.68
C VAL A 170 -29.59 35.24 0.20
N LEU A 171 -29.94 33.99 -0.13
CA LEU A 171 -29.01 32.98 -0.61
C LEU A 171 -29.02 32.84 -2.16
N LYS A 172 -27.85 32.83 -2.78
CA LYS A 172 -27.68 32.57 -4.20
C LYS A 172 -26.58 31.52 -4.33
N PRO A 173 -26.95 30.31 -4.71
CA PRO A 173 -25.97 29.24 -4.81
C PRO A 173 -25.27 29.23 -6.15
N SER A 174 -24.30 28.36 -6.26
CA SER A 174 -23.56 28.22 -7.50
C SER A 174 -24.54 27.78 -8.59
N SER A 175 -24.30 28.25 -9.82
CA SER A 175 -25.10 27.78 -10.95
C SER A 175 -24.86 26.30 -11.30
N ASP A 176 -23.78 25.70 -10.79
CA ASP A 176 -23.58 24.28 -11.00
C ASP A 176 -24.37 23.39 -10.04
N THR A 177 -24.89 23.93 -8.93
CA THR A 177 -25.47 23.12 -7.87
C THR A 177 -26.69 23.80 -7.20
N PRO A 178 -27.71 24.19 -8.00
CA PRO A 178 -28.87 24.75 -7.37
C PRO A 178 -29.68 23.81 -6.43
N GLY A 179 -29.69 22.50 -6.71
CA GLY A 179 -30.67 21.53 -6.16
C GLY A 179 -30.45 21.32 -4.64
N SER A 180 -29.21 21.18 -4.25
CA SER A 180 -28.94 20.86 -2.84
C SER A 180 -29.28 22.09 -1.97
N ALA A 181 -29.05 23.28 -2.50
CA ALA A 181 -29.35 24.49 -1.76
C ALA A 181 -30.86 24.64 -1.59
N GLU A 182 -31.58 24.41 -2.69
CA GLU A 182 -33.02 24.54 -2.68
C GLU A 182 -33.59 23.60 -1.69
N TRP A 183 -33.07 22.39 -1.67
CA TRP A 183 -33.61 21.37 -0.77
C TRP A 183 -33.43 21.76 0.74
N ILE A 184 -32.26 22.30 1.07
CA ILE A 184 -31.98 22.78 2.42
C ILE A 184 -32.88 23.92 2.80
N VAL A 185 -33.01 24.88 1.89
CA VAL A 185 -33.90 26.02 2.06
C VAL A 185 -35.33 25.59 2.37
N ARG A 186 -35.81 24.60 1.62
CA ARG A 186 -37.17 24.08 1.80
C ARG A 186 -37.28 23.47 3.21
N LYS A 187 -36.25 22.78 3.71
CA LYS A 187 -36.28 22.26 5.07
C LYS A 187 -36.38 23.38 6.12
N PHE A 188 -35.66 24.47 5.94
CA PHE A 188 -35.80 25.64 6.80
C PHE A 188 -37.20 26.25 6.75
N VAL A 189 -37.73 26.36 5.53
CA VAL A 189 -39.14 26.75 5.34
C VAL A 189 -40.11 25.80 6.10
N GLU A 190 -40.00 24.51 5.88
CA GLU A 190 -40.88 23.57 6.59
C GLU A 190 -40.69 23.61 8.12
N ALA A 191 -39.51 24.03 8.62
CA ALA A 191 -39.28 24.13 10.06
C ALA A 191 -39.92 25.39 10.68
N GLY A 192 -40.48 26.30 9.84
CA GLY A 192 -41.12 27.53 10.34
C GLY A 192 -40.38 28.86 10.24
N VAL A 193 -39.32 28.96 9.43
CA VAL A 193 -38.67 30.28 9.22
C VAL A 193 -39.74 31.27 8.72
N PRO A 194 -39.94 32.41 9.40
CA PRO A 194 -40.97 33.34 8.92
C PRO A 194 -40.71 33.93 7.53
N LYS A 195 -41.78 34.47 6.90
CA LYS A 195 -41.69 34.99 5.52
C LYS A 195 -40.78 36.21 5.45
N GLY A 196 -39.91 36.24 4.46
CA GLY A 196 -38.89 37.28 4.34
C GLY A 196 -37.55 36.99 5.00
N VAL A 197 -37.51 36.11 6.00
CA VAL A 197 -36.28 35.88 6.77
C VAL A 197 -35.24 35.17 5.93
N LEU A 198 -35.69 34.28 5.06
CA LEU A 198 -34.82 33.50 4.21
C LEU A 198 -35.34 33.54 2.78
N ASN A 199 -34.52 34.02 1.85
CA ASN A 199 -34.89 34.09 0.43
C ASN A 199 -33.82 33.38 -0.40
N PHE A 200 -34.27 32.78 -1.52
CA PHE A 200 -33.48 31.88 -2.36
C PHE A 200 -33.58 32.37 -3.78
N ILE A 201 -32.43 32.75 -4.32
CA ILE A 201 -32.31 33.35 -5.64
C ILE A 201 -31.24 32.57 -6.41
N THR A 202 -31.62 32.04 -7.57
CA THR A 202 -30.69 31.38 -8.45
C THR A 202 -30.57 32.26 -9.70
N GLY A 203 -29.44 32.10 -10.38
CA GLY A 203 -29.11 32.86 -11.57
C GLY A 203 -27.60 33.02 -11.62
N ARG A 204 -27.09 33.21 -12.82
CA ARG A 204 -25.65 33.27 -13.06
C ARG A 204 -25.05 34.52 -12.38
N GLY A 205 -23.93 34.31 -11.70
CA GLY A 205 -23.26 35.38 -10.94
C GLY A 205 -22.73 36.46 -11.90
N SER A 206 -22.37 36.03 -13.10
CA SER A 206 -21.97 36.93 -14.14
C SER A 206 -23.13 37.87 -14.53
N GLU A 207 -24.37 37.48 -14.23
CA GLU A 207 -25.53 38.22 -14.60
C GLU A 207 -26.07 39.05 -13.46
N ILE A 208 -26.23 38.47 -12.26
CA ILE A 208 -26.84 39.18 -11.13
C ILE A 208 -25.92 39.35 -9.90
N GLY A 209 -24.72 38.75 -9.95
CA GLY A 209 -23.81 38.74 -8.82
C GLY A 209 -23.36 40.12 -8.41
N ASP A 210 -22.89 40.90 -9.39
CA ASP A 210 -22.53 42.32 -9.11
C ASP A 210 -23.69 43.06 -8.52
N TYR A 211 -24.86 42.84 -9.07
CA TYR A 211 -26.04 43.61 -8.67
C TYR A 211 -26.44 43.33 -7.23
N ILE A 212 -26.41 42.05 -6.85
CA ILE A 212 -26.72 41.63 -5.47
C ILE A 212 -25.71 42.24 -4.50
N VAL A 213 -24.43 42.12 -4.82
CA VAL A 213 -23.41 42.54 -3.88
C VAL A 213 -23.34 44.04 -3.66
N GLU A 214 -23.51 44.85 -4.70
CA GLU A 214 -23.43 46.33 -4.49
C GLU A 214 -24.72 47.06 -4.00
N HIS A 215 -25.82 46.34 -3.81
CA HIS A 215 -27.15 46.87 -3.48
C HIS A 215 -27.11 47.71 -2.18
N LYS A 216 -27.73 48.89 -2.19
CA LYS A 216 -27.65 49.87 -1.10
C LYS A 216 -28.05 49.30 0.27
N LYS A 217 -28.93 48.30 0.28
CA LYS A 217 -29.49 47.70 1.51
C LYS A 217 -28.75 46.46 2.09
N VAL A 218 -27.74 45.96 1.40
CA VAL A 218 -27.01 44.79 1.85
C VAL A 218 -26.03 45.20 2.93
N ASN A 219 -25.99 44.46 4.03
CA ASN A 219 -25.09 44.84 5.14
C ASN A 219 -23.85 43.96 5.32
N LEU A 220 -23.96 42.71 4.85
CA LEU A 220 -22.92 41.70 5.04
C LEU A 220 -22.99 40.69 3.87
N ILE A 221 -21.82 40.36 3.36
CA ILE A 221 -21.64 39.35 2.31
C ILE A 221 -20.74 38.24 2.86
N THR A 222 -21.29 37.04 2.86
CA THR A 222 -20.59 35.84 3.21
C THR A 222 -20.46 34.94 1.96
N MET A 223 -19.24 34.63 1.56
CA MET A 223 -18.98 34.03 0.23
C MET A 223 -17.82 33.08 0.28
N THR A 224 -17.91 32.01 -0.50
CA THR A 224 -16.81 31.09 -0.65
C THR A 224 -16.72 30.78 -2.14
N GLY A 225 -15.51 30.72 -2.68
CA GLY A 225 -15.24 30.44 -4.10
C GLY A 225 -13.86 30.85 -4.57
N SER A 226 -13.78 31.32 -5.80
CA SER A 226 -12.49 31.55 -6.43
C SER A 226 -11.93 32.92 -6.04
N THR A 227 -10.64 33.05 -6.24
CA THR A 227 -9.94 34.27 -5.85
C THR A 227 -10.50 35.48 -6.66
N ALA A 228 -10.64 35.31 -7.98
CA ALA A 228 -11.07 36.41 -8.86
C ALA A 228 -12.47 36.99 -8.43
N THR A 229 -13.36 36.11 -7.96
CA THR A 229 -14.73 36.47 -7.66
C THR A 229 -14.70 37.19 -6.34
N GLY A 230 -13.89 36.71 -5.42
CA GLY A 230 -13.64 37.42 -4.18
C GLY A 230 -13.14 38.82 -4.35
N GLN A 231 -12.15 38.98 -5.24
CA GLN A 231 -11.58 40.31 -5.53
C GLN A 231 -12.66 41.22 -6.13
N ARG A 232 -13.48 40.67 -7.00
CA ARG A 232 -14.57 41.43 -7.60
C ARG A 232 -15.64 41.84 -6.57
N ILE A 233 -16.01 40.92 -5.69
CA ILE A 233 -16.98 41.24 -4.66
C ILE A 233 -16.46 42.37 -3.76
N MET A 234 -15.20 42.28 -3.36
CA MET A 234 -14.61 43.31 -2.57
C MET A 234 -14.64 44.65 -3.26
N GLN A 235 -14.30 44.69 -4.55
CA GLN A 235 -14.38 45.96 -5.30
C GLN A 235 -15.81 46.54 -5.34
N LYS A 236 -16.81 45.69 -5.66
CA LYS A 236 -18.21 46.12 -5.75
C LYS A 236 -18.80 46.54 -4.40
N ALA A 237 -18.50 45.79 -3.34
CA ALA A 237 -18.96 46.13 -2.01
C ALA A 237 -18.33 47.41 -1.42
N SER A 238 -17.38 48.00 -2.13
CA SER A 238 -16.95 49.35 -1.78
C SER A 238 -18.15 50.32 -1.82
N ALA A 239 -19.16 50.06 -2.65
CA ALA A 239 -20.37 50.89 -2.70
C ALA A 239 -21.21 50.95 -1.40
N ASN A 240 -21.25 49.90 -0.62
CA ASN A 240 -22.11 49.89 0.56
C ASN A 240 -21.33 49.61 1.84
N MET A 241 -20.02 49.44 1.74
CA MET A 241 -19.19 49.06 2.88
C MET A 241 -19.70 47.83 3.61
N ALA A 242 -20.27 46.88 2.87
CA ALA A 242 -20.68 45.65 3.50
C ALA A 242 -19.49 45.00 4.23
N LYS A 243 -19.77 44.41 5.39
CA LYS A 243 -18.90 43.50 6.04
C LYS A 243 -18.70 42.27 5.15
N LEU A 244 -17.44 41.91 4.94
CA LEU A 244 -17.08 40.78 4.06
C LEU A 244 -16.57 39.56 4.84
N ILE A 245 -17.14 38.40 4.54
CA ILE A 245 -16.61 37.11 5.00
C ILE A 245 -16.39 36.33 3.71
N LEU A 246 -15.13 36.18 3.31
CA LEU A 246 -14.74 35.62 2.02
C LEU A 246 -13.71 34.56 2.27
N GLU A 247 -13.93 33.40 1.68
CA GLU A 247 -12.98 32.32 1.69
C GLU A 247 -12.70 31.84 0.26
N LEU A 248 -11.44 31.98 -0.18
CA LEU A 248 -11.07 32.01 -1.57
C LEU A 248 -10.12 30.85 -1.97
N GLY A 249 -10.14 29.77 -1.17
CA GLY A 249 -9.38 28.56 -1.55
C GLY A 249 -7.90 28.75 -1.15
N GLY A 250 -7.00 27.97 -1.75
CA GLY A 250 -5.62 27.92 -1.29
C GLY A 250 -4.68 27.09 -2.09
N LYS A 251 -3.45 26.92 -1.54
CA LYS A 251 -2.48 26.10 -2.21
C LYS A 251 -1.68 25.39 -1.18
N ALA A 252 -2.34 24.46 -0.53
CA ALA A 252 -1.83 23.85 0.66
C ALA A 252 -0.54 23.04 0.44
N PRO A 253 0.56 23.44 1.14
CA PRO A 253 1.69 22.53 1.10
C PRO A 253 1.49 21.31 2.00
N PHE A 254 1.95 20.17 1.51
CA PHE A 254 1.93 18.91 2.23
C PHE A 254 3.40 18.50 2.52
N MET A 255 3.78 18.55 3.80
CA MET A 255 5.18 18.43 4.18
C MET A 255 5.41 17.15 4.98
N VAL A 256 6.36 16.33 4.56
CA VAL A 256 6.63 15.03 5.16
C VAL A 256 8.11 15.02 5.52
N TRP A 257 8.36 15.20 6.81
CA TRP A 257 9.75 15.25 7.30
C TRP A 257 10.30 13.81 7.31
N LYS A 258 11.63 13.67 7.40
CA LYS A 258 12.29 12.35 7.37
C LYS A 258 11.85 11.40 8.47
N ASP A 259 11.39 11.89 9.61
CA ASP A 259 10.94 10.98 10.68
C ASP A 259 9.42 10.65 10.63
N ALA A 260 8.72 11.03 9.57
CA ALA A 260 7.27 10.84 9.52
C ALA A 260 6.87 9.38 9.57
N ASP A 261 5.66 9.09 10.07
CA ASP A 261 5.09 7.78 9.90
C ASP A 261 4.53 7.64 8.43
N MET A 262 5.15 6.75 7.66
CA MET A 262 4.90 6.65 6.21
C MET A 262 3.45 6.31 5.87
N ASP A 263 2.91 5.31 6.54
CA ASP A 263 1.53 4.88 6.33
C ASP A 263 0.58 6.00 6.60
N ASN A 264 0.76 6.72 7.71
CA ASN A 264 -0.18 7.79 8.03
C ASN A 264 -0.13 8.94 7.05
N ALA A 265 1.10 9.28 6.62
CA ALA A 265 1.32 10.36 5.70
C ALA A 265 0.65 10.05 4.36
N LEU A 266 0.90 8.84 3.86
CA LEU A 266 0.28 8.35 2.62
C LEU A 266 -1.25 8.28 2.67
N LYS A 267 -1.80 7.78 3.76
CA LYS A 267 -3.24 7.75 3.94
C LYS A 267 -3.83 9.15 3.88
N THR A 268 -3.21 10.06 4.65
CA THR A 268 -3.63 11.44 4.67
C THR A 268 -3.48 12.13 3.28
N LEU A 269 -2.39 11.84 2.57
CA LEU A 269 -2.18 12.43 1.26
C LEU A 269 -3.23 11.93 0.25
N LEU A 270 -3.57 10.65 0.32
CA LEU A 270 -4.65 10.14 -0.54
C LEU A 270 -5.93 10.94 -0.31
N TRP A 271 -6.26 11.13 0.97
CA TRP A 271 -7.39 11.98 1.35
C TRP A 271 -7.23 13.43 0.83
N ALA A 272 -6.09 14.05 1.12
CA ALA A 272 -5.92 15.45 0.84
C ALA A 272 -5.87 15.80 -0.63
N LYS A 273 -5.38 14.88 -1.47
CA LYS A 273 -5.38 15.09 -2.89
C LYS A 273 -6.69 14.69 -3.57
N TYR A 274 -7.24 13.55 -3.21
CA TYR A 274 -8.30 12.94 -4.03
C TYR A 274 -9.67 13.09 -3.50
N TRP A 275 -9.83 13.50 -2.26
CA TRP A 275 -11.16 13.77 -1.73
C TRP A 275 -11.78 14.84 -2.57
N ASN A 276 -12.99 14.55 -3.06
CA ASN A 276 -13.73 15.43 -3.96
C ASN A 276 -12.93 15.75 -5.22
N ALA A 277 -12.14 14.76 -5.69
CA ALA A 277 -11.29 14.93 -6.86
C ALA A 277 -10.32 16.16 -6.79
N GLY A 278 -9.97 16.58 -5.57
CA GLY A 278 -9.05 17.67 -5.33
C GLY A 278 -9.72 19.02 -5.39
N GLN A 279 -11.06 19.02 -5.44
CA GLN A 279 -11.88 20.25 -5.59
C GLN A 279 -12.26 20.72 -4.19
N SER A 280 -11.23 21.10 -3.45
CA SER A 280 -11.33 21.40 -2.02
C SER A 280 -10.43 22.57 -1.72
N ILE A 282 -8.92 23.16 0.89
CA ILE A 282 -7.77 22.67 1.68
C ILE A 282 -7.02 21.47 1.07
N ALA A 283 -7.18 21.26 -0.24
CA ALA A 283 -6.55 20.12 -0.93
C ALA A 283 -5.03 20.26 -0.86
N ALA A 284 -4.35 19.11 -0.72
CA ALA A 284 -2.92 19.05 -0.93
C ALA A 284 -2.71 19.52 -2.36
N GLU A 285 -1.96 20.63 -2.46
CA GLU A 285 -1.67 21.23 -3.74
C GLU A 285 -0.18 21.25 -4.06
N ARG A 286 0.70 20.99 -3.10
CA ARG A 286 2.16 20.95 -3.36
C ARG A 286 2.75 19.94 -2.41
N LEU A 287 3.57 19.02 -2.89
CA LEU A 287 4.11 17.95 -2.06
C LEU A 287 5.61 18.17 -1.85
N TYR A 288 6.01 18.28 -0.58
CA TYR A 288 7.39 18.46 -0.13
C TYR A 288 7.76 17.28 0.74
N VAL A 289 8.69 16.43 0.26
CA VAL A 289 9.10 15.25 1.00
C VAL A 289 10.61 15.28 1.26
N HIS A 290 10.98 14.87 2.45
CA HIS A 290 12.39 14.90 2.77
C HIS A 290 13.17 13.98 1.83
N GLU A 291 14.30 14.50 1.33
CA GLU A 291 15.21 13.74 0.43
C GLU A 291 15.55 12.28 0.81
N ASP A 292 15.75 12.01 2.10
CA ASP A 292 15.98 10.65 2.63
C ASP A 292 14.87 9.63 2.27
N ILE A 293 13.62 10.07 2.16
CA ILE A 293 12.49 9.17 1.95
C ILE A 293 11.65 9.46 0.66
N TYR A 294 12.02 10.48 -0.11
CA TYR A 294 11.31 10.92 -1.30
C TYR A 294 11.08 9.74 -2.27
N ASP A 295 12.09 8.92 -2.50
CA ASP A 295 11.95 7.85 -3.52
C ASP A 295 10.94 6.77 -3.11
N THR A 296 11.06 6.26 -1.88
CA THR A 296 10.05 5.34 -1.35
C THR A 296 8.67 5.97 -1.27
N PHE A 297 8.60 7.19 -0.74
CA PHE A 297 7.32 7.89 -0.63
C PHE A 297 6.61 8.01 -2.01
N MET A 298 7.31 8.56 -2.99
CA MET A 298 6.69 8.77 -4.31
C MET A 298 6.25 7.49 -5.01
N SER A 299 7.04 6.43 -4.85
CA SER A 299 6.74 5.10 -5.38
C SER A 299 5.45 4.55 -4.74
N ARG A 300 5.38 4.60 -3.42
CA ARG A 300 4.21 4.11 -2.68
C ARG A 300 2.98 4.95 -3.09
N PHE A 301 3.16 6.26 -3.25
CA PHE A 301 2.06 7.18 -3.56
C PHE A 301 1.53 6.95 -4.96
N VAL A 302 2.42 6.75 -5.91
CA VAL A 302 2.02 6.34 -7.26
C VAL A 302 1.23 5.01 -7.25
N GLU A 303 1.76 4.02 -6.53
CA GLU A 303 1.13 2.67 -6.42
C GLU A 303 -0.27 2.76 -5.80
N LEU A 304 -0.44 3.57 -4.75
CA LEU A 304 -1.76 3.72 -4.16
C LEU A 304 -2.77 4.46 -5.07
N SER A 305 -2.24 5.49 -5.74
CA SER A 305 -3.01 6.36 -6.65
C SER A 305 -3.61 5.55 -7.82
N ARG A 306 -2.90 4.54 -8.30
CA ARG A 306 -3.38 3.69 -9.42
C ARG A 306 -4.57 2.83 -9.08
N LYS A 307 -4.71 2.51 -7.79
CA LYS A 307 -5.76 1.64 -7.27
C LYS A 307 -7.11 2.31 -7.18
N LEU A 308 -7.19 3.64 -7.35
CA LEU A 308 -8.45 4.40 -7.12
C LEU A 308 -9.31 4.20 -8.32
N ALA A 309 -10.58 3.83 -8.09
CA ALA A 309 -11.56 3.67 -9.16
C ALA A 309 -12.32 4.98 -9.41
N LEU A 310 -12.54 5.25 -10.70
CA LEU A 310 -13.32 6.38 -11.19
C LEU A 310 -14.57 5.89 -11.91
N GLY A 311 -15.66 6.62 -11.80
CA GLY A 311 -16.93 6.21 -12.44
C GLY A 311 -18.11 6.48 -11.55
N ASP A 312 -18.89 5.45 -11.25
CA ASP A 312 -20.17 5.72 -10.65
C ASP A 312 -20.10 6.01 -9.18
N PRO A 313 -20.89 6.99 -8.67
CA PRO A 313 -20.85 7.28 -7.19
C PRO A 313 -21.12 6.10 -6.27
N LYS A 314 -21.93 5.13 -6.72
CA LYS A 314 -22.23 3.91 -5.98
C LYS A 314 -20.95 3.12 -5.65
N ASN A 315 -19.89 3.25 -6.45
CA ASN A 315 -18.67 2.49 -6.20
C ASN A 315 -17.32 3.09 -6.47
N ALA A 316 -17.26 4.30 -7.03
CA ALA A 316 -16.00 4.92 -7.31
C ALA A 316 -15.39 5.37 -6.02
N ASP A 317 -14.07 5.42 -6.01
CA ASP A 317 -13.30 6.09 -4.95
C ASP A 317 -13.19 7.57 -5.18
N MET A 318 -13.16 8.01 -6.43
CA MET A 318 -13.06 9.42 -6.73
C MET A 318 -14.02 9.75 -7.86
N GLY A 319 -14.70 10.89 -7.75
CA GLY A 319 -15.67 11.38 -8.71
C GLY A 319 -15.12 12.24 -9.83
N PRO A 320 -16.01 12.77 -10.67
CA PRO A 320 -15.61 13.62 -11.76
C PRO A 320 -15.41 15.06 -11.34
N LEU A 321 -14.75 15.83 -12.21
CA LEU A 321 -14.78 17.30 -12.10
C LEU A 321 -16.21 17.82 -12.39
N ILE A 322 -16.53 18.97 -11.81
CA ILE A 322 -17.86 19.56 -11.84
C ILE A 322 -18.43 19.87 -13.21
N ASN A 323 -17.60 20.32 -14.16
CA ASN A 323 -18.14 20.71 -15.46
C ASN A 323 -17.09 20.65 -16.54
N LYS A 324 -17.55 20.81 -17.79
CA LYS A 324 -16.67 20.77 -18.98
C LYS A 324 -15.53 21.78 -18.85
N GLY A 325 -15.82 22.98 -18.38
CA GLY A 325 -14.77 23.99 -18.28
C GLY A 325 -13.66 23.65 -17.25
N ALA A 326 -14.01 23.01 -16.14
CA ALA A 326 -13.00 22.48 -15.15
C ALA A 326 -12.15 21.40 -15.79
N LEU A 327 -12.78 20.53 -16.61
CA LEU A 327 -12.03 19.52 -17.34
C LEU A 327 -11.01 20.13 -18.32
N GLN A 328 -11.47 21.10 -19.14
CA GLN A 328 -10.59 21.79 -20.05
C GLN A 328 -9.45 22.50 -19.29
N ALA A 329 -9.76 23.16 -18.19
CA ALA A 329 -8.76 23.91 -17.44
C ALA A 329 -7.68 22.95 -16.87
N THR A 330 -8.11 21.82 -16.32
CA THR A 330 -7.21 20.82 -15.83
C THR A 330 -6.28 20.30 -16.93
N SER A 331 -6.80 20.04 -18.15
CA SER A 331 -5.93 19.60 -19.27
C SER A 331 -4.89 20.61 -19.67
N GLU A 332 -5.29 21.87 -19.71
CA GLU A 332 -4.37 22.98 -20.00
C GLU A 332 -3.22 23.05 -18.99
N ILE A 333 -3.55 22.92 -17.69
CA ILE A 333 -2.59 22.94 -16.59
C ILE A 333 -1.58 21.80 -16.82
N VAL A 334 -2.07 20.60 -17.08
CA VAL A 334 -1.19 19.46 -17.28
C VAL A 334 -0.30 19.66 -18.51
N GLU A 335 -0.90 20.15 -19.59
CA GLU A 335 -0.17 20.48 -20.82
C GLU A 335 0.90 21.57 -20.63
N GLU A 336 0.57 22.63 -19.92
CA GLU A 336 1.55 23.67 -19.64
C GLU A 336 2.68 23.10 -18.78
N ALA A 337 2.36 22.19 -17.85
CA ALA A 337 3.39 21.49 -17.08
C ALA A 337 4.26 20.59 -17.97
N LYS A 338 3.67 19.85 -18.92
CA LYS A 338 4.46 18.92 -19.78
C LYS A 338 5.36 19.70 -20.73
N GLU A 339 4.81 20.74 -21.38
CA GLU A 339 5.58 21.62 -22.27
C GLU A 339 6.69 22.36 -21.52
N SER A 340 6.62 22.44 -20.20
CA SER A 340 7.72 22.99 -19.39
C SER A 340 8.80 22.00 -18.90
N GLY A 341 8.83 20.77 -19.41
CA GLY A 341 9.82 19.75 -19.02
C GLY A 341 9.47 18.87 -17.81
N ALA A 342 8.26 18.99 -17.30
CA ALA A 342 7.90 18.27 -16.10
C ALA A 342 7.70 16.79 -16.42
N LYS A 343 8.16 15.93 -15.51
CA LYS A 343 8.04 14.49 -15.63
C LYS A 343 6.65 14.09 -15.07
N ILE A 344 5.83 13.43 -15.89
CA ILE A 344 4.57 12.85 -15.45
C ILE A 344 4.90 11.49 -14.90
N LEU A 345 4.75 11.29 -13.61
CA LEU A 345 5.01 10.00 -12.99
C LEU A 345 3.78 9.10 -13.08
N PHE A 346 2.60 9.68 -13.11
CA PHE A 346 1.40 8.90 -13.30
C PHE A 346 0.27 9.81 -13.79
N GLY A 347 -0.55 9.27 -14.66
CA GLY A 347 -1.79 9.90 -15.12
C GLY A 347 -1.66 10.94 -16.20
N GLY A 348 -2.37 12.07 -16.07
CA GLY A 348 -2.18 13.18 -16.98
C GLY A 348 -3.17 13.26 -18.14
N SER A 349 -4.28 12.54 -18.01
CA SER A 349 -5.32 12.54 -19.07
C SER A 349 -6.65 12.11 -18.47
N GLN A 350 -7.68 12.22 -19.27
CA GLN A 350 -8.93 11.64 -18.97
C GLN A 350 -8.73 10.13 -19.04
N PRO A 351 -9.48 9.39 -18.20
CA PRO A 351 -9.54 7.96 -18.36
C PRO A 351 -10.39 7.60 -19.60
N SER A 352 -10.38 6.32 -19.92
CA SER A 352 -11.21 5.73 -20.95
C SER A 352 -12.32 4.83 -20.38
N LEU A 353 -13.52 5.38 -20.27
CA LEU A 353 -14.64 4.69 -19.66
C LEU A 353 -15.70 4.51 -20.69
N SER A 354 -16.47 3.40 -20.61
CA SER A 354 -17.56 3.18 -21.57
C SER A 354 -18.91 3.61 -21.00
N GLY A 355 -19.97 3.50 -21.80
CA GLY A 355 -21.31 3.82 -21.31
C GLY A 355 -21.49 5.32 -21.21
N PRO A 356 -22.41 5.80 -20.34
CA PRO A 356 -22.59 7.25 -20.15
C PRO A 356 -21.39 8.00 -19.61
N TYR A 357 -20.50 7.30 -18.89
CA TYR A 357 -19.31 7.89 -18.24
C TYR A 357 -18.33 8.51 -19.25
N ARG A 358 -18.39 8.02 -20.50
CA ARG A 358 -17.52 8.52 -21.54
C ARG A 358 -17.67 9.99 -21.81
N ASN A 359 -18.87 10.52 -21.56
CA ASN A 359 -19.15 11.93 -21.70
C ASN A 359 -19.09 12.71 -20.41
N GLY A 360 -18.76 12.06 -19.31
CA GLY A 360 -18.58 12.73 -18.03
C GLY A 360 -17.20 13.39 -17.96
N TYR A 361 -17.01 14.23 -16.97
CA TYR A 361 -15.78 15.06 -16.83
C TYR A 361 -14.77 14.49 -15.86
N PHE A 362 -14.37 13.27 -16.12
CA PHE A 362 -13.44 12.53 -15.29
C PHE A 362 -12.03 12.89 -15.69
N PHE A 363 -11.11 12.90 -14.71
CA PHE A 363 -9.69 13.09 -14.98
C PHE A 363 -8.90 12.16 -14.02
N LEU A 364 -7.86 11.53 -14.53
CA LEU A 364 -7.06 10.61 -13.72
C LEU A 364 -6.23 11.31 -12.66
N PRO A 365 -6.00 10.63 -11.50
CA PRO A 365 -4.96 11.07 -10.59
C PRO A 365 -3.62 11.31 -11.31
N THR A 366 -3.05 12.49 -11.12
CA THR A 366 -1.91 12.92 -11.90
C THR A 366 -0.78 13.43 -10.94
N ILE A 367 0.41 12.82 -11.07
CA ILE A 367 1.54 13.04 -10.18
C ILE A 367 2.71 13.48 -11.06
N ILE A 368 3.29 14.61 -10.71
CA ILE A 368 4.34 15.28 -11.46
C ILE A 368 5.65 15.43 -10.66
N GLY A 369 6.80 15.07 -11.26
CA GLY A 369 8.20 15.39 -10.75
C GLY A 369 8.91 16.53 -11.49
N ASN A 370 9.89 17.13 -10.82
CA ASN A 370 10.73 18.25 -11.36
C ASN A 370 10.00 19.44 -12.05
N ALA A 371 9.00 20.01 -11.38
CA ALA A 371 8.54 21.37 -11.70
C ALA A 371 9.11 22.25 -10.58
N ASP A 372 9.45 23.47 -10.97
CA ASP A 372 10.12 24.37 -10.11
C ASP A 372 9.11 24.77 -9.04
N GLN A 373 9.65 25.07 -7.87
CA GLN A 373 8.97 25.84 -6.86
C GLN A 373 8.23 27.07 -7.44
N LYS A 374 8.82 27.69 -8.46
CA LYS A 374 8.31 28.92 -9.04
C LYS A 374 7.37 28.66 -10.24
N SER A 375 7.15 27.40 -10.67
CA SER A 375 6.23 27.08 -11.79
C SER A 375 4.72 27.26 -11.46
N LYS A 376 3.87 27.27 -12.51
CA LYS A 376 2.42 27.41 -12.29
C LYS A 376 1.81 26.27 -11.43
N ILE A 377 2.32 25.06 -11.61
CA ILE A 377 1.90 23.88 -10.82
C ILE A 377 2.12 24.06 -9.28
N PHE A 378 3.11 24.90 -8.92
CA PHE A 378 3.42 25.22 -7.55
C PHE A 378 2.92 26.62 -7.08
N GLN A 379 2.50 27.51 -7.99
CA GLN A 379 2.13 28.87 -7.62
C GLN A 379 0.67 29.25 -7.89
N GLU A 380 -0.04 28.47 -8.67
CA GLU A 380 -1.44 28.78 -9.06
C GLU A 380 -2.36 27.59 -8.63
N GLU A 381 -3.51 27.89 -8.03
CA GLU A 381 -4.41 26.85 -7.52
C GLU A 381 -4.79 25.97 -8.68
N ILE A 382 -4.85 24.65 -8.46
CA ILE A 382 -5.22 23.65 -9.48
C ILE A 382 -6.70 23.20 -9.37
N PHE A 383 -7.11 22.83 -8.18
CA PHE A 383 -8.48 22.43 -7.82
C PHE A 383 -8.91 21.16 -8.62
N ALA A 384 -8.04 20.14 -8.65
CA ALA A 384 -8.22 18.97 -9.55
C ALA A 384 -7.22 17.91 -9.07
N PRO A 385 -7.29 16.66 -9.57
CA PRO A 385 -6.51 15.60 -8.91
C PRO A 385 -5.02 15.50 -9.38
N VAL A 386 -4.32 16.62 -9.30
CA VAL A 386 -3.01 16.80 -9.90
C VAL A 386 -2.09 17.39 -8.81
N ILE A 387 -0.88 16.86 -8.65
CA ILE A 387 0.06 17.42 -7.69
C ILE A 387 1.48 17.21 -8.19
N GLY A 388 2.34 18.22 -7.94
CA GLY A 388 3.79 18.10 -8.12
C GLY A 388 4.44 17.89 -6.79
N ALA A 389 5.64 17.26 -6.82
CA ALA A 389 6.41 16.93 -5.66
C ALA A 389 7.84 17.43 -5.81
N ARG A 390 8.43 17.82 -4.69
CA ARG A 390 9.80 18.31 -4.65
C ARG A 390 10.49 17.89 -3.37
N LYS A 391 11.81 17.71 -3.44
CA LYS A 391 12.61 17.30 -2.27
C LYS A 391 12.82 18.45 -1.34
N ILE A 392 12.94 18.16 -0.06
CA ILE A 392 13.48 19.09 0.90
C ILE A 392 14.58 18.42 1.79
N SER A 393 15.39 19.25 2.46
CA SER A 393 16.52 18.80 3.31
C SER A 393 16.83 19.64 4.59
N SER A 394 16.12 20.75 4.79
CA SER A 394 16.20 21.50 6.03
C SER A 394 14.85 22.08 6.41
N VAL A 395 14.71 22.25 7.71
CA VAL A 395 13.51 22.79 8.34
C VAL A 395 13.27 24.24 7.93
N GLU A 396 14.34 25.05 7.96
CA GLU A 396 14.23 26.46 7.52
C GLU A 396 13.73 26.53 6.07
N GLU A 397 14.30 25.66 5.21
CA GLU A 397 13.99 25.57 3.78
C GLU A 397 12.49 25.20 3.62
N MET A 398 12.04 24.19 4.37
CA MET A 398 10.66 23.72 4.42
C MET A 398 9.69 24.89 4.72
N TYR A 399 9.97 25.66 5.78
CA TYR A 399 9.14 26.79 6.11
C TYR A 399 9.08 27.81 4.99
N ASP A 400 10.25 28.12 4.42
CA ASP A 400 10.33 29.16 3.37
C ASP A 400 9.59 28.76 2.07
N LEU A 401 9.72 27.51 1.68
CA LEU A 401 9.05 27.00 0.52
C LEU A 401 7.50 27.03 0.71
N ALA A 402 7.05 26.58 1.88
CA ALA A 402 5.67 26.59 2.26
C ALA A 402 5.08 27.99 2.24
N ASN A 403 5.81 28.94 2.77
CA ASN A 403 5.32 30.31 2.83
C ASN A 403 5.46 31.08 1.51
N ASP A 404 6.18 30.50 0.53
CA ASP A 404 6.41 31.13 -0.76
C ASP A 404 5.17 30.88 -1.65
N SER A 405 4.13 31.66 -1.40
CA SER A 405 2.82 31.47 -2.02
C SER A 405 2.00 32.69 -1.89
N LYS A 406 1.18 33.02 -2.89
CA LYS A 406 0.18 34.04 -2.63
C LYS A 406 -1.00 33.51 -1.81
N TYR A 407 -1.05 32.20 -1.59
CA TYR A 407 -2.10 31.60 -0.82
C TYR A 407 -1.66 31.36 0.61
N GLY A 408 -2.64 31.04 1.44
CA GLY A 408 -2.45 30.90 2.88
C GLY A 408 -3.51 30.24 3.73
N LEU A 409 -4.20 29.26 3.18
CA LEU A 409 -5.27 28.66 3.95
C LEU A 409 -4.76 27.41 4.69
N ALA A 410 -4.83 26.22 4.09
CA ALA A 410 -4.45 24.99 4.81
C ALA A 410 -3.03 24.55 4.51
N SER A 411 -2.55 23.63 5.35
CA SER A 411 -1.22 23.08 5.23
C SER A 411 -1.18 21.80 6.09
N TYR A 412 -0.22 20.91 5.79
CA TYR A 412 -0.12 19.56 6.38
C TYR A 412 1.33 19.28 6.70
N LEU A 413 1.56 18.65 7.84
CA LEU A 413 2.94 18.34 8.28
C LEU A 413 2.97 16.97 8.93
N PHE A 414 3.86 16.08 8.53
CA PHE A 414 4.05 14.80 9.18
C PHE A 414 5.45 14.71 9.74
N THR A 415 5.56 14.56 11.05
CA THR A 415 6.83 14.47 11.72
C THR A 415 6.57 14.01 13.14
N LYS A 416 7.62 13.50 13.80
CA LYS A 416 7.57 13.09 15.20
C LYS A 416 8.41 14.05 16.02
N ASP A 417 8.99 15.09 15.43
CA ASP A 417 9.91 15.97 16.20
C ASP A 417 9.11 17.11 16.84
N PRO A 418 9.05 17.13 18.18
CA PRO A 418 8.22 18.11 18.85
C PRO A 418 8.66 19.52 18.60
N ASN A 419 9.94 19.72 18.39
CA ASN A 419 10.45 21.06 18.14
C ASN A 419 10.02 21.61 16.81
N ILE A 420 9.90 20.75 15.83
CA ILE A 420 9.38 21.16 14.53
C ILE A 420 7.90 21.48 14.64
N ILE A 421 7.12 20.64 15.32
CA ILE A 421 5.69 20.86 15.50
C ILE A 421 5.33 22.21 16.19
N PHE A 422 5.91 22.46 17.36
CA PHE A 422 5.65 23.71 18.07
C PHE A 422 6.20 24.93 17.32
N GLU A 423 7.36 24.80 16.70
CA GLU A 423 7.92 25.90 15.95
C GLU A 423 7.11 26.22 14.68
N ALA A 424 6.77 25.19 13.91
CA ALA A 424 5.88 25.33 12.71
C ALA A 424 4.54 25.96 13.00
N SER A 425 4.02 25.77 14.21
CA SER A 425 2.78 26.38 14.59
C SER A 425 2.79 27.89 14.45
N GLU A 426 3.98 28.51 14.55
CA GLU A 426 4.14 29.95 14.28
C GLU A 426 4.80 30.25 12.94
N ARG A 427 5.78 29.44 12.52
N ARG A 427 5.77 29.43 12.53
CA ARG A 427 6.58 29.78 11.36
CA ARG A 427 6.56 29.75 11.34
C ARG A 427 5.82 29.44 10.01
C ARG A 427 5.79 29.45 10.01
N ILE A 428 4.83 28.53 10.07
CA ILE A 428 3.98 28.18 8.89
C ILE A 428 2.83 29.14 8.89
N ARG A 429 2.91 30.09 7.97
CA ARG A 429 2.02 31.23 8.01
C ARG A 429 0.80 30.90 7.20
N PHE A 430 0.07 29.89 7.69
CA PHE A 430 -1.16 29.41 7.03
C PHE A 430 -2.24 29.41 8.10
N GLY A 431 -3.48 29.57 7.68
CA GLY A 431 -4.62 29.61 8.61
C GLY A 431 -4.89 28.29 9.29
N GLU A 432 -4.62 27.18 8.59
CA GLU A 432 -4.75 25.84 9.18
C GLU A 432 -3.52 24.98 8.94
N LEU A 433 -2.97 24.41 10.03
CA LEU A 433 -1.89 23.45 9.95
C LEU A 433 -2.41 22.12 10.52
N TYR A 434 -2.45 21.08 9.70
CA TYR A 434 -2.83 19.75 10.11
C TYR A 434 -1.54 18.92 10.35
N VAL A 435 -1.39 18.48 11.58
CA VAL A 435 -0.17 17.85 12.04
C VAL A 435 -0.50 16.41 12.34
N ASN A 436 0.06 15.52 11.52
CA ASN A 436 -0.08 14.06 11.62
C ASN A 436 -1.54 13.60 11.54
N MET A 437 -2.31 14.32 10.75
CA MET A 437 -3.72 13.99 10.57
C MET A 437 -4.30 14.72 9.37
N PRO A 438 -5.39 14.17 8.77
CA PRO A 438 -6.07 14.89 7.70
C PRO A 438 -7.00 15.96 8.21
N GLY A 439 -7.54 16.73 7.26
CA GLY A 439 -8.74 17.53 7.44
C GLY A 439 -9.93 16.57 7.37
N PRO A 440 -11.16 17.07 7.28
CA PRO A 440 -11.41 18.50 7.12
C PRO A 440 -11.41 19.26 8.42
N GLU A 441 -11.63 20.57 8.32
CA GLU A 441 -11.77 21.48 9.48
C GLU A 441 -13.01 21.12 10.30
N ALA A 442 -12.98 21.47 11.58
CA ALA A 442 -14.09 21.20 12.46
C ALA A 442 -14.83 22.51 12.68
N SER A 443 -16.09 22.39 13.08
CA SER A 443 -16.94 23.55 13.36
C SER A 443 -16.42 24.43 14.46
N GLN A 444 -15.69 23.86 15.43
CA GLN A 444 -15.09 24.61 16.56
C GLN A 444 -13.82 25.34 16.14
N GLY A 445 -13.29 24.99 14.96
CA GLY A 445 -12.18 25.73 14.36
C GLY A 445 -12.52 27.04 13.68
N TYR A 446 -11.59 27.95 13.53
CA TYR A 446 -11.87 29.20 12.85
C TYR A 446 -11.21 29.09 11.49
N HIS A 447 -12.00 28.76 10.49
CA HIS A 447 -11.54 28.49 9.14
C HIS A 447 -11.21 29.83 8.47
N THR A 448 -9.95 30.04 8.14
CA THR A 448 -9.48 31.34 7.70
C THR A 448 -8.08 31.15 7.12
N GLY A 449 -7.49 32.23 6.64
CA GLY A 449 -6.11 32.16 6.20
C GLY A 449 -5.47 33.48 5.99
N PHE A 450 -4.25 33.41 5.49
CA PHE A 450 -3.39 34.58 5.26
C PHE A 450 -3.38 34.92 3.77
N ARG A 451 -2.87 36.11 3.46
CA ARG A 451 -2.56 36.51 2.11
C ARG A 451 -3.86 36.47 1.24
N MET A 452 -3.90 35.73 0.14
CA MET A 452 -5.06 35.85 -0.75
C MET A 452 -6.25 34.99 -0.35
N THR A 453 -6.27 34.47 0.86
CA THR A 453 -7.31 33.59 1.31
C THR A 453 -8.66 34.32 1.42
N GLY A 454 -8.67 35.57 1.88
CA GLY A 454 -9.90 36.34 1.81
C GLY A 454 -10.06 37.27 2.98
N GLN A 455 -11.20 37.22 3.63
CA GLN A 455 -11.57 38.20 4.67
C GLN A 455 -12.29 37.40 5.73
N ALA A 456 -11.92 37.70 6.97
CA ALA A 456 -12.52 37.17 8.16
C ALA A 456 -12.39 35.64 8.18
N GLY A 457 -13.39 34.92 8.68
CA GLY A 457 -13.32 33.47 8.77
C GLY A 457 -14.66 32.94 9.22
N GLU A 458 -14.78 31.61 9.30
CA GLU A 458 -15.99 30.87 9.67
C GLU A 458 -15.75 29.71 10.63
N GLY A 459 -16.66 29.51 11.56
CA GLY A 459 -16.50 28.54 12.56
C GLY A 459 -15.90 29.10 13.83
N SER A 460 -16.12 28.39 14.92
CA SER A 460 -15.76 28.82 16.26
C SER A 460 -16.62 29.98 16.75
N LYS A 461 -16.44 30.29 18.02
CA LYS A 461 -16.97 31.55 18.59
C LYS A 461 -16.69 32.75 17.70
N TYR A 462 -15.46 32.84 17.19
CA TYR A 462 -15.08 33.97 16.40
C TYR A 462 -15.82 34.01 15.06
N GLY A 463 -16.07 32.85 14.47
CA GLY A 463 -16.77 32.78 13.16
C GLY A 463 -18.22 33.23 13.24
N ILE A 464 -18.95 32.69 14.19
CA ILE A 464 -20.30 33.10 14.39
C ILE A 464 -20.34 34.58 14.79
N SER A 465 -19.39 35.03 15.60
CA SER A 465 -19.30 36.47 16.01
C SER A 465 -19.08 37.42 14.80
N GLU A 466 -18.66 36.90 13.63
CA GLU A 466 -18.53 37.72 12.44
C GLU A 466 -19.87 38.21 11.95
N TYR A 467 -20.95 37.56 12.35
CA TYR A 467 -22.30 37.97 11.95
C TYR A 467 -23.02 38.93 12.93
N LEU A 468 -22.31 39.29 13.99
CA LEU A 468 -22.79 40.27 14.97
C LEU A 468 -21.93 41.53 14.91
N LYS A 469 -22.61 42.67 15.00
CA LYS A 469 -21.96 43.97 15.14
C LYS A 469 -21.97 44.45 16.58
N LEU A 470 -20.84 44.91 17.07
CA LEU A 470 -20.70 45.46 18.39
C LEU A 470 -21.06 46.93 18.29
N LYS A 471 -21.87 47.45 19.19
CA LYS A 471 -22.23 48.89 19.21
C LYS A 471 -22.11 49.34 20.66
N ASN A 472 -21.79 50.61 20.90
CA ASN A 472 -21.55 51.13 22.26
C ASN A 472 -22.62 52.13 22.66
N ILE A 473 -22.95 52.07 23.94
CA ILE A 473 -23.79 53.06 24.53
C ILE A 473 -23.06 53.60 25.78
N TYR A 474 -22.78 54.89 25.75
CA TYR A 474 -22.03 55.59 26.78
C TYR A 474 -23.11 56.27 27.61
N VAL A 475 -23.23 55.93 28.88
CA VAL A 475 -24.28 56.52 29.68
C VAL A 475 -23.65 57.28 30.84
N ASP A 476 -24.13 58.51 31.09
CA ASP A 476 -23.78 59.28 32.29
C ASP A 476 -25.02 59.33 33.18
N TYR A 477 -24.93 58.77 34.36
CA TYR A 477 -26.02 58.80 35.32
C TYR A 477 -25.64 59.48 36.66
N SER A 478 -24.70 60.41 36.60
CA SER A 478 -24.38 61.25 37.77
C SER A 478 -25.59 62.05 38.26
N GLY A 479 -26.48 62.45 37.33
CA GLY A 479 -27.57 63.40 37.58
C GLY A 479 -27.13 64.85 37.95
N LYS A 480 -25.86 65.18 37.70
CA LYS A 480 -25.23 66.42 38.13
C LYS A 480 -24.87 67.24 36.86
N PRO A 481 -24.66 68.57 36.99
CA PRO A 481 -24.26 69.35 35.83
C PRO A 481 -22.98 68.78 35.22
N LEU A 482 -22.93 68.74 33.89
CA LEU A 482 -21.74 68.32 33.17
C LEU A 482 -20.61 69.36 33.22
N HIS A 483 -19.35 68.91 33.24
CA HIS A 483 -18.21 69.82 33.07
C HIS A 483 -17.40 69.29 31.90
N ILE A 484 -17.24 70.12 30.88
CA ILE A 484 -16.55 69.74 29.67
C ILE A 484 -15.37 70.69 29.55
N ASN A 485 -14.18 70.12 29.41
CA ASN A 485 -12.94 70.89 29.55
C ASN A 485 -12.92 72.09 28.58
N THR A 486 -13.47 71.93 27.37
CA THR A 486 -13.35 72.99 26.35
C THR A 486 -14.57 73.90 26.22
N VAL A 487 -15.56 73.72 27.08
CA VAL A 487 -16.76 74.54 27.09
C VAL A 487 -16.72 75.38 28.40
N ARG A 488 -16.67 76.70 28.27
CA ARG A 488 -16.51 77.56 29.43
C ARG A 488 -17.75 77.54 30.28
N ASP A 489 -17.53 77.31 31.57
CA ASP A 489 -18.68 77.30 32.52
C ASP A 489 -19.26 78.68 32.72
N ASP A 490 -18.50 79.74 32.43
CA ASP A 490 -19.09 81.11 32.45
C ASP A 490 -20.17 81.37 31.34
N LEU A 491 -20.26 80.51 30.32
CA LEU A 491 -21.42 80.55 29.38
C LEU A 491 -22.72 80.09 30.00
N PHE A 492 -22.65 79.39 31.12
CA PHE A 492 -23.84 78.88 31.81
C PHE A 492 -24.07 79.51 33.21
N GLN A 493 -23.38 80.60 33.51
CA GLN A 493 -23.48 81.28 34.81
C GLN A 493 -24.15 82.66 34.71
N SER A 494 -24.82 83.07 35.80
CA SER A 494 -25.61 84.31 35.82
C SER A 494 -24.74 85.58 35.87
N MET B 1 8.82 73.67 10.36
CA MET B 1 9.37 72.29 10.39
C MET B 1 9.39 71.85 8.92
N ASP B 2 10.57 71.51 8.43
CA ASP B 2 10.70 70.80 7.18
C ASP B 2 10.85 69.33 7.61
N THR B 3 9.87 68.49 7.25
CA THR B 3 9.94 67.09 7.61
C THR B 3 10.61 66.24 6.51
N LYS B 4 11.15 65.11 6.97
CA LYS B 4 11.82 64.15 6.15
C LYS B 4 11.09 62.81 6.16
N LEU B 5 11.62 61.85 5.42
CA LEU B 5 11.14 60.49 5.44
C LEU B 5 11.96 59.67 6.41
N TYR B 6 11.38 58.60 6.96
CA TYR B 6 12.15 57.66 7.76
C TYR B 6 12.03 56.32 7.16
N ILE B 7 13.10 55.83 6.58
CA ILE B 7 13.03 54.55 5.86
C ILE B 7 14.18 53.69 6.25
N ASP B 8 13.87 52.44 6.57
CA ASP B 8 14.87 51.45 7.00
C ASP B 8 15.90 52.04 8.00
N GLY B 9 15.41 52.67 9.05
CA GLY B 9 16.27 53.18 10.12
C GLY B 9 17.04 54.46 9.89
N GLN B 10 16.70 55.21 8.83
CA GLN B 10 17.34 56.51 8.49
C GLN B 10 16.38 57.61 8.08
N TRP B 11 16.67 58.84 8.49
CA TRP B 11 15.99 60.02 7.98
C TRP B 11 16.58 60.43 6.65
N VAL B 12 15.76 60.46 5.60
CA VAL B 12 16.23 60.76 4.25
C VAL B 12 15.29 61.72 3.53
N ASN B 13 15.74 62.26 2.39
CA ASN B 13 14.86 63.03 1.49
C ASN B 13 14.16 62.11 0.56
N SER B 14 13.21 62.67 -0.18
CA SER B 14 12.57 61.97 -1.29
C SER B 14 13.63 61.61 -2.31
N SER B 15 13.49 60.47 -3.00
CA SER B 15 14.46 60.10 -4.05
C SER B 15 14.40 61.10 -5.22
N SER B 16 13.25 61.74 -5.42
CA SER B 16 13.09 62.79 -6.44
C SER B 16 13.51 64.20 -5.97
N GLY B 17 13.70 64.38 -4.66
CA GLY B 17 13.99 65.68 -4.08
C GLY B 17 12.81 66.63 -4.07
N LYS B 18 11.62 66.20 -4.49
CA LYS B 18 10.49 67.13 -4.58
C LYS B 18 9.90 67.30 -3.18
N THR B 19 9.27 68.44 -2.93
CA THR B 19 8.69 68.73 -1.61
C THR B 19 7.39 69.45 -1.80
N VAL B 20 6.65 69.63 -0.73
CA VAL B 20 5.38 70.31 -0.72
C VAL B 20 5.32 71.26 0.51
N ASP B 21 4.88 72.48 0.30
CA ASP B 21 4.79 73.51 1.35
C ASP B 21 3.51 73.33 2.19
N LYS B 22 3.59 73.75 3.48
CA LYS B 22 2.50 73.71 4.45
C LYS B 22 2.22 75.12 4.93
N TYR B 23 0.95 75.49 4.99
CA TYR B 23 0.53 76.80 5.42
C TYR B 23 -0.28 76.72 6.71
N SER B 24 -0.14 77.73 7.58
CA SER B 24 -0.98 77.85 8.79
C SER B 24 -2.43 78.16 8.43
N PRO B 25 -3.37 77.40 8.99
CA PRO B 25 -4.76 77.80 8.80
C PRO B 25 -5.17 79.00 9.67
N VAL B 26 -4.34 79.38 10.65
CA VAL B 26 -4.56 80.54 11.50
C VAL B 26 -4.25 81.84 10.77
N THR B 27 -3.13 81.88 10.05
CA THR B 27 -2.63 83.14 9.48
C THR B 27 -2.47 83.16 7.97
N GLY B 28 -2.47 82.01 7.33
CA GLY B 28 -2.13 81.93 5.91
C GLY B 28 -0.63 81.87 5.62
N GLN B 29 0.22 82.04 6.65
CA GLN B 29 1.69 82.13 6.45
C GLN B 29 2.22 80.77 6.15
N VAL B 30 3.17 80.67 5.22
CA VAL B 30 3.87 79.39 4.96
C VAL B 30 4.73 79.06 6.18
N ILE B 31 4.61 77.87 6.72
CA ILE B 31 5.26 77.51 7.99
C ILE B 31 6.10 76.23 7.95
N GLY B 32 6.12 75.54 6.82
CA GLY B 32 6.84 74.30 6.75
C GLY B 32 6.82 73.64 5.38
N ARG B 33 7.40 72.44 5.34
CA ARG B 33 7.55 71.70 4.11
C ARG B 33 7.76 70.22 4.42
N PHE B 34 7.30 69.34 3.53
CA PHE B 34 7.52 67.90 3.70
C PHE B 34 8.03 67.28 2.40
N GLU B 35 8.70 66.14 2.52
CA GLU B 35 9.18 65.41 1.35
C GLU B 35 8.04 64.73 0.61
N ALA B 36 8.03 64.88 -0.71
CA ALA B 36 7.08 64.19 -1.62
C ALA B 36 7.66 62.85 -2.03
N ALA B 37 7.33 61.81 -1.29
CA ALA B 37 8.00 60.53 -1.48
C ALA B 37 7.60 59.86 -2.81
N THR B 38 8.50 59.09 -3.40
CA THR B 38 8.26 58.43 -4.68
C THR B 38 7.79 57.00 -4.42
N ARG B 39 7.39 56.34 -5.49
CA ARG B 39 7.04 54.94 -5.45
C ARG B 39 8.19 54.04 -5.04
N ASP B 40 9.40 54.32 -5.50
CA ASP B 40 10.56 53.54 -5.07
C ASP B 40 10.81 53.74 -3.58
N ASP B 41 10.58 54.95 -3.06
CA ASP B 41 10.65 55.22 -1.61
C ASP B 41 9.64 54.34 -0.84
N VAL B 42 8.42 54.22 -1.35
CA VAL B 42 7.43 53.35 -0.73
C VAL B 42 7.87 51.90 -0.72
N ASP B 43 8.35 51.41 -1.87
CA ASP B 43 8.87 50.04 -1.94
C ASP B 43 9.97 49.79 -0.90
N ARG B 44 10.93 50.71 -0.81
CA ARG B 44 12.04 50.59 0.16
CA ARG B 44 12.06 50.57 0.15
C ARG B 44 11.49 50.52 1.59
N ALA B 45 10.48 51.33 1.90
CA ALA B 45 9.85 51.33 3.24
C ALA B 45 9.12 50.04 3.50
N ILE B 46 8.39 49.55 2.51
CA ILE B 46 7.62 48.32 2.70
C ILE B 46 8.57 47.12 2.81
N ASP B 47 9.63 47.07 1.99
CA ASP B 47 10.66 46.00 2.08
C ASP B 47 11.42 46.05 3.43
N ALA B 48 11.71 47.23 3.93
CA ALA B 48 12.32 47.35 5.25
C ALA B 48 11.38 46.76 6.35
N ALA B 49 10.08 47.08 6.31
CA ALA B 49 9.12 46.47 7.22
C ALA B 49 9.06 44.97 7.04
N GLU B 50 9.10 44.44 5.81
CA GLU B 50 9.17 42.98 5.62
C GLU B 50 10.41 42.35 6.28
N ASP B 51 11.57 42.98 6.12
CA ASP B 51 12.84 42.39 6.56
C ASP B 51 12.96 42.43 8.09
N ALA B 52 12.27 43.38 8.73
CA ALA B 52 12.24 43.52 10.16
C ALA B 52 11.18 42.67 10.87
N PHE B 53 10.23 42.10 10.13
CA PHE B 53 9.09 41.42 10.75
C PHE B 53 9.44 40.29 11.74
N TRP B 54 10.18 39.28 11.28
CA TRP B 54 10.43 38.09 12.10
C TRP B 54 11.15 38.43 13.41
N ALA B 55 12.10 39.36 13.42
CA ALA B 55 12.85 39.66 14.65
C ALA B 55 11.97 40.43 15.63
N TRP B 56 11.02 41.20 15.08
CA TRP B 56 10.13 42.06 15.87
C TRP B 56 9.02 41.22 16.53
N ASN B 57 8.41 40.36 15.74
CA ASN B 57 7.53 39.30 16.24
C ASN B 57 8.17 38.44 17.33
N ASP B 58 9.39 37.97 17.08
CA ASP B 58 10.08 37.09 18.00
C ASP B 58 10.46 37.74 19.34
N LEU B 59 10.55 39.06 19.35
CA LEU B 59 10.80 39.75 20.62
C LEU B 59 9.71 39.47 21.67
N GLY B 60 8.48 39.26 21.26
CA GLY B 60 7.40 39.02 22.20
C GLY B 60 6.81 40.34 22.70
N SER B 61 5.56 40.27 23.10
CA SER B 61 4.78 41.45 23.43
C SER B 61 5.29 42.21 24.65
N VAL B 62 5.89 41.51 25.61
CA VAL B 62 6.49 42.21 26.77
C VAL B 62 7.67 43.12 26.38
N GLU B 63 8.62 42.62 25.61
CA GLU B 63 9.76 43.47 25.15
C GLU B 63 9.31 44.59 24.24
N ARG B 64 8.30 44.31 23.40
CA ARG B 64 7.74 45.35 22.58
C ARG B 64 7.10 46.42 23.43
N SER B 65 6.26 46.03 24.40
CA SER B 65 5.62 47.01 25.32
C SER B 65 6.62 47.94 26.04
N LYS B 66 7.80 47.45 26.44
CA LYS B 66 8.85 48.28 27.10
C LYS B 66 9.28 49.45 26.22
N ILE B 67 9.41 49.18 24.90
CA ILE B 67 9.80 50.22 23.95
C ILE B 67 8.66 51.20 23.81
N ILE B 68 7.44 50.67 23.74
CA ILE B 68 6.25 51.53 23.60
C ILE B 68 6.05 52.42 24.84
N TYR B 69 6.28 51.90 26.04
CA TYR B 69 6.13 52.69 27.25
C TYR B 69 7.27 53.75 27.32
N ARG B 70 8.49 53.41 26.89
CA ARG B 70 9.56 54.37 26.78
C ARG B 70 9.17 55.49 25.80
N ALA B 71 8.54 55.13 24.68
CA ALA B 71 8.06 56.16 23.76
C ALA B 71 7.09 57.10 24.46
N LYS B 72 6.16 56.52 25.21
CA LYS B 72 5.16 57.31 25.89
C LYS B 72 5.82 58.27 26.88
N GLU B 73 6.79 57.76 27.61
CA GLU B 73 7.52 58.58 28.59
C GLU B 73 8.25 59.76 27.94
N LEU B 74 8.93 59.50 26.83
CA LEU B 74 9.59 60.56 26.06
C LEU B 74 8.60 61.57 25.51
N ILE B 75 7.44 61.10 25.05
CA ILE B 75 6.38 61.99 24.59
C ILE B 75 5.88 62.87 25.76
N GLU B 76 5.61 62.27 26.90
CA GLU B 76 5.06 63.03 28.02
C GLU B 76 6.10 64.08 28.54
N LYS B 77 7.37 63.71 28.60
CA LYS B 77 8.39 64.62 29.10
C LYS B 77 8.54 65.82 28.16
N ASN B 78 8.31 65.63 26.87
CA ASN B 78 8.53 66.69 25.88
C ASN B 78 7.20 67.22 25.30
N ARG B 79 6.13 67.06 26.07
CA ARG B 79 4.78 67.22 25.52
C ARG B 79 4.47 68.60 24.96
N ALA B 80 5.10 69.65 25.51
CA ALA B 80 4.86 71.01 25.03
C ALA B 80 5.17 71.14 23.53
N GLU B 81 6.17 70.41 23.07
CA GLU B 81 6.59 70.52 21.71
C GLU B 81 5.46 70.02 20.81
N LEU B 82 4.79 68.95 21.19
CA LEU B 82 3.74 68.36 20.36
C LEU B 82 2.50 69.25 20.41
N GLU B 83 2.18 69.77 21.60
CA GLU B 83 1.05 70.71 21.73
C GLU B 83 1.20 71.94 20.78
N ASN B 84 2.41 72.47 20.68
CA ASN B 84 2.72 73.60 19.82
C ASN B 84 2.64 73.28 18.36
N ILE B 85 3.09 72.08 17.99
CA ILE B 85 2.96 71.65 16.62
C ILE B 85 1.47 71.56 16.17
N ILE B 86 0.63 71.06 17.04
CA ILE B 86 -0.79 70.92 16.75
C ILE B 86 -1.42 72.30 16.60
N MET B 87 -1.12 73.19 17.55
CA MET B 87 -1.62 74.55 17.45
C MET B 87 -1.16 75.24 16.16
N GLU B 88 0.11 75.03 15.78
CA GLU B 88 0.63 75.63 14.55
C GLU B 88 0.02 75.04 13.27
N GLU B 89 0.03 73.72 13.13
CA GLU B 89 -0.49 73.10 11.90
C GLU B 89 -2.02 73.11 11.75
N ASN B 90 -2.75 73.00 12.84
CA ASN B 90 -4.22 72.87 12.85
C ASN B 90 -4.93 74.10 13.40
N GLY B 91 -4.25 74.95 14.14
CA GLY B 91 -4.92 76.09 14.75
C GLY B 91 -5.88 75.76 15.89
N LYS B 92 -5.72 74.60 16.51
CA LYS B 92 -6.62 74.17 17.56
C LYS B 92 -6.51 75.10 18.75
N PRO B 93 -7.63 75.45 19.42
CA PRO B 93 -7.43 76.12 20.71
C PRO B 93 -6.61 75.29 21.66
N VAL B 94 -5.86 76.00 22.49
CA VAL B 94 -4.83 75.42 23.36
C VAL B 94 -5.37 74.25 24.18
N LYS B 95 -6.56 74.37 24.76
CA LYS B 95 -7.11 73.29 25.57
C LYS B 95 -7.36 72.04 24.72
N GLU B 96 -7.76 72.24 23.44
CA GLU B 96 -7.97 71.09 22.50
C GLU B 96 -6.62 70.43 22.20
N ALA B 97 -5.57 71.25 22.01
CA ALA B 97 -4.25 70.69 21.73
C ALA B 97 -3.73 69.90 22.91
N LYS B 98 -3.83 70.46 24.11
CA LYS B 98 -3.43 69.72 25.38
C LYS B 98 -4.20 68.41 25.61
N GLU B 99 -5.52 68.47 25.50
CA GLU B 99 -6.37 67.27 25.51
C GLU B 99 -5.97 66.22 24.45
N GLU B 100 -5.64 66.67 23.23
CA GLU B 100 -5.25 65.74 22.22
C GLU B 100 -3.97 65.02 22.63
N VAL B 101 -3.03 65.78 23.20
CA VAL B 101 -1.77 65.19 23.59
C VAL B 101 -1.96 64.30 24.82
N ASP B 102 -2.82 64.71 25.75
CA ASP B 102 -3.25 63.81 26.83
C ASP B 102 -3.75 62.46 26.27
N GLY B 103 -4.56 62.53 25.23
CA GLY B 103 -5.09 61.35 24.54
C GLY B 103 -4.04 60.48 23.85
N VAL B 104 -2.97 61.08 23.33
CA VAL B 104 -1.86 60.31 22.74
C VAL B 104 -1.23 59.45 23.83
N ILE B 105 -0.96 60.12 24.96
CA ILE B 105 -0.36 59.50 26.10
C ILE B 105 -1.27 58.39 26.63
N ASP B 106 -2.56 58.68 26.86
CA ASP B 106 -3.53 57.70 27.42
C ASP B 106 -3.60 56.44 26.53
N GLN B 107 -3.69 56.65 25.21
CA GLN B 107 -3.82 55.57 24.24
C GLN B 107 -2.58 54.68 24.16
N ILE B 108 -1.39 55.29 24.21
CA ILE B 108 -0.18 54.54 24.08
C ILE B 108 -0.10 53.65 25.30
N GLN B 109 -0.37 54.22 26.49
CA GLN B 109 -0.44 53.45 27.73
C GLN B 109 -1.44 52.25 27.65
N TYR B 110 -2.66 52.54 27.23
CA TYR B 110 -3.75 51.59 27.20
C TYR B 110 -3.37 50.37 26.33
N TYR B 111 -2.85 50.62 25.14
CA TYR B 111 -2.51 49.58 24.22
C TYR B 111 -1.31 48.75 24.63
N ALA B 112 -0.28 49.41 25.12
CA ALA B 112 0.88 48.71 25.70
C ALA B 112 0.48 47.78 26.87
N GLU B 113 -0.57 48.14 27.59
CA GLU B 113 -1.01 47.35 28.72
C GLU B 113 -1.60 45.99 28.34
N TRP B 114 -1.96 45.86 27.05
CA TRP B 114 -2.36 44.56 26.52
C TRP B 114 -1.26 43.51 26.39
N ALA B 115 0.01 43.85 26.72
CA ALA B 115 1.09 42.85 26.70
C ALA B 115 0.73 41.54 27.44
N ARG B 116 1.01 40.41 26.75
CA ARG B 116 0.78 39.04 27.18
C ARG B 116 -0.62 38.77 27.68
N LYS B 117 -1.63 39.50 27.17
CA LYS B 117 -3.02 39.32 27.65
C LYS B 117 -4.01 38.98 26.52
N LEU B 118 -3.59 39.06 25.27
CA LEU B 118 -4.43 38.73 24.12
C LEU B 118 -4.21 37.26 23.77
N ASN B 119 -4.73 36.39 24.61
CA ASN B 119 -4.60 34.93 24.53
C ASN B 119 -5.21 34.28 23.26
N GLY B 120 -4.67 33.14 22.87
CA GLY B 120 -5.26 32.29 21.87
C GLY B 120 -6.12 31.30 22.65
N GLU B 121 -6.51 30.23 22.00
CA GLU B 121 -7.48 29.26 22.54
C GLU B 121 -7.02 27.87 22.29
N VAL B 122 -7.50 26.95 23.13
CA VAL B 122 -7.37 25.52 22.92
C VAL B 122 -8.80 24.98 22.92
N VAL B 123 -9.18 24.21 21.90
CA VAL B 123 -10.49 23.58 21.85
C VAL B 123 -10.38 22.07 21.59
N GLU B 124 -11.46 21.40 21.91
CA GLU B 124 -11.56 19.97 21.73
C GLU B 124 -11.40 19.63 20.26
N GLY B 125 -10.63 18.60 20.02
CA GLY B 125 -10.56 17.98 18.70
C GLY B 125 -11.72 17.01 18.45
N THR B 126 -11.61 16.25 17.37
CA THR B 126 -12.62 15.24 16.99
C THR B 126 -12.38 13.88 17.62
N SER B 127 -11.44 13.79 18.56
CA SER B 127 -11.23 12.58 19.34
C SER B 127 -10.48 12.94 20.63
N SER B 128 -10.41 12.01 21.59
CA SER B 128 -9.70 12.31 22.83
C SER B 128 -8.22 12.59 22.62
N HIS B 129 -7.61 12.09 21.55
CA HIS B 129 -6.19 12.29 21.25
C HIS B 129 -5.96 13.29 20.14
N ARG B 130 -6.89 14.25 20.02
CA ARG B 130 -6.75 15.41 19.16
C ARG B 130 -7.09 16.72 19.92
N LYS B 131 -6.41 17.77 19.54
CA LYS B 131 -6.71 19.12 20.01
C LYS B 131 -6.57 20.10 18.84
N ILE B 132 -7.24 21.23 18.95
CA ILE B 132 -7.08 22.35 18.04
C ILE B 132 -6.50 23.53 18.83
N PHE B 133 -5.30 23.96 18.48
CA PHE B 133 -4.67 25.13 19.11
C PHE B 133 -4.94 26.31 18.21
N GLN B 134 -5.40 27.41 18.77
CA GLN B 134 -5.66 28.61 18.02
C GLN B 134 -4.74 29.72 18.51
N TYR B 135 -3.71 30.02 17.74
CA TYR B 135 -2.79 31.05 18.06
C TYR B 135 -3.28 32.36 17.48
N LYS B 136 -3.06 33.45 18.18
CA LYS B 136 -3.20 34.79 17.62
C LYS B 136 -1.81 35.36 17.30
N VAL B 137 -1.56 35.70 16.04
CA VAL B 137 -0.28 36.20 15.57
C VAL B 137 -0.42 37.46 14.78
N PRO B 138 0.66 38.17 14.49
CA PRO B 138 0.47 39.40 13.75
C PRO B 138 0.16 39.17 12.27
N TYR B 139 -0.50 40.13 11.68
CA TYR B 139 -0.74 40.07 10.22
C TYR B 139 0.54 40.27 9.46
N GLY B 140 1.49 41.06 9.95
CA GLY B 140 2.73 41.29 9.19
C GLY B 140 2.98 42.77 8.99
N ILE B 141 2.81 43.26 7.76
CA ILE B 141 3.10 44.64 7.43
C ILE B 141 1.79 45.42 7.43
N VAL B 142 1.75 46.48 8.24
CA VAL B 142 0.58 47.33 8.41
C VAL B 142 0.90 48.65 7.76
N VAL B 143 -0.01 49.09 6.89
CA VAL B 143 0.00 50.44 6.37
C VAL B 143 -1.01 51.24 7.21
N ALA B 144 -0.51 52.33 7.82
CA ALA B 144 -1.29 53.26 8.61
C ALA B 144 -1.45 54.57 7.85
N LEU B 145 -2.72 54.95 7.64
CA LEU B 145 -3.08 56.20 6.95
C LEU B 145 -3.91 57.11 7.85
N THR B 146 -3.32 58.20 8.25
CA THR B 146 -3.90 59.10 9.28
C THR B 146 -4.50 60.38 8.68
N PRO B 147 -5.59 60.88 9.27
CA PRO B 147 -6.20 62.08 8.76
C PRO B 147 -5.58 63.34 9.37
N TRP B 148 -6.04 64.50 8.91
CA TRP B 148 -5.54 65.78 9.40
C TRP B 148 -6.22 66.26 10.65
N ASN B 149 -7.44 65.80 10.91
CA ASN B 149 -8.25 66.40 11.97
C ASN B 149 -7.80 66.13 13.43
N PHE B 150 -7.34 64.91 13.69
CA PHE B 150 -6.69 64.54 14.97
C PHE B 150 -5.29 63.95 14.66
N PRO B 151 -4.35 64.84 14.30
CA PRO B 151 -3.19 64.35 13.60
C PRO B 151 -2.15 63.64 14.51
N ALA B 152 -2.28 63.82 15.82
CA ALA B 152 -1.40 63.18 16.76
C ALA B 152 -2.11 61.97 17.32
N GLY B 153 -3.32 62.23 17.79
CA GLY B 153 -4.18 61.24 18.36
C GLY B 153 -4.39 60.04 17.44
N MET B 154 -4.56 60.27 16.14
CA MET B 154 -4.85 59.14 15.18
C MET B 154 -3.59 58.31 14.90
N VAL B 155 -2.44 58.99 15.00
CA VAL B 155 -1.16 58.32 14.89
C VAL B 155 -0.91 57.36 16.06
N ALA B 156 -1.13 57.84 17.27
CA ALA B 156 -1.03 56.98 18.49
C ALA B 156 -2.03 55.77 18.46
N ARG B 157 -3.27 56.06 18.12
CA ARG B 157 -4.32 55.07 18.00
C ARG B 157 -4.00 53.88 17.07
N LYS B 158 -3.20 54.11 16.03
CA LYS B 158 -2.88 53.10 14.99
C LYS B 158 -1.52 52.46 15.25
N LEU B 159 -0.51 53.26 15.64
CA LEU B 159 0.80 52.74 15.83
C LEU B 159 0.85 51.85 17.04
N ALA B 160 0.21 52.29 18.15
CA ALA B 160 0.37 51.60 19.40
C ALA B 160 -0.10 50.12 19.36
N PRO B 161 -1.34 49.86 18.87
CA PRO B 161 -1.77 48.48 18.86
C PRO B 161 -0.98 47.64 17.83
N ALA B 162 -0.69 48.24 16.69
CA ALA B 162 -0.02 47.57 15.61
C ALA B 162 1.34 47.03 16.03
N LEU B 163 2.11 47.87 16.71
CA LEU B 163 3.41 47.52 17.23
C LEU B 163 3.30 46.58 18.40
N LEU B 164 2.40 46.83 19.31
CA LEU B 164 2.28 45.92 20.46
C LEU B 164 2.09 44.47 20.03
N THR B 165 1.16 44.28 19.13
CA THR B 165 0.83 42.97 18.65
C THR B 165 1.88 42.38 17.72
N GLY B 166 2.93 43.11 17.36
CA GLY B 166 4.02 42.52 16.57
C GLY B 166 4.04 42.71 15.05
N ASN B 167 3.20 43.61 14.55
CA ASN B 167 3.26 44.04 13.17
C ASN B 167 4.35 45.07 12.98
N THR B 168 4.91 45.14 11.78
CA THR B 168 5.70 46.26 11.36
C THR B 168 4.81 47.24 10.59
N VAL B 169 5.29 48.48 10.44
CA VAL B 169 4.41 49.58 10.11
C VAL B 169 5.07 50.51 9.11
N VAL B 170 4.25 50.96 8.16
CA VAL B 170 4.60 52.07 7.31
C VAL B 170 3.51 53.09 7.53
N LEU B 171 3.88 54.26 8.07
CA LEU B 171 2.89 55.29 8.35
C LEU B 171 2.95 56.42 7.30
N LYS B 172 1.79 56.84 6.85
CA LYS B 172 1.68 57.98 5.97
C LYS B 172 0.61 58.91 6.49
N PRO B 173 0.99 60.08 6.97
CA PRO B 173 0.01 61.03 7.48
C PRO B 173 -0.63 61.87 6.38
N SER B 174 -1.66 62.62 6.76
CA SER B 174 -2.24 63.64 5.88
C SER B 174 -1.16 64.63 5.47
N SER B 175 -1.21 65.08 4.21
CA SER B 175 -0.41 66.16 3.68
C SER B 175 -0.65 67.53 4.34
N ASP B 176 -1.77 67.73 5.03
CA ASP B 176 -1.97 68.94 5.82
C ASP B 176 -1.29 68.93 7.20
N THR B 177 -0.92 67.76 7.71
CA THR B 177 -0.39 67.66 9.11
C THR B 177 0.78 66.67 9.23
N PRO B 178 1.82 66.84 8.43
CA PRO B 178 2.94 65.95 8.55
C PRO B 178 3.78 66.09 9.85
N GLY B 179 3.81 67.30 10.44
CA GLY B 179 4.70 67.64 11.58
C GLY B 179 4.38 66.85 12.86
N SER B 180 3.10 66.68 13.17
CA SER B 180 2.74 65.97 14.39
C SER B 180 3.10 64.48 14.28
N ALA B 181 2.92 63.88 13.10
CA ALA B 181 3.27 62.49 12.88
C ALA B 181 4.78 62.29 12.98
N GLU B 182 5.52 63.17 12.32
CA GLU B 182 6.97 63.05 12.32
C GLU B 182 7.50 63.09 13.73
N TRP B 183 6.97 64.01 14.53
CA TRP B 183 7.45 64.21 15.89
C TRP B 183 7.20 62.97 16.73
N ILE B 184 6.03 62.32 16.54
CA ILE B 184 5.73 61.11 17.26
C ILE B 184 6.60 59.96 16.82
N VAL B 185 6.83 59.83 15.50
CA VAL B 185 7.67 58.74 14.96
C VAL B 185 9.08 58.87 15.57
N ARG B 186 9.62 60.09 15.58
CA ARG B 186 10.94 60.34 16.07
C ARG B 186 11.02 59.92 17.52
N LYS B 187 9.96 60.10 18.30
CA LYS B 187 9.92 59.61 19.68
C LYS B 187 9.96 58.09 19.86
N PHE B 188 9.22 57.37 19.01
CA PHE B 188 9.34 55.92 18.99
C PHE B 188 10.74 55.46 18.61
N VAL B 189 11.34 56.16 17.66
CA VAL B 189 12.73 55.88 17.25
C VAL B 189 13.73 56.11 18.41
N GLU B 190 13.59 57.22 19.12
CA GLU B 190 14.41 57.54 20.28
C GLU B 190 14.20 56.51 21.42
N ALA B 191 13.03 55.93 21.50
CA ALA B 191 12.71 54.95 22.52
C ALA B 191 13.30 53.60 22.24
N GLY B 192 13.64 53.36 20.96
CA GLY B 192 14.43 52.20 20.55
C GLY B 192 13.70 51.22 19.65
N VAL B 193 12.74 51.70 18.84
CA VAL B 193 12.11 50.84 17.86
C VAL B 193 13.24 50.44 16.88
N PRO B 194 13.41 49.15 16.62
CA PRO B 194 14.49 48.75 15.73
C PRO B 194 14.30 49.09 14.21
N LYS B 195 15.43 49.04 13.51
CA LYS B 195 15.54 49.38 12.09
C LYS B 195 14.43 48.69 11.27
N GLY B 196 13.67 49.48 10.53
CA GLY B 196 12.65 48.97 9.62
C GLY B 196 11.30 48.61 10.20
N VAL B 197 11.19 48.61 11.53
CA VAL B 197 9.96 48.21 12.18
C VAL B 197 8.88 49.28 12.03
N LEU B 198 9.33 50.54 12.02
CA LEU B 198 8.50 51.73 11.88
C LEU B 198 9.07 52.63 10.77
N ASN B 199 8.33 52.77 9.68
CA ASN B 199 8.72 53.66 8.58
C ASN B 199 7.73 54.80 8.42
N PHE B 200 8.21 55.93 7.94
CA PHE B 200 7.43 57.17 7.78
C PHE B 200 7.60 57.76 6.37
N ILE B 201 6.46 57.90 5.71
CA ILE B 201 6.37 58.33 4.33
C ILE B 201 5.36 59.48 4.24
N THR B 202 5.76 60.60 3.66
CA THR B 202 4.85 61.67 3.36
C THR B 202 4.83 61.80 1.84
N GLY B 203 3.74 62.31 1.32
CA GLY B 203 3.63 62.57 -0.11
C GLY B 203 2.20 62.77 -0.55
N ARG B 204 2.07 63.03 -1.84
CA ARG B 204 0.78 63.37 -2.40
C ARG B 204 0.01 62.05 -2.50
N GLY B 205 -1.09 61.93 -1.75
CA GLY B 205 -1.99 60.76 -1.82
C GLY B 205 -2.43 60.47 -3.24
N SER B 206 -2.56 61.51 -4.03
CA SER B 206 -2.85 61.38 -5.46
C SER B 206 -1.68 60.90 -6.32
N GLU B 207 -0.43 60.86 -5.83
CA GLU B 207 0.71 60.26 -6.59
C GLU B 207 1.15 58.87 -6.06
N ILE B 208 1.05 58.62 -4.75
CA ILE B 208 1.49 57.32 -4.12
C ILE B 208 0.41 56.56 -3.32
N GLY B 209 -0.78 57.13 -3.22
CA GLY B 209 -1.83 56.59 -2.34
C GLY B 209 -2.29 55.22 -2.77
N ASP B 210 -2.75 55.10 -4.02
CA ASP B 210 -3.11 53.80 -4.53
C ASP B 210 -1.95 52.82 -4.47
N TYR B 211 -0.76 53.27 -4.84
CA TYR B 211 0.38 52.37 -4.89
C TYR B 211 0.67 51.73 -3.50
N ILE B 212 0.56 52.52 -2.44
CA ILE B 212 0.81 52.00 -1.10
C ILE B 212 -0.23 50.96 -0.74
N VAL B 213 -1.50 51.19 -1.08
CA VAL B 213 -2.53 50.30 -0.58
C VAL B 213 -2.64 49.02 -1.38
N GLU B 214 -2.22 49.02 -2.64
CA GLU B 214 -2.29 47.83 -3.49
C GLU B 214 -1.03 46.96 -3.50
N HIS B 215 0.06 47.43 -2.90
CA HIS B 215 1.31 46.72 -2.90
C HIS B 215 1.14 45.27 -2.41
N LYS B 216 1.75 44.31 -3.11
CA LYS B 216 1.59 42.84 -2.83
C LYS B 216 1.98 42.40 -1.44
N LYS B 217 2.94 43.09 -0.84
CA LYS B 217 3.44 42.77 0.51
C LYS B 217 2.67 43.36 1.70
N VAL B 218 1.77 44.30 1.45
CA VAL B 218 0.88 44.84 2.50
C VAL B 218 -0.17 43.82 3.00
N ASN B 219 -0.21 43.58 4.32
CA ASN B 219 -1.14 42.63 4.93
C ASN B 219 -2.34 43.28 5.61
N LEU B 220 -2.22 44.55 5.98
CA LEU B 220 -3.30 45.19 6.72
C LEU B 220 -3.24 46.69 6.51
N ILE B 221 -4.41 47.30 6.36
CA ILE B 221 -4.52 48.73 6.15
C ILE B 221 -5.42 49.28 7.21
N THR B 222 -4.88 50.25 7.96
CA THR B 222 -5.65 50.92 9.00
C THR B 222 -5.67 52.40 8.65
N MET B 223 -6.88 52.96 8.61
CA MET B 223 -7.10 54.23 7.96
C MET B 223 -8.29 54.95 8.57
N THR B 224 -8.13 56.25 8.75
CA THR B 224 -9.27 57.11 9.06
C THR B 224 -9.28 58.27 8.08
N GLY B 225 -10.47 58.67 7.62
CA GLY B 225 -10.59 59.78 6.71
C GLY B 225 -11.92 59.80 5.96
N SER B 226 -11.90 60.22 4.70
CA SER B 226 -13.16 60.47 3.99
C SER B 226 -13.76 59.18 3.43
N THR B 227 -15.08 59.18 3.28
CA THR B 227 -15.80 58.10 2.64
C THR B 227 -15.17 57.72 1.30
N ALA B 228 -14.97 58.71 0.42
CA ALA B 228 -14.53 58.44 -0.94
C ALA B 228 -13.13 57.82 -0.95
N THR B 229 -12.26 58.25 -0.03
CA THR B 229 -10.94 57.62 0.06
C THR B 229 -11.03 56.18 0.54
N GLY B 230 -11.89 55.95 1.52
CA GLY B 230 -12.14 54.62 2.03
C GLY B 230 -12.68 53.67 1.01
N GLN B 231 -13.61 54.14 0.20
CA GLN B 231 -14.15 53.32 -0.88
C GLN B 231 -13.07 52.93 -1.85
N ARG B 232 -12.25 53.90 -2.23
CA ARG B 232 -11.08 53.71 -3.11
C ARG B 232 -10.07 52.71 -2.53
N ILE B 233 -9.79 52.81 -1.22
CA ILE B 233 -8.90 51.85 -0.58
C ILE B 233 -9.45 50.41 -0.69
N MET B 234 -10.71 50.22 -0.32
CA MET B 234 -11.32 48.91 -0.42
C MET B 234 -11.29 48.30 -1.84
N GLN B 235 -11.51 49.13 -2.85
CA GLN B 235 -11.33 48.72 -4.26
C GLN B 235 -9.90 48.28 -4.55
N LYS B 236 -8.94 49.14 -4.25
CA LYS B 236 -7.53 48.81 -4.52
C LYS B 236 -6.95 47.67 -3.67
N ALA B 237 -7.38 47.52 -2.41
CA ALA B 237 -6.98 46.39 -1.57
C ALA B 237 -7.48 45.01 -2.02
N SER B 238 -8.39 44.95 -3.01
CA SER B 238 -8.77 43.71 -3.57
C SER B 238 -7.54 43.04 -4.18
N ALA B 239 -6.54 43.80 -4.59
CA ALA B 239 -5.30 43.21 -5.12
C ALA B 239 -4.51 42.34 -4.14
N ASN B 240 -4.57 42.64 -2.88
CA ASN B 240 -3.75 41.88 -1.91
C ASN B 240 -4.60 41.25 -0.79
N MET B 241 -5.93 41.37 -0.87
CA MET B 241 -6.82 40.97 0.21
C MET B 241 -6.40 41.47 1.59
N ALA B 242 -5.82 42.65 1.68
CA ALA B 242 -5.44 43.19 3.01
C ALA B 242 -6.64 43.26 3.94
N LYS B 243 -6.39 42.96 5.20
CA LYS B 243 -7.33 43.26 6.23
C LYS B 243 -7.53 44.81 6.36
N LEU B 244 -8.80 45.25 6.37
CA LEU B 244 -9.15 46.65 6.41
C LEU B 244 -9.72 47.08 7.79
N ILE B 245 -9.14 48.14 8.34
CA ILE B 245 -9.71 48.87 9.46
C ILE B 245 -9.90 50.27 8.90
N LEU B 246 -11.14 50.65 8.67
CA LEU B 246 -11.46 51.88 8.00
C LEU B 246 -12.48 52.61 8.85
N GLU B 247 -12.26 53.89 9.10
CA GLU B 247 -13.19 54.74 9.84
C GLU B 247 -13.40 55.96 8.95
N LEU B 248 -14.62 56.19 8.51
CA LEU B 248 -14.90 57.18 7.47
C LEU B 248 -15.87 58.30 7.92
N GLY B 249 -15.95 58.57 9.22
CA GLY B 249 -16.78 59.69 9.73
C GLY B 249 -18.28 59.35 9.78
N GLY B 250 -19.14 60.37 9.80
CA GLY B 250 -20.55 60.16 10.00
C GLY B 250 -21.39 61.42 9.86
N LYS B 251 -22.61 61.31 10.35
CA LYS B 251 -23.63 62.31 10.27
C LYS B 251 -24.44 62.14 11.56
N ALA B 252 -23.81 62.44 12.71
CA ALA B 252 -24.41 62.12 13.99
C ALA B 252 -25.71 62.88 14.20
N PRO B 253 -26.83 62.17 14.47
CA PRO B 253 -28.04 62.86 14.97
C PRO B 253 -27.89 63.19 16.45
N PHE B 254 -28.31 64.40 16.79
CA PHE B 254 -28.26 64.89 18.16
C PHE B 254 -29.72 65.09 18.55
N MET B 255 -30.20 64.21 19.41
CA MET B 255 -31.65 64.06 19.72
C MET B 255 -31.93 64.52 21.16
N VAL B 256 -32.82 65.52 21.30
CA VAL B 256 -33.19 66.08 22.60
C VAL B 256 -34.69 65.86 22.82
N TRP B 257 -35.00 64.86 23.65
CA TRP B 257 -36.35 64.56 24.08
C TRP B 257 -36.92 65.64 25.02
N LYS B 258 -38.24 65.69 25.14
CA LYS B 258 -38.89 66.75 25.90
C LYS B 258 -38.48 66.88 27.39
N ASP B 259 -37.96 65.80 28.00
CA ASP B 259 -37.61 65.75 29.40
C ASP B 259 -36.08 65.91 29.61
N ALA B 260 -35.37 66.37 28.58
CA ALA B 260 -33.93 66.60 28.69
C ALA B 260 -33.60 67.69 29.69
N ASP B 261 -32.52 67.47 30.41
CA ASP B 261 -31.90 68.56 31.10
C ASP B 261 -31.32 69.50 30.04
N MET B 262 -31.95 70.66 29.88
CA MET B 262 -31.59 71.70 28.86
C MET B 262 -30.12 72.12 28.98
N ASP B 263 -29.65 72.43 30.18
CA ASP B 263 -28.26 72.96 30.30
C ASP B 263 -27.26 71.89 29.83
N ASN B 264 -27.42 70.67 30.32
CA ASN B 264 -26.53 69.58 29.89
C ASN B 264 -26.56 69.25 28.42
N ALA B 265 -27.74 69.34 27.81
CA ALA B 265 -27.86 69.11 26.40
C ALA B 265 -27.16 70.22 25.60
N LEU B 266 -27.37 71.48 25.99
CA LEU B 266 -26.68 72.61 25.33
C LEU B 266 -25.16 72.61 25.51
N LYS B 267 -24.69 72.36 26.72
CA LYS B 267 -23.26 72.15 26.93
C LYS B 267 -22.70 71.11 25.98
N THR B 268 -23.30 69.93 25.98
CA THR B 268 -22.90 68.83 25.07
C THR B 268 -23.01 69.17 23.58
N LEU B 269 -23.98 69.98 23.20
CA LEU B 269 -24.13 70.37 21.79
C LEU B 269 -23.02 71.38 21.40
N LEU B 270 -22.68 72.32 22.28
CA LEU B 270 -21.53 73.23 22.00
C LEU B 270 -20.27 72.43 21.75
N TRP B 271 -20.05 71.41 22.58
CA TRP B 271 -18.94 70.51 22.38
C TRP B 271 -19.08 69.73 21.05
N ALA B 272 -20.22 69.08 20.82
CA ALA B 272 -20.33 68.18 19.67
C ALA B 272 -20.30 68.94 18.35
N LYS B 273 -20.79 70.17 18.32
CA LYS B 273 -20.78 70.92 17.07
C LYS B 273 -19.48 71.69 16.84
N TYR B 274 -18.91 72.27 17.89
CA TYR B 274 -17.84 73.27 17.76
C TYR B 274 -16.44 72.85 18.18
N TRP B 275 -16.31 71.74 18.92
CA TRP B 275 -15.03 71.10 19.14
C TRP B 275 -14.37 70.81 17.83
N ASN B 276 -13.12 71.29 17.72
CA ASN B 276 -12.35 71.20 16.51
C ASN B 276 -13.06 71.76 15.25
N ALA B 277 -13.89 72.78 15.45
CA ALA B 277 -14.67 73.48 14.44
C ALA B 277 -15.58 72.54 13.62
N GLY B 278 -16.04 71.49 14.28
CA GLY B 278 -16.96 70.54 13.69
C GLY B 278 -16.26 69.53 12.85
N GLN B 279 -14.91 69.52 12.87
CA GLN B 279 -14.08 68.63 12.02
C GLN B 279 -13.75 67.39 12.81
N SER B 280 -14.77 66.60 13.06
CA SER B 280 -14.74 65.47 13.92
C SER B 280 -15.66 64.41 13.33
N ILE B 282 -17.26 62.40 14.86
CA ILE B 282 -18.43 62.24 15.74
C ILE B 282 -19.15 63.55 16.03
N ALA B 283 -18.88 64.56 15.25
CA ALA B 283 -19.58 65.84 15.40
C ALA B 283 -21.09 65.71 15.28
N ALA B 284 -21.78 66.50 16.09
CA ALA B 284 -23.20 66.69 15.84
C ALA B 284 -23.38 67.30 14.44
N GLU B 285 -24.14 66.60 13.58
CA GLU B 285 -24.39 67.01 12.21
C GLU B 285 -25.87 67.23 11.86
N ARG B 286 -26.79 66.82 12.74
CA ARG B 286 -28.23 66.98 12.59
C ARG B 286 -28.83 67.08 13.96
N LEU B 287 -29.68 68.07 14.16
CA LEU B 287 -30.22 68.35 15.48
C LEU B 287 -31.75 68.11 15.40
N TYR B 288 -32.26 67.29 16.33
CA TYR B 288 -33.68 66.92 16.43
C TYR B 288 -34.13 67.28 17.83
N VAL B 289 -35.00 68.27 17.97
CA VAL B 289 -35.47 68.73 19.27
C VAL B 289 -36.97 68.58 19.37
N HIS B 290 -37.40 68.00 20.47
CA HIS B 290 -38.83 67.85 20.75
C HIS B 290 -39.53 69.17 20.67
N GLU B 291 -40.71 69.14 20.07
CA GLU B 291 -41.44 70.33 19.75
C GLU B 291 -41.85 71.14 20.94
N ASP B 292 -42.04 70.50 22.10
CA ASP B 292 -42.35 71.25 23.35
C ASP B 292 -41.25 72.17 23.82
N ILE B 293 -40.01 71.87 23.49
CA ILE B 293 -38.89 72.69 23.93
C ILE B 293 -38.05 73.24 22.79
N TYR B 294 -38.46 73.04 21.53
CA TYR B 294 -37.67 73.47 20.38
C TYR B 294 -37.34 74.94 20.42
N ASP B 295 -38.31 75.80 20.70
CA ASP B 295 -38.08 77.23 20.59
C ASP B 295 -37.04 77.74 21.64
N THR B 296 -37.19 77.33 22.90
CA THR B 296 -36.22 77.66 23.96
C THR B 296 -34.87 77.10 23.65
N PHE B 297 -34.84 75.82 23.27
CA PHE B 297 -33.58 75.21 22.95
C PHE B 297 -32.80 75.99 21.88
N MET B 298 -33.49 76.35 20.80
CA MET B 298 -32.87 77.03 19.66
C MET B 298 -32.50 78.46 20.00
N SER B 299 -33.35 79.18 20.73
CA SER B 299 -33.04 80.53 21.21
C SER B 299 -31.75 80.49 22.04
N ARG B 300 -31.65 79.53 22.94
CA ARG B 300 -30.42 79.44 23.74
C ARG B 300 -29.23 79.02 22.92
N PHE B 301 -29.44 78.08 21.97
CA PHE B 301 -28.34 77.59 21.18
C PHE B 301 -27.71 78.72 20.39
N VAL B 302 -28.56 79.55 19.82
CA VAL B 302 -28.12 80.70 19.03
C VAL B 302 -27.40 81.69 19.94
N GLU B 303 -27.96 81.98 21.13
CA GLU B 303 -27.37 82.96 22.06
C GLU B 303 -25.95 82.51 22.51
N LEU B 304 -25.78 81.24 22.85
CA LEU B 304 -24.46 80.70 23.19
C LEU B 304 -23.49 80.70 22.00
N SER B 305 -23.97 80.33 20.80
CA SER B 305 -23.08 80.23 19.65
C SER B 305 -22.48 81.58 19.31
N ARG B 306 -23.27 82.65 19.49
CA ARG B 306 -22.79 84.01 19.26
C ARG B 306 -21.62 84.41 20.21
N LYS B 307 -21.48 83.76 21.37
CA LYS B 307 -20.44 84.12 22.34
C LYS B 307 -19.17 83.34 22.14
N LEU B 308 -19.10 82.50 21.13
CA LEU B 308 -17.88 81.76 20.90
C LEU B 308 -16.84 82.64 20.19
N ALA B 309 -15.67 82.82 20.80
CA ALA B 309 -14.57 83.55 20.17
C ALA B 309 -13.73 82.68 19.19
N LEU B 310 -13.45 83.26 18.02
CA LEU B 310 -12.69 82.65 16.94
C LEU B 310 -11.43 83.45 16.75
N GLY B 311 -10.31 82.76 16.55
CA GLY B 311 -9.02 83.41 16.36
C GLY B 311 -7.85 82.62 16.90
N ASP B 312 -6.94 83.33 17.58
CA ASP B 312 -5.72 82.71 18.04
C ASP B 312 -5.94 81.55 18.98
N PRO B 313 -5.18 80.46 18.80
CA PRO B 313 -5.31 79.38 19.77
C PRO B 313 -5.05 79.74 21.22
N LYS B 314 -4.34 80.82 21.54
CA LYS B 314 -4.09 81.18 22.95
C LYS B 314 -5.40 81.49 23.65
N ASN B 315 -6.35 82.11 22.95
CA ASN B 315 -7.56 82.63 23.62
C ASN B 315 -8.92 82.27 23.03
N ALA B 316 -8.97 81.66 21.84
CA ALA B 316 -10.22 81.40 21.13
C ALA B 316 -11.00 80.20 21.69
N ASP B 317 -12.32 80.21 21.55
CA ASP B 317 -13.17 79.01 21.77
C ASP B 317 -13.14 78.03 20.59
N MET B 318 -13.00 78.55 19.38
CA MET B 318 -12.99 77.71 18.18
C MET B 318 -11.87 78.12 17.23
N GLY B 319 -11.21 77.12 16.68
CA GLY B 319 -10.20 77.32 15.66
C GLY B 319 -10.72 77.40 14.21
N PRO B 320 -9.78 77.50 13.24
CA PRO B 320 -10.10 77.59 11.83
C PRO B 320 -10.26 76.25 11.19
N LEU B 321 -10.90 76.26 10.05
CA LEU B 321 -10.89 75.09 9.17
C LEU B 321 -9.46 74.87 8.67
N ILE B 322 -9.20 73.64 8.22
CA ILE B 322 -7.81 73.21 7.96
C ILE B 322 -7.14 73.84 6.77
N ASN B 323 -7.88 74.20 5.72
CA ASN B 323 -7.25 74.79 4.52
C ASN B 323 -8.29 75.52 3.69
N LYS B 324 -7.83 76.23 2.65
CA LYS B 324 -8.70 77.03 1.78
C LYS B 324 -9.80 76.22 1.15
N GLY B 325 -9.47 75.02 0.68
CA GLY B 325 -10.46 74.04 0.19
C GLY B 325 -11.58 73.66 1.15
N ALA B 326 -11.30 73.53 2.45
CA ALA B 326 -12.38 73.28 3.42
C ALA B 326 -13.30 74.52 3.56
N LEU B 327 -12.68 75.70 3.45
CA LEU B 327 -13.37 76.96 3.61
C LEU B 327 -14.30 77.18 2.42
N GLN B 328 -13.82 76.87 1.20
CA GLN B 328 -14.61 76.98 -0.02
C GLN B 328 -15.78 76.00 0.02
N ALA B 329 -15.54 74.74 0.40
CA ALA B 329 -16.59 73.70 0.42
C ALA B 329 -17.69 74.04 1.50
N THR B 330 -17.26 74.62 2.61
CA THR B 330 -18.18 75.04 3.65
C THR B 330 -19.07 76.19 3.17
N SER B 331 -18.49 77.19 2.51
CA SER B 331 -19.26 78.25 1.82
C SER B 331 -20.28 77.72 0.80
N GLU B 332 -19.85 76.77 -0.02
CA GLU B 332 -20.76 76.12 -0.94
C GLU B 332 -21.92 75.40 -0.27
N ILE B 333 -21.62 74.69 0.82
CA ILE B 333 -22.65 73.99 1.57
C ILE B 333 -23.69 75.00 2.07
N VAL B 334 -23.24 76.15 2.57
CA VAL B 334 -24.14 77.12 3.16
C VAL B 334 -24.99 77.77 2.08
N GLU B 335 -24.37 78.12 0.94
CA GLU B 335 -25.07 78.67 -0.23
C GLU B 335 -26.09 77.69 -0.82
N GLU B 336 -25.74 76.40 -0.92
CA GLU B 336 -26.70 75.41 -1.42
C GLU B 336 -27.93 75.36 -0.51
N ALA B 337 -27.71 75.32 0.80
CA ALA B 337 -28.81 75.37 1.75
C ALA B 337 -29.73 76.60 1.56
N LYS B 338 -29.13 77.79 1.51
CA LYS B 338 -29.84 79.06 1.27
C LYS B 338 -30.61 78.97 -0.07
N GLU B 339 -29.96 78.42 -1.10
CA GLU B 339 -30.55 78.27 -2.42
C GLU B 339 -31.76 77.32 -2.34
N SER B 340 -31.69 76.23 -1.59
CA SER B 340 -32.87 75.35 -1.35
C SER B 340 -34.01 75.92 -0.46
N GLY B 341 -33.89 77.14 0.00
CA GLY B 341 -34.90 77.72 0.85
C GLY B 341 -34.73 77.57 2.36
N ALA B 342 -33.54 77.24 2.82
CA ALA B 342 -33.33 77.12 4.25
C ALA B 342 -33.13 78.50 4.81
N LYS B 343 -33.37 78.64 6.10
CA LYS B 343 -33.26 79.91 6.76
C LYS B 343 -32.10 79.90 7.74
N ILE B 344 -31.23 80.88 7.61
CA ILE B 344 -30.04 81.00 8.43
C ILE B 344 -30.46 81.65 9.75
N LEU B 345 -30.39 80.94 10.87
CA LEU B 345 -30.68 81.54 12.19
C LEU B 345 -29.47 82.24 12.80
N PHE B 346 -28.26 81.81 12.46
CA PHE B 346 -27.06 82.54 12.89
C PHE B 346 -25.89 82.16 12.00
N GLY B 347 -24.99 83.08 11.72
CA GLY B 347 -23.75 82.75 11.02
C GLY B 347 -23.94 82.69 9.52
N GLY B 348 -23.28 81.75 8.88
CA GLY B 348 -23.39 81.57 7.42
C GLY B 348 -22.30 82.27 6.63
N SER B 349 -21.21 82.67 7.29
CA SER B 349 -20.09 83.30 6.60
C SER B 349 -18.82 83.28 7.44
N GLN B 350 -17.75 83.87 6.92
CA GLN B 350 -16.50 84.04 7.69
C GLN B 350 -16.72 85.14 8.73
N PRO B 351 -16.01 85.10 9.87
CA PRO B 351 -16.05 86.27 10.78
C PRO B 351 -15.32 87.47 10.18
N SER B 352 -15.46 88.64 10.81
CA SER B 352 -14.75 89.87 10.42
C SER B 352 -13.65 89.96 11.48
N LEU B 353 -12.44 89.51 11.16
CA LEU B 353 -11.36 89.38 12.15
C LEU B 353 -10.17 90.36 11.92
N SER B 354 -9.54 90.76 13.04
CA SER B 354 -8.47 91.77 13.07
C SER B 354 -7.07 91.16 12.91
N GLY B 355 -6.11 91.98 12.46
CA GLY B 355 -4.71 91.59 12.22
C GLY B 355 -4.51 90.32 11.41
N PRO B 356 -3.44 89.54 11.71
CA PRO B 356 -3.02 88.35 10.90
C PRO B 356 -4.11 87.25 10.70
N TYR B 357 -5.12 87.23 11.56
CA TYR B 357 -6.18 86.23 11.51
C TYR B 357 -7.16 86.41 10.37
N ARG B 358 -7.19 87.61 9.78
CA ARG B 358 -8.04 87.96 8.63
C ARG B 358 -7.74 87.12 7.43
N ASN B 359 -6.53 86.59 7.37
CA ASN B 359 -6.06 85.71 6.29
C ASN B 359 -6.17 84.17 6.58
N GLY B 360 -6.53 83.78 7.82
CA GLY B 360 -6.84 82.35 8.15
C GLY B 360 -8.21 81.84 7.67
N TYR B 361 -8.48 80.54 7.84
CA TYR B 361 -9.70 79.91 7.27
C TYR B 361 -10.85 79.74 8.27
N PHE B 362 -11.21 80.83 8.93
CA PHE B 362 -12.21 80.82 9.95
C PHE B 362 -13.58 80.87 9.35
N PHE B 363 -14.52 80.20 10.00
CA PHE B 363 -15.93 80.21 9.58
C PHE B 363 -16.82 80.27 10.79
N LEU B 364 -17.86 81.08 10.74
CA LEU B 364 -18.68 81.32 11.89
C LEU B 364 -19.57 80.11 12.18
N PRO B 365 -19.86 79.85 13.47
CA PRO B 365 -20.93 78.94 13.86
C PRO B 365 -22.15 79.26 13.06
N THR B 366 -22.78 78.25 12.49
CA THR B 366 -23.87 78.45 11.55
C THR B 366 -25.01 77.51 11.85
N ILE B 367 -26.21 78.07 12.01
CA ILE B 367 -27.38 77.37 12.52
C ILE B 367 -28.51 77.59 11.52
N ILE B 368 -29.10 76.48 11.06
CA ILE B 368 -30.07 76.50 9.97
C ILE B 368 -31.41 75.93 10.44
N GLY B 369 -32.47 76.58 9.99
CA GLY B 369 -33.81 76.11 10.23
C GLY B 369 -34.46 75.90 8.87
N ASN B 370 -35.53 75.12 8.84
CA ASN B 370 -36.25 74.90 7.60
C ASN B 370 -35.61 74.03 6.50
N ALA B 371 -34.69 73.16 6.87
CA ALA B 371 -34.08 72.29 5.88
C ALA B 371 -34.76 70.95 6.07
N ASP B 372 -35.05 70.30 4.97
CA ASP B 372 -35.75 69.05 4.99
C ASP B 372 -34.88 67.89 5.46
N GLN B 373 -35.52 66.89 6.03
CA GLN B 373 -34.86 65.64 6.39
C GLN B 373 -34.05 65.04 5.22
N LYS B 374 -34.66 65.11 4.02
CA LYS B 374 -34.03 64.65 2.73
C LYS B 374 -32.96 65.61 2.13
N SER B 375 -32.72 66.80 2.71
CA SER B 375 -31.79 67.78 2.15
C SER B 375 -30.27 67.41 2.27
N LYS B 376 -29.40 68.07 1.51
CA LYS B 376 -27.94 67.85 1.66
C LYS B 376 -27.43 68.21 3.08
N ILE B 377 -27.98 69.27 3.66
CA ILE B 377 -27.68 69.63 5.05
C ILE B 377 -27.91 68.48 6.01
N PHE B 378 -28.93 67.67 5.74
CA PHE B 378 -29.24 66.54 6.60
C PHE B 378 -28.75 65.19 6.10
N GLN B 379 -28.34 65.07 4.85
CA GLN B 379 -27.93 63.75 4.34
C GLN B 379 -26.44 63.55 4.00
N GLU B 380 -25.70 64.64 3.81
CA GLU B 380 -24.31 64.64 3.34
C GLU B 380 -23.43 65.29 4.50
N GLU B 381 -22.31 64.63 4.85
CA GLU B 381 -21.36 65.11 5.89
C GLU B 381 -20.88 66.57 5.61
N ILE B 382 -20.88 67.39 6.66
CA ILE B 382 -20.48 68.79 6.52
C ILE B 382 -19.03 69.01 7.04
N PHE B 383 -18.70 68.45 8.21
CA PHE B 383 -17.32 68.48 8.75
C PHE B 383 -16.88 69.94 8.93
N ALA B 384 -17.80 70.74 9.45
CA ALA B 384 -17.61 72.21 9.60
C ALA B 384 -18.58 72.71 10.69
N PRO B 385 -18.49 73.98 11.13
CA PRO B 385 -19.32 74.38 12.26
C PRO B 385 -20.75 74.81 11.84
N VAL B 386 -21.45 73.89 11.17
CA VAL B 386 -22.75 74.12 10.54
C VAL B 386 -23.68 73.00 10.98
N ILE B 387 -24.89 73.37 11.33
CA ILE B 387 -25.91 72.36 11.68
C ILE B 387 -27.34 72.82 11.36
N GLY B 388 -28.17 71.89 10.93
CA GLY B 388 -29.60 72.12 10.73
C GLY B 388 -30.40 71.50 11.86
N ALA B 389 -31.53 72.12 12.18
CA ALA B 389 -32.41 71.67 13.24
C ALA B 389 -33.82 71.41 12.73
N ARG B 390 -34.46 70.38 13.31
CA ARG B 390 -35.84 70.03 13.07
C ARG B 390 -36.54 69.55 14.32
N LYS B 391 -37.85 69.65 14.30
CA LYS B 391 -38.73 69.26 15.40
C LYS B 391 -39.09 67.81 15.34
N ILE B 392 -39.29 67.18 16.51
CA ILE B 392 -39.80 65.81 16.61
C ILE B 392 -40.92 65.76 17.64
N SER B 393 -41.79 64.77 17.46
CA SER B 393 -42.95 64.57 18.35
C SER B 393 -43.18 63.15 18.88
N SER B 394 -42.56 62.13 18.31
CA SER B 394 -42.74 60.77 18.80
C SER B 394 -41.40 59.98 18.80
N VAL B 395 -41.31 59.04 19.73
CA VAL B 395 -40.11 58.23 19.87
C VAL B 395 -39.85 57.41 18.61
N GLU B 396 -40.91 56.83 18.01
CA GLU B 396 -40.71 55.97 16.80
C GLU B 396 -40.18 56.81 15.65
N GLU B 397 -40.73 58.01 15.48
CA GLU B 397 -40.29 58.98 14.47
C GLU B 397 -38.80 59.37 14.74
N MET B 398 -38.48 59.58 16.00
CA MET B 398 -37.10 59.92 16.35
C MET B 398 -36.11 58.87 15.83
N TYR B 399 -36.39 57.60 16.11
CA TYR B 399 -35.52 56.49 15.69
C TYR B 399 -35.40 56.43 14.19
N ASP B 400 -36.51 56.63 13.49
CA ASP B 400 -36.49 56.55 12.01
C ASP B 400 -35.70 57.70 11.37
N LEU B 401 -35.88 58.92 11.87
CA LEU B 401 -35.17 60.06 11.28
C LEU B 401 -33.68 59.87 11.50
N ALA B 402 -33.30 59.42 12.70
CA ALA B 402 -31.92 59.10 13.05
C ALA B 402 -31.32 58.01 12.14
N ASN B 403 -32.01 56.87 12.05
CA ASN B 403 -31.54 55.79 11.17
C ASN B 403 -31.63 56.08 9.62
N ASP B 404 -32.25 57.18 9.24
CA ASP B 404 -32.42 57.56 7.82
C ASP B 404 -31.18 58.32 7.34
N SER B 405 -30.14 57.55 7.14
CA SER B 405 -28.81 58.07 6.85
C SER B 405 -27.95 56.99 6.23
N LYS B 406 -27.13 57.33 5.25
CA LYS B 406 -26.10 56.36 4.81
C LYS B 406 -24.93 56.22 5.82
N TYR B 407 -24.89 57.07 6.84
CA TYR B 407 -23.81 57.01 7.83
C TYR B 407 -24.32 56.34 9.10
N GLY B 408 -23.44 56.06 10.06
CA GLY B 408 -23.75 55.19 11.20
C GLY B 408 -22.74 55.11 12.34
N LEU B 409 -21.98 56.20 12.51
CA LEU B 409 -20.96 56.29 13.56
C LEU B 409 -21.52 56.67 14.94
N ALA B 410 -21.52 57.96 15.26
CA ALA B 410 -22.00 58.43 16.56
C ALA B 410 -23.44 58.94 16.50
N SER B 411 -23.99 59.06 17.69
CA SER B 411 -25.28 59.67 17.90
C SER B 411 -25.32 60.14 19.35
N TYR B 412 -26.18 61.11 19.63
CA TYR B 412 -26.36 61.70 20.98
C TYR B 412 -27.83 61.71 21.35
N LEU B 413 -28.13 61.36 22.61
CA LEU B 413 -29.49 61.38 23.10
C LEU B 413 -29.60 61.98 24.49
N PHE B 414 -30.50 62.96 24.64
CA PHE B 414 -30.76 63.57 25.95
C PHE B 414 -32.19 63.31 26.37
N THR B 415 -32.33 62.57 27.47
CA THR B 415 -33.61 62.18 28.01
C THR B 415 -33.46 61.57 29.38
N LYS B 416 -34.52 61.58 30.15
CA LYS B 416 -34.58 60.99 31.47
C LYS B 416 -35.57 59.81 31.49
N ASP B 417 -36.09 59.42 30.33
CA ASP B 417 -36.98 58.27 30.26
C ASP B 417 -36.18 56.96 30.08
N PRO B 418 -36.14 56.13 31.13
CA PRO B 418 -35.38 54.86 31.04
C PRO B 418 -35.79 53.94 29.88
N ASN B 419 -37.07 53.88 29.57
CA ASN B 419 -37.57 53.04 28.47
C ASN B 419 -37.06 53.48 27.13
N ILE B 420 -36.88 54.78 26.93
CA ILE B 420 -36.29 55.31 25.72
C ILE B 420 -34.79 54.96 25.72
N ILE B 421 -34.09 55.19 26.83
CA ILE B 421 -32.65 54.92 26.88
C ILE B 421 -32.37 53.45 26.50
N PHE B 422 -33.11 52.50 27.12
CA PHE B 422 -32.81 51.06 26.94
C PHE B 422 -33.23 50.54 25.58
N GLU B 423 -34.38 51.03 25.11
CA GLU B 423 -34.85 50.76 23.77
C GLU B 423 -33.98 51.35 22.67
N ALA B 424 -33.56 52.61 22.86
CA ALA B 424 -32.64 53.24 21.88
C ALA B 424 -31.32 52.51 21.75
N SER B 425 -30.91 51.84 22.79
CA SER B 425 -29.65 51.13 22.75
C SER B 425 -29.63 50.06 21.66
N GLU B 426 -30.79 49.51 21.28
CA GLU B 426 -30.89 48.63 20.09
C GLU B 426 -31.44 49.31 18.84
N ARG B 427 -32.46 50.16 18.97
CA ARG B 427 -33.15 50.76 17.82
C ARG B 427 -32.39 51.85 17.09
N ILE B 428 -31.43 52.51 17.78
CA ILE B 428 -30.62 53.53 17.14
C ILE B 428 -29.45 52.76 16.55
N ARG B 429 -29.43 52.63 15.24
CA ARG B 429 -28.50 51.73 14.60
C ARG B 429 -27.26 52.48 14.19
N PHE B 430 -26.55 52.90 15.25
CA PHE B 430 -25.28 53.65 15.20
C PHE B 430 -24.26 52.97 16.08
N GLY B 431 -23.00 53.04 15.71
CA GLY B 431 -21.96 52.39 16.49
C GLY B 431 -21.74 52.96 17.90
N GLU B 432 -22.03 54.24 18.10
CA GLU B 432 -21.85 54.89 19.40
C GLU B 432 -23.08 55.75 19.66
N LEU B 433 -23.68 55.56 20.82
CA LEU B 433 -24.79 56.36 21.27
C LEU B 433 -24.33 56.97 22.58
N TYR B 434 -24.33 58.30 22.66
CA TYR B 434 -23.94 59.02 23.88
C TYR B 434 -25.23 59.48 24.52
N VAL B 435 -25.52 58.96 25.72
CA VAL B 435 -26.73 59.24 26.49
C VAL B 435 -26.39 60.20 27.65
N ASN B 436 -26.84 61.44 27.52
CA ASN B 436 -26.71 62.45 28.56
C ASN B 436 -25.23 62.82 28.87
N MET B 437 -24.39 62.69 27.87
CA MET B 437 -23.01 63.09 27.96
C MET B 437 -22.43 63.34 26.56
N PRO B 438 -21.28 64.02 26.54
CA PRO B 438 -20.59 64.23 25.28
C PRO B 438 -19.65 63.08 24.99
N GLY B 439 -19.17 62.99 23.75
CA GLY B 439 -17.94 62.23 23.49
C GLY B 439 -16.74 63.02 24.08
N PRO B 440 -15.52 62.69 23.71
CA PRO B 440 -15.19 61.70 22.69
C PRO B 440 -15.23 60.28 23.19
N GLU B 441 -14.99 59.35 22.28
CA GLU B 441 -14.93 57.93 22.62
C GLU B 441 -13.78 57.65 23.61
N ALA B 442 -13.93 56.57 24.40
CA ALA B 442 -12.85 56.16 25.34
C ALA B 442 -12.00 55.05 24.66
N SER B 443 -10.76 54.88 25.09
CA SER B 443 -9.93 53.79 24.54
C SER B 443 -10.49 52.37 24.75
N GLN B 444 -11.22 52.18 25.86
CA GLN B 444 -11.89 50.93 26.16
C GLN B 444 -13.20 50.67 25.37
N GLY B 445 -13.67 51.66 24.61
CA GLY B 445 -14.77 51.43 23.70
C GLY B 445 -14.29 50.90 22.36
N TYR B 446 -15.21 50.32 21.59
CA TYR B 446 -14.90 49.82 20.24
C TYR B 446 -15.48 50.84 19.26
N HIS B 447 -14.64 51.70 18.74
CA HIS B 447 -15.05 52.80 17.87
C HIS B 447 -15.30 52.23 16.48
N THR B 448 -16.56 52.22 16.05
CA THR B 448 -16.99 51.52 14.81
C THR B 448 -18.33 52.13 14.51
N GLY B 449 -18.89 51.74 13.37
CA GLY B 449 -20.25 52.07 13.05
C GLY B 449 -20.85 51.21 11.96
N PHE B 450 -22.06 51.58 11.54
CA PHE B 450 -22.87 50.82 10.59
C PHE B 450 -22.84 51.56 9.25
N ARG B 451 -23.38 50.89 8.22
CA ARG B 451 -23.59 51.42 6.88
C ARG B 451 -22.27 51.97 6.30
N MET B 452 -22.17 53.25 5.90
CA MET B 452 -20.93 53.74 5.28
C MET B 452 -19.79 54.12 6.25
N THR B 453 -19.85 53.74 7.51
CA THR B 453 -18.78 54.11 8.47
C THR B 453 -17.43 53.49 8.13
N GLY B 454 -17.45 52.25 7.60
CA GLY B 454 -16.21 51.63 7.22
C GLY B 454 -16.13 50.14 7.50
N GLN B 455 -14.98 49.71 8.05
CA GLN B 455 -14.72 48.30 8.27
C GLN B 455 -14.03 48.17 9.65
N ALA B 456 -14.37 47.08 10.32
CA ALA B 456 -13.90 46.78 11.63
C ALA B 456 -14.03 47.99 12.61
N GLY B 457 -13.06 48.17 13.50
CA GLY B 457 -13.20 49.23 14.50
C GLY B 457 -11.89 49.32 15.31
N GLU B 458 -11.83 50.27 16.26
CA GLU B 458 -10.64 50.58 17.04
C GLU B 458 -10.93 50.82 18.52
N GLY B 459 -10.02 50.39 19.38
CA GLY B 459 -10.17 50.45 20.82
C GLY B 459 -10.83 49.21 21.34
N SER B 460 -10.72 49.07 22.66
CA SER B 460 -11.15 47.87 23.38
C SER B 460 -10.30 46.65 22.99
N LYS B 461 -10.54 45.55 23.68
CA LYS B 461 -10.03 44.22 23.33
C LYS B 461 -10.21 43.87 21.86
N TYR B 462 -11.38 44.17 21.34
CA TYR B 462 -11.77 43.83 19.97
C TYR B 462 -11.01 44.69 18.96
N GLY B 463 -10.73 45.94 19.32
CA GLY B 463 -10.03 46.82 18.42
C GLY B 463 -8.57 46.42 18.28
N ILE B 464 -7.88 46.18 19.37
CA ILE B 464 -6.51 45.76 19.30
C ILE B 464 -6.42 44.37 18.66
N SER B 465 -7.36 43.51 18.93
CA SER B 465 -7.40 42.19 18.28
C SER B 465 -7.60 42.21 16.80
N GLU B 466 -8.10 43.32 16.25
CA GLU B 466 -8.15 43.48 14.82
C GLU B 466 -6.76 43.40 14.15
N TYR B 467 -5.70 43.69 14.90
CA TYR B 467 -4.31 43.57 14.40
C TYR B 467 -3.62 42.19 14.57
N LEU B 468 -4.40 41.20 15.01
CA LEU B 468 -3.98 39.83 15.23
C LEU B 468 -4.83 38.89 14.34
N LYS B 469 -4.15 37.98 13.67
CA LYS B 469 -4.78 36.93 12.91
C LYS B 469 -4.82 35.67 13.76
N LEU B 470 -5.96 35.04 13.78
CA LEU B 470 -6.10 33.80 14.45
C LEU B 470 -5.78 32.64 13.46
N LYS B 471 -4.88 31.75 13.82
CA LYS B 471 -4.54 30.54 13.05
C LYS B 471 -4.76 29.27 13.89
N ASN B 472 -4.98 28.14 13.24
CA ASN B 472 -5.33 26.86 13.90
C ASN B 472 -4.25 25.81 13.60
N ILE B 473 -3.93 25.05 14.64
CA ILE B 473 -3.07 23.88 14.56
C ILE B 473 -3.85 22.69 15.10
N TYR B 474 -4.11 21.74 14.20
CA TYR B 474 -4.88 20.54 14.48
C TYR B 474 -3.84 19.51 14.69
N VAL B 475 -3.74 19.00 15.91
CA VAL B 475 -2.81 17.91 16.24
C VAL B 475 -3.48 16.56 16.56
N ASP B 476 -2.95 15.46 16.04
CA ASP B 476 -3.31 14.07 16.41
C ASP B 476 -2.07 13.47 17.08
N TYR B 477 -2.25 13.11 18.34
CA TYR B 477 -1.23 12.47 19.14
C TYR B 477 -1.68 11.09 19.60
N SER B 478 -2.59 10.44 18.85
CA SER B 478 -2.93 9.05 19.21
C SER B 478 -1.73 8.12 19.11
N GLY B 479 -0.86 8.39 18.14
CA GLY B 479 0.25 7.51 17.83
C GLY B 479 -0.15 6.13 17.31
N LYS B 480 -1.30 6.09 16.67
CA LYS B 480 -1.88 4.85 16.17
C LYS B 480 -2.27 5.06 14.71
N PRO B 481 -2.49 3.96 13.98
CA PRO B 481 -2.85 4.17 12.55
C PRO B 481 -4.10 5.02 12.43
N LEU B 482 -4.11 5.90 11.42
CA LEU B 482 -5.27 6.73 11.13
C LEU B 482 -6.31 5.85 10.51
N HIS B 483 -7.58 6.12 10.76
CA HIS B 483 -8.63 5.56 9.93
C HIS B 483 -9.35 6.77 9.34
N ILE B 484 -9.38 6.80 8.00
CA ILE B 484 -10.04 7.86 7.25
C ILE B 484 -11.17 7.18 6.47
N ASN B 485 -12.36 7.76 6.63
CA ASN B 485 -13.61 7.10 6.24
C ASN B 485 -13.72 6.76 4.73
N THR B 486 -13.25 7.67 3.90
CA THR B 486 -13.22 7.53 2.44
C THR B 486 -11.90 6.98 1.82
N VAL B 487 -10.97 6.50 2.65
CA VAL B 487 -9.72 5.90 2.18
C VAL B 487 -9.84 4.46 2.64
N ARG B 488 -9.96 3.55 1.68
CA ARG B 488 -10.12 2.15 1.99
C ARG B 488 -8.91 1.67 2.71
N ASP B 489 -9.13 1.04 3.83
CA ASP B 489 -8.08 0.49 4.63
C ASP B 489 -7.42 -0.66 3.85
N ASP B 490 -8.19 -1.20 2.94
CA ASP B 490 -7.80 -2.32 2.11
C ASP B 490 -6.56 -2.01 1.33
N LEU B 491 -6.19 -0.74 1.25
CA LEU B 491 -4.98 -0.33 0.59
C LEU B 491 -3.74 -0.42 1.47
N PHE B 492 -3.91 -0.59 2.78
CA PHE B 492 -2.79 -0.61 3.69
C PHE B 492 -2.87 -1.81 4.61
N MET C 1 16.27 45.12 61.91
CA MET C 1 15.02 45.83 61.52
C MET C 1 13.98 45.69 62.63
N ASP C 2 13.45 46.82 63.15
CA ASP C 2 12.20 46.81 63.96
C ASP C 2 10.94 47.23 63.12
N THR C 3 9.97 46.34 62.92
CA THR C 3 8.70 46.70 62.21
C THR C 3 7.55 47.17 63.10
N LYS C 4 6.67 48.01 62.57
CA LYS C 4 5.49 48.52 63.28
C LYS C 4 4.20 48.11 62.54
N LEU C 5 3.03 48.50 63.05
CA LEU C 5 1.74 48.30 62.39
C LEU C 5 1.28 49.54 61.61
N TYR C 6 0.57 49.32 60.50
CA TYR C 6 0.03 50.45 59.72
C TYR C 6 -1.47 50.30 59.73
N ILE C 7 -2.15 51.21 60.43
CA ILE C 7 -3.56 51.05 60.65
C ILE C 7 -4.21 52.37 60.36
N ASP C 8 -5.17 52.37 59.44
CA ASP C 8 -5.91 53.57 59.05
C ASP C 8 -4.98 54.77 58.82
N GLY C 9 -3.91 54.56 58.06
CA GLY C 9 -3.03 55.65 57.66
C GLY C 9 -1.94 56.04 58.65
N GLN C 10 -1.80 55.35 59.79
CA GLN C 10 -0.73 55.68 60.77
C GLN C 10 0.16 54.47 61.11
N TRP C 11 1.48 54.73 61.18
CA TRP C 11 2.44 53.77 61.71
C TRP C 11 2.30 53.81 63.24
N VAL C 12 1.90 52.69 63.85
CA VAL C 12 1.64 52.59 65.29
C VAL C 12 2.22 51.29 65.88
N ASN C 13 2.39 51.35 67.19
CA ASN C 13 2.70 50.18 67.98
C ASN C 13 1.46 49.34 68.25
N SER C 14 1.69 48.12 68.72
CA SER C 14 0.60 47.30 69.21
C SER C 14 0.03 47.92 70.44
N SER C 15 -1.29 47.93 70.58
CA SER C 15 -1.91 48.53 71.76
C SER C 15 -1.56 47.79 73.10
N SER C 16 -1.08 46.53 73.05
CA SER C 16 -0.48 45.89 74.26
C SER C 16 0.97 46.29 74.49
N GLY C 17 1.61 46.96 73.54
CA GLY C 17 3.03 47.22 73.58
C GLY C 17 3.94 46.01 73.38
N LYS C 18 3.41 44.80 73.20
CA LYS C 18 4.24 43.61 73.13
C LYS C 18 4.88 43.41 71.74
N THR C 19 6.01 42.69 71.72
CA THR C 19 6.72 42.43 70.47
C THR C 19 7.37 41.07 70.50
N VAL C 20 7.75 40.61 69.31
CA VAL C 20 8.23 39.25 69.03
C VAL C 20 9.57 39.28 68.24
N ASP C 21 10.56 38.49 68.68
CA ASP C 21 11.90 38.42 68.06
C ASP C 21 11.89 37.71 66.69
N LYS C 22 12.83 38.11 65.82
CA LYS C 22 13.11 37.43 64.57
C LYS C 22 14.59 37.05 64.50
N TYR C 23 14.83 35.79 64.22
CA TYR C 23 16.15 35.25 64.11
C TYR C 23 16.72 35.04 62.74
N SER C 24 18.00 35.28 62.58
CA SER C 24 18.70 34.98 61.35
C SER C 24 18.90 33.48 61.17
N PRO C 25 18.53 32.97 59.99
CA PRO C 25 18.83 31.58 59.71
C PRO C 25 20.24 31.37 59.19
N VAL C 26 20.96 32.44 58.89
CA VAL C 26 22.36 32.31 58.56
C VAL C 26 23.20 32.16 59.87
N THR C 27 22.99 33.05 60.84
CA THR C 27 23.81 33.06 62.06
C THR C 27 23.17 32.47 63.31
N GLY C 28 21.85 32.26 63.29
CA GLY C 28 21.12 31.70 64.43
C GLY C 28 20.75 32.72 65.51
N GLN C 29 21.16 33.98 65.34
CA GLN C 29 20.98 35.02 66.37
C GLN C 29 19.80 35.92 66.03
N VAL C 30 19.28 36.57 67.05
CA VAL C 30 18.28 37.62 66.89
C VAL C 30 18.83 38.83 66.10
N ILE C 31 18.03 39.24 65.11
CA ILE C 31 18.34 40.36 64.22
C ILE C 31 17.17 41.40 64.05
N GLY C 32 16.00 41.16 64.64
CA GLY C 32 14.90 42.10 64.55
C GLY C 32 13.71 41.75 65.41
N ARG C 33 12.71 42.66 65.37
CA ARG C 33 11.49 42.54 66.19
C ARG C 33 10.34 43.11 65.39
N PHE C 34 9.15 42.66 65.72
CA PHE C 34 7.91 43.18 65.16
C PHE C 34 6.81 43.25 66.22
N GLU C 35 5.83 44.10 65.99
CA GLU C 35 4.73 44.29 66.94
C GLU C 35 3.78 43.09 66.99
N ALA C 36 3.46 42.65 68.20
CA ALA C 36 2.39 41.64 68.39
C ALA C 36 1.05 42.32 68.45
N ALA C 37 0.35 42.45 67.32
CA ALA C 37 -0.95 43.16 67.31
C ALA C 37 -1.99 42.47 68.14
N THR C 38 -2.89 43.25 68.74
CA THR C 38 -4.03 42.72 69.51
C THR C 38 -5.27 42.59 68.69
N ARG C 39 -6.30 41.99 69.27
CA ARG C 39 -7.65 42.00 68.75
C ARG C 39 -8.10 43.40 68.38
N ASP C 40 -7.95 44.31 69.34
CA ASP C 40 -8.32 45.73 69.17
C ASP C 40 -7.78 46.31 67.85
N ASP C 41 -6.51 46.03 67.57
CA ASP C 41 -5.79 46.57 66.44
C ASP C 41 -6.27 45.93 65.15
N VAL C 42 -6.60 44.63 65.20
CA VAL C 42 -7.22 43.97 64.07
C VAL C 42 -8.51 44.66 63.67
N ASP C 43 -9.35 44.93 64.67
CA ASP C 43 -10.70 45.52 64.43
C ASP C 43 -10.58 46.92 63.86
N ARG C 44 -9.60 47.71 64.34
CA ARG C 44 -9.38 49.05 63.82
CA ARG C 44 -9.36 49.06 63.81
C ARG C 44 -8.91 48.97 62.35
N ALA C 45 -8.07 48.00 62.01
CA ALA C 45 -7.56 47.80 60.64
C ALA C 45 -8.66 47.47 59.69
N ILE C 46 -9.55 46.58 60.12
CA ILE C 46 -10.66 46.10 59.30
C ILE C 46 -11.73 47.16 59.15
N ASP C 47 -12.05 47.87 60.23
CA ASP C 47 -13.00 48.98 60.17
C ASP C 47 -12.49 50.10 59.23
N ALA C 48 -11.19 50.38 59.27
CA ALA C 48 -10.60 51.37 58.36
C ALA C 48 -10.67 50.92 56.92
N ALA C 49 -10.50 49.62 56.69
CA ALA C 49 -10.73 49.06 55.33
C ALA C 49 -12.17 49.21 54.84
N GLU C 50 -13.10 48.94 55.74
CA GLU C 50 -14.53 49.17 55.48
C GLU C 50 -14.80 50.62 55.19
N ASP C 51 -14.21 51.53 55.98
CA ASP C 51 -14.46 52.99 55.82
C ASP C 51 -13.89 53.52 54.51
N ALA C 52 -12.78 52.96 54.02
CA ALA C 52 -12.17 53.39 52.77
C ALA C 52 -12.75 52.78 51.47
N PHE C 53 -13.57 51.76 51.59
CA PHE C 53 -14.02 50.97 50.44
C PHE C 53 -14.67 51.77 49.31
N TRP C 54 -15.73 52.50 49.65
CA TRP C 54 -16.54 53.15 48.60
C TRP C 54 -15.79 54.21 47.80
N ALA C 55 -14.92 54.95 48.45
CA ALA C 55 -14.12 55.98 47.79
C ALA C 55 -13.00 55.33 46.95
N TRP C 56 -12.51 54.18 47.41
CA TRP C 56 -11.51 53.41 46.67
C TRP C 56 -12.11 52.76 45.41
N ASN C 57 -13.33 52.27 45.56
CA ASN C 57 -14.11 51.67 44.52
C ASN C 57 -14.42 52.69 43.43
N ASP C 58 -14.91 53.84 43.88
CA ASP C 58 -15.32 54.89 42.98
C ASP C 58 -14.17 55.63 42.28
N LEU C 59 -12.93 55.50 42.75
CA LEU C 59 -11.79 56.06 42.00
C LEU C 59 -11.62 55.48 40.60
N GLY C 60 -12.08 54.24 40.39
CA GLY C 60 -11.92 53.53 39.13
C GLY C 60 -10.53 52.90 38.97
N SER C 61 -10.46 51.92 38.07
CA SER C 61 -9.29 51.11 37.95
C SER C 61 -8.10 51.89 37.37
N VAL C 62 -8.33 52.93 36.57
CA VAL C 62 -7.23 53.69 35.94
C VAL C 62 -6.49 54.51 37.00
N GLU C 63 -7.26 55.20 37.82
CA GLU C 63 -6.69 56.02 38.90
C GLU C 63 -6.02 55.14 39.96
N ARG C 64 -6.62 53.99 40.27
CA ARG C 64 -5.96 53.03 41.17
C ARG C 64 -4.66 52.51 40.57
N SER C 65 -4.67 52.23 39.27
CA SER C 65 -3.48 51.70 38.64
C SER C 65 -2.34 52.71 38.68
N LYS C 66 -2.65 54.01 38.65
CA LYS C 66 -1.57 55.04 38.63
C LYS C 66 -0.77 54.99 39.93
N ILE C 67 -1.47 54.77 41.01
CA ILE C 67 -0.91 54.64 42.32
C ILE C 67 -0.07 53.35 42.39
N ILE C 68 -0.61 52.28 41.89
CA ILE C 68 0.09 50.98 41.86
C ILE C 68 1.37 51.08 41.00
N TYR C 69 1.28 51.71 39.83
CA TYR C 69 2.46 51.94 39.01
C TYR C 69 3.52 52.80 39.73
N ARG C 70 3.12 53.85 40.41
CA ARG C 70 4.07 54.70 41.16
C ARG C 70 4.75 53.83 42.25
N ALA C 71 3.98 52.91 42.84
CA ALA C 71 4.53 51.99 43.83
C ALA C 71 5.66 51.14 43.24
N LYS C 72 5.41 50.64 42.04
CA LYS C 72 6.38 49.84 41.34
C LYS C 72 7.66 50.62 41.05
N GLU C 73 7.50 51.87 40.65
CA GLU C 73 8.63 52.73 40.30
C GLU C 73 9.50 53.01 41.53
N LEU C 74 8.86 53.30 42.67
CA LEU C 74 9.57 53.53 43.94
C LEU C 74 10.27 52.28 44.44
N ILE C 75 9.61 51.14 44.34
CA ILE C 75 10.26 49.87 44.64
C ILE C 75 11.51 49.59 43.80
N GLU C 76 11.39 49.82 42.50
CA GLU C 76 12.45 49.58 41.54
C GLU C 76 13.65 50.46 41.77
N LYS C 77 13.39 51.75 42.05
CA LYS C 77 14.37 52.74 42.33
C LYS C 77 15.19 52.34 43.58
N ASN C 78 14.56 51.70 44.57
CA ASN C 78 15.18 51.35 45.83
C ASN C 78 15.37 49.87 46.00
N ARG C 79 15.46 49.16 44.90
CA ARG C 79 15.42 47.69 44.97
C ARG C 79 16.56 47.06 45.81
N ALA C 80 17.71 47.73 45.88
CA ALA C 80 18.84 47.16 46.65
C ALA C 80 18.41 46.87 48.10
N GLU C 81 17.65 47.78 48.71
CA GLU C 81 17.21 47.66 50.11
C GLU C 81 16.40 46.38 50.29
N LEU C 82 15.46 46.14 49.36
CA LEU C 82 14.57 45.00 49.55
C LEU C 82 15.34 43.69 49.37
N GLU C 83 16.24 43.67 48.39
CA GLU C 83 17.12 42.53 48.15
C GLU C 83 17.92 42.22 49.44
N ASN C 84 18.40 43.27 50.10
CA ASN C 84 19.14 43.12 51.37
C ASN C 84 18.25 42.62 52.49
N ILE C 85 16.97 42.99 52.50
CA ILE C 85 16.07 42.49 53.54
C ILE C 85 15.87 41.00 53.34
N ILE C 86 15.72 40.57 52.10
CA ILE C 86 15.43 39.16 51.84
C ILE C 86 16.69 38.33 52.20
N MET C 87 17.86 38.74 51.75
CA MET C 87 19.11 38.05 52.13
C MET C 87 19.33 38.06 53.66
N GLU C 88 18.99 39.16 54.34
CA GLU C 88 19.14 39.22 55.80
C GLU C 88 18.11 38.29 56.50
N GLU C 89 16.82 38.36 56.12
CA GLU C 89 15.75 37.56 56.80
C GLU C 89 15.69 36.09 56.43
N ASN C 90 16.00 35.76 55.18
CA ASN C 90 15.90 34.38 54.68
C ASN C 90 17.23 33.73 54.45
N GLY C 91 18.30 34.54 54.30
CA GLY C 91 19.62 33.97 53.92
C GLY C 91 19.76 33.56 52.44
N LYS C 92 18.83 34.03 51.59
CA LYS C 92 18.78 33.53 50.21
C LYS C 92 20.08 33.88 49.50
N PRO C 93 20.61 32.97 48.67
CA PRO C 93 21.72 33.39 47.80
C PRO C 93 21.46 34.73 47.05
N VAL C 94 22.49 35.55 46.83
CA VAL C 94 22.33 36.85 46.19
C VAL C 94 21.50 36.84 44.89
N LYS C 95 21.73 35.83 44.04
CA LYS C 95 21.06 35.71 42.75
C LYS C 95 19.57 35.46 42.98
N GLU C 96 19.20 34.74 44.04
CA GLU C 96 17.77 34.48 44.32
C GLU C 96 17.08 35.71 44.91
N ALA C 97 17.79 36.49 45.71
CA ALA C 97 17.20 37.71 46.27
C ALA C 97 16.88 38.63 45.10
N LYS C 98 17.87 38.86 44.23
CA LYS C 98 17.70 39.68 43.02
C LYS C 98 16.52 39.18 42.12
N GLU C 99 16.36 37.87 41.95
CA GLU C 99 15.23 37.26 41.21
C GLU C 99 13.88 37.58 41.79
N GLU C 100 13.79 37.39 43.11
CA GLU C 100 12.53 37.60 43.79
C GLU C 100 12.12 39.07 43.65
N VAL C 101 13.06 39.98 43.79
CA VAL C 101 12.70 41.38 43.63
C VAL C 101 12.38 41.70 42.12
N ASP C 102 13.05 41.06 41.15
CA ASP C 102 12.62 41.18 39.73
C ASP C 102 11.13 40.77 39.58
N GLY C 103 10.71 39.70 40.24
CA GLY C 103 9.34 39.21 40.10
C GLY C 103 8.35 40.07 40.88
N VAL C 104 8.80 40.80 41.91
CA VAL C 104 7.92 41.74 42.61
C VAL C 104 7.54 42.86 41.59
N ILE C 105 8.57 43.36 40.93
CA ILE C 105 8.44 44.40 39.98
C ILE C 105 7.58 43.93 38.77
N ASP C 106 7.84 42.71 38.26
CA ASP C 106 7.14 42.15 37.12
C ASP C 106 5.66 41.96 37.43
N GLN C 107 5.38 41.38 38.59
CA GLN C 107 4.01 41.16 39.03
C GLN C 107 3.16 42.42 39.21
N ILE C 108 3.70 43.42 39.88
CA ILE C 108 2.98 44.68 40.10
C ILE C 108 2.64 45.34 38.72
N GLN C 109 3.57 45.29 37.76
CA GLN C 109 3.34 45.82 36.41
C GLN C 109 2.18 45.09 35.72
N TYR C 110 2.28 43.76 35.74
CA TYR C 110 1.33 42.89 35.05
C TYR C 110 -0.05 43.10 35.60
N TYR C 111 -0.18 43.20 36.94
CA TYR C 111 -1.52 43.31 37.51
C TYR C 111 -2.10 44.69 37.26
N ALA C 112 -1.25 45.71 37.37
CA ALA C 112 -1.69 47.10 37.09
C ALA C 112 -2.20 47.26 35.60
N GLU C 113 -1.60 46.50 34.69
CA GLU C 113 -1.91 46.57 33.29
C GLU C 113 -3.31 46.08 32.99
N TRP C 114 -3.93 45.34 33.91
CA TRP C 114 -5.36 44.96 33.74
C TRP C 114 -6.38 46.11 33.88
N ALA C 115 -5.92 47.33 34.19
CA ALA C 115 -6.83 48.46 34.30
C ALA C 115 -7.78 48.59 33.10
N ARG C 116 -9.06 48.78 33.42
CA ARG C 116 -10.17 48.86 32.47
C ARG C 116 -10.24 47.77 31.39
N LYS C 117 -9.77 46.57 31.70
CA LYS C 117 -9.88 45.47 30.73
C LYS C 117 -10.65 44.27 31.24
N LEU C 118 -11.11 44.28 32.50
CA LEU C 118 -11.77 43.15 33.12
C LEU C 118 -13.25 43.43 33.02
N ASN C 119 -13.78 43.22 31.83
CA ASN C 119 -15.14 43.60 31.52
C ASN C 119 -16.22 42.72 32.18
N GLY C 120 -17.37 43.32 32.38
CA GLY C 120 -18.56 42.63 32.69
C GLY C 120 -19.22 42.17 31.41
N GLU C 121 -20.46 41.70 31.49
CA GLU C 121 -21.18 41.19 30.29
C GLU C 121 -22.61 41.72 30.20
N VAL C 122 -23.16 41.66 28.99
CA VAL C 122 -24.58 41.96 28.71
C VAL C 122 -25.12 40.75 27.99
N VAL C 123 -26.11 40.08 28.57
CA VAL C 123 -26.77 38.95 27.86
C VAL C 123 -28.24 39.26 27.60
N GLU C 124 -28.81 38.56 26.60
CA GLU C 124 -30.23 38.66 26.29
C GLU C 124 -31.08 38.28 27.48
N GLY C 125 -32.20 38.94 27.63
CA GLY C 125 -33.16 38.66 28.66
C GLY C 125 -34.17 37.64 28.19
N THR C 126 -35.29 37.54 28.90
CA THR C 126 -36.30 36.53 28.57
C THR C 126 -37.37 37.12 27.67
N SER C 127 -37.20 38.36 27.21
CA SER C 127 -38.04 38.94 26.16
C SER C 127 -37.19 39.98 25.44
N SER C 128 -37.75 40.56 24.39
CA SER C 128 -37.03 41.54 23.60
C SER C 128 -36.77 42.86 24.34
N HIS C 129 -37.55 43.17 25.37
CA HIS C 129 -37.37 44.40 26.13
C HIS C 129 -36.85 44.07 27.54
N ARG C 130 -36.02 43.04 27.61
CA ARG C 130 -35.40 42.63 28.84
C ARG C 130 -33.96 42.39 28.54
N LYS C 131 -33.07 42.89 29.41
CA LYS C 131 -31.65 42.53 29.34
C LYS C 131 -31.13 42.13 30.70
N ILE C 132 -30.04 41.39 30.71
CA ILE C 132 -29.41 41.01 31.93
C ILE C 132 -27.96 41.59 31.87
N PHE C 133 -27.69 42.53 32.74
CA PHE C 133 -26.36 43.17 32.83
C PHE C 133 -25.53 42.45 33.89
N GLN C 134 -24.28 42.11 33.59
CA GLN C 134 -23.43 41.42 34.54
C GLN C 134 -22.22 42.26 34.84
N TYR C 135 -22.21 42.91 35.99
CA TYR C 135 -21.10 43.78 36.39
C TYR C 135 -20.08 42.99 37.17
N LYS C 136 -18.81 43.33 37.04
CA LYS C 136 -17.78 42.73 37.91
C LYS C 136 -17.35 43.80 38.94
N VAL C 137 -17.50 43.54 40.26
CA VAL C 137 -17.29 44.56 41.28
C VAL C 137 -16.33 43.99 42.33
N PRO C 138 -15.76 44.85 43.16
CA PRO C 138 -14.88 44.27 44.21
C PRO C 138 -15.64 43.41 45.21
N TYR C 139 -14.99 42.42 45.80
CA TYR C 139 -15.54 41.72 46.96
C TYR C 139 -15.71 42.63 48.16
N GLY C 140 -14.80 43.57 48.36
CA GLY C 140 -14.91 44.47 49.49
C GLY C 140 -13.60 44.43 50.24
N ILE C 141 -13.63 43.82 51.42
CA ILE C 141 -12.48 43.74 52.31
C ILE C 141 -11.73 42.41 52.13
N VAL C 142 -10.46 42.55 51.76
CA VAL C 142 -9.56 41.44 51.47
C VAL C 142 -8.56 41.28 52.63
N VAL C 143 -8.52 40.07 53.18
CA VAL C 143 -7.46 39.68 54.12
C VAL C 143 -6.37 38.95 53.36
N ALA C 144 -5.12 39.43 53.44
CA ALA C 144 -4.06 38.73 52.70
C ALA C 144 -3.12 38.14 53.73
N LEU C 145 -2.85 36.84 53.60
CA LEU C 145 -1.96 36.12 54.51
C LEU C 145 -0.78 35.52 53.75
N THR C 146 0.45 35.98 54.02
CA THR C 146 1.63 35.53 53.25
C THR C 146 2.68 34.63 54.00
N PRO C 147 3.38 33.74 53.24
CA PRO C 147 4.31 32.77 53.77
C PRO C 147 5.68 33.38 53.87
N TRP C 148 6.64 32.64 54.39
CA TRP C 148 8.03 33.14 54.57
C TRP C 148 8.92 32.82 53.37
N ASN C 149 8.49 31.89 52.53
CA ASN C 149 9.42 31.35 51.56
C ASN C 149 9.73 32.28 50.39
N PHE C 150 8.69 32.95 49.89
CA PHE C 150 8.85 34.09 48.98
C PHE C 150 8.23 35.29 49.66
N PRO C 151 8.90 35.82 50.70
CA PRO C 151 8.22 36.82 51.50
C PRO C 151 7.93 38.18 50.81
N ALA C 152 8.57 38.47 49.68
CA ALA C 152 8.33 39.72 49.00
C ALA C 152 7.44 39.45 47.80
N GLY C 153 7.78 38.41 47.02
CA GLY C 153 7.00 37.94 45.87
C GLY C 153 5.55 37.68 46.19
N MET C 154 5.32 36.99 47.29
CA MET C 154 3.95 36.66 47.69
C MET C 154 3.12 37.88 48.13
N VAL C 155 3.77 38.94 48.68
CA VAL C 155 3.06 40.18 49.01
C VAL C 155 2.60 40.88 47.75
N ALA C 156 3.49 41.05 46.78
CA ALA C 156 3.17 41.68 45.52
C ALA C 156 2.04 40.90 44.79
N ARG C 157 2.17 39.59 44.79
CA ARG C 157 1.16 38.70 44.23
C ARG C 157 -0.24 38.93 44.70
N LYS C 158 -0.41 39.24 45.98
CA LYS C 158 -1.74 39.41 46.54
C LYS C 158 -2.21 40.88 46.60
N LEU C 159 -1.34 41.82 46.96
CA LEU C 159 -1.72 43.23 47.03
C LEU C 159 -2.10 43.80 45.65
N ALA C 160 -1.29 43.53 44.63
CA ALA C 160 -1.47 44.14 43.31
C ALA C 160 -2.85 43.86 42.71
N PRO C 161 -3.25 42.60 42.59
CA PRO C 161 -4.58 42.39 41.90
C PRO C 161 -5.75 42.82 42.80
N ALA C 162 -5.63 42.63 44.12
CA ALA C 162 -6.67 43.04 45.07
C ALA C 162 -6.95 44.56 45.01
N LEU C 163 -5.88 45.34 45.03
CA LEU C 163 -5.95 46.79 44.91
C LEU C 163 -6.40 47.29 43.48
N LEU C 164 -5.85 46.72 42.41
CA LEU C 164 -6.27 47.14 41.08
C LEU C 164 -7.79 46.99 40.91
N THR C 165 -8.34 45.87 41.36
CA THR C 165 -9.76 45.57 41.27
C THR C 165 -10.66 46.29 42.23
N GLY C 166 -10.11 47.15 43.07
CA GLY C 166 -10.90 48.02 43.95
C GLY C 166 -11.32 47.49 45.31
N ASN C 167 -10.66 46.43 45.78
CA ASN C 167 -10.79 45.98 47.15
C ASN C 167 -9.88 46.77 48.07
N THR C 168 -10.29 46.91 49.32
CA THR C 168 -9.39 47.30 50.38
C THR C 168 -8.78 46.05 51.07
N VAL C 169 -7.69 46.23 51.81
CA VAL C 169 -6.80 45.15 52.16
C VAL C 169 -6.25 45.28 53.59
N VAL C 170 -6.25 44.16 54.30
CA VAL C 170 -5.53 44.00 55.56
C VAL C 170 -4.54 42.88 55.32
N LEU C 171 -3.26 43.20 55.43
CA LEU C 171 -2.20 42.25 55.15
C LEU C 171 -1.54 41.82 56.47
N LYS C 172 -1.33 40.52 56.63
CA LYS C 172 -0.62 39.97 57.75
C LYS C 172 0.44 39.02 57.22
N PRO C 173 1.69 39.41 57.31
CA PRO C 173 2.74 38.56 56.80
C PRO C 173 3.15 37.48 57.78
N SER C 174 4.07 36.64 57.36
CA SER C 174 4.61 35.59 58.22
C SER C 174 5.47 36.17 59.32
N SER C 175 5.39 35.57 60.50
CA SER C 175 6.18 36.00 61.62
C SER C 175 7.65 35.67 61.40
N ASP C 176 8.03 34.88 60.38
CA ASP C 176 9.45 34.74 60.02
C ASP C 176 9.98 35.85 59.14
N THR C 177 9.12 36.65 58.52
CA THR C 177 9.55 37.60 57.47
C THR C 177 8.74 38.91 57.42
N PRO C 178 8.53 39.55 58.59
CA PRO C 178 7.75 40.79 58.63
C PRO C 178 8.41 41.96 57.87
N GLY C 179 9.75 42.00 57.83
CA GLY C 179 10.52 43.12 57.29
C GLY C 179 10.33 43.38 55.80
N SER C 180 10.49 42.35 54.98
CA SER C 180 10.19 42.49 53.53
C SER C 180 8.75 42.98 53.27
N ALA C 181 7.77 42.43 53.99
CA ALA C 181 6.35 42.86 53.80
C ALA C 181 6.14 44.32 54.20
N GLU C 182 6.73 44.74 55.33
CA GLU C 182 6.60 46.13 55.78
C GLU C 182 7.16 47.11 54.74
N TRP C 183 8.31 46.76 54.21
CA TRP C 183 9.02 47.61 53.29
C TRP C 183 8.16 47.81 52.02
N ILE C 184 7.46 46.74 51.61
CA ILE C 184 6.57 46.88 50.45
C ILE C 184 5.36 47.75 50.78
N VAL C 185 4.78 47.58 51.96
CA VAL C 185 3.64 48.40 52.31
C VAL C 185 4.04 49.88 52.33
N ARG C 186 5.22 50.16 52.89
CA ARG C 186 5.75 51.53 53.03
C ARG C 186 5.81 52.19 51.62
N LYS C 187 6.28 51.42 50.64
CA LYS C 187 6.36 51.90 49.28
C LYS C 187 4.96 52.19 48.73
N PHE C 188 3.99 51.32 49.00
CA PHE C 188 2.63 51.61 48.55
C PHE C 188 2.07 52.89 49.19
N VAL C 189 2.31 53.06 50.48
CA VAL C 189 1.91 54.27 51.20
C VAL C 189 2.59 55.50 50.57
N GLU C 190 3.90 55.40 50.30
CA GLU C 190 4.69 56.50 49.69
C GLU C 190 4.13 56.84 48.27
N ALA C 191 3.60 55.82 47.60
CA ALA C 191 2.98 56.01 46.29
C ALA C 191 1.66 56.75 46.38
N GLY C 192 1.06 56.89 47.57
CA GLY C 192 -0.21 57.64 47.70
C GLY C 192 -1.48 56.80 47.80
N VAL C 193 -1.36 55.55 48.25
CA VAL C 193 -2.56 54.75 48.59
C VAL C 193 -3.28 55.46 49.72
N PRO C 194 -4.60 55.73 49.59
CA PRO C 194 -5.27 56.61 50.60
C PRO C 194 -5.51 55.89 51.92
N LYS C 195 -5.77 56.67 52.97
CA LYS C 195 -6.05 56.19 54.32
C LYS C 195 -7.08 55.07 54.42
N GLY C 196 -6.70 53.97 55.07
CA GLY C 196 -7.61 52.82 55.30
C GLY C 196 -7.60 51.77 54.23
N VAL C 197 -7.14 52.11 53.03
CA VAL C 197 -7.23 51.20 51.89
C VAL C 197 -6.29 50.03 52.06
N LEU C 198 -5.09 50.29 52.59
CA LEU C 198 -4.13 49.24 52.86
C LEU C 198 -3.70 49.32 54.31
N ASN C 199 -3.77 48.20 55.04
CA ASN C 199 -3.44 48.10 56.46
C ASN C 199 -2.48 46.92 56.65
N PHE C 200 -1.60 47.04 57.65
CA PHE C 200 -0.56 46.07 57.88
C PHE C 200 -0.53 45.66 59.35
N ILE C 201 -0.78 44.37 59.60
CA ILE C 201 -0.90 43.76 60.94
C ILE C 201 0.12 42.63 61.07
N THR C 202 0.98 42.67 62.09
CA THR C 202 1.88 41.58 62.42
C THR C 202 1.45 41.06 63.80
N GLY C 203 1.80 39.81 64.07
CA GLY C 203 1.29 39.07 65.22
C GLY C 203 1.27 37.60 64.86
N ARG C 204 1.62 36.74 65.81
CA ARG C 204 1.67 35.30 65.56
C ARG C 204 0.29 34.81 65.05
N GLY C 205 0.29 34.09 63.93
CA GLY C 205 -0.95 33.51 63.38
C GLY C 205 -1.60 32.54 64.36
N SER C 206 -0.75 31.95 65.21
CA SER C 206 -1.21 31.09 66.28
C SER C 206 -1.90 31.85 67.41
N GLU C 207 -1.92 33.17 67.36
CA GLU C 207 -2.56 33.99 68.43
C GLU C 207 -3.73 34.84 67.96
N ILE C 208 -3.65 35.43 66.78
CA ILE C 208 -4.75 36.26 66.21
C ILE C 208 -5.28 35.78 64.88
N GLY C 209 -4.75 34.67 64.39
CA GLY C 209 -5.13 34.14 63.06
C GLY C 209 -6.60 33.83 62.88
N ASP C 210 -7.16 33.06 63.81
CA ASP C 210 -8.58 32.69 63.70
C ASP C 210 -9.50 33.94 63.78
N TYR C 211 -9.15 34.89 64.65
CA TYR C 211 -9.97 36.10 64.81
C TYR C 211 -10.06 36.92 63.50
N ILE C 212 -8.95 37.07 62.80
CA ILE C 212 -8.93 37.81 61.55
C ILE C 212 -9.81 37.12 60.50
N VAL C 213 -9.51 35.84 60.25
CA VAL C 213 -10.18 35.10 59.19
C VAL C 213 -11.66 34.87 59.48
N GLU C 214 -12.04 34.76 60.74
CA GLU C 214 -13.47 34.61 61.16
C GLU C 214 -14.26 35.93 61.22
N HIS C 215 -13.59 37.09 61.18
CA HIS C 215 -14.26 38.39 61.35
C HIS C 215 -15.38 38.60 60.37
N LYS C 216 -16.46 39.19 60.86
CA LYS C 216 -17.72 39.29 60.12
C LYS C 216 -17.75 40.26 58.91
N LYS C 217 -16.85 41.22 58.85
CA LYS C 217 -16.69 42.13 57.72
C LYS C 217 -15.69 41.67 56.62
N VAL C 218 -15.03 40.52 56.77
CA VAL C 218 -14.00 40.09 55.83
C VAL C 218 -14.75 39.40 54.72
N ASN C 219 -14.50 39.77 53.48
CA ASN C 219 -15.22 39.23 52.31
C ASN C 219 -14.36 38.28 51.49
N LEU C 220 -13.04 38.34 51.65
CA LEU C 220 -12.14 37.51 50.84
C LEU C 220 -10.85 37.26 51.61
N ILE C 221 -10.40 36.01 51.58
CA ILE C 221 -9.15 35.64 52.20
C ILE C 221 -8.24 35.11 51.11
N THR C 222 -7.03 35.69 51.00
CA THR C 222 -6.07 35.18 50.05
C THR C 222 -4.83 34.77 50.81
N MET C 223 -4.44 33.49 50.65
CA MET C 223 -3.38 32.93 51.51
C MET C 223 -2.46 31.95 50.77
N THR C 224 -1.16 31.97 51.11
CA THR C 224 -0.28 30.87 50.73
C THR C 224 0.41 30.33 51.96
N GLY C 225 0.66 29.02 51.99
CA GLY C 225 1.46 28.42 53.06
C GLY C 225 1.25 26.92 53.14
N SER C 226 1.35 26.40 54.36
CA SER C 226 1.24 24.98 54.63
C SER C 226 -0.21 24.46 54.50
N THR C 227 -0.34 23.17 54.20
CA THR C 227 -1.65 22.52 54.09
C THR C 227 -2.47 22.61 55.37
N ALA C 228 -1.87 22.28 56.52
CA ALA C 228 -2.59 22.35 57.80
C ALA C 228 -3.21 23.77 58.07
N THR C 229 -2.49 24.84 57.76
CA THR C 229 -3.03 26.17 58.07
C THR C 229 -4.16 26.50 57.11
N GLY C 230 -3.99 26.19 55.82
CA GLY C 230 -5.07 26.32 54.81
C GLY C 230 -6.37 25.62 55.18
N GLN C 231 -6.24 24.40 55.64
CA GLN C 231 -7.39 23.65 56.14
C GLN C 231 -8.07 24.34 57.32
N ARG C 232 -7.23 24.74 58.29
CA ARG C 232 -7.76 25.51 59.44
C ARG C 232 -8.51 26.76 58.94
N ILE C 233 -7.94 27.51 58.00
CA ILE C 233 -8.56 28.77 57.54
C ILE C 233 -9.92 28.49 56.92
N MET C 234 -10.00 27.45 56.14
CA MET C 234 -11.25 27.11 55.49
C MET C 234 -12.36 26.70 56.49
N GLN C 235 -11.96 26.01 57.57
CA GLN C 235 -12.88 25.78 58.70
C GLN C 235 -13.35 27.10 59.28
N LYS C 236 -12.42 27.96 59.66
CA LYS C 236 -12.77 29.21 60.39
C LYS C 236 -13.56 30.18 59.52
N ALA C 237 -13.23 30.17 58.23
CA ALA C 237 -13.89 31.00 57.27
C ALA C 237 -15.33 30.60 56.93
N SER C 238 -15.76 29.43 57.39
CA SER C 238 -17.21 29.09 57.36
C SER C 238 -18.08 30.12 58.13
N ALA C 239 -17.51 30.80 59.12
CA ALA C 239 -18.23 31.87 59.84
C ALA C 239 -18.82 32.98 58.95
N ASN C 240 -18.03 33.43 57.98
CA ASN C 240 -18.37 34.59 57.13
C ASN C 240 -18.58 34.23 55.64
N MET C 241 -18.32 32.97 55.27
CA MET C 241 -18.36 32.60 53.85
C MET C 241 -17.43 33.45 52.99
N ALA C 242 -16.31 33.87 53.57
CA ALA C 242 -15.36 34.57 52.77
C ALA C 242 -15.00 33.73 51.51
N LYS C 243 -14.75 34.43 50.41
CA LYS C 243 -14.24 33.81 49.21
C LYS C 243 -12.80 33.48 49.47
N LEU C 244 -12.41 32.25 49.18
CA LEU C 244 -11.05 31.83 49.51
C LEU C 244 -10.12 31.69 48.33
N ILE C 245 -8.87 32.15 48.49
CA ILE C 245 -7.82 31.89 47.54
C ILE C 245 -6.66 31.30 48.33
N LEU C 246 -6.44 29.99 48.20
CA LEU C 246 -5.47 29.30 49.05
C LEU C 246 -4.49 28.54 48.19
N GLU C 247 -3.19 28.76 48.39
CA GLU C 247 -2.20 28.00 47.65
C GLU C 247 -1.38 27.25 48.69
N LEU C 248 -1.48 25.91 48.69
CA LEU C 248 -0.94 25.10 49.79
C LEU C 248 0.31 24.22 49.47
N GLY C 249 1.04 24.56 48.41
CA GLY C 249 2.24 23.77 48.08
C GLY C 249 1.86 22.39 47.50
N GLY C 250 2.83 21.48 47.50
CA GLY C 250 2.70 20.28 46.68
C GLY C 250 3.77 19.24 46.85
N LYS C 251 3.83 18.33 45.89
CA LYS C 251 4.77 17.21 45.96
C LYS C 251 5.14 16.87 44.54
N ALA C 252 5.83 17.79 43.89
CA ALA C 252 6.02 17.67 42.45
C ALA C 252 6.79 16.38 42.03
N PRO C 253 6.16 15.56 41.17
CA PRO C 253 6.90 14.49 40.49
C PRO C 253 7.80 15.05 39.37
N PHE C 254 9.04 14.57 39.28
CA PHE C 254 10.00 15.02 38.30
C PHE C 254 10.34 13.76 37.52
N MET C 255 9.91 13.72 36.25
CA MET C 255 9.87 12.50 35.42
C MET C 255 10.83 12.64 34.27
N VAL C 256 11.73 11.66 34.12
CA VAL C 256 12.74 11.72 33.11
C VAL C 256 12.65 10.49 32.26
N TRP C 257 12.19 10.67 31.03
CA TRP C 257 11.91 9.53 30.16
C TRP C 257 13.24 9.17 29.50
N LYS C 258 13.29 7.96 28.96
CA LYS C 258 14.52 7.46 28.34
C LYS C 258 15.07 8.32 27.21
N ASP C 259 14.23 9.06 26.49
CA ASP C 259 14.75 9.93 25.41
C ASP C 259 15.08 11.37 25.82
N ALA C 260 15.06 11.67 27.11
CA ALA C 260 15.23 13.04 27.61
C ALA C 260 16.61 13.55 27.25
N ASP C 261 16.79 14.87 27.18
CA ASP C 261 18.12 15.47 27.12
C ASP C 261 18.65 15.46 28.56
N MET C 262 19.61 14.58 28.81
CA MET C 262 20.18 14.38 30.17
C MET C 262 20.71 15.68 30.78
N ASP C 263 21.44 16.45 30.00
CA ASP C 263 21.99 17.72 30.46
C ASP C 263 20.88 18.68 30.91
N ASN C 264 19.86 18.84 30.07
CA ASN C 264 18.76 19.74 30.42
C ASN C 264 17.92 19.26 31.61
N ALA C 265 17.72 17.95 31.71
CA ALA C 265 17.04 17.38 32.87
C ALA C 265 17.84 17.54 34.16
N LEU C 266 19.16 17.32 34.11
CA LEU C 266 20.04 17.54 35.29
C LEU C 266 20.14 19.01 35.68
N LYS C 267 20.38 19.89 34.71
CA LYS C 267 20.39 21.35 35.00
C LYS C 267 19.09 21.76 35.67
N THR C 268 17.97 21.33 35.05
CA THR C 268 16.65 21.62 35.59
C THR C 268 16.43 21.06 37.00
N LEU C 269 16.87 19.83 37.26
CA LEU C 269 16.65 19.18 38.56
C LEU C 269 17.42 19.92 39.70
N LEU C 270 18.66 20.29 39.41
CA LEU C 270 19.47 21.15 40.31
C LEU C 270 18.70 22.41 40.69
N TRP C 271 18.04 23.05 39.72
CA TRP C 271 17.15 24.18 40.00
C TRP C 271 15.94 23.76 40.85
N ALA C 272 15.24 22.73 40.42
CA ALA C 272 13.95 22.37 41.05
C ALA C 272 14.07 21.85 42.48
N LYS C 273 15.14 21.16 42.80
CA LYS C 273 15.31 20.71 44.18
C LYS C 273 15.94 21.77 45.05
N TYR C 274 17.05 22.35 44.60
CA TYR C 274 17.89 23.17 45.48
C TYR C 274 17.65 24.68 45.42
N TRP C 275 16.78 25.18 44.51
CA TRP C 275 16.40 26.61 44.49
C TRP C 275 15.64 26.96 45.75
N ASN C 276 16.10 28.00 46.43
CA ASN C 276 15.60 28.33 47.77
C ASN C 276 15.69 27.20 48.82
N ALA C 277 16.75 26.39 48.71
CA ALA C 277 16.97 25.20 49.55
C ALA C 277 15.80 24.18 49.54
N GLY C 278 15.10 24.08 48.42
CA GLY C 278 13.89 23.23 48.38
C GLY C 278 12.64 23.80 49.03
N GLN C 279 12.69 25.05 49.51
CA GLN C 279 11.59 25.67 50.25
C GLN C 279 10.70 26.42 49.27
N SER C 280 10.07 25.63 48.38
CA SER C 280 9.27 26.10 47.25
C SER C 280 8.06 25.20 47.03
N ILE C 282 6.67 24.55 44.36
CA ILE C 282 6.84 23.79 43.11
C ILE C 282 8.18 23.00 43.08
N ALA C 283 8.82 22.84 44.26
CA ALA C 283 10.06 22.07 44.33
C ALA C 283 9.90 20.64 43.80
N ALA C 284 10.96 20.14 43.18
CA ALA C 284 10.99 18.70 42.85
C ALA C 284 11.04 17.96 44.16
N GLU C 285 10.03 17.11 44.36
CA GLU C 285 9.87 16.34 45.60
C GLU C 285 9.94 14.81 45.42
N ARG C 286 9.87 14.33 44.18
CA ARG C 286 9.92 12.90 43.86
C ARG C 286 10.62 12.75 42.51
N LEU C 287 11.62 11.89 42.41
CA LEU C 287 12.34 11.74 41.15
C LEU C 287 12.03 10.38 40.52
N TYR C 288 11.53 10.40 39.29
CA TYR C 288 11.21 9.18 38.53
C TYR C 288 12.06 9.19 37.26
N VAL C 289 12.95 8.21 37.15
CA VAL C 289 13.91 8.14 36.03
C VAL C 289 13.84 6.77 35.38
N HIS C 290 13.65 6.77 34.05
CA HIS C 290 13.50 5.55 33.29
C HIS C 290 14.69 4.64 33.60
N GLU C 291 14.40 3.35 33.75
CA GLU C 291 15.39 2.34 34.15
C GLU C 291 16.64 2.30 33.24
N ASP C 292 16.44 2.57 31.94
CA ASP C 292 17.54 2.67 30.98
C ASP C 292 18.63 3.70 31.32
N ILE C 293 18.24 4.83 31.90
CA ILE C 293 19.16 5.92 32.21
C ILE C 293 19.29 6.22 33.71
N TYR C 294 18.56 5.46 34.54
CA TYR C 294 18.57 5.70 36.00
C TYR C 294 20.01 5.79 36.56
N ASP C 295 20.84 4.78 36.35
CA ASP C 295 22.21 4.75 36.88
C ASP C 295 23.09 5.95 36.54
N THR C 296 23.23 6.24 35.27
CA THR C 296 23.99 7.40 34.80
C THR C 296 23.40 8.68 35.37
N PHE C 297 22.06 8.76 35.35
CA PHE C 297 21.40 9.97 35.78
C PHE C 297 21.81 10.25 37.23
N MET C 298 21.61 9.26 38.09
CA MET C 298 21.86 9.36 39.55
C MET C 298 23.35 9.58 39.86
N SER C 299 24.22 8.85 39.17
CA SER C 299 25.68 9.08 39.29
C SER C 299 25.96 10.58 39.02
N ARG C 300 25.50 11.10 37.87
CA ARG C 300 25.79 12.52 37.52
C ARG C 300 25.10 13.51 38.46
N PHE C 301 23.87 13.21 38.87
CA PHE C 301 23.16 14.09 39.77
C PHE C 301 23.86 14.24 41.14
N VAL C 302 24.36 13.13 41.65
CA VAL C 302 25.08 13.10 42.92
C VAL C 302 26.33 13.96 42.74
N GLU C 303 27.09 13.73 41.68
CA GLU C 303 28.34 14.50 41.34
C GLU C 303 28.10 16.02 41.33
N LEU C 304 26.96 16.41 40.76
CA LEU C 304 26.56 17.82 40.73
C LEU C 304 26.07 18.34 42.07
N SER C 305 25.36 17.54 42.84
CA SER C 305 24.89 18.00 44.15
C SER C 305 26.01 18.27 45.18
N ARG C 306 27.01 17.41 45.13
CA ARG C 306 28.12 17.54 46.02
C ARG C 306 28.88 18.85 45.72
N LYS C 307 28.85 19.33 44.47
CA LYS C 307 29.54 20.58 44.12
C LYS C 307 28.79 21.85 44.54
N LEU C 308 27.62 21.79 45.21
CA LEU C 308 26.91 23.03 45.66
C LEU C 308 27.60 23.69 46.88
N ALA C 309 27.91 24.98 46.83
CA ALA C 309 28.46 25.69 48.02
C ALA C 309 27.35 26.21 48.93
N LEU C 310 27.53 26.06 50.24
CA LEU C 310 26.63 26.59 51.26
C LEU C 310 27.32 27.57 52.22
N GLY C 311 26.55 28.52 52.73
CA GLY C 311 27.01 29.52 53.68
C GLY C 311 26.39 30.89 53.45
N ASP C 312 27.26 31.90 53.35
CA ASP C 312 26.85 33.29 53.17
C ASP C 312 26.10 33.55 51.82
N PRO C 313 25.04 34.38 51.83
CA PRO C 313 24.36 34.83 50.62
C PRO C 313 25.25 35.37 49.48
N LYS C 314 26.36 36.00 49.83
CA LYS C 314 27.25 36.53 48.84
C LYS C 314 27.93 35.45 48.00
N ASN C 315 28.26 34.34 48.62
CA ASN C 315 28.97 33.29 47.92
C ASN C 315 28.24 31.98 47.56
N ALA C 316 27.25 31.63 48.34
CA ALA C 316 26.61 30.36 48.17
C ALA C 316 25.71 30.11 46.97
N ASP C 317 25.59 28.83 46.64
CA ASP C 317 24.57 28.31 45.67
C ASP C 317 23.28 27.95 46.38
N MET C 318 23.34 27.65 47.66
CA MET C 318 22.09 27.34 48.39
C MET C 318 22.15 27.91 49.81
N GLY C 319 21.05 28.58 50.21
CA GLY C 319 20.97 29.19 51.54
C GLY C 319 20.61 28.18 52.63
N PRO C 320 20.48 28.68 53.89
CA PRO C 320 20.02 27.79 54.97
C PRO C 320 18.49 27.61 54.83
N LEU C 321 17.92 26.69 55.61
CA LEU C 321 16.49 26.65 55.91
C LEU C 321 16.09 27.81 56.82
N ILE C 322 14.79 28.03 56.88
CA ILE C 322 14.26 29.26 57.49
C ILE C 322 14.48 29.48 59.01
N ASN C 323 14.37 28.40 59.77
CA ASN C 323 14.40 28.46 61.24
C ASN C 323 14.69 27.08 61.82
N LYS C 324 14.82 27.08 63.15
CA LYS C 324 15.18 25.94 63.95
C LYS C 324 14.16 24.82 63.82
N GLY C 325 12.86 25.12 63.85
CA GLY C 325 11.85 24.09 63.73
C GLY C 325 11.99 23.34 62.38
N ALA C 326 12.19 24.07 61.29
CA ALA C 326 12.35 23.42 59.96
C ALA C 326 13.59 22.54 59.89
N LEU C 327 14.69 22.97 60.54
CA LEU C 327 15.90 22.15 60.66
C LEU C 327 15.55 20.84 61.37
N GLN C 328 14.90 20.93 62.55
CA GLN C 328 14.47 19.73 63.32
C GLN C 328 13.54 18.84 62.52
N ALA C 329 12.60 19.44 61.79
CA ALA C 329 11.67 18.66 60.97
C ALA C 329 12.37 17.89 59.82
N THR C 330 13.35 18.55 59.17
CA THR C 330 14.13 17.94 58.08
C THR C 330 14.96 16.78 58.63
N SER C 331 15.57 16.96 59.82
CA SER C 331 16.24 15.83 60.47
C SER C 331 15.31 14.68 60.76
N GLU C 332 14.15 15.00 61.32
CA GLU C 332 13.13 13.98 61.57
C GLU C 332 12.74 13.19 60.32
N ILE C 333 12.62 13.88 59.19
CA ILE C 333 12.24 13.24 57.92
C ILE C 333 13.37 12.26 57.47
N VAL C 334 14.61 12.75 57.48
CA VAL C 334 15.76 11.94 57.08
C VAL C 334 15.92 10.71 58.00
N GLU C 335 15.82 10.90 59.31
CA GLU C 335 15.97 9.82 60.32
C GLU C 335 14.90 8.77 60.09
N GLU C 336 13.64 9.20 59.98
CA GLU C 336 12.53 8.28 59.64
C GLU C 336 12.82 7.54 58.33
N ALA C 337 13.34 8.27 57.33
CA ALA C 337 13.59 7.63 56.01
C ALA C 337 14.63 6.47 56.14
N LYS C 338 15.77 6.76 56.84
CA LYS C 338 16.79 5.77 57.21
C LYS C 338 16.20 4.62 58.04
N GLU C 339 15.36 4.94 59.04
CA GLU C 339 14.74 3.90 59.90
C GLU C 339 13.82 2.97 59.09
N SER C 340 13.30 3.45 57.96
CA SER C 340 12.55 2.63 56.96
C SER C 340 13.44 1.92 55.91
N GLY C 341 14.76 1.94 56.12
CA GLY C 341 15.71 1.33 55.19
C GLY C 341 15.96 2.14 53.94
N ALA C 342 16.01 3.47 54.05
CA ALA C 342 16.30 4.31 52.86
C ALA C 342 17.82 4.30 52.62
N LYS C 343 18.21 4.21 51.35
CA LYS C 343 19.61 4.15 50.97
C LYS C 343 20.08 5.59 50.65
N ILE C 344 20.97 6.11 51.48
CA ILE C 344 21.48 7.46 51.25
C ILE C 344 22.63 7.35 50.24
N LEU C 345 22.45 8.02 49.08
CA LEU C 345 23.48 8.13 48.03
C LEU C 345 24.43 9.27 48.40
N PHE C 346 23.89 10.34 48.98
CA PHE C 346 24.70 11.51 49.40
C PHE C 346 23.98 12.30 50.47
N GLY C 347 24.76 12.90 51.38
CA GLY C 347 24.26 13.82 52.40
C GLY C 347 23.49 13.16 53.54
N GLY C 348 22.36 13.78 53.93
CA GLY C 348 21.51 13.33 55.03
C GLY C 348 21.91 13.82 56.43
N SER C 349 22.56 14.98 56.49
CA SER C 349 22.96 15.59 57.74
C SER C 349 23.25 17.05 57.45
N GLN C 350 23.25 17.87 58.51
CA GLN C 350 23.79 19.21 58.45
C GLN C 350 25.23 19.21 57.96
N PRO C 351 25.65 20.33 57.35
CA PRO C 351 27.03 20.40 56.88
C PRO C 351 28.05 20.38 58.03
N ARG C 358 27.49 27.91 61.33
CA ARG C 358 27.76 27.39 62.67
C ARG C 358 26.44 27.15 63.43
N ASN C 359 25.87 28.26 63.94
CA ASN C 359 24.55 28.23 64.58
C ASN C 359 23.38 28.38 63.58
N GLY C 360 23.66 28.52 62.28
CA GLY C 360 22.60 28.68 61.25
C GLY C 360 21.88 27.37 60.98
N TYR C 361 20.90 27.37 60.07
CA TYR C 361 20.05 26.18 59.87
C TYR C 361 20.27 25.53 58.50
N PHE C 362 21.55 25.30 58.21
CA PHE C 362 21.99 24.72 56.95
C PHE C 362 21.79 23.21 56.95
N PHE C 363 21.23 22.70 55.85
CA PHE C 363 21.15 21.26 55.61
C PHE C 363 21.77 20.89 54.25
N LEU C 364 22.52 19.77 54.21
CA LEU C 364 23.15 19.33 52.98
C LEU C 364 22.10 18.81 51.95
N PRO C 365 22.38 19.03 50.64
CA PRO C 365 21.62 18.26 49.66
C PRO C 365 21.60 16.79 50.09
N THR C 366 20.44 16.15 49.97
CA THR C 366 20.25 14.77 50.42
C THR C 366 19.48 14.00 49.32
N ILE C 367 20.10 12.93 48.80
CA ILE C 367 19.53 12.14 47.71
C ILE C 367 19.35 10.74 48.25
N ILE C 368 18.16 10.19 48.06
CA ILE C 368 17.82 8.84 48.56
C ILE C 368 17.60 7.92 47.36
N GLY C 369 18.13 6.69 47.44
CA GLY C 369 18.29 5.83 46.27
C GLY C 369 17.35 4.64 46.20
N ASP C 372 10.85 4.10 47.94
CA ASP C 372 9.55 3.36 48.00
C ASP C 372 8.37 4.26 47.74
N GLN C 373 7.53 3.92 46.74
CA GLN C 373 6.40 4.77 46.31
C GLN C 373 5.48 5.23 47.42
N LYS C 374 5.19 4.37 48.39
CA LYS C 374 4.22 4.70 49.45
C LYS C 374 4.83 5.22 50.75
N SER C 375 6.16 5.44 50.80
CA SER C 375 6.84 5.94 52.02
C SER C 375 6.55 7.42 52.25
N LYS C 376 6.83 7.88 53.46
CA LYS C 376 6.65 9.28 53.78
C LYS C 376 7.55 10.17 52.88
N ILE C 377 8.75 9.72 52.47
CA ILE C 377 9.66 10.45 51.50
C ILE C 377 8.96 10.77 50.15
N PHE C 378 8.03 9.90 49.77
CA PHE C 378 7.23 10.02 48.54
C PHE C 378 5.79 10.53 48.72
N GLN C 379 5.23 10.53 49.93
CA GLN C 379 3.78 10.91 50.13
C GLN C 379 3.55 12.18 51.00
N GLU C 380 4.59 12.65 51.68
CA GLU C 380 4.52 13.85 52.56
C GLU C 380 5.48 14.96 52.07
N GLU C 381 4.99 16.22 52.08
CA GLU C 381 5.76 17.36 51.62
C GLU C 381 6.99 17.49 52.53
N ILE C 382 8.16 17.67 51.93
CA ILE C 382 9.44 17.80 52.70
C ILE C 382 9.88 19.27 52.86
N PHE C 383 9.83 20.03 51.76
CA PHE C 383 10.09 21.49 51.76
C PHE C 383 11.55 21.77 52.28
N ALA C 384 12.51 20.96 51.79
CA ALA C 384 13.94 20.94 52.27
C ALA C 384 14.78 20.27 51.17
N PRO C 385 16.12 20.32 51.28
CA PRO C 385 16.91 19.82 50.13
C PRO C 385 17.05 18.26 50.02
N VAL C 386 15.91 17.57 50.06
CA VAL C 386 15.87 16.13 50.15
C VAL C 386 14.95 15.59 49.06
N ILE C 387 15.38 14.54 48.36
CA ILE C 387 14.54 13.87 47.36
C ILE C 387 14.93 12.40 47.27
N GLY C 388 13.94 11.54 47.04
CA GLY C 388 14.18 10.15 46.67
C GLY C 388 13.93 9.91 45.18
N ALA C 389 14.52 8.83 44.64
CA ALA C 389 14.51 8.51 43.22
C ALA C 389 14.01 7.11 43.08
N ARG C 390 13.33 6.86 41.97
CA ARG C 390 12.69 5.58 41.67
C ARG C 390 12.72 5.33 40.13
N LYS C 391 12.93 4.06 39.78
CA LYS C 391 12.92 3.60 38.40
C LYS C 391 11.47 3.51 37.88
N ILE C 392 11.30 3.76 36.59
CA ILE C 392 10.04 3.56 35.88
C ILE C 392 10.39 2.93 34.55
N SER C 393 9.43 2.24 33.97
CA SER C 393 9.64 1.57 32.67
C SER C 393 8.43 1.63 31.70
N SER C 394 7.34 2.30 32.07
CA SER C 394 6.29 2.57 31.10
C SER C 394 5.65 3.93 31.32
N VAL C 395 4.92 4.38 30.32
CA VAL C 395 4.25 5.65 30.35
C VAL C 395 3.05 5.63 31.30
N GLU C 396 2.21 4.57 31.18
CA GLU C 396 1.04 4.40 32.07
C GLU C 396 1.52 4.33 33.55
N GLU C 397 2.49 3.46 33.86
CA GLU C 397 3.09 3.45 35.21
C GLU C 397 3.50 4.90 35.64
N MET C 398 4.16 5.63 34.73
CA MET C 398 4.58 6.99 35.01
C MET C 398 3.46 7.93 35.41
N TYR C 399 2.35 7.90 34.67
CA TYR C 399 1.19 8.72 35.01
C TYR C 399 0.61 8.34 36.35
N ASP C 400 0.41 7.04 36.58
CA ASP C 400 -0.21 6.60 37.87
C ASP C 400 0.67 6.87 39.10
N LEU C 401 1.97 6.71 38.99
CA LEU C 401 2.86 7.08 40.12
C LEU C 401 2.88 8.58 40.41
N ALA C 402 2.89 9.38 39.32
CA ALA C 402 2.78 10.84 39.43
C ALA C 402 1.52 11.27 40.19
N ASN C 403 0.38 10.74 39.71
CA ASN C 403 -0.94 11.07 40.25
C ASN C 403 -1.30 10.43 41.58
N ASP C 404 -0.50 9.43 42.03
CA ASP C 404 -0.64 8.78 43.33
C ASP C 404 -0.06 9.69 44.47
N SER C 405 -0.87 10.68 44.83
CA SER C 405 -0.45 11.71 45.79
C SER C 405 -1.67 12.50 46.24
N LYS C 406 -1.70 12.95 47.48
CA LYS C 406 -2.75 13.91 47.91
C LYS C 406 -2.51 15.35 47.39
N TYR C 407 -1.30 15.62 46.89
CA TYR C 407 -0.95 16.92 46.31
C TYR C 407 -1.09 16.93 44.78
N GLY C 408 -1.07 18.13 44.23
CA GLY C 408 -1.49 18.37 42.83
C GLY C 408 -1.11 19.69 42.21
N LEU C 409 0.03 20.23 42.54
CA LEU C 409 0.39 21.54 42.07
C LEU C 409 1.35 21.40 40.89
N ALA C 410 2.66 21.41 41.12
CA ALA C 410 3.59 21.39 40.00
C ALA C 410 4.07 19.95 39.64
N SER C 411 4.71 19.84 38.49
CA SER C 411 5.21 18.56 37.97
C SER C 411 6.21 18.89 36.83
N TYR C 412 7.07 17.94 36.48
CA TYR C 412 8.14 18.18 35.51
C TYR C 412 8.29 16.94 34.65
N LEU C 413 8.40 17.12 33.33
CA LEU C 413 8.56 16.02 32.37
C LEU C 413 9.66 16.31 31.36
N PHE C 414 10.63 15.38 31.26
CA PHE C 414 11.69 15.49 30.28
C PHE C 414 11.57 14.35 29.28
N THR C 415 11.31 14.73 28.02
CA THR C 415 11.09 13.76 26.91
C THR C 415 11.10 14.52 25.56
N LYS C 416 11.42 13.79 24.47
CA LYS C 416 11.34 14.28 23.12
C LYS C 416 10.15 13.64 22.39
N ASP C 417 9.33 12.85 23.10
CA ASP C 417 8.21 12.13 22.44
C ASP C 417 6.96 12.98 22.43
N PRO C 418 6.55 13.49 21.25
CA PRO C 418 5.39 14.35 21.23
C PRO C 418 4.12 13.64 21.71
N ASN C 419 3.98 12.35 21.52
CA ASN C 419 2.76 11.69 22.00
C ASN C 419 2.67 11.65 23.52
N ILE C 420 3.80 11.56 24.19
CA ILE C 420 3.78 11.60 25.66
C ILE C 420 3.45 13.03 26.13
N ILE C 421 4.15 14.02 25.54
CA ILE C 421 3.94 15.42 25.86
C ILE C 421 2.44 15.80 25.78
N PHE C 422 1.82 15.60 24.60
CA PHE C 422 0.40 15.97 24.42
C PHE C 422 -0.51 15.18 25.30
N GLU C 423 -0.23 13.89 25.49
CA GLU C 423 -1.09 13.06 26.33
C GLU C 423 -0.97 13.40 27.86
N ALA C 424 0.28 13.61 28.32
CA ALA C 424 0.56 14.03 29.71
C ALA C 424 -0.14 15.35 30.06
N SER C 425 -0.40 16.19 29.05
CA SER C 425 -1.11 17.46 29.26
C SER C 425 -2.53 17.26 29.82
N GLU C 426 -3.12 16.10 29.56
CA GLU C 426 -4.38 15.74 30.18
C GLU C 426 -4.22 14.69 31.27
N ARG C 427 -3.29 13.74 31.12
CA ARG C 427 -3.18 12.61 32.07
C ARG C 427 -2.43 12.92 33.38
N ILE C 428 -1.52 13.88 33.35
CA ILE C 428 -0.86 14.33 34.55
C ILE C 428 -1.74 15.37 35.21
N ARG C 429 -2.35 14.98 36.34
CA ARG C 429 -3.43 15.75 36.94
C ARG C 429 -2.85 16.68 38.03
N PHE C 430 -2.06 17.62 37.53
CA PHE C 430 -1.38 18.63 38.30
C PHE C 430 -1.67 19.97 37.63
N GLY C 431 -1.76 21.04 38.41
CA GLY C 431 -2.07 22.38 37.92
C GLY C 431 -1.03 22.93 36.99
N GLU C 432 0.22 22.51 37.18
CA GLU C 432 1.34 22.95 36.38
C GLU C 432 2.22 21.75 35.95
N LEU C 433 2.49 21.72 34.65
CA LEU C 433 3.35 20.75 34.06
C LEU C 433 4.39 21.46 33.25
N TYR C 434 5.64 21.34 33.68
CA TYR C 434 6.78 21.95 33.00
C TYR C 434 7.46 20.89 32.11
N VAL C 435 7.40 21.08 30.79
CA VAL C 435 7.91 20.11 29.84
C VAL C 435 9.22 20.62 29.27
N ASN C 436 10.31 19.97 29.59
CA ASN C 436 11.65 20.32 29.07
C ASN C 436 12.13 21.73 29.49
N MET C 437 11.63 22.17 30.64
CA MET C 437 12.02 23.45 31.22
C MET C 437 11.76 23.52 32.73
N PRO C 438 12.49 24.41 33.42
CA PRO C 438 12.27 24.66 34.86
C PRO C 438 11.10 25.62 35.09
N GLY C 439 10.64 25.68 36.33
CA GLY C 439 9.86 26.84 36.79
C GLY C 439 10.76 28.05 36.88
N PRO C 440 10.31 29.15 37.50
CA PRO C 440 9.00 29.23 38.16
C PRO C 440 7.88 29.63 37.22
N GLU C 441 6.69 29.60 37.79
CA GLU C 441 5.52 30.11 37.14
C GLU C 441 5.68 31.57 36.64
N ALA C 442 4.93 31.90 35.57
CA ALA C 442 4.82 33.27 35.04
C ALA C 442 3.51 33.88 35.51
N SER C 443 3.46 35.20 35.51
CA SER C 443 2.28 35.91 35.98
C SER C 443 1.09 35.71 35.02
N GLN C 444 1.35 35.37 33.76
CA GLN C 444 0.31 35.13 32.76
C GLN C 444 -0.25 33.73 32.92
N GLY C 445 0.43 32.92 33.75
CA GLY C 445 -0.06 31.62 34.10
C GLY C 445 -1.06 31.69 35.23
N TYR C 446 -1.92 30.68 35.33
CA TYR C 446 -2.90 30.55 36.42
C TYR C 446 -2.35 29.50 37.41
N HIS C 447 -1.72 29.99 38.47
CA HIS C 447 -1.01 29.21 39.46
C HIS C 447 -2.07 28.60 40.35
N THR C 448 -2.19 27.28 40.26
CA THR C 448 -3.29 26.57 40.90
C THR C 448 -2.93 25.10 40.97
N GLY C 449 -3.74 24.28 41.63
CA GLY C 449 -3.60 22.84 41.47
C GLY C 449 -4.80 22.02 41.86
N PHE C 450 -4.64 20.70 41.82
CA PHE C 450 -5.67 19.75 42.18
C PHE C 450 -5.50 19.19 43.60
N ARG C 451 -6.55 18.53 44.07
CA ARG C 451 -6.52 17.74 45.33
C ARG C 451 -6.12 18.65 46.51
N MET C 452 -5.07 18.38 47.30
CA MET C 452 -4.81 19.25 48.48
C MET C 452 -4.12 20.62 48.22
N THR C 453 -4.07 21.03 46.94
CA THR C 453 -3.43 22.31 46.60
C THR C 453 -4.06 23.56 47.21
N GLY C 454 -5.39 23.61 47.24
CA GLY C 454 -6.04 24.76 47.84
C GLY C 454 -7.35 25.05 47.16
N GLN C 455 -7.58 26.35 46.92
CA GLN C 455 -8.84 26.88 46.38
C GLN C 455 -8.47 27.98 45.41
N ALA C 456 -9.20 28.07 44.31
CA ALA C 456 -8.98 29.05 43.25
C ALA C 456 -7.55 29.03 42.69
N GLY C 457 -7.02 30.18 42.32
CA GLY C 457 -5.66 30.27 41.85
C GLY C 457 -5.28 31.72 41.66
N GLU C 458 -4.02 31.95 41.26
CA GLU C 458 -3.40 33.28 41.14
C GLU C 458 -2.66 33.42 39.79
N GLY C 459 -2.73 34.59 39.20
CA GLY C 459 -2.11 34.83 37.92
C GLY C 459 -3.09 34.68 36.75
N SER C 460 -2.76 35.27 35.62
CA SER C 460 -3.62 35.20 34.45
C SER C 460 -4.86 36.04 34.66
N LYS C 461 -5.66 36.12 33.62
CA LYS C 461 -6.90 36.83 33.63
C LYS C 461 -7.81 36.21 34.68
N TYR C 462 -7.77 34.89 34.78
CA TYR C 462 -8.55 34.15 35.73
C TYR C 462 -8.14 34.43 37.19
N GLY C 463 -6.85 34.57 37.41
CA GLY C 463 -6.38 34.86 38.77
C GLY C 463 -6.81 36.22 39.26
N ILE C 464 -6.60 37.25 38.47
CA ILE C 464 -7.01 38.58 38.89
C ILE C 464 -8.50 38.66 39.03
N SER C 465 -9.22 37.94 38.19
CA SER C 465 -10.71 37.91 38.27
C SER C 465 -11.26 37.24 39.54
N GLU C 466 -10.42 36.48 40.26
CA GLU C 466 -10.81 35.91 41.58
C GLU C 466 -11.10 36.98 42.64
N TYR C 467 -10.54 38.18 42.45
CA TYR C 467 -10.76 39.35 43.31
C TYR C 467 -11.96 40.23 42.90
N LEU C 468 -12.70 39.80 41.91
CA LEU C 468 -13.90 40.48 41.45
C LEU C 468 -15.12 39.58 41.54
N LYS C 469 -16.21 40.18 42.00
CA LYS C 469 -17.50 39.50 42.11
C LYS C 469 -18.44 39.89 40.96
N LEU C 470 -19.06 38.89 40.34
CA LEU C 470 -20.06 39.10 39.30
C LEU C 470 -21.45 39.29 39.89
N LYS C 471 -22.18 40.33 39.55
CA LYS C 471 -23.54 40.55 40.03
C LYS C 471 -24.42 40.78 38.82
N ASN C 472 -25.69 40.47 38.90
CA ASN C 472 -26.58 40.60 37.76
C ASN C 472 -27.63 41.63 38.02
N ILE C 473 -27.96 42.43 37.01
CA ILE C 473 -29.08 43.34 37.05
C ILE C 473 -30.04 42.94 35.88
N TYR C 474 -31.24 42.50 36.24
CA TYR C 474 -32.27 42.06 35.26
C TYR C 474 -33.18 43.28 35.06
N VAL C 475 -33.24 43.82 33.87
CA VAL C 475 -34.04 45.03 33.65
C VAL C 475 -35.13 44.72 32.64
N ASP C 476 -36.34 45.20 32.96
CA ASP C 476 -37.48 45.15 32.01
C ASP C 476 -37.85 46.58 31.63
N TYR C 477 -37.79 46.87 30.36
CA TYR C 477 -38.06 48.24 29.88
C TYR C 477 -39.16 48.17 28.84
N SER C 478 -40.08 47.21 28.95
CA SER C 478 -41.24 47.19 28.06
C SER C 478 -42.11 48.44 28.20
N GLY C 479 -42.24 48.97 29.42
CA GLY C 479 -43.21 50.02 29.75
C GLY C 479 -44.64 49.52 29.57
N LYS C 480 -44.86 48.22 29.80
CA LYS C 480 -46.16 47.62 29.56
C LYS C 480 -46.57 46.86 30.82
N PRO C 481 -47.87 46.50 30.97
CA PRO C 481 -48.20 45.68 32.14
C PRO C 481 -47.49 44.34 32.15
N LEU C 482 -47.05 43.91 33.33
CA LEU C 482 -46.40 42.61 33.43
C LEU C 482 -47.44 41.52 33.46
N HIS C 483 -47.07 40.36 32.92
CA HIS C 483 -47.90 39.16 32.97
C HIS C 483 -47.05 38.07 33.55
N ILE C 484 -47.48 37.58 34.71
CA ILE C 484 -46.74 36.60 35.49
C ILE C 484 -47.61 35.34 35.51
N ASN C 485 -47.06 34.23 35.08
CA ASN C 485 -47.81 32.95 34.91
C ASN C 485 -48.67 32.52 36.14
N THR C 486 -48.15 32.64 37.35
CA THR C 486 -48.82 32.14 38.57
C THR C 486 -49.55 33.22 39.37
N VAL C 487 -49.58 34.44 38.87
CA VAL C 487 -50.32 35.53 39.46
C VAL C 487 -51.51 35.82 38.55
N ARG C 488 -52.72 35.75 39.11
CA ARG C 488 -53.94 35.81 38.31
C ARG C 488 -54.25 37.25 37.87
N ASP C 489 -54.36 37.45 36.55
CA ASP C 489 -54.70 38.76 35.95
C ASP C 489 -56.00 39.38 36.45
N ASP C 490 -56.91 38.53 36.90
CA ASP C 490 -58.20 38.97 37.43
C ASP C 490 -58.07 39.75 38.76
N LEU C 491 -56.96 39.58 39.46
CA LEU C 491 -56.77 40.32 40.69
C LEU C 491 -56.59 41.78 40.33
N PHE C 492 -56.12 42.02 39.12
CA PHE C 492 -55.87 43.37 38.65
C PHE C 492 -56.78 43.81 37.53
N MET D 1 -44.52 6.18 46.12
CA MET D 1 -43.27 5.86 45.40
C MET D 1 -42.24 5.41 46.42
N ASP D 2 -41.72 4.20 46.23
CA ASP D 2 -40.53 3.74 46.94
C ASP D 2 -39.27 3.88 46.07
N THR D 3 -38.32 4.72 46.49
CA THR D 3 -37.07 4.92 45.74
C THR D 3 -35.97 3.97 46.24
N LYS D 4 -34.97 3.75 45.40
CA LYS D 4 -33.83 2.89 45.70
C LYS D 4 -32.52 3.67 45.43
N LEU D 5 -31.40 3.11 45.82
CA LEU D 5 -30.08 3.62 45.48
C LEU D 5 -29.68 3.15 44.08
N TYR D 6 -29.02 4.00 43.30
CA TYR D 6 -28.40 3.57 42.03
C TYR D 6 -26.90 3.62 42.23
N ILE D 7 -26.24 2.48 42.33
CA ILE D 7 -24.81 2.40 42.64
C ILE D 7 -24.12 1.48 41.61
N ASP D 8 -23.05 1.97 41.02
CA ASP D 8 -22.26 1.32 39.98
C ASP D 8 -23.09 0.66 38.93
N GLY D 9 -24.06 1.40 38.42
CA GLY D 9 -24.91 0.92 37.37
C GLY D 9 -26.00 -0.05 37.75
N GLN D 10 -26.29 -0.24 39.04
CA GLN D 10 -27.38 -1.18 39.48
C GLN D 10 -28.29 -0.47 40.49
N TRP D 11 -29.60 -0.75 40.44
CA TRP D 11 -30.58 -0.30 41.49
C TRP D 11 -30.49 -1.26 42.68
N VAL D 12 -30.28 -0.76 43.88
CA VAL D 12 -30.06 -1.62 45.05
C VAL D 12 -30.63 -0.98 46.33
N ASN D 13 -30.75 -1.80 47.36
CA ASN D 13 -31.26 -1.38 48.63
C ASN D 13 -30.04 -1.04 49.49
N SER D 14 -30.32 -0.39 50.60
CA SER D 14 -29.28 -0.15 51.62
C SER D 14 -28.64 -1.48 52.07
N SER D 15 -27.35 -1.46 52.39
CA SER D 15 -26.69 -2.68 52.93
C SER D 15 -27.22 -3.09 54.33
N SER D 16 -27.82 -2.14 55.04
CA SER D 16 -28.49 -2.39 56.33
C SER D 16 -29.98 -2.75 56.20
N GLY D 17 -30.56 -2.44 55.03
CA GLY D 17 -31.97 -2.67 54.74
C GLY D 17 -32.90 -1.59 55.27
N LYS D 18 -32.37 -0.63 56.03
CA LYS D 18 -33.24 0.34 56.73
C LYS D 18 -33.79 1.35 55.71
N THR D 19 -34.95 1.90 56.03
CA THR D 19 -35.63 2.90 55.18
C THR D 19 -36.26 4.02 56.02
N VAL D 20 -36.68 5.09 55.34
CA VAL D 20 -37.24 6.29 55.97
C VAL D 20 -38.52 6.65 55.21
N ASP D 21 -39.55 7.01 55.95
CA ASP D 21 -40.82 7.39 55.36
C ASP D 21 -40.75 8.82 54.88
N LYS D 22 -41.61 9.12 53.91
CA LYS D 22 -41.77 10.47 53.33
C LYS D 22 -43.23 10.83 53.46
N TYR D 23 -43.49 12.07 53.85
CA TYR D 23 -44.85 12.58 54.11
C TYR D 23 -45.30 13.59 53.06
N SER D 24 -46.61 13.58 52.80
CA SER D 24 -47.24 14.58 51.97
C SER D 24 -47.36 15.83 52.80
N PRO D 25 -46.95 16.99 52.24
CA PRO D 25 -47.29 18.25 52.91
C PRO D 25 -48.74 18.71 52.64
N VAL D 26 -49.44 18.03 51.73
CA VAL D 26 -50.86 18.31 51.46
C VAL D 26 -51.78 17.64 52.52
N THR D 27 -51.44 16.41 52.93
CA THR D 27 -52.30 15.63 53.86
C THR D 27 -51.70 15.28 55.24
N GLY D 28 -50.37 15.28 55.35
CA GLY D 28 -49.70 14.73 56.52
C GLY D 28 -49.55 13.21 56.55
N GLN D 29 -50.00 12.49 55.51
CA GLN D 29 -49.94 11.03 55.46
C GLN D 29 -48.61 10.57 54.86
N VAL D 30 -48.16 9.39 55.29
CA VAL D 30 -47.01 8.70 54.67
C VAL D 30 -47.45 8.38 53.23
N ILE D 31 -46.56 8.67 52.27
CA ILE D 31 -46.78 8.41 50.83
C ILE D 31 -45.62 7.70 50.13
N GLY D 32 -44.49 7.53 50.81
CA GLY D 32 -43.36 6.83 50.21
C GLY D 32 -42.34 6.45 51.26
N ARG D 33 -41.48 5.51 50.87
CA ARG D 33 -40.23 5.19 51.58
C ARG D 33 -39.00 5.55 50.68
N PHE D 34 -37.84 5.72 51.28
CA PHE D 34 -36.59 5.70 50.53
C PHE D 34 -35.51 4.96 51.35
N GLU D 35 -34.48 4.50 50.67
CA GLU D 35 -33.36 3.76 51.33
C GLU D 35 -32.42 4.65 52.17
N ALA D 36 -32.10 4.17 53.36
CA ALA D 36 -31.14 4.82 54.26
C ALA D 36 -29.74 4.27 54.01
N ALA D 37 -29.02 4.86 53.08
CA ALA D 37 -27.73 4.29 52.64
C ALA D 37 -26.71 4.28 53.77
N THR D 38 -25.83 3.29 53.80
CA THR D 38 -24.71 3.24 54.77
C THR D 38 -23.48 3.98 54.24
N ARG D 39 -22.54 4.21 55.15
CA ARG D 39 -21.22 4.74 54.81
C ARG D 39 -20.53 3.82 53.80
N ASP D 40 -20.69 2.50 53.95
CA ASP D 40 -20.19 1.53 52.95
C ASP D 40 -20.83 1.71 51.56
N ASP D 41 -22.15 1.92 51.48
CA ASP D 41 -22.85 2.22 50.16
C ASP D 41 -22.25 3.48 49.52
N VAL D 42 -22.10 4.53 50.34
CA VAL D 42 -21.53 5.73 49.84
C VAL D 42 -20.12 5.46 49.25
N ASP D 43 -19.31 4.61 49.91
CA ASP D 43 -17.91 4.32 49.45
C ASP D 43 -17.98 3.60 48.11
N ARG D 44 -18.93 2.68 47.99
CA ARG D 44 -19.23 1.99 46.72
C ARG D 44 -19.63 2.97 45.60
N ALA D 45 -20.41 4.00 45.93
CA ALA D 45 -20.87 4.99 44.92
C ALA D 45 -19.71 5.86 44.39
N ILE D 46 -18.91 6.32 45.33
CA ILE D 46 -17.77 7.15 45.03
C ILE D 46 -16.67 6.36 44.32
N ASP D 47 -16.42 5.12 44.75
CA ASP D 47 -15.46 4.28 44.07
C ASP D 47 -15.90 4.03 42.63
N ALA D 48 -17.21 3.94 42.41
CA ALA D 48 -17.80 3.74 41.08
C ALA D 48 -17.54 4.94 40.18
N ALA D 49 -17.94 6.10 40.67
CA ALA D 49 -17.53 7.38 40.13
C ALA D 49 -16.05 7.46 39.80
N GLU D 50 -15.16 7.08 40.74
CA GLU D 50 -13.69 7.06 40.46
C GLU D 50 -13.30 6.16 39.24
N ASP D 51 -13.82 4.94 39.25
CA ASP D 51 -13.61 3.93 38.19
C ASP D 51 -14.22 4.31 36.81
N ALA D 52 -15.35 4.98 36.81
CA ALA D 52 -15.96 5.52 35.58
C ALA D 52 -15.30 6.80 34.98
N PHE D 53 -14.46 7.48 35.76
CA PHE D 53 -14.00 8.84 35.37
C PHE D 53 -13.27 8.92 33.99
N TRP D 54 -12.22 8.12 33.78
CA TRP D 54 -11.35 8.39 32.63
C TRP D 54 -12.10 8.13 31.36
N ALA D 55 -12.94 7.11 31.37
CA ALA D 55 -13.68 6.74 30.16
C ALA D 55 -14.76 7.77 29.83
N TRP D 56 -15.38 8.34 30.85
CA TRP D 56 -16.33 9.46 30.69
C TRP D 56 -15.67 10.76 30.16
N ASN D 57 -14.60 11.24 30.83
CA ASN D 57 -13.75 12.33 30.31
C ASN D 57 -13.30 12.15 28.86
N ASP D 58 -12.80 10.95 28.54
CA ASP D 58 -12.21 10.67 27.24
C ASP D 58 -13.27 10.62 26.13
N LEU D 59 -14.55 10.45 26.48
CA LEU D 59 -15.62 10.54 25.44
C LEU D 59 -15.71 11.91 24.78
N GLY D 60 -15.34 12.97 25.48
CA GLY D 60 -15.46 14.31 24.94
C GLY D 60 -16.91 14.84 25.02
N SER D 61 -17.02 16.17 25.03
CA SER D 61 -18.26 16.90 25.31
C SER D 61 -19.37 16.69 24.32
N VAL D 62 -19.04 16.54 23.03
CA VAL D 62 -20.09 16.32 22.02
C VAL D 62 -20.83 14.99 22.28
N GLU D 63 -20.05 13.92 22.53
CA GLU D 63 -20.61 12.60 22.84
C GLU D 63 -21.34 12.62 24.19
N ARG D 64 -20.73 13.21 25.22
CA ARG D 64 -21.49 13.41 26.46
C ARG D 64 -22.84 14.19 26.19
N SER D 65 -22.79 15.24 25.39
CA SER D 65 -23.95 16.11 25.10
C SER D 65 -25.12 15.36 24.46
N LYS D 66 -24.78 14.44 23.58
CA LYS D 66 -25.74 13.56 23.00
C LYS D 66 -26.53 12.75 24.02
N ILE D 67 -25.83 12.16 24.99
CA ILE D 67 -26.50 11.41 26.08
C ILE D 67 -27.39 12.36 26.87
N ILE D 68 -26.88 13.55 27.18
CA ILE D 68 -27.64 14.57 27.93
C ILE D 68 -28.89 15.06 27.17
N TYR D 69 -28.75 15.34 25.88
CA TYR D 69 -29.93 15.73 25.03
C TYR D 69 -30.97 14.60 24.96
N ARG D 70 -30.51 13.35 24.92
CA ARG D 70 -31.46 12.20 24.87
C ARG D 70 -32.24 12.16 26.22
N ALA D 71 -31.52 12.39 27.34
CA ALA D 71 -32.19 12.46 28.64
C ALA D 71 -33.25 13.57 28.66
N LYS D 72 -32.92 14.72 28.12
CA LYS D 72 -33.89 15.80 28.03
C LYS D 72 -35.15 15.39 27.25
N GLU D 73 -34.93 14.78 26.10
CA GLU D 73 -36.02 14.26 25.22
C GLU D 73 -36.92 13.24 25.96
N LEU D 74 -36.33 12.25 26.61
CA LEU D 74 -37.09 11.31 27.47
C LEU D 74 -37.84 11.96 28.66
N ILE D 75 -37.22 12.99 29.26
CA ILE D 75 -37.91 13.80 30.25
C ILE D 75 -39.13 14.51 29.61
N GLU D 76 -38.97 15.14 28.45
CA GLU D 76 -40.05 15.98 27.87
C GLU D 76 -41.24 15.14 27.40
N LYS D 77 -40.95 13.92 26.94
CA LYS D 77 -41.96 12.97 26.51
C LYS D 77 -42.87 12.57 27.67
N ASN D 78 -42.24 12.33 28.83
CA ASN D 78 -42.89 11.79 30.02
C ASN D 78 -43.07 12.81 31.12
N ARG D 79 -43.16 14.09 30.74
CA ARG D 79 -43.15 15.19 31.73
C ARG D 79 -44.32 15.15 32.76
N ALA D 80 -45.48 14.60 32.38
CA ALA D 80 -46.62 14.51 33.31
C ALA D 80 -46.21 13.74 34.56
N GLU D 81 -45.49 12.64 34.37
CA GLU D 81 -45.02 11.86 35.54
C GLU D 81 -44.22 12.72 36.60
N LEU D 82 -43.36 13.61 36.08
CA LEU D 82 -42.56 14.44 36.95
C LEU D 82 -43.43 15.52 37.60
N GLU D 83 -44.30 16.15 36.80
CA GLU D 83 -45.17 17.17 37.32
C GLU D 83 -45.96 16.60 38.49
N ASN D 84 -46.49 15.40 38.32
CA ASN D 84 -47.24 14.75 39.37
C ASN D 84 -46.45 14.43 40.61
N ILE D 85 -45.21 13.97 40.43
CA ILE D 85 -44.29 13.74 41.57
C ILE D 85 -44.04 15.03 42.36
N ILE D 86 -43.82 16.15 41.65
CA ILE D 86 -43.64 17.46 42.32
C ILE D 86 -44.92 17.91 43.06
N MET D 87 -46.08 17.72 42.43
CA MET D 87 -47.32 18.01 43.14
C MET D 87 -47.53 17.09 44.36
N GLU D 88 -47.11 15.83 44.29
CA GLU D 88 -47.31 14.89 45.42
C GLU D 88 -46.27 15.15 46.54
N GLU D 89 -44.99 15.26 46.18
CA GLU D 89 -43.92 15.43 47.19
C GLU D 89 -43.90 16.81 47.85
N ASN D 90 -44.15 17.84 47.04
CA ASN D 90 -44.07 19.22 47.48
C ASN D 90 -45.39 19.89 47.64
N GLY D 91 -46.40 19.41 46.90
CA GLY D 91 -47.72 20.03 46.97
C GLY D 91 -47.84 21.35 46.24
N LYS D 92 -46.93 21.62 45.31
CA LYS D 92 -46.97 22.87 44.53
C LYS D 92 -48.28 22.96 43.75
N PRO D 93 -48.80 24.18 43.52
CA PRO D 93 -49.88 24.35 42.56
C PRO D 93 -49.44 23.92 41.18
N VAL D 94 -50.37 23.40 40.41
CA VAL D 94 -50.11 22.75 39.09
C VAL D 94 -49.18 23.55 38.14
N LYS D 95 -49.40 24.86 38.05
CA LYS D 95 -48.58 25.73 37.21
C LYS D 95 -47.17 25.95 37.74
N GLU D 96 -46.99 26.03 39.05
CA GLU D 96 -45.61 25.98 39.62
C GLU D 96 -44.93 24.66 39.24
N ALA D 97 -45.65 23.54 39.36
CA ALA D 97 -45.08 22.25 39.02
C ALA D 97 -44.69 22.22 37.52
N LYS D 98 -45.56 22.75 36.67
CA LYS D 98 -45.33 22.77 35.21
C LYS D 98 -44.14 23.66 34.88
N GLU D 99 -44.13 24.85 35.52
CA GLU D 99 -43.02 25.77 35.47
C GLU D 99 -41.69 25.10 35.82
N GLU D 100 -41.63 24.45 36.99
CA GLU D 100 -40.42 23.78 37.39
C GLU D 100 -39.99 22.73 36.32
N VAL D 101 -40.93 21.99 35.73
CA VAL D 101 -40.56 20.99 34.72
C VAL D 101 -40.04 21.59 33.40
N ASP D 102 -40.65 22.67 32.91
CA ASP D 102 -40.12 23.44 31.77
C ASP D 102 -38.65 23.89 32.04
N GLY D 103 -38.40 24.42 33.24
CA GLY D 103 -37.04 24.85 33.64
C GLY D 103 -36.02 23.69 33.68
N VAL D 104 -36.47 22.49 34.05
CA VAL D 104 -35.65 21.26 33.99
C VAL D 104 -35.21 21.04 32.55
N ILE D 105 -36.20 21.09 31.65
CA ILE D 105 -35.98 20.94 30.22
C ILE D 105 -35.04 22.06 29.65
N ASP D 106 -35.35 23.32 29.92
CA ASP D 106 -34.60 24.48 29.45
C ASP D 106 -33.16 24.46 29.93
N GLN D 107 -32.96 24.15 31.21
CA GLN D 107 -31.62 24.09 31.78
C GLN D 107 -30.79 22.93 31.18
N ILE D 108 -31.37 21.75 31.12
CA ILE D 108 -30.66 20.62 30.49
C ILE D 108 -30.23 21.00 29.03
N GLN D 109 -31.13 21.62 28.27
CA GLN D 109 -30.83 22.14 26.97
C GLN D 109 -29.70 23.13 27.01
N TYR D 110 -29.80 24.14 27.86
CA TYR D 110 -28.84 25.20 27.92
C TYR D 110 -27.44 24.67 28.22
N TYR D 111 -27.33 23.83 29.25
CA TYR D 111 -26.03 23.34 29.61
C TYR D 111 -25.41 22.42 28.53
N ALA D 112 -26.19 21.52 27.96
CA ALA D 112 -25.70 20.64 26.91
C ALA D 112 -25.19 21.43 25.70
N GLU D 113 -25.83 22.56 25.37
CA GLU D 113 -25.37 23.47 24.27
C GLU D 113 -23.95 24.03 24.46
N TRP D 114 -23.42 23.96 25.66
CA TRP D 114 -22.03 24.37 25.88
C TRP D 114 -21.01 23.36 25.30
N ALA D 115 -21.47 22.26 24.68
CA ALA D 115 -20.50 21.33 24.07
C ALA D 115 -19.48 22.01 23.10
N ARG D 116 -18.18 21.69 23.29
CA ARG D 116 -17.02 22.18 22.47
C ARG D 116 -16.90 23.70 22.35
N LYS D 117 -17.41 24.40 23.34
CA LYS D 117 -17.37 25.84 23.36
C LYS D 117 -16.68 26.42 24.60
N LEU D 118 -16.34 25.62 25.57
CA LEU D 118 -15.71 26.13 26.80
C LEU D 118 -14.21 25.97 26.64
N ASN D 119 -13.62 26.89 25.90
CA ASN D 119 -12.24 26.75 25.39
C ASN D 119 -11.19 26.93 26.51
N GLY D 120 -10.05 26.28 26.35
CA GLY D 120 -8.82 26.71 27.10
C GLY D 120 -8.16 27.91 26.45
N GLU D 121 -6.91 28.20 26.84
CA GLU D 121 -6.17 29.34 26.30
C GLU D 121 -4.73 29.00 26.01
N VAL D 122 -4.15 29.78 25.10
CA VAL D 122 -2.74 29.74 24.80
C VAL D 122 -2.20 31.17 25.13
N VAL D 123 -1.18 31.24 25.99
CA VAL D 123 -0.50 32.50 26.29
C VAL D 123 0.96 32.39 25.96
N GLU D 124 1.54 33.55 25.70
CA GLU D 124 2.97 33.65 25.46
C GLU D 124 3.76 33.18 26.67
N GLY D 125 4.83 32.48 26.37
CA GLY D 125 5.81 32.06 27.36
C GLY D 125 6.85 33.12 27.59
N THR D 126 7.90 32.76 28.31
CA THR D 126 8.93 33.73 28.67
C THR D 126 10.02 33.86 27.60
N SER D 127 9.91 33.11 26.49
CA SER D 127 10.78 33.27 25.34
C SER D 127 9.96 32.94 24.10
N SER D 128 10.51 33.23 22.93
CA SER D 128 9.81 32.99 21.69
C SER D 128 9.64 31.50 21.43
N HIS D 129 10.43 30.66 22.10
CA HIS D 129 10.28 29.22 21.94
C HIS D 129 9.65 28.57 23.16
N ARG D 130 8.84 29.33 23.88
CA ARG D 130 8.03 28.82 24.95
C ARG D 130 6.60 29.24 24.77
N LYS D 131 5.69 28.35 25.11
CA LYS D 131 4.28 28.71 25.27
C LYS D 131 3.73 28.10 26.54
N ILE D 132 2.67 28.68 27.05
CA ILE D 132 1.93 28.12 28.17
C ILE D 132 0.53 27.77 27.68
N PHE D 133 0.16 26.50 27.75
CA PHE D 133 -1.17 26.00 27.31
C PHE D 133 -2.03 25.83 28.54
N GLN D 134 -3.24 26.36 28.50
CA GLN D 134 -4.13 26.31 29.64
C GLN D 134 -5.38 25.52 29.25
N TYR D 135 -5.44 24.27 29.72
CA TYR D 135 -6.55 23.38 29.45
C TYR D 135 -7.59 23.54 30.55
N LYS D 136 -8.84 23.47 30.14
CA LYS D 136 -9.97 23.35 31.04
C LYS D 136 -10.34 21.86 31.13
N VAL D 137 -10.24 21.25 32.32
CA VAL D 137 -10.50 19.81 32.51
C VAL D 137 -11.49 19.58 33.66
N PRO D 138 -12.24 18.44 33.66
CA PRO D 138 -13.11 18.14 34.80
C PRO D 138 -12.36 18.10 36.16
N TYR D 139 -13.04 18.42 37.21
CA TYR D 139 -12.54 18.31 38.56
C TYR D 139 -12.39 16.83 38.92
N GLY D 140 -13.32 16.04 38.44
CA GLY D 140 -13.33 14.62 38.70
C GLY D 140 -14.63 14.17 39.29
N ILE D 141 -14.62 13.79 40.57
CA ILE D 141 -15.81 13.36 41.23
C ILE D 141 -16.54 14.51 41.90
N VAL D 142 -17.77 14.73 41.48
CA VAL D 142 -18.68 15.74 41.95
C VAL D 142 -19.73 15.09 42.84
N VAL D 143 -19.84 15.62 44.07
CA VAL D 143 -20.97 15.28 44.91
C VAL D 143 -21.96 16.43 44.77
N ALA D 144 -23.20 16.08 44.38
CA ALA D 144 -24.31 17.04 44.28
C ALA D 144 -25.29 16.84 45.45
N LEU D 145 -25.63 17.92 46.17
CA LEU D 145 -26.54 17.87 47.30
C LEU D 145 -27.68 18.83 47.00
N THR D 146 -28.85 18.31 46.65
CA THR D 146 -29.98 19.17 46.25
C THR D 146 -31.00 19.42 47.37
N PRO D 147 -31.63 20.61 47.34
CA PRO D 147 -32.62 20.97 48.35
C PRO D 147 -33.97 20.44 47.91
N TRP D 148 -34.95 20.62 48.80
CA TRP D 148 -36.36 20.12 48.62
C TRP D 148 -37.27 21.12 47.98
N ASN D 149 -36.85 22.38 47.93
CA ASN D 149 -37.78 23.45 47.56
C ASN D 149 -38.08 23.54 46.05
N PHE D 150 -37.06 23.30 45.23
CA PHE D 150 -37.13 23.17 43.75
C PHE D 150 -36.50 21.81 43.45
N PRO D 151 -37.26 20.73 43.75
CA PRO D 151 -36.62 19.44 43.84
C PRO D 151 -36.27 18.76 42.52
N ALA D 152 -36.87 19.18 41.41
CA ALA D 152 -36.51 18.72 40.06
C ALA D 152 -35.47 19.69 39.36
N GLY D 153 -35.77 21.02 39.40
CA GLY D 153 -34.98 22.12 38.80
C GLY D 153 -33.55 22.11 39.27
N MET D 154 -33.39 21.94 40.58
CA MET D 154 -32.05 21.95 41.17
C MET D 154 -31.29 20.70 40.77
N VAL D 155 -31.97 19.58 40.55
CA VAL D 155 -31.25 18.38 40.12
C VAL D 155 -30.73 18.59 38.70
N ALA D 156 -31.55 19.15 37.81
CA ALA D 156 -31.11 19.50 36.47
C ALA D 156 -29.93 20.46 36.48
N ARG D 157 -30.04 21.47 37.38
CA ARG D 157 -29.10 22.56 37.47
C ARG D 157 -27.70 22.06 37.81
N LYS D 158 -27.62 21.05 38.64
CA LYS D 158 -26.34 20.47 39.06
C LYS D 158 -25.82 19.35 38.12
N LEU D 159 -26.68 18.43 37.74
CA LEU D 159 -26.28 17.26 36.91
C LEU D 159 -25.85 17.64 35.51
N ALA D 160 -26.64 18.46 34.81
CA ALA D 160 -26.34 18.81 33.41
C ALA D 160 -24.92 19.45 33.23
N PRO D 161 -24.58 20.50 34.00
CA PRO D 161 -23.27 21.04 33.72
C PRO D 161 -22.14 20.15 34.24
N ALA D 162 -22.36 19.46 35.38
CA ALA D 162 -21.30 18.59 35.90
C ALA D 162 -20.99 17.49 34.87
N LEU D 163 -22.03 16.94 34.25
CA LEU D 163 -21.87 15.83 33.30
C LEU D 163 -21.29 16.27 31.95
N LEU D 164 -21.80 17.41 31.44
CA LEU D 164 -21.36 18.00 30.16
C LEU D 164 -19.86 18.20 30.20
N THR D 165 -19.37 18.69 31.33
CA THR D 165 -17.97 19.05 31.46
C THR D 165 -17.11 17.85 31.74
N GLY D 166 -17.68 16.65 31.92
CA GLY D 166 -16.93 15.40 32.01
C GLY D 166 -16.58 14.88 33.44
N ASN D 167 -17.25 15.42 34.44
CA ASN D 167 -17.20 14.94 35.82
C ASN D 167 -18.16 13.74 35.97
N THR D 168 -17.84 12.87 36.92
CA THR D 168 -18.71 11.79 37.34
C THR D 168 -19.32 12.32 38.62
N VAL D 169 -20.45 11.70 38.96
CA VAL D 169 -21.35 12.26 39.95
C VAL D 169 -21.90 11.26 40.96
N VAL D 170 -21.99 11.71 42.20
CA VAL D 170 -22.80 11.08 43.24
C VAL D 170 -23.80 12.13 43.70
N LEU D 171 -25.07 11.85 43.44
CA LEU D 171 -26.18 12.74 43.78
C LEU D 171 -26.87 12.23 45.05
N LYS D 172 -27.16 13.17 45.93
CA LYS D 172 -27.87 12.92 47.15
C LYS D 172 -28.91 13.99 47.30
N PRO D 173 -30.18 13.67 47.08
CA PRO D 173 -31.23 14.66 47.25
C PRO D 173 -31.63 14.88 48.69
N SER D 174 -32.52 15.85 48.85
CA SER D 174 -33.08 16.11 50.15
C SER D 174 -33.93 14.93 50.59
N SER D 175 -33.79 14.56 51.85
CA SER D 175 -34.62 13.50 52.43
C SER D 175 -36.13 13.81 52.37
N ASP D 176 -36.51 15.07 52.16
CA ASP D 176 -37.95 15.44 51.96
C ASP D 176 -38.49 15.23 50.54
N THR D 177 -37.61 15.10 49.52
CA THR D 177 -38.02 15.00 48.10
C THR D 177 -37.18 14.05 47.20
N PRO D 178 -37.03 12.78 47.62
CA PRO D 178 -36.19 11.84 46.88
C PRO D 178 -36.75 11.43 45.52
N GLY D 179 -38.08 11.51 45.39
CA GLY D 179 -38.83 11.04 44.22
C GLY D 179 -38.47 11.71 42.93
N SER D 180 -38.47 13.04 42.94
CA SER D 180 -38.21 13.80 41.69
C SER D 180 -36.74 13.59 41.26
N ALA D 181 -35.83 13.62 42.22
CA ALA D 181 -34.43 13.29 41.93
C ALA D 181 -34.26 11.89 41.33
N GLU D 182 -34.89 10.89 41.93
CA GLU D 182 -34.78 9.53 41.42
C GLU D 182 -35.33 9.37 40.01
N TRP D 183 -36.48 9.96 39.74
CA TRP D 183 -37.10 9.93 38.43
C TRP D 183 -36.16 10.52 37.36
N ILE D 184 -35.55 11.66 37.71
CA ILE D 184 -34.65 12.29 36.80
C ILE D 184 -33.43 11.38 36.64
N VAL D 185 -32.92 10.81 37.73
CA VAL D 185 -31.75 9.92 37.62
C VAL D 185 -32.08 8.78 36.64
N ARG D 186 -33.27 8.20 36.77
CA ARG D 186 -33.63 7.06 35.92
C ARG D 186 -33.62 7.41 34.41
N LYS D 187 -34.05 8.64 34.09
CA LYS D 187 -34.01 9.14 32.69
C LYS D 187 -32.61 9.32 32.09
N PHE D 188 -31.69 9.83 32.88
CA PHE D 188 -30.28 9.82 32.45
C PHE D 188 -29.74 8.40 32.21
N VAL D 189 -30.12 7.45 33.05
CA VAL D 189 -29.66 6.05 32.90
C VAL D 189 -30.30 5.47 31.61
N GLU D 190 -31.58 5.79 31.40
CA GLU D 190 -32.31 5.36 30.20
C GLU D 190 -31.68 5.93 28.94
N ALA D 191 -31.22 7.17 29.02
CA ALA D 191 -30.63 7.85 27.89
C ALA D 191 -29.26 7.32 27.52
N GLY D 192 -28.67 6.47 28.37
CA GLY D 192 -27.39 5.86 28.15
C GLY D 192 -26.20 6.32 28.99
N VAL D 193 -26.38 6.86 30.20
CA VAL D 193 -25.22 7.22 31.02
C VAL D 193 -24.45 5.95 31.43
N PRO D 194 -23.16 5.88 31.15
CA PRO D 194 -22.52 4.57 31.48
C PRO D 194 -22.33 4.27 32.99
N LYS D 195 -22.05 3.00 33.26
CA LYS D 195 -21.91 2.41 34.58
C LYS D 195 -20.97 3.27 35.43
N GLY D 196 -21.43 3.77 36.57
CA GLY D 196 -20.54 4.47 37.53
C GLY D 196 -20.43 5.97 37.36
N VAL D 197 -20.85 6.47 36.19
CA VAL D 197 -20.78 7.91 35.85
C VAL D 197 -21.72 8.74 36.70
N LEU D 198 -22.90 8.19 36.94
CA LEU D 198 -23.95 8.83 37.72
C LEU D 198 -24.46 7.82 38.79
N ASN D 199 -24.30 8.17 40.06
CA ASN D 199 -24.75 7.36 41.15
C ASN D 199 -25.68 8.20 42.02
N PHE D 200 -26.57 7.47 42.67
CA PHE D 200 -27.66 8.06 43.41
C PHE D 200 -27.74 7.42 44.81
N ILE D 201 -27.68 8.28 45.83
CA ILE D 201 -27.64 7.90 47.21
C ILE D 201 -28.66 8.72 47.99
N THR D 202 -29.48 8.05 48.79
CA THR D 202 -30.38 8.69 49.75
C THR D 202 -30.08 8.18 51.14
N GLY D 203 -30.41 9.01 52.12
CA GLY D 203 -30.27 8.68 53.52
C GLY D 203 -30.26 9.94 54.38
N ARG D 204 -30.19 9.71 55.68
CA ARG D 204 -30.28 10.76 56.70
C ARG D 204 -28.97 11.60 56.70
N GLY D 205 -29.13 12.92 56.61
CA GLY D 205 -28.01 13.87 56.84
C GLY D 205 -27.20 13.56 58.10
N SER D 206 -27.87 13.11 59.16
CA SER D 206 -27.21 12.76 60.42
C SER D 206 -26.45 11.42 60.44
N GLU D 207 -26.57 10.59 59.39
CA GLU D 207 -25.77 9.34 59.24
C GLU D 207 -24.63 9.46 58.21
N ILE D 208 -24.92 10.08 57.06
CA ILE D 208 -23.99 10.09 55.91
C ILE D 208 -23.50 11.48 55.42
N GLY D 209 -24.08 12.58 55.94
CA GLY D 209 -23.82 13.95 55.49
C GLY D 209 -22.37 14.35 55.49
N ASP D 210 -21.81 14.41 56.69
CA ASP D 210 -20.38 14.65 56.88
C ASP D 210 -19.55 13.68 56.03
N TYR D 211 -19.95 12.41 56.09
CA TYR D 211 -19.19 11.34 55.51
C TYR D 211 -19.07 11.56 54.02
N ILE D 212 -20.16 11.99 53.36
CA ILE D 212 -20.13 12.21 51.92
C ILE D 212 -19.23 13.39 51.52
N VAL D 213 -19.28 14.48 52.29
CA VAL D 213 -18.57 15.72 51.91
C VAL D 213 -17.09 15.65 52.24
N GLU D 214 -16.73 14.91 53.27
CA GLU D 214 -15.33 14.82 53.71
C GLU D 214 -14.53 13.68 53.08
N HIS D 215 -15.16 12.81 52.31
CA HIS D 215 -14.48 11.66 51.75
C HIS D 215 -13.26 12.04 50.87
N LYS D 216 -12.13 11.34 51.05
CA LYS D 216 -10.85 11.62 50.37
C LYS D 216 -10.88 11.75 48.81
N LYS D 217 -11.82 11.07 48.16
CA LYS D 217 -11.87 10.96 46.69
C LYS D 217 -12.84 11.97 46.09
N VAL D 218 -13.53 12.73 46.93
CA VAL D 218 -14.39 13.85 46.43
C VAL D 218 -13.57 15.10 45.99
N ASN D 219 -13.87 15.60 44.77
CA ASN D 219 -13.15 16.76 44.17
C ASN D 219 -13.92 18.08 44.15
N LEU D 220 -15.25 17.98 44.14
CA LEU D 220 -16.11 19.12 44.00
C LEU D 220 -17.44 18.79 44.65
N ILE D 221 -18.00 19.78 45.37
CA ILE D 221 -19.27 19.64 46.03
C ILE D 221 -20.10 20.81 45.54
N THR D 222 -21.28 20.52 45.02
CA THR D 222 -22.24 21.52 44.57
C THR D 222 -23.52 21.28 45.32
N MET D 223 -23.93 22.34 46.03
CA MET D 223 -24.97 22.26 47.06
C MET D 223 -25.84 23.52 47.08
N THR D 224 -27.15 23.31 47.23
CA THR D 224 -28.10 24.37 47.60
C THR D 224 -28.86 23.95 48.84
N GLY D 225 -29.05 24.87 49.78
CA GLY D 225 -29.87 24.63 50.98
C GLY D 225 -29.73 25.76 52.00
N SER D 226 -29.56 25.41 53.27
CA SER D 226 -29.63 26.37 54.37
C SER D 226 -28.21 26.79 54.76
N THR D 227 -28.16 27.97 55.37
CA THR D 227 -26.90 28.60 55.78
C THR D 227 -26.16 27.59 56.63
N ALA D 228 -26.86 27.03 57.61
CA ALA D 228 -26.25 26.11 58.55
C ALA D 228 -25.61 24.91 57.86
N THR D 229 -26.27 24.32 56.91
CA THR D 229 -25.65 23.19 56.24
C THR D 229 -24.44 23.55 55.38
N GLY D 230 -24.51 24.66 54.68
CA GLY D 230 -23.37 25.17 53.93
C GLY D 230 -22.13 25.41 54.76
N GLN D 231 -22.32 25.97 55.96
CA GLN D 231 -21.20 26.21 56.88
C GLN D 231 -20.54 24.92 57.33
N ARG D 232 -21.36 23.95 57.67
CA ARG D 232 -20.87 22.62 58.02
C ARG D 232 -20.14 21.93 56.85
N ILE D 233 -20.71 22.02 55.66
CA ILE D 233 -20.05 21.48 54.46
C ILE D 233 -18.68 22.10 54.27
N MET D 234 -18.60 23.42 54.41
CA MET D 234 -17.32 24.11 54.26
C MET D 234 -16.31 23.65 55.34
N GLN D 235 -16.77 23.44 56.58
CA GLN D 235 -15.87 22.93 57.62
C GLN D 235 -15.33 21.55 57.22
N LYS D 236 -16.23 20.66 56.85
CA LYS D 236 -15.85 19.29 56.56
C LYS D 236 -15.04 19.14 55.27
N ALA D 237 -15.22 20.03 54.30
CA ALA D 237 -14.49 19.88 53.05
C ALA D 237 -13.07 20.43 53.19
N SER D 238 -12.71 20.98 54.35
CA SER D 238 -11.28 21.19 54.60
C SER D 238 -10.46 19.88 54.63
N ALA D 239 -11.10 18.73 54.86
CA ALA D 239 -10.35 17.46 54.84
C ALA D 239 -9.86 17.07 53.44
N ASN D 240 -10.57 17.52 52.41
CA ASN D 240 -10.17 17.20 51.01
C ASN D 240 -9.89 18.40 50.07
N MET D 241 -10.12 19.64 50.55
CA MET D 241 -10.07 20.86 49.72
C MET D 241 -11.03 20.81 48.56
N ALA D 242 -12.18 20.20 48.70
CA ALA D 242 -13.05 20.14 47.52
C ALA D 242 -13.34 21.53 47.02
N LYS D 243 -13.33 21.76 45.71
CA LYS D 243 -13.92 22.99 45.19
C LYS D 243 -15.38 23.03 45.63
N LEU D 244 -15.87 24.17 46.11
CA LEU D 244 -17.31 24.30 46.56
C LEU D 244 -18.16 25.23 45.68
N ILE D 245 -19.41 24.84 45.48
CA ILE D 245 -20.44 25.67 44.87
C ILE D 245 -21.61 25.60 45.83
N LEU D 246 -21.82 26.66 46.62
CA LEU D 246 -22.86 26.67 47.64
C LEU D 246 -23.77 27.83 47.40
N GLU D 247 -25.06 27.55 47.38
CA GLU D 247 -26.03 28.62 47.35
C GLU D 247 -26.94 28.44 48.57
N LEU D 248 -26.86 29.38 49.49
CA LEU D 248 -27.44 29.20 50.79
C LEU D 248 -28.63 30.14 51.07
N GLY D 249 -29.36 30.57 50.04
CA GLY D 249 -30.62 31.32 50.25
C GLY D 249 -30.36 32.79 50.54
N GLY D 250 -31.38 33.47 51.09
CA GLY D 250 -31.36 34.90 51.16
C GLY D 250 -32.36 35.61 52.04
N LYS D 251 -32.37 36.93 51.86
CA LYS D 251 -33.24 37.88 52.62
C LYS D 251 -33.49 39.08 51.71
N ALA D 252 -34.14 38.79 50.58
CA ALA D 252 -34.33 39.77 49.51
C ALA D 252 -35.11 41.00 49.92
N PRO D 253 -34.47 42.20 49.83
CA PRO D 253 -35.26 43.41 49.99
C PRO D 253 -36.01 43.69 48.70
N PHE D 254 -37.23 44.20 48.84
CA PHE D 254 -38.13 44.52 47.78
C PHE D 254 -38.47 45.98 47.98
N MET D 255 -38.02 46.83 47.06
CA MET D 255 -37.97 48.31 47.20
C MET D 255 -38.81 49.02 46.12
N VAL D 256 -39.80 49.80 46.57
CA VAL D 256 -40.75 50.49 45.73
C VAL D 256 -40.58 51.98 45.92
N TRP D 257 -39.88 52.63 44.98
CA TRP D 257 -39.71 54.08 45.00
C TRP D 257 -41.03 54.78 44.65
N LYS D 258 -41.11 56.09 44.95
CA LYS D 258 -42.35 56.88 44.82
C LYS D 258 -42.95 56.87 43.43
N ASP D 259 -42.09 56.73 42.42
CA ASP D 259 -42.51 56.80 41.01
C ASP D 259 -42.72 55.43 40.36
N ALA D 260 -42.80 54.37 41.16
CA ALA D 260 -43.05 53.04 40.65
C ALA D 260 -44.42 52.91 39.99
N ASP D 261 -44.52 52.07 38.96
CA ASP D 261 -45.84 51.60 38.49
C ASP D 261 -46.45 50.68 39.55
N MET D 262 -47.54 51.13 40.19
CA MET D 262 -48.15 50.40 41.33
C MET D 262 -48.64 48.96 40.97
N ASP D 263 -49.39 48.82 39.88
CA ASP D 263 -49.87 47.48 39.45
C ASP D 263 -48.74 46.44 39.29
N ASN D 264 -47.71 46.82 38.54
CA ASN D 264 -46.55 45.97 38.31
C ASN D 264 -45.71 45.64 39.54
N ALA D 265 -45.50 46.64 40.41
CA ALA D 265 -44.86 46.40 41.69
C ALA D 265 -45.68 45.38 42.52
N LEU D 266 -46.99 45.57 42.60
CA LEU D 266 -47.88 44.64 43.37
C LEU D 266 -47.94 43.20 42.82
N LYS D 267 -48.02 43.11 41.51
CA LYS D 267 -47.95 41.79 40.82
C LYS D 267 -46.68 41.05 41.18
N THR D 268 -45.56 41.75 41.03
CA THR D 268 -44.26 41.16 41.24
C THR D 268 -44.13 40.75 42.70
N LEU D 269 -44.62 41.61 43.62
CA LEU D 269 -44.61 41.29 45.05
C LEU D 269 -45.48 40.05 45.37
N LEU D 270 -46.65 39.95 44.73
CA LEU D 270 -47.45 38.73 44.86
C LEU D 270 -46.59 37.52 44.50
N TRP D 271 -45.86 37.60 43.38
CA TRP D 271 -45.00 36.50 42.95
C TRP D 271 -43.86 36.27 43.95
N ALA D 272 -43.15 37.35 44.28
CA ALA D 272 -41.91 37.23 45.04
C ALA D 272 -42.15 36.72 46.45
N LYS D 273 -43.27 37.07 47.05
CA LYS D 273 -43.59 36.53 48.41
C LYS D 273 -44.28 35.15 48.39
N TYR D 274 -45.26 34.94 47.51
CA TYR D 274 -46.14 33.75 47.58
C TYR D 274 -45.79 32.55 46.69
N TRP D 275 -45.05 32.80 45.62
CA TRP D 275 -44.53 31.72 44.75
C TRP D 275 -43.85 30.67 45.62
N ASN D 276 -44.26 29.40 45.44
CA ASN D 276 -43.79 28.29 46.24
C ASN D 276 -43.92 28.54 47.77
N ALA D 277 -44.99 29.22 48.14
CA ALA D 277 -45.26 29.64 49.52
C ALA D 277 -44.10 30.44 50.17
N GLY D 278 -43.38 31.23 49.36
CA GLY D 278 -42.21 31.95 49.84
C GLY D 278 -40.99 31.09 50.16
N GLN D 279 -41.01 29.81 49.76
CA GLN D 279 -39.92 28.89 50.10
C GLN D 279 -38.95 28.92 48.92
N SER D 280 -38.36 30.10 48.76
CA SER D 280 -37.60 30.44 47.60
C SER D 280 -36.36 31.16 48.04
N ILE D 282 -34.96 33.30 46.47
CA ILE D 282 -35.02 34.69 46.03
C ILE D 282 -36.32 35.37 46.45
N ALA D 283 -36.99 34.78 47.43
CA ALA D 283 -38.27 35.32 47.89
C ALA D 283 -38.12 36.75 48.47
N ALA D 284 -39.13 37.59 48.21
CA ALA D 284 -39.28 38.83 48.97
C ALA D 284 -39.34 38.51 50.47
N GLU D 285 -38.40 39.07 51.24
CA GLU D 285 -38.35 38.84 52.67
C GLU D 285 -38.44 40.10 53.50
N ARG D 286 -38.32 41.30 52.90
CA ARG D 286 -38.41 42.59 53.59
C ARG D 286 -39.01 43.54 52.58
N LEU D 287 -39.98 44.33 52.98
CA LEU D 287 -40.60 45.26 52.04
C LEU D 287 -40.34 46.71 52.44
N TYR D 288 -39.80 47.50 51.52
CA TYR D 288 -39.55 48.95 51.77
C TYR D 288 -40.28 49.79 50.74
N VAL D 289 -41.23 50.61 51.18
CA VAL D 289 -42.06 51.36 50.23
C VAL D 289 -41.93 52.81 50.52
N HIS D 290 -41.85 53.62 49.47
CA HIS D 290 -41.69 55.08 49.67
C HIS D 290 -42.83 55.65 50.50
N GLU D 291 -42.51 56.53 51.45
CA GLU D 291 -43.53 57.14 52.32
C GLU D 291 -44.70 57.79 51.61
N ASP D 292 -44.48 58.44 50.49
CA ASP D 292 -45.57 58.96 49.65
C ASP D 292 -46.64 57.98 49.21
N ILE D 293 -46.30 56.71 49.02
CA ILE D 293 -47.28 55.71 48.54
C ILE D 293 -47.47 54.53 49.50
N TYR D 294 -46.89 54.58 50.70
CA TYR D 294 -46.84 53.43 51.61
C TYR D 294 -48.22 52.93 51.97
N ASP D 295 -49.09 53.86 52.32
CA ASP D 295 -50.47 53.57 52.76
C ASP D 295 -51.33 52.89 51.67
N THR D 296 -51.44 53.50 50.51
CA THR D 296 -52.12 52.89 49.38
C THR D 296 -51.50 51.53 49.03
N PHE D 297 -50.17 51.45 49.00
CA PHE D 297 -49.51 50.20 48.62
C PHE D 297 -49.78 49.05 49.59
N MET D 298 -49.54 49.26 50.90
CA MET D 298 -49.86 48.24 51.90
C MET D 298 -51.35 47.88 51.87
N SER D 299 -52.19 48.88 51.60
CA SER D 299 -53.62 48.69 51.55
C SER D 299 -53.96 47.68 50.48
N ARG D 300 -53.51 47.94 49.27
CA ARG D 300 -53.74 47.03 48.14
C ARG D 300 -53.03 45.70 48.31
N PHE D 301 -51.85 45.71 48.92
CA PHE D 301 -51.16 44.44 49.18
C PHE D 301 -51.95 43.47 50.11
N VAL D 302 -52.61 44.02 51.14
CA VAL D 302 -53.50 43.24 52.03
C VAL D 302 -54.80 42.78 51.29
N GLU D 303 -55.46 43.67 50.55
CA GLU D 303 -56.67 43.33 49.77
C GLU D 303 -56.40 42.17 48.82
N LEU D 304 -55.24 42.20 48.14
CA LEU D 304 -54.89 41.14 47.19
C LEU D 304 -54.52 39.82 47.86
N SER D 305 -53.75 39.88 48.96
CA SER D 305 -53.30 38.66 49.71
C SER D 305 -54.49 37.85 50.32
N ARG D 306 -55.51 38.57 50.77
CA ARG D 306 -56.76 37.99 51.32
C ARG D 306 -57.44 37.03 50.33
N LYS D 307 -57.18 37.26 49.04
CA LYS D 307 -57.81 36.52 47.93
C LYS D 307 -57.07 35.29 47.45
N LEU D 308 -55.82 35.12 47.85
CA LEU D 308 -55.10 33.91 47.47
C LEU D 308 -55.69 32.65 48.14
N ALA D 309 -55.99 31.63 47.30
CA ALA D 309 -56.57 30.38 47.77
C ALA D 309 -55.43 29.47 48.18
N LEU D 310 -55.54 28.87 49.37
CA LEU D 310 -54.61 27.82 49.81
C LEU D 310 -55.24 26.44 49.60
N GLY D 311 -54.43 25.38 49.55
CA GLY D 311 -54.96 23.98 49.47
C GLY D 311 -54.52 23.11 48.30
N ASP D 312 -55.46 22.43 47.64
CA ASP D 312 -55.13 21.37 46.66
C ASP D 312 -54.40 21.93 45.40
N PRO D 313 -53.30 21.26 44.95
CA PRO D 313 -52.55 21.61 43.73
C PRO D 313 -53.36 21.89 42.45
N LYS D 314 -54.55 21.32 42.30
CA LYS D 314 -55.37 21.53 41.08
C LYS D 314 -55.89 22.97 40.95
N ASN D 315 -56.21 23.59 42.09
CA ASN D 315 -56.93 24.89 42.12
C ASN D 315 -56.35 25.99 43.01
N ALA D 316 -55.44 25.67 43.93
CA ALA D 316 -54.88 26.71 44.86
C ALA D 316 -53.89 27.63 44.17
N ASP D 317 -53.74 28.84 44.71
CA ASP D 317 -52.71 29.78 44.35
C ASP D 317 -51.45 29.56 45.13
N MET D 318 -51.55 28.95 46.31
CA MET D 318 -50.37 28.73 47.14
C MET D 318 -50.49 27.39 47.88
N GLY D 319 -49.47 26.57 47.78
CA GLY D 319 -49.40 25.32 48.53
C GLY D 319 -48.82 25.43 49.95
N PRO D 320 -48.57 24.28 50.58
CA PRO D 320 -48.11 24.22 51.96
C PRO D 320 -46.59 24.23 52.14
N LEU D 321 -46.21 24.47 53.38
CA LEU D 321 -44.84 24.27 53.81
C LEU D 321 -44.41 22.75 53.70
N ILE D 322 -43.12 22.50 53.53
CA ILE D 322 -42.67 21.14 53.16
C ILE D 322 -42.89 20.04 54.21
N ASN D 323 -42.87 20.38 55.49
CA ASN D 323 -42.97 19.39 56.57
C ASN D 323 -43.42 20.08 57.89
N LYS D 324 -43.63 19.29 58.96
CA LYS D 324 -44.16 19.84 60.23
C LYS D 324 -43.15 20.78 60.93
N GLY D 325 -41.85 20.52 60.79
CA GLY D 325 -40.81 21.33 61.44
C GLY D 325 -40.75 22.75 60.92
N ALA D 326 -40.90 22.89 59.60
CA ALA D 326 -41.09 24.21 58.95
C ALA D 326 -42.41 24.88 59.35
N LEU D 327 -43.47 24.10 59.52
CA LEU D 327 -44.71 24.64 60.10
C LEU D 327 -44.47 25.27 61.52
N GLN D 328 -44.02 24.48 62.49
CA GLN D 328 -43.77 25.02 63.86
C GLN D 328 -42.73 26.19 63.87
N ALA D 329 -41.69 26.13 63.04
CA ALA D 329 -40.72 27.23 62.90
C ALA D 329 -41.36 28.54 62.45
N THR D 330 -42.32 28.46 61.53
CA THR D 330 -43.02 29.64 61.04
C THR D 330 -43.89 30.29 62.10
N SER D 331 -44.67 29.48 62.83
CA SER D 331 -45.43 29.96 64.00
C SER D 331 -44.57 30.65 65.04
N GLU D 332 -43.40 30.06 65.31
CA GLU D 332 -42.48 30.62 66.28
C GLU D 332 -41.91 31.96 65.81
N ILE D 333 -41.77 32.12 64.49
CA ILE D 333 -41.40 33.39 63.86
C ILE D 333 -42.52 34.44 64.03
N VAL D 334 -43.75 34.10 63.65
CA VAL D 334 -44.86 35.05 63.81
C VAL D 334 -45.09 35.43 65.30
N GLU D 335 -44.90 34.49 66.23
CA GLU D 335 -45.06 34.78 67.68
C GLU D 335 -43.96 35.67 68.28
N GLU D 336 -42.69 35.33 68.02
CA GLU D 336 -41.55 36.22 68.33
C GLU D 336 -41.82 37.63 67.84
N ALA D 337 -42.32 37.75 66.60
CA ALA D 337 -42.73 39.07 66.06
C ALA D 337 -43.82 39.83 66.89
N LYS D 338 -44.97 39.20 67.18
CA LYS D 338 -46.03 39.89 67.99
C LYS D 338 -45.58 40.20 69.43
N GLU D 339 -44.83 39.27 70.04
CA GLU D 339 -44.28 39.48 71.38
C GLU D 339 -43.26 40.66 71.43
N SER D 340 -42.72 41.09 70.28
CA SER D 340 -41.78 42.23 70.23
C SER D 340 -42.39 43.59 69.84
N GLY D 341 -43.73 43.70 69.79
CA GLY D 341 -44.42 44.99 69.44
C GLY D 341 -44.90 45.14 68.00
N ALA D 342 -44.70 44.11 67.19
CA ALA D 342 -45.14 44.10 65.80
C ALA D 342 -46.66 43.95 65.69
N LYS D 343 -47.24 44.62 64.68
CA LYS D 343 -48.66 44.58 64.37
C LYS D 343 -48.85 43.64 63.18
N ILE D 344 -49.80 42.71 63.30
CA ILE D 344 -50.22 41.83 62.19
C ILE D 344 -51.25 42.62 61.36
N LEU D 345 -50.95 42.96 60.10
CA LEU D 345 -51.91 43.62 59.19
C LEU D 345 -52.80 42.57 58.43
N PHE D 346 -52.32 41.34 58.29
CA PHE D 346 -53.12 40.24 57.77
C PHE D 346 -52.45 38.90 58.14
N GLY D 347 -53.25 37.84 58.31
CA GLY D 347 -52.74 36.49 58.51
C GLY D 347 -52.20 36.18 59.90
N GLY D 348 -51.17 35.37 59.97
CA GLY D 348 -50.59 35.00 61.24
C GLY D 348 -50.85 33.63 61.80
N SER D 349 -51.47 32.75 61.03
CA SER D 349 -51.76 31.40 61.51
C SER D 349 -52.05 30.48 60.32
N GLN D 350 -52.62 29.31 60.58
CA GLN D 350 -53.04 28.37 59.54
C GLN D 350 -54.39 28.89 59.12
N PRO D 351 -54.88 28.58 57.92
CA PRO D 351 -56.13 29.16 57.33
C PRO D 351 -57.40 28.52 57.82
N TYR D 357 -56.95 17.55 54.30
CA TYR D 357 -56.39 18.82 53.94
C TYR D 357 -56.00 19.70 55.15
N ARG D 358 -56.77 19.62 56.25
CA ARG D 358 -56.45 20.34 57.50
C ARG D 358 -55.30 19.67 58.28
N ASN D 359 -54.96 18.42 57.95
CA ASN D 359 -53.77 17.75 58.52
C ASN D 359 -52.45 18.15 57.87
N GLY D 360 -52.52 18.94 56.81
CA GLY D 360 -51.35 19.37 56.07
C GLY D 360 -50.62 20.54 56.68
N TYR D 361 -49.49 20.92 56.10
CA TYR D 361 -48.69 22.02 56.62
C TYR D 361 -48.91 23.38 56.00
N PHE D 362 -50.15 23.82 55.90
CA PHE D 362 -50.42 25.13 55.33
C PHE D 362 -50.29 26.31 56.31
N PHE D 363 -49.94 27.47 55.81
CA PHE D 363 -49.80 28.69 56.62
C PHE D 363 -50.20 29.87 55.78
N LEU D 364 -51.05 30.72 56.30
CA LEU D 364 -51.55 31.88 55.56
C LEU D 364 -50.58 33.02 55.30
N PRO D 365 -50.85 33.79 54.25
CA PRO D 365 -50.06 34.99 53.97
C PRO D 365 -50.07 35.88 55.20
N THR D 366 -48.91 36.35 55.62
CA THR D 366 -48.83 37.09 56.86
C THR D 366 -48.05 38.37 56.57
N ILE D 367 -48.65 39.52 56.91
CA ILE D 367 -48.09 40.83 56.60
C ILE D 367 -47.93 41.53 57.94
N ILE D 368 -46.70 41.81 58.30
CA ILE D 368 -46.39 42.42 59.56
C ILE D 368 -45.96 43.87 59.42
N GLY D 369 -46.58 44.72 60.22
CA GLY D 369 -46.31 46.14 60.21
C GLY D 369 -45.46 46.62 61.35
N ASN D 370 -44.93 47.81 61.18
CA ASN D 370 -44.11 48.43 62.17
C ASN D 370 -43.18 47.56 62.99
N ALA D 371 -42.22 46.95 62.32
CA ALA D 371 -41.24 46.13 62.99
C ALA D 371 -39.89 46.77 62.73
N ASP D 372 -38.98 46.63 63.68
CA ASP D 372 -37.67 47.23 63.57
C ASP D 372 -36.76 46.60 62.52
N GLN D 373 -36.04 47.44 61.80
CA GLN D 373 -35.10 46.99 60.81
C GLN D 373 -34.13 46.02 61.43
N LYS D 374 -33.91 46.11 62.74
CA LYS D 374 -32.96 45.22 63.40
C LYS D 374 -33.55 43.94 63.99
N SER D 375 -34.84 43.81 63.85
CA SER D 375 -35.62 42.67 64.41
C SER D 375 -35.35 41.32 63.68
N LYS D 376 -35.69 40.21 64.34
CA LYS D 376 -35.55 38.84 63.75
C LYS D 376 -36.27 38.75 62.37
N ILE D 377 -37.41 39.40 62.24
CA ILE D 377 -38.21 39.43 61.01
C ILE D 377 -37.50 40.07 59.82
N PHE D 378 -36.71 41.11 60.09
CA PHE D 378 -35.94 41.82 59.09
C PHE D 378 -34.50 41.31 58.97
N GLN D 379 -34.04 40.45 59.86
CA GLN D 379 -32.64 39.99 59.81
C GLN D 379 -32.43 38.49 59.62
N GLU D 380 -33.45 37.65 59.80
CA GLU D 380 -33.23 36.20 59.79
C GLU D 380 -34.16 35.62 58.70
N GLU D 381 -33.64 34.72 57.86
CA GLU D 381 -34.42 34.13 56.76
C GLU D 381 -35.73 33.54 57.28
N ILE D 382 -36.84 33.91 56.66
CA ILE D 382 -38.15 33.34 56.96
C ILE D 382 -38.41 32.00 56.18
N PHE D 383 -38.44 32.05 54.83
CA PHE D 383 -38.60 30.84 53.96
C PHE D 383 -40.04 30.28 54.16
N ALA D 384 -41.01 31.19 54.01
CA ALA D 384 -42.42 31.01 54.35
C ALA D 384 -43.14 32.32 53.95
N PRO D 385 -44.45 32.30 53.86
CA PRO D 385 -45.16 33.48 53.36
C PRO D 385 -45.35 34.61 54.35
N VAL D 386 -44.31 34.94 55.08
CA VAL D 386 -44.38 36.01 56.05
C VAL D 386 -43.53 37.16 55.56
N ILE D 387 -43.99 38.38 55.74
CA ILE D 387 -43.23 39.56 55.34
C ILE D 387 -43.49 40.84 56.17
N GLY D 388 -42.42 41.57 56.45
CA GLY D 388 -42.48 42.81 57.19
C GLY D 388 -42.23 44.02 56.31
N ALA D 389 -42.94 45.12 56.56
CA ALA D 389 -42.84 46.33 55.79
C ALA D 389 -42.33 47.56 56.57
N ARG D 390 -41.72 48.51 55.86
CA ARG D 390 -41.21 49.76 56.42
C ARG D 390 -41.22 50.86 55.39
N LYS D 391 -41.35 52.10 55.84
CA LYS D 391 -41.31 53.30 55.00
C LYS D 391 -39.87 53.60 54.66
N ILE D 392 -39.67 54.27 53.52
CA ILE D 392 -38.40 54.92 53.15
C ILE D 392 -38.65 56.30 52.52
N SER D 393 -37.63 57.16 52.55
CA SER D 393 -37.75 58.56 52.03
C SER D 393 -36.54 59.09 51.27
N SER D 394 -35.43 58.36 51.25
CA SER D 394 -34.28 58.76 50.46
C SER D 394 -33.58 57.54 49.82
N VAL D 395 -32.91 57.81 48.72
CA VAL D 395 -32.24 56.78 47.93
C VAL D 395 -31.08 56.22 48.76
N GLU D 396 -30.30 57.11 49.36
CA GLU D 396 -29.20 56.68 50.22
C GLU D 396 -29.67 55.83 51.39
N GLU D 397 -30.80 56.18 51.96
CA GLU D 397 -31.42 55.35 53.02
C GLU D 397 -31.78 53.94 52.49
N MET D 398 -32.40 53.91 51.32
CA MET D 398 -32.87 52.65 50.71
C MET D 398 -31.72 51.67 50.48
N TYR D 399 -30.60 52.16 49.94
CA TYR D 399 -29.40 51.35 49.79
C TYR D 399 -28.91 50.82 51.14
N ASP D 400 -28.75 51.71 52.14
CA ASP D 400 -28.27 51.30 53.44
C ASP D 400 -29.15 50.27 54.13
N LEU D 401 -30.46 50.43 54.04
CA LEU D 401 -31.42 49.41 54.55
C LEU D 401 -31.29 48.06 53.84
N ALA D 402 -31.24 48.10 52.52
CA ALA D 402 -31.05 46.90 51.73
C ALA D 402 -29.78 46.18 52.11
N ASN D 403 -28.65 46.88 52.08
CA ASN D 403 -27.34 46.27 52.37
C ASN D 403 -27.09 45.85 53.83
N ASP D 404 -27.95 46.31 54.73
CA ASP D 404 -27.95 45.96 56.18
C ASP D 404 -28.52 44.54 56.46
N SER D 405 -27.76 43.53 56.10
CA SER D 405 -28.14 42.14 56.19
C SER D 405 -26.92 41.26 56.11
N LYS D 406 -26.99 40.07 56.69
CA LYS D 406 -25.94 39.07 56.48
C LYS D 406 -26.07 38.33 55.13
N TYR D 407 -27.23 38.44 54.48
CA TYR D 407 -27.50 37.75 53.25
C TYR D 407 -27.18 38.65 52.08
N GLY D 408 -27.22 38.13 50.84
CA GLY D 408 -26.78 38.93 49.70
C GLY D 408 -27.12 38.38 48.33
N LEU D 409 -28.26 37.67 48.23
CA LEU D 409 -28.63 37.01 46.97
C LEU D 409 -29.50 37.91 46.08
N ALA D 410 -30.83 37.80 46.15
CA ALA D 410 -31.71 38.64 45.32
C ALA D 410 -32.20 39.89 46.00
N SER D 411 -32.75 40.79 45.20
CA SER D 411 -33.26 42.05 45.60
C SER D 411 -34.13 42.51 44.43
N TYR D 412 -35.14 43.33 44.73
CA TYR D 412 -36.12 43.89 43.75
C TYR D 412 -36.24 45.40 43.88
N LEU D 413 -36.36 46.08 42.74
CA LEU D 413 -36.47 47.54 42.69
C LEU D 413 -37.47 48.03 41.65
N PHE D 414 -38.43 48.85 42.07
CA PHE D 414 -39.43 49.49 41.23
C PHE D 414 -39.36 51.02 41.23
N THR D 415 -39.01 51.58 40.08
CA THR D 415 -38.79 53.00 39.94
C THR D 415 -38.65 53.31 38.46
N LYS D 416 -38.94 54.54 38.05
CA LYS D 416 -38.76 55.01 36.68
C LYS D 416 -37.57 56.02 36.58
N ASP D 417 -36.89 56.33 37.69
CA ASP D 417 -35.75 57.24 37.65
C ASP D 417 -34.49 56.49 37.21
N PRO D 418 -33.99 56.81 36.00
CA PRO D 418 -32.85 56.08 35.45
C PRO D 418 -31.55 56.28 36.29
N ASN D 419 -31.40 57.39 37.00
CA ASN D 419 -30.22 57.54 37.88
C ASN D 419 -30.18 56.60 39.12
N ILE D 420 -31.33 56.21 39.64
CA ILE D 420 -31.39 55.22 40.70
C ILE D 420 -31.08 53.82 40.10
N ILE D 421 -31.67 53.50 38.94
CA ILE D 421 -31.45 52.20 38.31
C ILE D 421 -29.95 51.97 38.05
N PHE D 422 -29.30 52.89 37.35
CA PHE D 422 -27.88 52.72 37.08
C PHE D 422 -27.04 52.82 38.32
N GLU D 423 -27.37 53.70 39.24
CA GLU D 423 -26.59 53.76 40.48
C GLU D 423 -26.80 52.53 41.39
N ALA D 424 -28.06 52.08 41.53
CA ALA D 424 -28.39 50.86 42.28
C ALA D 424 -27.65 49.64 41.76
N SER D 425 -27.36 49.59 40.48
CA SER D 425 -26.61 48.46 39.91
C SER D 425 -25.23 48.25 40.55
N GLU D 426 -24.62 49.33 41.07
CA GLU D 426 -23.38 49.19 41.90
C GLU D 426 -23.64 49.18 43.39
N ARG D 427 -24.55 50.04 43.84
CA ARG D 427 -24.72 50.32 45.27
C ARG D 427 -25.53 49.25 46.02
N ILE D 428 -26.41 48.53 45.32
CA ILE D 428 -27.16 47.45 45.96
C ILE D 428 -26.25 46.25 45.94
N ARG D 429 -25.72 45.84 47.09
CA ARG D 429 -24.66 44.84 47.10
C ARG D 429 -25.24 43.42 47.23
N PHE D 430 -25.89 43.03 46.14
CA PHE D 430 -26.65 41.80 46.03
C PHE D 430 -26.32 41.19 44.68
N GLY D 431 -26.23 39.86 44.65
CA GLY D 431 -25.88 39.16 43.44
C GLY D 431 -26.87 39.31 42.29
N GLU D 432 -28.13 39.56 42.64
CA GLU D 432 -29.19 39.68 41.66
C GLU D 432 -30.06 40.83 42.01
N LEU D 433 -30.31 41.70 41.04
CA LEU D 433 -31.17 42.86 41.23
C LEU D 433 -32.17 42.89 40.13
N TYR D 434 -33.43 42.66 40.50
CA TYR D 434 -34.52 42.63 39.50
C TYR D 434 -35.19 44.00 39.44
N VAL D 435 -35.14 44.65 38.29
CA VAL D 435 -35.57 46.04 38.18
C VAL D 435 -36.81 46.10 37.33
N ASN D 436 -37.96 46.46 37.96
CA ASN D 436 -39.31 46.50 37.32
C ASN D 436 -39.81 45.18 36.66
N MET D 437 -39.39 44.05 37.24
CA MET D 437 -39.81 42.73 36.82
C MET D 437 -39.63 41.71 37.95
N PRO D 438 -40.35 40.56 37.89
CA PRO D 438 -40.08 39.48 38.84
C PRO D 438 -38.86 38.62 38.52
N GLY D 439 -38.45 37.77 39.47
CA GLY D 439 -37.66 36.57 39.14
C GLY D 439 -38.54 35.61 38.34
N PRO D 440 -38.14 34.37 38.12
CA PRO D 440 -36.92 33.78 38.64
C PRO D 440 -35.70 34.08 37.77
N GLU D 441 -34.54 33.68 38.24
CA GLU D 441 -33.30 33.86 37.48
C GLU D 441 -33.30 33.08 36.19
N ALA D 442 -32.55 33.50 35.20
CA ALA D 442 -32.52 32.79 33.89
C ALA D 442 -31.25 31.91 33.80
N SER D 443 -31.22 30.94 32.89
CA SER D 443 -30.03 30.08 32.79
C SER D 443 -28.77 30.80 32.37
N GLN D 444 -28.94 31.90 31.65
CA GLN D 444 -27.82 32.72 31.21
C GLN D 444 -27.25 33.69 32.27
N GLY D 445 -27.91 33.79 33.44
CA GLY D 445 -27.54 34.70 34.53
C GLY D 445 -26.63 33.88 35.40
N TYR D 446 -25.78 34.54 36.17
CA TYR D 446 -24.88 33.85 37.06
C TYR D 446 -25.47 34.03 38.45
N HIS D 447 -26.25 33.04 38.85
CA HIS D 447 -26.96 33.01 40.14
C HIS D 447 -25.96 32.93 41.27
N THR D 448 -25.81 34.01 42.03
CA THR D 448 -24.74 34.08 43.05
C THR D 448 -25.08 35.17 44.09
N GLY D 449 -24.28 35.32 45.14
CA GLY D 449 -24.48 36.49 46.00
C GLY D 449 -23.33 36.85 46.88
N PHE D 450 -23.59 37.86 47.72
CA PHE D 450 -22.61 38.44 48.64
C PHE D 450 -22.83 37.88 50.05
N ARG D 451 -21.83 38.13 50.88
CA ARG D 451 -21.91 37.86 52.33
C ARG D 451 -22.23 36.36 52.61
N MET D 452 -23.34 35.99 53.28
CA MET D 452 -23.54 34.57 53.66
C MET D 452 -24.26 33.72 52.58
N THR D 453 -24.27 34.19 51.35
CA THR D 453 -24.94 33.50 50.26
C THR D 453 -24.25 32.20 49.86
N GLY D 454 -22.93 32.16 49.93
CA GLY D 454 -22.21 30.90 49.76
C GLY D 454 -20.90 31.03 49.04
N GLN D 455 -20.69 30.13 48.06
CA GLN D 455 -19.45 30.09 47.33
C GLN D 455 -19.77 29.92 45.84
N ALA D 456 -19.01 30.63 45.01
CA ALA D 456 -19.11 30.58 43.56
C ALA D 456 -20.55 30.88 43.08
N GLY D 457 -21.04 30.19 42.05
CA GLY D 457 -22.39 30.51 41.50
C GLY D 457 -22.75 29.56 40.37
N GLU D 458 -23.97 29.70 39.81
CA GLU D 458 -24.55 28.72 38.89
C GLU D 458 -25.27 29.46 37.76
N GLY D 459 -25.20 28.93 36.56
CA GLY D 459 -25.70 29.63 35.38
C GLY D 459 -24.63 30.46 34.69
N SER D 460 -24.90 30.71 33.42
CA SER D 460 -24.02 31.43 32.52
C SER D 460 -22.79 30.64 32.23
N LYS D 461 -22.03 31.15 31.28
CA LYS D 461 -20.69 30.69 31.01
C LYS D 461 -19.87 30.50 32.31
N TYR D 462 -19.98 31.46 33.20
CA TYR D 462 -19.13 31.42 34.42
C TYR D 462 -19.56 30.29 35.37
N GLY D 463 -20.82 29.92 35.36
CA GLY D 463 -21.33 28.90 36.21
C GLY D 463 -20.98 27.51 35.72
N ILE D 464 -21.13 27.24 34.44
CA ILE D 464 -20.74 25.94 33.98
C ILE D 464 -19.22 25.79 34.13
N SER D 465 -18.49 26.88 33.95
CA SER D 465 -17.05 26.87 34.13
C SER D 465 -16.59 26.59 35.56
N GLU D 466 -17.47 26.68 36.54
CA GLU D 466 -17.10 26.32 37.91
C GLU D 466 -16.83 24.81 38.05
N TYR D 467 -17.28 24.02 37.07
CA TYR D 467 -17.09 22.58 37.02
C TYR D 467 -15.91 22.13 36.20
N LEU D 468 -15.14 23.09 35.68
CA LEU D 468 -13.91 22.82 34.99
C LEU D 468 -12.76 23.40 35.80
N LYS D 469 -11.65 22.68 35.84
CA LYS D 469 -10.43 23.19 36.47
C LYS D 469 -9.43 23.59 35.36
N LEU D 470 -8.79 24.72 35.48
CA LEU D 470 -7.84 25.14 34.51
C LEU D 470 -6.45 24.64 34.86
N LYS D 471 -5.76 23.96 33.97
CA LYS D 471 -4.41 23.50 34.26
C LYS D 471 -3.44 24.07 33.23
N ASN D 472 -2.18 24.22 33.60
CA ASN D 472 -1.16 24.76 32.72
C ASN D 472 -0.08 23.79 32.31
N ILE D 473 0.36 23.92 31.07
CA ILE D 473 1.45 23.18 30.53
C ILE D 473 2.37 24.19 29.91
N TYR D 474 3.55 24.33 30.53
CA TYR D 474 4.63 25.15 30.07
C TYR D 474 5.58 24.28 29.22
N VAL D 475 5.78 24.66 27.97
CA VAL D 475 6.62 23.92 27.04
C VAL D 475 7.77 24.79 26.53
N ASP D 476 9.01 24.25 26.55
CA ASP D 476 10.19 24.82 25.89
C ASP D 476 10.55 23.95 24.72
N TYR D 477 10.54 24.57 23.53
CA TYR D 477 10.85 23.92 22.31
C TYR D 477 12.01 24.60 21.62
N SER D 478 12.92 25.22 22.35
CA SER D 478 14.12 25.77 21.72
C SER D 478 14.97 24.67 21.05
N GLY D 479 14.90 23.44 21.53
CA GLY D 479 15.84 22.42 21.10
C GLY D 479 17.30 22.74 21.51
N LYS D 480 17.51 23.72 22.40
CA LYS D 480 18.86 24.23 22.67
C LYS D 480 19.23 24.03 24.17
N PRO D 481 20.53 24.11 24.52
CA PRO D 481 20.81 24.09 25.98
C PRO D 481 20.00 25.12 26.75
N LEU D 482 19.37 24.73 27.85
CA LEU D 482 18.78 25.67 28.83
C LEU D 482 19.81 26.50 29.61
N HIS D 483 19.37 27.67 30.02
CA HIS D 483 20.15 28.55 30.85
C HIS D 483 19.25 28.92 31.98
N ILE D 484 19.73 28.61 33.18
CA ILE D 484 19.03 28.92 34.39
C ILE D 484 19.97 29.81 35.24
N ASN D 485 19.40 30.89 35.75
CA ASN D 485 20.12 31.98 36.31
C ASN D 485 21.06 31.53 37.52
N THR D 486 20.57 30.59 38.32
CA THR D 486 21.28 29.99 39.46
C THR D 486 22.16 28.71 39.16
N VAL D 487 22.35 28.36 37.90
CA VAL D 487 23.09 27.17 37.53
C VAL D 487 24.18 27.40 36.50
N ARG D 488 25.36 26.80 36.67
CA ARG D 488 26.45 27.02 35.72
C ARG D 488 26.49 26.22 34.40
N ASP D 489 26.67 26.94 33.31
CA ASP D 489 26.76 26.30 32.02
C ASP D 489 28.00 25.41 31.98
N ASP D 490 29.09 25.90 32.53
CA ASP D 490 30.36 25.16 32.56
C ASP D 490 30.30 23.81 33.25
N LEU D 491 29.27 23.59 34.07
CA LEU D 491 29.08 22.32 34.74
C LEU D 491 28.72 21.22 33.73
N PHE D 492 28.51 21.60 32.47
CA PHE D 492 28.21 20.68 31.38
C PHE D 492 28.90 21.21 30.13
N MET E 1 6.55 -42.51 -72.80
CA MET E 1 7.59 -41.64 -72.15
C MET E 1 8.89 -42.43 -72.22
N ASP E 2 9.97 -41.82 -72.67
CA ASP E 2 11.31 -42.37 -72.52
C ASP E 2 12.03 -41.66 -71.35
N THR E 3 12.46 -42.37 -70.34
CA THR E 3 13.24 -41.76 -69.25
C THR E 3 14.74 -41.86 -69.49
N LYS E 4 15.48 -40.96 -68.85
CA LYS E 4 16.93 -40.84 -68.98
C LYS E 4 17.60 -40.94 -67.58
N LEU E 5 18.92 -40.81 -67.54
CA LEU E 5 19.69 -40.83 -66.31
C LEU E 5 20.00 -39.39 -65.91
N TYR E 6 20.16 -39.12 -64.60
CA TYR E 6 20.63 -37.81 -64.10
C TYR E 6 21.85 -38.06 -63.26
N ILE E 7 22.99 -37.69 -63.80
CA ILE E 7 24.29 -38.00 -63.22
C ILE E 7 25.11 -36.73 -63.20
N ASP E 8 25.61 -36.38 -62.03
CA ASP E 8 26.42 -35.16 -61.84
C ASP E 8 25.84 -33.93 -62.57
N GLY E 9 24.55 -33.72 -62.44
CA GLY E 9 23.95 -32.49 -62.93
C GLY E 9 23.56 -32.47 -64.39
N GLN E 10 23.63 -33.60 -65.09
CA GLN E 10 23.25 -33.69 -66.53
C GLN E 10 22.32 -34.85 -66.79
N TRP E 11 21.33 -34.66 -67.67
CA TRP E 11 20.44 -35.70 -68.14
C TRP E 11 21.16 -36.40 -69.27
N VAL E 12 21.41 -37.70 -69.14
CA VAL E 12 22.21 -38.46 -70.14
C VAL E 12 21.63 -39.82 -70.46
N ASN E 13 22.12 -40.41 -71.54
CA ASN E 13 21.85 -41.80 -71.82
C ASN E 13 22.76 -42.69 -71.06
N SER E 14 22.35 -43.93 -70.91
CA SER E 14 23.22 -45.01 -70.44
C SER E 14 24.48 -45.02 -71.31
N SER E 15 25.60 -45.46 -70.77
CA SER E 15 26.80 -45.52 -71.60
C SER E 15 26.82 -46.75 -72.54
N SER E 16 25.92 -47.71 -72.33
CA SER E 16 25.71 -48.83 -73.24
C SER E 16 24.79 -48.45 -74.41
N GLY E 17 24.14 -47.28 -74.28
CA GLY E 17 23.18 -46.80 -75.24
C GLY E 17 21.93 -47.67 -75.34
N LYS E 18 21.71 -48.58 -74.38
CA LYS E 18 20.63 -49.57 -74.44
C LYS E 18 19.50 -49.18 -73.47
N THR E 19 18.30 -49.63 -73.82
CA THR E 19 17.09 -49.31 -73.10
C THR E 19 16.29 -50.57 -72.83
N VAL E 20 15.26 -50.42 -71.99
CA VAL E 20 14.36 -51.50 -71.63
C VAL E 20 12.93 -51.00 -71.75
N ASP E 21 12.05 -51.89 -72.16
CA ASP E 21 10.67 -51.54 -72.35
C ASP E 21 9.88 -51.56 -71.06
N LYS E 22 9.01 -50.58 -70.92
CA LYS E 22 8.00 -50.54 -69.89
C LYS E 22 6.64 -50.85 -70.49
N TYR E 23 5.88 -51.74 -69.83
CA TYR E 23 4.54 -52.19 -70.25
C TYR E 23 3.41 -51.59 -69.45
N SER E 24 2.31 -51.29 -70.08
CA SER E 24 1.20 -50.80 -69.32
C SER E 24 0.50 -51.99 -68.71
N PRO E 25 0.15 -51.90 -67.45
CA PRO E 25 -0.63 -53.00 -66.86
C PRO E 25 -2.13 -52.96 -67.16
N VAL E 26 -2.59 -51.84 -67.70
CA VAL E 26 -3.99 -51.72 -68.15
C VAL E 26 -4.20 -52.35 -69.52
N THR E 27 -3.30 -52.11 -70.48
CA THR E 27 -3.48 -52.59 -71.87
C THR E 27 -2.54 -53.75 -72.24
N GLY E 28 -1.46 -53.92 -71.48
CA GLY E 28 -0.52 -54.96 -71.74
C GLY E 28 0.45 -54.63 -72.85
N GLN E 29 0.47 -53.38 -73.31
CA GLN E 29 1.31 -52.97 -74.43
C GLN E 29 2.50 -52.19 -73.94
N VAL E 30 3.53 -52.13 -74.78
CA VAL E 30 4.69 -51.25 -74.54
C VAL E 30 4.31 -49.74 -74.57
N ILE E 31 4.53 -49.04 -73.47
CA ILE E 31 4.21 -47.60 -73.42
C ILE E 31 5.40 -46.68 -73.21
N GLY E 32 6.59 -47.23 -73.04
CA GLY E 32 7.76 -46.42 -72.78
C GLY E 32 9.00 -47.24 -72.66
N ARG E 33 10.11 -46.53 -72.44
CA ARG E 33 11.44 -47.10 -72.38
C ARG E 33 12.29 -46.34 -71.31
N PHE E 34 13.20 -47.04 -70.65
CA PHE E 34 14.14 -46.38 -69.75
C PHE E 34 15.55 -46.81 -70.08
N GLU E 35 16.52 -45.97 -69.75
CA GLU E 35 17.91 -46.32 -69.97
C GLU E 35 18.36 -47.44 -69.06
N ALA E 36 19.20 -48.31 -69.59
CA ALA E 36 19.74 -49.40 -68.83
C ALA E 36 21.15 -49.00 -68.40
N ALA E 37 21.27 -48.30 -67.28
CA ALA E 37 22.57 -47.83 -66.84
C ALA E 37 23.54 -48.98 -66.56
N THR E 38 24.80 -48.73 -66.83
CA THR E 38 25.87 -49.65 -66.56
C THR E 38 26.52 -49.40 -65.21
N ARG E 39 27.42 -50.30 -64.84
CA ARG E 39 28.19 -50.10 -63.65
C ARG E 39 28.99 -48.81 -63.63
N ASP E 40 29.62 -48.46 -64.76
CA ASP E 40 30.35 -47.16 -64.92
C ASP E 40 29.45 -45.92 -64.71
N ASP E 41 28.21 -45.96 -65.21
CA ASP E 41 27.20 -44.96 -64.91
C ASP E 41 27.00 -44.83 -63.37
N VAL E 42 26.78 -45.96 -62.68
CA VAL E 42 26.56 -45.98 -61.25
C VAL E 42 27.76 -45.34 -60.50
N ASP E 43 28.97 -45.74 -60.90
CA ASP E 43 30.24 -45.16 -60.37
C ASP E 43 30.29 -43.65 -60.57
N ARG E 44 29.99 -43.16 -61.74
CA ARG E 44 29.98 -41.73 -61.99
C ARG E 44 28.94 -41.00 -61.08
N ALA E 45 27.76 -41.60 -60.88
CA ALA E 45 26.75 -41.07 -59.98
C ALA E 45 27.19 -41.03 -58.52
N ILE E 46 27.74 -42.14 -58.04
CA ILE E 46 28.25 -42.21 -56.69
C ILE E 46 29.39 -41.22 -56.45
N ASP E 47 30.35 -41.17 -57.36
CA ASP E 47 31.43 -40.17 -57.35
C ASP E 47 30.97 -38.71 -57.31
N ALA E 48 29.92 -38.40 -58.07
CA ALA E 48 29.28 -37.09 -58.05
C ALA E 48 28.66 -36.79 -56.69
N ALA E 49 27.92 -37.75 -56.15
CA ALA E 49 27.41 -37.62 -54.79
C ALA E 49 28.56 -37.41 -53.75
N GLU E 50 29.67 -38.13 -53.92
CA GLU E 50 30.81 -37.94 -53.07
C GLU E 50 31.32 -36.53 -53.16
N ASP E 51 31.54 -36.07 -54.38
CA ASP E 51 32.11 -34.75 -54.64
C ASP E 51 31.20 -33.58 -54.19
N ALA E 52 29.89 -33.78 -54.22
CA ALA E 52 28.92 -32.78 -53.76
C ALA E 52 28.71 -32.71 -52.24
N PHE E 53 29.15 -33.72 -51.49
CA PHE E 53 28.76 -33.88 -50.08
C PHE E 53 29.12 -32.69 -49.15
N TRP E 54 30.38 -32.27 -49.12
CA TRP E 54 30.77 -31.26 -48.09
C TRP E 54 30.06 -29.92 -48.30
N ALA E 55 29.99 -29.49 -49.55
CA ALA E 55 29.26 -28.26 -49.88
C ALA E 55 27.75 -28.35 -49.62
N TRP E 56 27.13 -29.54 -49.75
CA TRP E 56 25.70 -29.67 -49.41
C TRP E 56 25.47 -29.69 -47.90
N ASN E 57 26.34 -30.39 -47.18
CA ASN E 57 26.37 -30.42 -45.69
C ASN E 57 26.48 -29.00 -45.15
N ASP E 58 27.43 -28.28 -45.74
CA ASP E 58 27.77 -26.94 -45.32
C ASP E 58 26.74 -25.87 -45.63
N LEU E 59 25.82 -26.07 -46.57
CA LEU E 59 24.68 -25.18 -46.71
C LEU E 59 23.83 -25.04 -45.47
N GLY E 60 23.73 -26.11 -44.69
CA GLY E 60 22.94 -26.10 -43.46
C GLY E 60 21.47 -26.45 -43.80
N SER E 61 20.74 -26.88 -42.79
CA SER E 61 19.39 -27.43 -43.01
C SER E 61 18.40 -26.37 -43.46
N VAL E 62 18.55 -25.11 -43.03
CA VAL E 62 17.64 -24.07 -43.49
C VAL E 62 17.70 -23.85 -44.99
N GLU E 63 18.92 -23.68 -45.51
CA GLU E 63 19.09 -23.47 -46.97
C GLU E 63 18.68 -24.71 -47.77
N ARG E 64 18.94 -25.91 -47.27
CA ARG E 64 18.46 -27.15 -47.89
C ARG E 64 16.94 -27.22 -47.89
N SER E 65 16.32 -26.77 -46.80
CA SER E 65 14.88 -26.75 -46.70
C SER E 65 14.20 -25.87 -47.72
N LYS E 66 14.81 -24.77 -48.05
CA LYS E 66 14.23 -23.83 -49.02
C LYS E 66 14.12 -24.45 -50.42
N ILE E 67 15.16 -25.17 -50.78
CA ILE E 67 15.19 -25.90 -52.05
C ILE E 67 14.11 -26.99 -52.06
N ILE E 68 13.96 -27.68 -50.92
CA ILE E 68 13.01 -28.80 -50.81
C ILE E 68 11.58 -28.22 -50.86
N TYR E 69 11.33 -27.11 -50.17
CA TYR E 69 10.03 -26.48 -50.25
C TYR E 69 9.70 -26.03 -51.67
N ARG E 70 10.68 -25.47 -52.36
CA ARG E 70 10.45 -25.04 -53.72
C ARG E 70 10.10 -26.24 -54.62
N ALA E 71 10.75 -27.38 -54.38
CA ALA E 71 10.45 -28.62 -55.14
C ALA E 71 8.98 -29.02 -54.88
N LYS E 72 8.55 -28.92 -53.63
CA LYS E 72 7.18 -29.16 -53.30
C LYS E 72 6.18 -28.25 -54.02
N GLU E 73 6.45 -26.94 -54.05
CA GLU E 73 5.60 -26.01 -54.78
C GLU E 73 5.53 -26.32 -56.28
N LEU E 74 6.66 -26.64 -56.88
CA LEU E 74 6.63 -27.05 -58.32
C LEU E 74 5.84 -28.34 -58.56
N ILE E 75 5.95 -29.29 -57.65
CA ILE E 75 5.18 -30.56 -57.74
C ILE E 75 3.67 -30.23 -57.68
N GLU E 76 3.29 -29.39 -56.73
CA GLU E 76 1.91 -29.01 -56.45
C GLU E 76 1.29 -28.23 -57.62
N LYS E 77 2.04 -27.24 -58.17
CA LYS E 77 1.59 -26.49 -59.37
C LYS E 77 1.36 -27.37 -60.57
N ASN E 78 2.07 -28.48 -60.68
CA ASN E 78 2.05 -29.33 -61.89
C ASN E 78 1.55 -30.74 -61.60
N ARG E 79 0.82 -30.89 -60.50
CA ARG E 79 0.45 -32.19 -59.97
C ARG E 79 -0.35 -33.12 -60.92
N ALA E 80 -1.18 -32.57 -61.79
CA ALA E 80 -1.98 -33.40 -62.75
C ALA E 80 -1.07 -34.27 -63.61
N GLU E 81 0.09 -33.77 -64.03
CA GLU E 81 1.07 -34.56 -64.80
C GLU E 81 1.53 -35.79 -64.03
N LEU E 82 1.89 -35.63 -62.73
CA LEU E 82 2.29 -36.78 -61.94
C LEU E 82 1.14 -37.81 -61.76
N GLU E 83 -0.08 -37.32 -61.48
CA GLU E 83 -1.26 -38.17 -61.35
C GLU E 83 -1.46 -39.04 -62.62
N ASN E 84 -1.32 -38.42 -63.79
CA ASN E 84 -1.47 -39.09 -65.08
C ASN E 84 -0.37 -40.13 -65.31
N ILE E 85 0.87 -39.84 -64.95
CA ILE E 85 1.94 -40.84 -65.07
C ILE E 85 1.64 -42.05 -64.17
N ILE E 86 1.18 -41.81 -62.93
CA ILE E 86 0.83 -42.92 -62.06
C ILE E 86 -0.31 -43.82 -62.64
N MET E 87 -1.33 -43.16 -63.20
CA MET E 87 -2.40 -43.89 -63.80
C MET E 87 -1.87 -44.68 -65.01
N GLU E 88 -0.95 -44.09 -65.79
CA GLU E 88 -0.40 -44.72 -66.97
C GLU E 88 0.51 -45.93 -66.60
N GLU E 89 1.48 -45.70 -65.71
CA GLU E 89 2.47 -46.73 -65.37
C GLU E 89 1.92 -47.89 -64.48
N ASN E 90 1.03 -47.54 -63.53
CA ASN E 90 0.46 -48.49 -62.54
C ASN E 90 -1.03 -48.91 -62.74
N GLY E 91 -1.78 -48.11 -63.49
CA GLY E 91 -3.21 -48.41 -63.75
C GLY E 91 -4.06 -48.09 -62.52
N LYS E 92 -3.55 -47.27 -61.57
CA LYS E 92 -4.27 -46.98 -60.34
C LYS E 92 -5.55 -46.23 -60.66
N PRO E 93 -6.66 -46.58 -60.03
CA PRO E 93 -7.81 -45.71 -60.11
C PRO E 93 -7.51 -44.23 -59.76
N VAL E 94 -8.27 -43.34 -60.36
CA VAL E 94 -7.97 -41.92 -60.31
C VAL E 94 -7.88 -41.36 -58.89
N LYS E 95 -8.77 -41.79 -57.97
CA LYS E 95 -8.78 -41.34 -56.57
C LYS E 95 -7.51 -41.83 -55.84
N GLU E 96 -6.99 -43.01 -56.18
CA GLU E 96 -5.74 -43.49 -55.65
C GLU E 96 -4.51 -42.69 -56.16
N ALA E 97 -4.55 -42.33 -57.45
CA ALA E 97 -3.47 -41.52 -58.06
C ALA E 97 -3.39 -40.15 -57.36
N LYS E 98 -4.56 -39.54 -57.16
CA LYS E 98 -4.66 -38.21 -56.58
C LYS E 98 -4.18 -38.19 -55.12
N GLU E 99 -4.68 -39.14 -54.33
CA GLU E 99 -4.29 -39.44 -52.95
C GLU E 99 -2.77 -39.68 -52.84
N GLU E 100 -2.19 -40.46 -53.75
CA GLU E 100 -0.76 -40.64 -53.75
C GLU E 100 0.01 -39.27 -53.91
N VAL E 101 -0.46 -38.42 -54.83
CA VAL E 101 0.22 -37.16 -55.06
C VAL E 101 0.00 -36.24 -53.86
N ASP E 102 -1.19 -36.30 -53.25
CA ASP E 102 -1.40 -35.61 -51.97
C ASP E 102 -0.37 -35.99 -50.92
N GLY E 103 -0.08 -37.27 -50.84
CA GLY E 103 0.92 -37.82 -49.92
C GLY E 103 2.36 -37.39 -50.23
N VAL E 104 2.67 -37.24 -51.51
CA VAL E 104 3.96 -36.72 -51.96
C VAL E 104 4.18 -35.30 -51.41
N ILE E 105 3.19 -34.45 -51.64
CA ILE E 105 3.21 -33.06 -51.20
C ILE E 105 3.29 -32.98 -49.69
N ASP E 106 2.40 -33.71 -49.00
CA ASP E 106 2.37 -33.81 -47.53
C ASP E 106 3.76 -34.19 -46.92
N GLN E 107 4.37 -35.25 -47.46
CA GLN E 107 5.63 -35.76 -46.92
C GLN E 107 6.82 -34.80 -47.10
N ILE E 108 6.94 -34.20 -48.28
CA ILE E 108 7.98 -33.27 -48.56
C ILE E 108 7.84 -32.07 -47.63
N GLN E 109 6.61 -31.58 -47.46
CA GLN E 109 6.34 -30.56 -46.46
C GLN E 109 6.83 -30.95 -45.05
N TYR E 110 6.33 -32.08 -44.54
CA TYR E 110 6.63 -32.58 -43.23
C TYR E 110 8.13 -32.73 -43.00
N TYR E 111 8.81 -33.28 -43.99
CA TYR E 111 10.22 -33.53 -43.81
C TYR E 111 11.06 -32.23 -43.84
N ALA E 112 10.69 -31.30 -44.73
CA ALA E 112 11.41 -30.02 -44.79
C ALA E 112 11.24 -29.20 -43.54
N GLU E 113 10.09 -29.36 -42.88
CA GLU E 113 9.79 -28.69 -41.61
C GLU E 113 10.74 -29.09 -40.46
N TRP E 114 11.49 -30.15 -40.63
CA TRP E 114 12.45 -30.53 -39.62
C TRP E 114 13.72 -29.64 -39.57
N ALA E 115 13.87 -28.69 -40.50
CA ALA E 115 15.02 -27.76 -40.51
C ALA E 115 15.27 -27.15 -39.16
N ARG E 116 16.54 -27.24 -38.76
CA ARG E 116 17.08 -26.74 -37.50
C ARG E 116 16.40 -27.16 -36.23
N LYS E 117 15.80 -28.34 -36.25
CA LYS E 117 15.08 -28.92 -35.13
C LYS E 117 15.61 -30.27 -34.69
N LEU E 118 16.57 -30.87 -35.40
CA LEU E 118 17.07 -32.19 -35.03
C LEU E 118 18.41 -32.00 -34.29
N ASN E 119 18.26 -31.70 -33.02
CA ASN E 119 19.36 -31.18 -32.16
C ASN E 119 20.26 -32.32 -31.78
N GLY E 120 21.53 -32.06 -31.62
CA GLY E 120 22.35 -32.99 -30.85
C GLY E 120 22.19 -32.76 -29.33
N GLU E 121 23.16 -33.24 -28.54
CA GLU E 121 23.07 -33.27 -27.09
C GLU E 121 24.43 -32.88 -26.43
N VAL E 122 24.37 -32.35 -25.20
CA VAL E 122 25.52 -32.10 -24.37
C VAL E 122 25.34 -32.90 -23.07
N VAL E 123 26.30 -33.75 -22.71
CA VAL E 123 26.22 -34.53 -21.46
C VAL E 123 27.44 -34.21 -20.58
N GLU E 124 27.22 -34.40 -19.29
CA GLU E 124 28.27 -34.30 -18.27
C GLU E 124 29.44 -35.21 -18.61
N GLY E 125 30.63 -34.68 -18.46
CA GLY E 125 31.81 -35.48 -18.56
C GLY E 125 32.14 -36.14 -17.22
N THR E 126 33.35 -36.70 -17.17
CA THR E 126 33.83 -37.40 -15.97
C THR E 126 34.49 -36.52 -14.95
N SER E 127 34.53 -35.20 -15.14
CA SER E 127 34.93 -34.22 -14.11
C SER E 127 34.16 -32.94 -14.42
N SER E 128 34.31 -31.94 -13.55
CA SER E 128 33.64 -30.66 -13.74
C SER E 128 34.27 -29.85 -14.87
N HIS E 129 35.48 -30.18 -15.32
CA HIS E 129 36.06 -29.50 -16.46
C HIS E 129 36.13 -30.39 -17.70
N ARG E 130 35.15 -31.28 -17.81
CA ARG E 130 34.94 -32.07 -18.98
C ARG E 130 33.48 -32.05 -19.37
N LYS E 131 33.25 -32.16 -20.67
CA LYS E 131 31.88 -32.34 -21.27
C LYS E 131 32.00 -33.27 -22.47
N ILE E 132 30.87 -33.86 -22.83
CA ILE E 132 30.77 -34.70 -24.02
C ILE E 132 29.72 -34.07 -24.95
N PHE E 133 30.13 -33.69 -26.16
CA PHE E 133 29.22 -33.03 -27.12
C PHE E 133 28.79 -34.08 -28.09
N GLN E 134 27.52 -34.21 -28.38
CA GLN E 134 27.06 -35.27 -29.29
C GLN E 134 26.38 -34.59 -30.48
N TYR E 135 27.09 -34.51 -31.59
CA TYR E 135 26.57 -33.87 -32.81
C TYR E 135 25.80 -34.89 -33.64
N LYS E 136 24.80 -34.44 -34.36
CA LYS E 136 24.11 -35.27 -35.32
C LYS E 136 24.48 -34.77 -36.65
N VAL E 137 25.04 -35.63 -37.50
CA VAL E 137 25.63 -35.25 -38.76
C VAL E 137 25.16 -36.23 -39.86
N PRO E 138 25.25 -35.82 -41.11
CA PRO E 138 24.76 -36.72 -42.18
C PRO E 138 25.70 -37.92 -42.35
N TYR E 139 25.16 -39.05 -42.74
CA TYR E 139 25.94 -40.24 -43.07
C TYR E 139 26.86 -40.07 -44.26
N GLY E 140 26.43 -39.32 -45.30
CA GLY E 140 27.18 -39.09 -46.50
C GLY E 140 26.34 -39.42 -47.73
N ILE E 141 26.73 -40.48 -48.45
CA ILE E 141 26.07 -40.93 -49.68
C ILE E 141 24.97 -41.93 -49.34
N VAL E 142 23.75 -41.55 -49.68
CA VAL E 142 22.59 -42.42 -49.60
C VAL E 142 22.18 -43.02 -50.96
N VAL E 143 21.99 -44.32 -50.95
CA VAL E 143 21.36 -45.03 -52.08
C VAL E 143 19.93 -45.28 -51.70
N ALA E 144 19.02 -44.71 -52.47
CA ALA E 144 17.61 -44.96 -52.33
C ALA E 144 17.05 -45.89 -53.41
N LEU E 145 16.32 -46.93 -53.00
CA LEU E 145 15.74 -47.96 -53.88
C LEU E 145 14.27 -47.98 -53.58
N THR E 146 13.48 -47.50 -54.54
CA THR E 146 12.04 -47.39 -54.32
C THR E 146 11.34 -48.50 -55.07
N PRO E 147 10.22 -48.98 -54.53
CA PRO E 147 9.41 -50.04 -55.13
C PRO E 147 8.40 -49.50 -56.16
N TRP E 148 7.74 -50.41 -56.86
CA TRP E 148 6.77 -50.04 -57.90
C TRP E 148 5.38 -49.67 -57.39
N ASN E 149 5.03 -50.17 -56.22
CA ASN E 149 3.68 -50.10 -55.74
C ASN E 149 3.17 -48.72 -55.34
N PHE E 150 4.04 -47.90 -54.69
CA PHE E 150 3.77 -46.49 -54.39
C PHE E 150 4.95 -45.73 -54.98
N PRO E 151 4.94 -45.60 -56.32
CA PRO E 151 6.14 -45.20 -57.02
C PRO E 151 6.41 -43.72 -57.01
N ALA E 152 5.48 -42.90 -56.55
CA ALA E 152 5.78 -41.51 -56.31
C ALA E 152 5.90 -41.26 -54.80
N GLY E 153 4.95 -41.75 -54.00
CA GLY E 153 5.00 -41.58 -52.54
C GLY E 153 6.34 -42.02 -51.91
N MET E 154 6.86 -43.17 -52.35
CA MET E 154 8.12 -43.70 -51.77
C MET E 154 9.36 -42.92 -52.16
N VAL E 155 9.32 -42.28 -53.34
CA VAL E 155 10.39 -41.40 -53.76
C VAL E 155 10.42 -40.19 -52.82
N ALA E 156 9.26 -39.58 -52.60
CA ALA E 156 9.19 -38.47 -51.61
C ALA E 156 9.64 -38.87 -50.22
N ARG E 157 9.22 -40.07 -49.81
CA ARG E 157 9.52 -40.61 -48.47
C ARG E 157 11.03 -40.73 -48.17
N LYS E 158 11.80 -41.07 -49.20
CA LYS E 158 13.23 -41.33 -49.07
C LYS E 158 14.07 -40.06 -49.40
N LEU E 159 13.68 -39.33 -50.45
CA LEU E 159 14.47 -38.19 -50.88
C LEU E 159 14.40 -37.02 -49.90
N ALA E 160 13.23 -36.74 -49.38
CA ALA E 160 13.03 -35.54 -48.58
C ALA E 160 13.84 -35.57 -47.27
N PRO E 161 13.72 -36.65 -46.46
CA PRO E 161 14.53 -36.64 -45.21
C PRO E 161 16.01 -36.82 -45.48
N ALA E 162 16.38 -37.64 -46.48
CA ALA E 162 17.82 -37.75 -46.80
C ALA E 162 18.49 -36.40 -47.16
N LEU E 163 17.78 -35.60 -47.97
CA LEU E 163 18.30 -34.34 -48.43
C LEU E 163 18.26 -33.25 -47.34
N LEU E 164 17.15 -33.18 -46.61
CA LEU E 164 17.05 -32.22 -45.49
C LEU E 164 18.23 -32.35 -44.47
N THR E 165 18.57 -33.60 -44.17
CA THR E 165 19.59 -33.92 -43.21
C THR E 165 20.99 -33.75 -43.74
N GLY E 166 21.10 -33.42 -45.03
CA GLY E 166 22.37 -33.08 -45.63
C GLY E 166 23.16 -34.24 -46.19
N ASN E 167 22.48 -35.36 -46.45
CA ASN E 167 23.02 -36.43 -47.29
C ASN E 167 22.85 -36.14 -48.78
N THR E 168 23.72 -36.74 -49.59
CA THR E 168 23.60 -36.69 -51.03
C THR E 168 23.01 -38.06 -51.45
N VAL E 169 22.44 -38.13 -52.62
CA VAL E 169 21.58 -39.26 -52.90
C VAL E 169 21.81 -39.80 -54.31
N VAL E 170 21.78 -41.14 -54.44
CA VAL E 170 21.64 -41.81 -55.74
C VAL E 170 20.35 -42.63 -55.63
N LEU E 171 19.37 -42.26 -56.46
CA LEU E 171 18.05 -42.88 -56.48
C LEU E 171 17.98 -43.84 -57.67
N LYS E 172 17.50 -45.05 -57.44
CA LYS E 172 17.23 -46.04 -58.47
C LYS E 172 15.82 -46.55 -58.23
N PRO E 173 14.89 -46.23 -59.11
CA PRO E 173 13.54 -46.71 -58.92
C PRO E 173 13.36 -48.13 -59.44
N SER E 174 12.21 -48.70 -59.11
CA SER E 174 11.81 -49.95 -59.65
C SER E 174 11.71 -49.87 -61.20
N SER E 175 12.17 -50.93 -61.84
CA SER E 175 12.04 -51.02 -63.29
C SER E 175 10.61 -51.01 -63.84
N ASP E 176 9.63 -51.25 -63.00
CA ASP E 176 8.28 -51.13 -63.40
C ASP E 176 7.73 -49.67 -63.44
N THR E 177 8.38 -48.74 -62.76
CA THR E 177 7.80 -47.43 -62.60
C THR E 177 8.85 -46.32 -62.66
N PRO E 178 9.62 -46.28 -63.75
CA PRO E 178 10.72 -45.29 -63.71
C PRO E 178 10.23 -43.83 -63.91
N GLY E 179 9.08 -43.68 -64.59
CA GLY E 179 8.53 -42.38 -65.02
C GLY E 179 8.16 -41.45 -63.88
N SER E 180 7.49 -42.00 -62.86
CA SER E 180 7.03 -41.17 -61.75
C SER E 180 8.23 -40.68 -60.95
N ALA E 181 9.23 -41.55 -60.78
CA ALA E 181 10.43 -41.14 -60.09
C ALA E 181 11.19 -40.07 -60.85
N GLU E 182 11.29 -40.24 -62.16
CA GLU E 182 12.03 -39.30 -62.99
C GLU E 182 11.41 -37.93 -62.92
N TRP E 183 10.09 -37.87 -62.95
CA TRP E 183 9.38 -36.60 -62.90
C TRP E 183 9.66 -35.84 -61.58
N ILE E 184 9.66 -36.57 -60.47
CA ILE E 184 9.90 -35.97 -59.18
C ILE E 184 11.35 -35.47 -59.11
N VAL E 185 12.30 -36.29 -59.54
CA VAL E 185 13.69 -35.85 -59.65
C VAL E 185 13.82 -34.56 -60.46
N ARG E 186 13.11 -34.47 -61.60
CA ARG E 186 13.18 -33.26 -62.41
C ARG E 186 12.69 -32.04 -61.61
N LYS E 187 11.65 -32.20 -60.80
CA LYS E 187 11.15 -31.08 -60.03
C LYS E 187 12.19 -30.62 -58.99
N PHE E 188 12.92 -31.56 -58.38
CA PHE E 188 13.98 -31.23 -57.41
C PHE E 188 15.13 -30.47 -58.11
N VAL E 189 15.43 -30.91 -59.34
CA VAL E 189 16.45 -30.23 -60.16
C VAL E 189 16.00 -28.80 -60.53
N GLU E 190 14.75 -28.64 -61.04
CA GLU E 190 14.12 -27.33 -61.35
C GLU E 190 14.11 -26.44 -60.08
N ALA E 191 13.90 -27.05 -58.91
CA ALA E 191 13.94 -26.33 -57.63
C ALA E 191 15.33 -25.80 -57.17
N GLY E 192 16.42 -26.26 -57.79
CA GLY E 192 17.77 -25.76 -57.52
C GLY E 192 18.67 -26.70 -56.71
N VAL E 193 18.37 -27.99 -56.66
CA VAL E 193 19.32 -28.94 -56.08
C VAL E 193 20.67 -28.79 -56.78
N PRO E 194 21.78 -28.59 -56.03
CA PRO E 194 23.11 -28.41 -56.71
C PRO E 194 23.64 -29.68 -57.40
N LYS E 195 24.47 -29.53 -58.46
CA LYS E 195 25.04 -30.68 -59.25
C LYS E 195 25.64 -31.73 -58.32
N GLY E 196 25.31 -33.00 -58.59
CA GLY E 196 25.84 -34.10 -57.78
C GLY E 196 25.09 -34.46 -56.54
N VAL E 197 24.29 -33.55 -55.98
CA VAL E 197 23.56 -33.83 -54.76
C VAL E 197 22.44 -34.89 -54.95
N LEU E 198 21.84 -34.92 -56.14
CA LEU E 198 20.72 -35.83 -56.44
C LEU E 198 20.99 -36.43 -57.82
N ASN E 199 21.16 -37.74 -57.85
CA ASN E 199 21.43 -38.49 -59.08
C ASN E 199 20.37 -39.57 -59.27
N PHE E 200 20.08 -39.90 -60.53
CA PHE E 200 19.00 -40.79 -60.88
C PHE E 200 19.50 -41.86 -61.85
N ILE E 201 19.32 -43.13 -61.48
CA ILE E 201 19.84 -44.29 -62.23
C ILE E 201 18.68 -45.25 -62.42
N THR E 202 18.49 -45.77 -63.61
CA THR E 202 17.61 -46.88 -63.87
C THR E 202 18.43 -47.93 -64.53
N GLY E 203 18.05 -49.17 -64.32
CA GLY E 203 18.72 -50.28 -65.00
C GLY E 203 18.16 -51.65 -64.61
N ARG E 204 18.75 -52.71 -65.15
CA ARG E 204 18.41 -54.08 -64.78
C ARG E 204 19.07 -54.44 -63.48
N GLY E 205 18.31 -55.10 -62.62
CA GLY E 205 18.81 -55.50 -61.35
C GLY E 205 19.96 -56.48 -61.48
N SER E 206 19.90 -57.34 -62.46
CA SER E 206 20.99 -58.29 -62.65
C SER E 206 22.33 -57.64 -63.14
N GLU E 207 22.29 -56.42 -63.66
CA GLU E 207 23.49 -55.66 -64.00
C GLU E 207 23.99 -54.83 -62.83
N ILE E 208 23.12 -54.09 -62.19
CA ILE E 208 23.59 -53.08 -61.22
C ILE E 208 23.03 -53.18 -59.81
N GLY E 209 22.12 -54.12 -59.54
CA GLY E 209 21.43 -54.17 -58.23
C GLY E 209 22.33 -54.47 -57.05
N ASP E 210 23.13 -55.52 -57.13
CA ASP E 210 24.10 -55.77 -56.04
C ASP E 210 25.18 -54.72 -56.07
N TYR E 211 25.62 -54.35 -57.25
CA TYR E 211 26.72 -53.41 -57.39
C TYR E 211 26.48 -52.12 -56.59
N ILE E 212 25.27 -51.55 -56.70
CA ILE E 212 24.97 -50.25 -56.07
C ILE E 212 24.91 -50.36 -54.55
N VAL E 213 24.48 -51.48 -54.01
CA VAL E 213 24.39 -51.64 -52.59
C VAL E 213 25.68 -52.05 -51.94
N GLU E 214 26.53 -52.80 -52.62
CA GLU E 214 27.83 -53.18 -52.04
C GLU E 214 28.99 -52.18 -52.28
N HIS E 215 28.75 -51.12 -53.04
CA HIS E 215 29.79 -50.16 -53.43
C HIS E 215 30.54 -49.57 -52.20
N LYS E 216 31.86 -49.53 -52.26
CA LYS E 216 32.67 -49.09 -51.12
C LYS E 216 32.38 -47.70 -50.58
N LYS E 217 31.92 -46.78 -51.42
CA LYS E 217 31.61 -45.40 -51.01
C LYS E 217 30.20 -45.16 -50.43
N VAL E 218 29.32 -46.17 -50.42
CA VAL E 218 27.95 -45.98 -49.97
C VAL E 218 27.87 -46.01 -48.43
N ASN E 219 27.27 -45.00 -47.84
CA ASN E 219 27.15 -44.95 -46.42
C ASN E 219 25.81 -45.40 -45.85
N LEU E 220 24.74 -45.35 -46.66
CA LEU E 220 23.42 -45.64 -46.13
C LEU E 220 22.56 -46.11 -47.32
N ILE E 221 21.73 -47.13 -47.06
CA ILE E 221 20.79 -47.67 -48.03
C ILE E 221 19.40 -47.58 -47.42
N THR E 222 18.46 -46.95 -48.15
CA THR E 222 17.08 -46.86 -47.75
C THR E 222 16.27 -47.50 -48.88
N MET E 223 15.50 -48.55 -48.52
CA MET E 223 14.92 -49.44 -49.49
C MET E 223 13.55 -49.92 -48.99
N THR E 224 12.60 -49.96 -49.90
CA THR E 224 11.34 -50.62 -49.68
C THR E 224 11.13 -51.63 -50.84
N GLY E 225 10.65 -52.82 -50.55
CA GLY E 225 10.59 -53.93 -51.53
C GLY E 225 10.31 -55.28 -50.90
N SER E 226 10.71 -56.32 -51.59
CA SER E 226 10.35 -57.67 -51.24
C SER E 226 11.34 -58.18 -50.19
N THR E 227 10.89 -59.13 -49.38
CA THR E 227 11.73 -59.78 -48.37
C THR E 227 13.05 -60.27 -48.97
N ALA E 228 12.98 -60.89 -50.13
CA ALA E 228 14.18 -61.53 -50.75
C ALA E 228 15.24 -60.51 -51.13
N THR E 229 14.79 -59.41 -51.70
CA THR E 229 15.69 -58.30 -52.01
C THR E 229 16.29 -57.66 -50.76
N GLY E 230 15.51 -57.50 -49.70
CA GLY E 230 16.05 -56.96 -48.46
C GLY E 230 17.11 -57.85 -47.88
N GLN E 231 16.94 -59.17 -48.02
CA GLN E 231 17.91 -60.12 -47.52
C GLN E 231 19.23 -60.01 -48.24
N ARG E 232 19.14 -59.91 -49.56
CA ARG E 232 20.28 -59.79 -50.44
C ARG E 232 21.01 -58.52 -50.11
N ILE E 233 20.26 -57.45 -49.89
CA ILE E 233 20.86 -56.18 -49.54
C ILE E 233 21.70 -56.25 -48.26
N MET E 234 21.14 -56.84 -47.22
CA MET E 234 21.80 -57.00 -45.94
C MET E 234 23.12 -57.80 -46.07
N GLN E 235 23.09 -58.91 -46.82
CA GLN E 235 24.28 -59.69 -47.18
C GLN E 235 25.31 -58.84 -47.89
N LYS E 236 24.87 -58.16 -48.95
CA LYS E 236 25.80 -57.36 -49.73
C LYS E 236 26.34 -56.15 -48.98
N ALA E 237 25.53 -55.49 -48.17
CA ALA E 237 26.00 -54.33 -47.46
C ALA E 237 26.95 -54.67 -46.31
N SER E 238 27.22 -55.97 -46.06
CA SER E 238 28.33 -56.38 -45.15
C SER E 238 29.70 -55.85 -45.65
N ALA E 239 29.80 -55.69 -46.97
CA ALA E 239 30.96 -55.11 -47.65
C ALA E 239 31.29 -53.70 -47.24
N ASN E 240 30.30 -52.85 -46.95
CA ASN E 240 30.51 -51.45 -46.60
C ASN E 240 29.96 -51.04 -45.21
N MET E 241 29.29 -51.95 -44.49
CA MET E 241 28.60 -51.66 -43.24
C MET E 241 27.67 -50.50 -43.37
N ALA E 242 27.10 -50.31 -44.55
CA ALA E 242 26.13 -49.27 -44.67
C ALA E 242 25.05 -49.37 -43.58
N LYS E 243 24.61 -48.24 -43.11
CA LYS E 243 23.41 -48.18 -42.29
C LYS E 243 22.18 -48.58 -43.18
N LEU E 244 21.32 -49.43 -42.66
CA LEU E 244 20.19 -49.97 -43.46
C LEU E 244 18.85 -49.50 -42.95
N ILE E 245 18.03 -48.98 -43.87
CA ILE E 245 16.67 -48.70 -43.58
C ILE E 245 15.89 -49.55 -44.59
N LEU E 246 15.30 -50.66 -44.15
CA LEU E 246 14.66 -51.65 -45.02
C LEU E 246 13.23 -51.87 -44.56
N GLU E 247 12.31 -51.73 -45.50
CA GLU E 247 10.93 -52.01 -45.24
C GLU E 247 10.44 -53.06 -46.25
N LEU E 248 10.10 -54.24 -45.75
CA LEU E 248 9.95 -55.41 -46.62
C LEU E 248 8.51 -55.98 -46.66
N GLY E 249 7.49 -55.14 -46.40
CA GLY E 249 6.07 -55.58 -46.53
C GLY E 249 5.69 -56.44 -45.33
N GLY E 250 4.59 -57.15 -45.41
CA GLY E 250 4.14 -57.95 -44.27
C GLY E 250 3.00 -58.92 -44.59
N LYS E 251 2.25 -59.30 -43.55
CA LYS E 251 1.14 -60.24 -43.69
C LYS E 251 0.11 -59.83 -42.65
N ALA E 252 -0.47 -58.65 -42.85
CA ALA E 252 -1.31 -58.08 -41.84
C ALA E 252 -2.57 -58.88 -41.47
N PRO E 253 -2.73 -59.19 -40.17
CA PRO E 253 -3.92 -59.89 -39.71
C PRO E 253 -4.97 -58.82 -39.54
N PHE E 254 -6.18 -59.09 -40.02
CA PHE E 254 -7.31 -58.21 -39.87
C PHE E 254 -8.33 -58.89 -38.93
N MET E 255 -8.47 -58.32 -37.73
CA MET E 255 -9.15 -58.93 -36.57
C MET E 255 -10.46 -58.22 -36.20
N VAL E 256 -11.59 -58.96 -36.28
CA VAL E 256 -12.91 -58.42 -36.04
C VAL E 256 -13.49 -59.15 -34.84
N TRP E 257 -13.56 -58.48 -33.71
CA TRP E 257 -14.10 -59.02 -32.48
C TRP E 257 -15.64 -58.92 -32.52
N LYS E 258 -16.28 -59.72 -31.70
CA LYS E 258 -17.74 -59.85 -31.66
C LYS E 258 -18.50 -58.55 -31.49
N ASP E 259 -17.96 -57.57 -30.75
CA ASP E 259 -18.65 -56.27 -30.57
C ASP E 259 -18.27 -55.22 -31.64
N ALA E 260 -17.60 -55.60 -32.73
CA ALA E 260 -17.14 -54.62 -33.72
C ALA E 260 -18.28 -53.90 -34.40
N ASP E 261 -18.09 -52.65 -34.81
CA ASP E 261 -19.03 -52.03 -35.68
C ASP E 261 -18.88 -52.67 -37.10
N MET E 262 -19.90 -53.39 -37.54
CA MET E 262 -19.79 -54.17 -38.78
C MET E 262 -19.54 -53.33 -39.99
N ASP E 263 -20.27 -52.23 -40.11
CA ASP E 263 -20.19 -51.37 -41.29
C ASP E 263 -18.78 -50.78 -41.40
N ASN E 264 -18.27 -50.22 -40.31
CA ASN E 264 -16.90 -49.66 -40.30
C ASN E 264 -15.85 -50.72 -40.59
N ALA E 265 -16.03 -51.89 -40.00
CA ALA E 265 -15.08 -52.96 -40.22
C ALA E 265 -15.07 -53.43 -41.68
N LEU E 266 -16.23 -53.57 -42.28
CA LEU E 266 -16.34 -53.93 -43.69
C LEU E 266 -15.76 -52.88 -44.63
N LYS E 267 -16.08 -51.61 -44.36
CA LYS E 267 -15.57 -50.48 -45.10
C LYS E 267 -14.03 -50.49 -45.07
N THR E 268 -13.51 -50.70 -43.89
CA THR E 268 -12.04 -50.70 -43.68
C THR E 268 -11.40 -51.91 -44.34
N LEU E 269 -12.07 -53.06 -44.32
CA LEU E 269 -11.52 -54.23 -44.97
C LEU E 269 -11.56 -54.11 -46.48
N LEU E 270 -12.61 -53.51 -47.02
CA LEU E 270 -12.62 -53.21 -48.48
C LEU E 270 -11.42 -52.37 -48.88
N TRP E 271 -11.10 -51.37 -48.08
CA TRP E 271 -9.92 -50.59 -48.31
C TRP E 271 -8.65 -51.45 -48.11
N ALA E 272 -8.53 -52.14 -46.98
CA ALA E 272 -7.26 -52.80 -46.62
C ALA E 272 -6.93 -53.88 -47.63
N LYS E 273 -7.94 -54.56 -48.14
CA LYS E 273 -7.69 -55.61 -49.12
C LYS E 273 -7.56 -55.09 -50.52
N TYR E 274 -8.42 -54.15 -50.95
CA TYR E 274 -8.51 -53.85 -52.38
C TYR E 274 -7.85 -52.56 -52.87
N TRP E 275 -7.53 -51.62 -51.97
CA TRP E 275 -6.68 -50.46 -52.32
C TRP E 275 -5.36 -50.87 -53.00
N ASN E 276 -5.09 -50.29 -54.16
CA ASN E 276 -3.93 -50.65 -54.97
C ASN E 276 -3.90 -52.15 -55.30
N ALA E 277 -5.11 -52.74 -55.42
CA ALA E 277 -5.32 -54.17 -55.66
C ALA E 277 -4.58 -55.12 -54.68
N GLY E 278 -4.45 -54.71 -53.42
CA GLY E 278 -3.77 -55.51 -52.47
C GLY E 278 -2.27 -55.41 -52.52
N GLN E 279 -1.72 -54.64 -53.47
CA GLN E 279 -0.26 -54.45 -53.60
C GLN E 279 0.25 -53.38 -52.61
N SER E 280 0.12 -53.67 -51.33
CA SER E 280 0.40 -52.69 -50.26
C SER E 280 1.12 -53.41 -49.17
N ILE E 282 0.91 -52.82 -46.23
CA ILE E 282 0.02 -52.91 -45.10
C ILE E 282 -1.35 -53.53 -45.45
N ALA E 283 -1.45 -54.24 -46.59
CA ALA E 283 -2.70 -54.83 -47.01
C ALA E 283 -3.19 -55.87 -46.03
N ALA E 284 -4.50 -55.91 -45.84
CA ALA E 284 -5.11 -57.06 -45.17
C ALA E 284 -4.68 -58.33 -45.87
N GLU E 285 -3.99 -59.21 -45.14
CA GLU E 285 -3.57 -60.52 -45.73
C GLU E 285 -4.16 -61.76 -45.07
N ARG E 286 -4.75 -61.62 -43.88
CA ARG E 286 -5.36 -62.74 -43.16
C ARG E 286 -6.53 -62.16 -42.40
N LEU E 287 -7.69 -62.76 -42.51
CA LEU E 287 -8.90 -62.27 -41.85
C LEU E 287 -9.28 -63.21 -40.68
N TYR E 288 -9.44 -62.64 -39.50
CA TYR E 288 -9.86 -63.40 -38.34
C TYR E 288 -11.12 -62.77 -37.81
N VAL E 289 -12.22 -63.51 -37.75
CA VAL E 289 -13.49 -62.93 -37.37
C VAL E 289 -14.11 -63.77 -36.28
N HIS E 290 -14.65 -63.11 -35.27
CA HIS E 290 -15.26 -63.85 -34.15
C HIS E 290 -16.39 -64.77 -34.66
N GLU E 291 -16.41 -65.99 -34.11
CA GLU E 291 -17.42 -66.99 -34.47
C GLU E 291 -18.89 -66.55 -34.37
N ASP E 292 -19.25 -65.70 -33.42
CA ASP E 292 -20.59 -65.11 -33.33
C ASP E 292 -21.03 -64.29 -34.55
N ILE E 293 -20.11 -63.68 -35.27
CA ILE E 293 -20.49 -62.85 -36.42
C ILE E 293 -19.84 -63.31 -37.71
N TYR E 294 -19.04 -64.39 -37.70
CA TYR E 294 -18.29 -64.84 -38.90
C TYR E 294 -19.20 -64.98 -40.13
N ASP E 295 -20.31 -65.69 -40.00
CA ASP E 295 -21.23 -65.95 -41.17
C ASP E 295 -21.80 -64.68 -41.80
N THR E 296 -22.39 -63.80 -40.96
CA THR E 296 -22.91 -62.50 -41.43
C THR E 296 -21.78 -61.66 -42.08
N PHE E 297 -20.61 -61.69 -41.46
CA PHE E 297 -19.50 -60.86 -41.94
C PHE E 297 -18.98 -61.28 -43.31
N MET E 298 -18.73 -62.58 -43.48
CA MET E 298 -18.21 -63.14 -44.73
C MET E 298 -19.24 -62.95 -45.83
N SER E 299 -20.51 -63.18 -45.47
CA SER E 299 -21.62 -62.98 -46.38
C SER E 299 -21.62 -61.55 -46.95
N ARG E 300 -21.59 -60.56 -46.05
CA ARG E 300 -21.57 -59.18 -46.46
C ARG E 300 -20.28 -58.79 -47.18
N PHE E 301 -19.12 -59.30 -46.72
CA PHE E 301 -17.84 -59.03 -47.41
C PHE E 301 -17.85 -59.52 -48.84
N VAL E 302 -18.26 -60.77 -49.02
CA VAL E 302 -18.45 -61.35 -50.36
C VAL E 302 -19.37 -60.48 -51.23
N GLU E 303 -20.54 -60.10 -50.70
CA GLU E 303 -21.55 -59.35 -51.48
CA GLU E 303 -21.55 -59.31 -51.48
C GLU E 303 -21.02 -57.95 -51.87
N LEU E 304 -20.22 -57.35 -50.97
CA LEU E 304 -19.56 -56.07 -51.26
C LEU E 304 -18.48 -56.27 -52.31
N SER E 305 -17.72 -57.35 -52.19
CA SER E 305 -16.59 -57.61 -53.08
C SER E 305 -17.06 -57.79 -54.53
N ARG E 306 -18.19 -58.50 -54.68
CA ARG E 306 -18.87 -58.67 -55.95
C ARG E 306 -19.22 -57.40 -56.69
N LYS E 307 -19.47 -56.32 -55.95
CA LYS E 307 -19.90 -55.04 -56.52
C LYS E 307 -18.71 -54.17 -56.94
N LEU E 308 -17.47 -54.61 -56.78
CA LEU E 308 -16.37 -53.70 -57.12
C LEU E 308 -16.07 -53.70 -58.61
N ALA E 309 -15.99 -52.53 -59.24
CA ALA E 309 -15.66 -52.51 -60.67
C ALA E 309 -14.15 -52.52 -60.96
N LEU E 310 -13.75 -53.40 -61.85
CA LEU E 310 -12.38 -53.49 -62.37
C LEU E 310 -12.24 -52.85 -63.74
N GLY E 311 -11.13 -52.19 -64.05
CA GLY E 311 -10.90 -51.69 -65.43
C GLY E 311 -10.05 -50.41 -65.51
N ASP E 312 -10.47 -49.51 -66.38
CA ASP E 312 -9.84 -48.21 -66.62
C ASP E 312 -9.73 -47.29 -65.38
N PRO E 313 -8.59 -46.60 -65.21
CA PRO E 313 -8.45 -45.69 -64.06
C PRO E 313 -9.56 -44.67 -63.81
N LYS E 314 -10.16 -44.17 -64.91
CA LYS E 314 -11.24 -43.14 -64.87
C LYS E 314 -12.42 -43.56 -64.02
N ASN E 315 -12.77 -44.84 -63.99
CA ASN E 315 -13.98 -45.25 -63.24
C ASN E 315 -13.92 -46.53 -62.42
N ALA E 316 -12.84 -47.30 -62.49
CA ALA E 316 -12.74 -48.53 -61.71
C ALA E 316 -12.64 -48.28 -60.21
N ASP E 317 -13.07 -49.27 -59.42
CA ASP E 317 -12.80 -49.30 -58.02
C ASP E 317 -11.40 -49.87 -57.73
N MET E 318 -10.92 -50.78 -58.57
CA MET E 318 -9.63 -51.43 -58.37
C MET E 318 -8.94 -51.56 -59.74
N GLY E 319 -7.65 -51.30 -59.72
CA GLY E 319 -6.80 -51.45 -60.87
C GLY E 319 -6.17 -52.83 -61.00
N PRO E 320 -5.31 -53.00 -62.00
CA PRO E 320 -4.68 -54.26 -62.35
C PRO E 320 -3.44 -54.51 -61.53
N LEU E 321 -2.88 -55.71 -61.66
CA LEU E 321 -1.56 -56.01 -61.04
C LEU E 321 -0.50 -55.37 -61.93
N ILE E 322 0.68 -55.13 -61.35
CA ILE E 322 1.72 -54.33 -61.99
C ILE E 322 2.29 -54.92 -63.29
N ASN E 323 2.46 -56.25 -63.37
CA ASN E 323 3.07 -56.90 -64.52
C ASN E 323 2.60 -58.36 -64.74
N LYS E 324 2.97 -58.93 -65.88
CA LYS E 324 2.56 -60.33 -66.21
C LYS E 324 3.00 -61.33 -65.14
N GLY E 325 4.21 -61.14 -64.62
CA GLY E 325 4.75 -61.99 -63.54
C GLY E 325 3.94 -61.98 -62.26
N ALA E 326 3.47 -60.80 -61.84
CA ALA E 326 2.54 -60.72 -60.70
C ALA E 326 1.24 -61.47 -60.94
N LEU E 327 0.71 -61.32 -62.15
CA LEU E 327 -0.43 -62.09 -62.60
C LEU E 327 -0.23 -63.61 -62.48
N GLN E 328 0.88 -64.15 -63.04
CA GLN E 328 1.18 -65.61 -62.99
C GLN E 328 1.31 -66.05 -61.54
N ALA E 329 1.98 -65.25 -60.72
CA ALA E 329 2.22 -65.58 -59.31
C ALA E 329 0.92 -65.70 -58.53
N THR E 330 0.02 -64.75 -58.78
CA THR E 330 -1.29 -64.70 -58.12
C THR E 330 -2.15 -65.89 -58.60
N SER E 331 -2.05 -66.26 -59.88
CA SER E 331 -2.70 -67.49 -60.36
C SER E 331 -2.27 -68.72 -59.61
N GLU E 332 -0.96 -68.93 -59.55
CA GLU E 332 -0.37 -70.07 -58.84
C GLU E 332 -0.78 -70.14 -57.35
N ILE E 333 -0.80 -69.00 -56.66
CA ILE E 333 -1.19 -68.96 -55.24
C ILE E 333 -2.62 -69.49 -55.06
N VAL E 334 -3.53 -69.01 -55.89
CA VAL E 334 -4.92 -69.43 -55.87
C VAL E 334 -5.08 -70.91 -56.24
N GLU E 335 -4.32 -71.35 -57.24
CA GLU E 335 -4.35 -72.78 -57.57
C GLU E 335 -3.75 -73.63 -56.42
N GLU E 336 -2.61 -73.23 -55.88
CA GLU E 336 -2.08 -73.92 -54.70
C GLU E 336 -3.15 -74.01 -53.59
N ALA E 337 -3.79 -72.89 -53.23
CA ALA E 337 -4.92 -72.90 -52.28
C ALA E 337 -6.00 -73.96 -52.58
N LYS E 338 -6.42 -74.06 -53.84
CA LYS E 338 -7.49 -74.99 -54.31
C LYS E 338 -7.10 -76.49 -54.23
N GLU E 339 -5.91 -76.80 -54.75
CA GLU E 339 -5.26 -78.12 -54.58
C GLU E 339 -5.16 -78.47 -53.09
N SER E 340 -4.96 -77.49 -52.21
CA SER E 340 -4.79 -77.77 -50.78
C SER E 340 -6.03 -78.00 -49.93
N GLY E 341 -7.20 -77.89 -50.50
CA GLY E 341 -8.45 -78.08 -49.73
C GLY E 341 -9.41 -76.90 -49.73
N ALA E 342 -8.87 -75.70 -49.81
CA ALA E 342 -9.60 -74.46 -49.50
C ALA E 342 -10.78 -74.20 -50.46
N LYS E 343 -11.84 -73.58 -49.93
CA LYS E 343 -13.04 -73.24 -50.67
C LYS E 343 -12.93 -71.79 -51.14
N ILE E 344 -13.19 -71.61 -52.44
CA ILE E 344 -13.25 -70.28 -53.04
C ILE E 344 -14.69 -69.73 -52.88
N LEU E 345 -14.88 -68.78 -51.98
CA LEU E 345 -16.20 -68.18 -51.71
C LEU E 345 -16.58 -67.16 -52.81
N PHE E 346 -15.57 -66.58 -53.47
CA PHE E 346 -15.74 -65.61 -54.54
C PHE E 346 -14.43 -65.43 -55.26
N GLY E 347 -14.54 -65.28 -56.58
CA GLY E 347 -13.47 -64.81 -57.46
C GLY E 347 -12.53 -65.93 -57.77
N GLY E 348 -11.23 -65.63 -57.92
CA GLY E 348 -10.23 -66.70 -58.08
C GLY E 348 -9.76 -66.90 -59.49
N SER E 349 -9.99 -65.90 -60.34
CA SER E 349 -9.59 -65.94 -61.73
C SER E 349 -9.41 -64.50 -62.21
N GLN E 350 -9.00 -64.35 -63.45
CA GLN E 350 -9.04 -63.06 -64.10
C GLN E 350 -10.49 -62.72 -64.38
N PRO E 351 -10.79 -61.41 -64.49
CA PRO E 351 -12.11 -61.01 -64.93
C PRO E 351 -12.20 -61.14 -66.43
N SER E 352 -13.39 -60.87 -66.95
CA SER E 352 -13.66 -60.93 -68.38
C SER E 352 -14.04 -59.52 -68.80
N LEU E 353 -13.06 -58.80 -69.32
CA LEU E 353 -13.21 -57.42 -69.82
C LEU E 353 -13.14 -57.41 -71.37
N SER E 354 -13.77 -56.41 -71.98
CA SER E 354 -13.71 -56.18 -73.45
C SER E 354 -12.69 -55.07 -73.74
N GLY E 355 -12.44 -54.84 -75.02
CA GLY E 355 -11.56 -53.75 -75.48
C GLY E 355 -10.12 -53.99 -75.09
N PRO E 356 -9.29 -52.93 -74.99
CA PRO E 356 -7.86 -53.21 -74.68
C PRO E 356 -7.63 -53.84 -73.28
N TYR E 357 -8.60 -53.76 -72.37
CA TYR E 357 -8.46 -54.28 -70.97
C TYR E 357 -8.25 -55.82 -70.85
N ARG E 358 -8.63 -56.57 -71.89
CA ARG E 358 -8.40 -57.99 -71.91
C ARG E 358 -6.95 -58.44 -71.91
N ASN E 359 -6.03 -57.61 -72.39
CA ASN E 359 -4.59 -57.96 -72.32
C ASN E 359 -3.87 -57.33 -71.14
N GLY E 360 -4.63 -56.73 -70.22
CA GLY E 360 -4.14 -56.13 -68.98
C GLY E 360 -3.99 -57.18 -67.92
N TYR E 361 -3.47 -56.83 -66.73
CA TYR E 361 -3.13 -57.84 -65.75
C TYR E 361 -4.08 -57.78 -64.59
N PHE E 362 -5.35 -57.86 -64.92
CA PHE E 362 -6.41 -57.81 -63.95
C PHE E 362 -6.65 -59.15 -63.28
N PHE E 363 -6.99 -59.08 -62.00
CA PHE E 363 -7.34 -60.25 -61.18
C PHE E 363 -8.48 -59.91 -60.26
N LEU E 364 -9.49 -60.78 -60.25
CA LEU E 364 -10.69 -60.56 -59.45
C LEU E 364 -10.40 -60.64 -57.92
N PRO E 365 -11.13 -59.83 -57.12
CA PRO E 365 -11.19 -60.07 -55.67
C PRO E 365 -11.39 -61.56 -55.43
N THR E 366 -10.68 -62.10 -54.47
CA THR E 366 -10.73 -63.53 -54.24
C THR E 366 -10.75 -63.80 -52.74
N ILE E 367 -11.84 -64.44 -52.31
CA ILE E 367 -12.07 -64.73 -50.93
C ILE E 367 -12.11 -66.23 -50.70
N ILE E 368 -11.27 -66.67 -49.76
CA ILE E 368 -11.11 -68.08 -49.45
C ILE E 368 -11.54 -68.41 -48.00
N GLY E 369 -12.34 -69.44 -47.86
CA GLY E 369 -12.89 -69.86 -46.61
C GLY E 369 -12.21 -71.07 -46.05
N ASN E 370 -12.23 -71.17 -44.73
CA ASN E 370 -11.67 -72.32 -44.10
C ASN E 370 -10.30 -72.74 -44.58
N ALA E 371 -9.31 -71.85 -44.57
CA ALA E 371 -7.98 -72.28 -44.99
C ALA E 371 -7.20 -72.41 -43.67
N ASP E 372 -6.21 -73.28 -43.64
CA ASP E 372 -5.47 -73.56 -42.40
C ASP E 372 -4.62 -72.36 -42.01
N GLN E 373 -4.49 -72.19 -40.71
CA GLN E 373 -3.55 -71.24 -40.13
C GLN E 373 -2.11 -71.45 -40.63
N LYS E 374 -1.72 -72.71 -40.84
CA LYS E 374 -0.36 -73.00 -41.32
C LYS E 374 -0.24 -73.00 -42.86
N SER E 375 -1.33 -72.82 -43.62
CA SER E 375 -1.25 -72.86 -45.12
C SER E 375 -0.45 -71.66 -45.69
N LYS E 376 -0.01 -71.79 -46.93
CA LYS E 376 0.75 -70.71 -47.62
C LYS E 376 -0.08 -69.42 -47.73
N ILE E 377 -1.39 -69.58 -47.91
CA ILE E 377 -2.33 -68.46 -47.92
C ILE E 377 -2.27 -67.56 -46.64
N PHE E 378 -1.97 -68.19 -45.51
CA PHE E 378 -1.91 -67.53 -44.23
C PHE E 378 -0.48 -67.28 -43.80
N GLN E 379 0.52 -67.83 -44.47
CA GLN E 379 1.91 -67.68 -43.99
C GLN E 379 2.87 -67.00 -44.96
N GLU E 380 2.51 -66.91 -46.25
CA GLU E 380 3.35 -66.25 -47.26
C GLU E 380 2.62 -65.05 -47.82
N GLU E 381 3.34 -63.93 -48.00
CA GLU E 381 2.76 -62.68 -48.48
C GLU E 381 2.11 -62.92 -49.87
N ILE E 382 0.91 -62.40 -50.09
CA ILE E 382 0.22 -62.53 -51.37
C ILE E 382 0.38 -61.29 -52.24
N PHE E 383 0.17 -60.10 -51.68
CA PHE E 383 0.38 -58.82 -52.39
C PHE E 383 -0.48 -58.79 -53.69
N ALA E 384 -1.74 -59.15 -53.53
CA ALA E 384 -2.73 -59.16 -54.63
C ALA E 384 -4.10 -59.24 -53.90
N PRO E 385 -5.20 -59.15 -54.63
CA PRO E 385 -6.53 -59.07 -53.99
C PRO E 385 -7.17 -60.40 -53.56
N VAL E 386 -6.44 -61.16 -52.78
CA VAL E 386 -6.76 -62.51 -52.35
C VAL E 386 -6.64 -62.57 -50.82
N ILE E 387 -7.62 -63.15 -50.13
CA ILE E 387 -7.56 -63.29 -48.66
C ILE E 387 -8.33 -64.48 -48.13
N GLY E 388 -7.73 -65.18 -47.18
CA GLY E 388 -8.37 -66.29 -46.48
C GLY E 388 -8.90 -65.81 -45.13
N ALA E 389 -9.97 -66.44 -44.67
CA ALA E 389 -10.59 -66.08 -43.40
C ALA E 389 -10.71 -67.31 -42.49
N ARG E 390 -10.62 -67.07 -41.19
CA ARG E 390 -10.74 -68.09 -40.15
C ARG E 390 -11.54 -67.54 -38.97
N LYS E 391 -12.11 -68.42 -38.17
CA LYS E 391 -12.92 -68.04 -37.01
C LYS E 391 -12.04 -67.87 -35.82
N ILE E 392 -12.39 -66.98 -34.89
CA ILE E 392 -11.73 -66.92 -33.54
C ILE E 392 -12.74 -66.96 -32.41
N SER E 393 -12.33 -67.46 -31.26
CA SER E 393 -13.20 -67.57 -30.10
C SER E 393 -12.72 -66.93 -28.81
N SER E 394 -11.44 -66.65 -28.69
CA SER E 394 -10.89 -66.00 -27.48
C SER E 394 -9.86 -64.95 -27.85
N VAL E 395 -9.66 -64.00 -26.94
CA VAL E 395 -8.67 -62.92 -27.10
C VAL E 395 -7.28 -63.48 -27.18
N GLU E 396 -6.97 -64.44 -26.29
CA GLU E 396 -5.64 -65.02 -26.23
C GLU E 396 -5.33 -65.74 -27.53
N GLU E 397 -6.29 -66.50 -28.05
CA GLU E 397 -6.13 -67.16 -29.35
C GLU E 397 -5.89 -66.11 -30.50
N MET E 398 -6.63 -65.01 -30.48
CA MET E 398 -6.50 -63.95 -31.47
C MET E 398 -5.09 -63.39 -31.45
N TYR E 399 -4.56 -63.09 -30.25
CA TYR E 399 -3.17 -62.66 -30.15
C TYR E 399 -2.21 -63.68 -30.73
N ASP E 400 -2.35 -64.94 -30.36
CA ASP E 400 -1.38 -65.96 -30.80
C ASP E 400 -1.47 -66.24 -32.31
N LEU E 401 -2.67 -66.20 -32.88
CA LEU E 401 -2.84 -66.32 -34.34
C LEU E 401 -2.23 -65.14 -35.09
N ALA E 402 -2.42 -63.92 -34.58
CA ALA E 402 -1.85 -62.74 -35.20
C ALA E 402 -0.34 -62.84 -35.23
N ASN E 403 0.22 -63.19 -34.06
CA ASN E 403 1.67 -63.22 -33.87
C ASN E 403 2.37 -64.40 -34.50
N ASP E 404 1.59 -65.44 -34.90
CA ASP E 404 2.14 -66.62 -35.58
C ASP E 404 2.36 -66.33 -37.11
N SER E 405 3.50 -65.71 -37.40
CA SER E 405 3.84 -65.18 -38.72
C SER E 405 5.30 -64.80 -38.71
N LYS E 406 6.01 -65.02 -39.81
CA LYS E 406 7.34 -64.46 -39.91
C LYS E 406 7.31 -62.95 -40.20
N TYR E 407 6.11 -62.40 -40.45
CA TYR E 407 5.97 -61.00 -40.75
C TYR E 407 5.57 -60.18 -39.51
N GLY E 408 5.74 -58.86 -39.58
CA GLY E 408 5.47 -57.98 -38.43
C GLY E 408 5.18 -56.50 -38.63
N LEU E 409 4.61 -56.10 -39.77
CA LEU E 409 4.35 -54.68 -40.05
C LEU E 409 2.96 -54.24 -39.57
N ALA E 410 1.92 -54.27 -40.43
CA ALA E 410 0.62 -53.80 -40.00
C ALA E 410 -0.32 -54.90 -39.49
N SER E 411 -1.38 -54.46 -38.85
CA SER E 411 -2.40 -55.25 -38.22
C SER E 411 -3.62 -54.35 -38.03
N TYR E 412 -4.81 -54.92 -38.01
CA TYR E 412 -6.07 -54.17 -37.90
C TYR E 412 -6.93 -54.85 -36.83
N LEU E 413 -7.66 -54.04 -36.05
CA LEU E 413 -8.46 -54.51 -34.93
C LEU E 413 -9.76 -53.72 -34.84
N PHE E 414 -10.90 -54.42 -34.84
CA PHE E 414 -12.22 -53.80 -34.73
C PHE E 414 -12.88 -54.34 -33.47
N THR E 415 -13.07 -53.45 -32.48
CA THR E 415 -13.72 -53.80 -31.21
C THR E 415 -14.14 -52.51 -30.48
N LYS E 416 -15.08 -52.62 -29.56
CA LYS E 416 -15.47 -51.54 -28.68
C LYS E 416 -14.97 -51.85 -27.26
N ASP E 417 -14.18 -52.91 -27.05
CA ASP E 417 -13.76 -53.26 -25.70
C ASP E 417 -12.40 -52.61 -25.34
N PRO E 418 -12.44 -51.61 -24.46
CA PRO E 418 -11.21 -50.87 -24.16
C PRO E 418 -10.15 -51.75 -23.56
N ASN E 419 -10.50 -52.78 -22.81
CA ASN E 419 -9.43 -53.70 -22.30
C ASN E 419 -8.68 -54.47 -23.42
N ILE E 420 -9.40 -54.83 -24.48
CA ILE E 420 -8.76 -55.47 -25.62
C ILE E 420 -7.84 -54.46 -26.35
N ILE E 421 -8.33 -53.24 -26.57
CA ILE E 421 -7.56 -52.22 -27.29
C ILE E 421 -6.22 -51.90 -26.60
N PHE E 422 -6.28 -51.58 -25.32
CA PHE E 422 -5.04 -51.26 -24.58
C PHE E 422 -4.14 -52.49 -24.41
N GLU E 423 -4.72 -53.65 -24.11
CA GLU E 423 -3.91 -54.87 -24.03
C GLU E 423 -3.25 -55.28 -25.35
N ALA E 424 -3.98 -55.18 -26.45
CA ALA E 424 -3.44 -55.52 -27.78
C ALA E 424 -2.32 -54.54 -28.19
N SER E 425 -2.35 -53.33 -27.65
CA SER E 425 -1.33 -52.37 -27.94
C SER E 425 0.07 -52.88 -27.52
N GLU E 426 0.17 -53.82 -26.58
CA GLU E 426 1.43 -54.55 -26.33
C GLU E 426 1.43 -55.99 -26.87
N ARG E 427 0.34 -56.70 -26.75
CA ARG E 427 0.37 -58.13 -27.10
C ARG E 427 0.42 -58.42 -28.62
N ILE E 428 -0.13 -57.50 -29.45
CA ILE E 428 -0.03 -57.67 -30.93
C ILE E 428 1.36 -57.20 -31.34
N ARG E 429 2.25 -58.12 -31.73
CA ARG E 429 3.65 -57.77 -31.97
C ARG E 429 3.88 -57.41 -33.43
N PHE E 430 3.28 -56.28 -33.81
CA PHE E 430 3.36 -55.67 -35.11
C PHE E 430 3.67 -54.21 -34.94
N GLY E 431 4.43 -53.71 -35.91
CA GLY E 431 4.81 -52.29 -35.97
C GLY E 431 3.72 -51.24 -36.00
N GLU E 432 2.60 -51.58 -36.65
CA GLU E 432 1.45 -50.72 -36.74
C GLU E 432 0.19 -51.53 -36.39
N LEU E 433 -0.56 -51.02 -35.42
CA LEU E 433 -1.90 -51.51 -35.12
C LEU E 433 -2.97 -50.41 -35.40
N TYR E 434 -3.85 -50.69 -36.37
CA TYR E 434 -4.91 -49.76 -36.69
C TYR E 434 -6.17 -50.22 -35.98
N VAL E 435 -6.70 -49.37 -35.11
CA VAL E 435 -7.81 -49.70 -34.24
C VAL E 435 -9.01 -48.87 -34.67
N ASN E 436 -9.99 -49.57 -35.24
CA ASN E 436 -11.28 -49.01 -35.70
C ASN E 436 -11.14 -47.98 -36.78
N MET E 437 -10.12 -48.17 -37.60
CA MET E 437 -9.78 -47.26 -38.72
C MET E 437 -8.88 -47.97 -39.74
N PRO E 438 -8.88 -47.53 -41.02
CA PRO E 438 -7.95 -47.98 -42.05
C PRO E 438 -6.61 -47.28 -41.92
N GLY E 439 -5.60 -47.82 -42.58
CA GLY E 439 -4.45 -47.06 -43.02
C GLY E 439 -4.82 -46.01 -44.08
N PRO E 440 -3.88 -45.42 -44.78
CA PRO E 440 -2.43 -45.67 -44.59
C PRO E 440 -1.83 -44.97 -43.39
N GLU E 441 -0.54 -45.23 -43.21
CA GLU E 441 0.27 -44.60 -42.18
C GLU E 441 0.42 -43.10 -42.42
N ALA E 442 0.64 -42.36 -41.37
CA ALA E 442 0.85 -40.92 -41.46
C ALA E 442 2.37 -40.55 -41.39
N SER E 443 2.73 -39.37 -41.89
CA SER E 443 4.12 -38.99 -41.93
C SER E 443 4.70 -38.86 -40.48
N GLN E 444 3.87 -38.50 -39.51
CA GLN E 444 4.30 -38.38 -38.08
C GLN E 444 4.36 -39.75 -37.35
N GLY E 445 3.94 -40.84 -37.99
CA GLY E 445 4.09 -42.18 -37.42
C GLY E 445 5.43 -42.75 -37.86
N TYR E 446 5.95 -43.72 -37.12
CA TYR E 446 7.23 -44.37 -37.42
C TYR E 446 6.93 -45.74 -38.03
N HIS E 447 6.97 -45.80 -39.35
CA HIS E 447 6.56 -46.94 -40.17
C HIS E 447 7.70 -47.96 -40.05
N THR E 448 7.40 -49.12 -39.46
CA THR E 448 8.41 -50.11 -39.00
C THR E 448 7.67 -51.39 -38.64
N GLY E 449 8.41 -52.44 -38.34
CA GLY E 449 7.81 -53.66 -37.84
C GLY E 449 8.75 -54.63 -37.23
N PHE E 450 8.21 -55.77 -36.81
CA PHE E 450 8.98 -56.80 -36.13
C PHE E 450 9.34 -57.92 -37.07
N ARG E 451 10.20 -58.84 -36.61
CA ARG E 451 10.53 -60.08 -37.37
C ARG E 451 11.01 -59.75 -38.78
N MET E 452 10.40 -60.28 -39.87
CA MET E 452 11.02 -60.09 -41.19
C MET E 452 10.67 -58.75 -41.83
N THR E 453 10.14 -57.77 -41.10
CA THR E 453 9.79 -56.49 -41.70
C THR E 453 10.99 -55.75 -42.28
N GLY E 454 12.16 -55.87 -41.69
CA GLY E 454 13.30 -55.14 -42.20
C GLY E 454 14.14 -54.55 -41.11
N GLN E 455 14.56 -53.31 -41.30
CA GLN E 455 15.52 -52.64 -40.45
C GLN E 455 15.12 -51.21 -40.32
N ALA E 456 15.15 -50.72 -39.10
CA ALA E 456 14.82 -49.35 -38.78
C ALA E 456 13.39 -49.01 -39.19
N GLY E 457 13.16 -47.81 -39.74
CA GLY E 457 11.82 -47.34 -39.94
C GLY E 457 11.82 -45.96 -40.54
N GLU E 458 10.65 -45.50 -40.99
CA GLU E 458 10.54 -44.23 -41.71
C GLU E 458 9.38 -43.42 -41.18
N GLY E 459 9.55 -42.12 -41.13
CA GLY E 459 8.55 -41.21 -40.60
C GLY E 459 8.75 -40.87 -39.13
N SER E 460 8.22 -39.75 -38.69
CA SER E 460 8.36 -39.28 -37.34
C SER E 460 9.78 -38.78 -37.13
N LYS E 461 9.97 -38.19 -35.98
CA LYS E 461 11.25 -37.72 -35.56
C LYS E 461 12.23 -38.88 -35.65
N TYR E 462 11.83 -40.06 -35.26
CA TYR E 462 12.76 -41.16 -35.23
C TYR E 462 13.13 -41.62 -36.62
N GLY E 463 12.23 -41.42 -37.58
CA GLY E 463 12.50 -41.77 -38.96
C GLY E 463 13.46 -40.85 -39.69
N ILE E 464 13.30 -39.55 -39.55
CA ILE E 464 14.21 -38.65 -40.18
C ILE E 464 15.58 -38.80 -39.50
N SER E 465 15.61 -38.98 -38.17
CA SER E 465 16.87 -39.20 -37.41
C SER E 465 17.66 -40.37 -37.85
N GLU E 466 17.06 -41.33 -38.59
CA GLU E 466 17.79 -42.48 -39.09
C GLU E 466 18.79 -42.10 -40.14
N TYR E 467 18.63 -40.90 -40.74
CA TYR E 467 19.56 -40.40 -41.75
C TYR E 467 20.64 -39.49 -41.14
N LEU E 468 20.73 -39.46 -39.80
CA LEU E 468 21.77 -38.73 -39.09
C LEU E 468 22.54 -39.71 -38.22
N LYS E 469 23.84 -39.50 -38.18
CA LYS E 469 24.74 -40.28 -37.36
C LYS E 469 25.12 -39.43 -36.17
N LEU E 470 25.14 -40.01 -35.01
CA LEU E 470 25.51 -39.31 -33.83
C LEU E 470 27.03 -39.46 -33.61
N LYS E 471 27.77 -38.39 -33.41
CA LYS E 471 29.22 -38.51 -33.07
C LYS E 471 29.52 -37.78 -31.77
N ASN E 472 30.52 -38.25 -31.04
CA ASN E 472 30.88 -37.68 -29.73
C ASN E 472 32.20 -36.90 -29.78
N ILE E 473 32.21 -35.75 -29.10
CA ILE E 473 33.42 -34.99 -28.85
C ILE E 473 33.58 -34.84 -27.33
N TYR E 474 34.63 -35.49 -26.84
CA TYR E 474 35.06 -35.48 -25.41
C TYR E 474 36.12 -34.39 -25.23
N VAL E 475 35.81 -33.36 -24.46
CA VAL E 475 36.68 -32.23 -24.28
C VAL E 475 37.09 -32.19 -22.82
N ASP E 476 38.40 -32.00 -22.59
CA ASP E 476 38.94 -31.61 -21.28
C ASP E 476 39.50 -30.19 -21.35
N TYR E 477 38.95 -29.35 -20.50
CA TYR E 477 39.36 -27.96 -20.45
C TYR E 477 39.82 -27.55 -19.12
N SER E 478 40.38 -28.47 -18.31
CA SER E 478 40.91 -28.06 -17.04
C SER E 478 42.13 -27.15 -17.21
N GLY E 479 42.85 -27.21 -18.34
CA GLY E 479 44.19 -26.57 -18.44
C GLY E 479 45.23 -26.96 -17.39
N LYS E 480 45.10 -28.15 -16.84
CA LYS E 480 45.91 -28.63 -15.75
C LYS E 480 46.60 -29.96 -16.18
N PRO E 481 47.77 -30.34 -15.56
CA PRO E 481 48.34 -31.67 -15.90
C PRO E 481 47.32 -32.83 -15.81
N LEU E 482 47.25 -33.66 -16.85
CA LEU E 482 46.44 -34.88 -16.78
C LEU E 482 46.98 -35.89 -15.73
N HIS E 483 46.08 -36.59 -15.06
CA HIS E 483 46.47 -37.76 -14.26
C HIS E 483 45.63 -38.92 -14.79
N ILE E 484 46.33 -39.97 -15.18
CA ILE E 484 45.74 -41.18 -15.76
C ILE E 484 46.18 -42.33 -14.86
N ASN E 485 45.17 -43.07 -14.41
CA ASN E 485 45.32 -44.08 -13.33
C ASN E 485 46.42 -45.09 -13.68
N THR E 486 46.50 -45.54 -14.93
CA THR E 486 47.52 -46.50 -15.35
C THR E 486 48.82 -45.92 -15.90
N VAL E 487 49.01 -44.61 -15.88
CA VAL E 487 50.28 -44.03 -16.35
C VAL E 487 50.99 -43.40 -15.16
N ARG E 488 52.15 -43.97 -14.81
CA ARG E 488 52.96 -43.58 -13.64
C ARG E 488 53.46 -42.16 -13.82
N ASP E 489 53.03 -41.29 -12.92
CA ASP E 489 53.48 -39.89 -13.00
C ASP E 489 54.95 -39.71 -12.67
N ASP E 490 55.63 -40.71 -12.09
CA ASP E 490 57.11 -40.63 -12.01
C ASP E 490 57.81 -40.68 -13.39
N LEU E 491 57.13 -41.12 -14.47
CA LEU E 491 57.68 -40.98 -15.83
C LEU E 491 57.83 -39.49 -16.29
N PHE E 492 57.08 -38.56 -15.68
CA PHE E 492 57.03 -37.10 -15.98
C PHE E 492 57.14 -36.26 -14.68
N MET F 1 39.73 -72.59 -13.25
CA MET F 1 38.24 -72.66 -13.17
C MET F 1 37.82 -73.43 -14.41
N ASP F 2 36.99 -74.45 -14.23
CA ASP F 2 36.28 -75.06 -15.35
C ASP F 2 34.88 -74.44 -15.39
N THR F 3 34.47 -73.92 -16.53
CA THR F 3 33.17 -73.29 -16.60
C THR F 3 32.18 -74.25 -17.19
N LYS F 4 30.90 -73.97 -16.92
CA LYS F 4 29.76 -74.78 -17.39
C LYS F 4 28.82 -73.88 -18.22
N LEU F 5 27.70 -74.44 -18.66
CA LEU F 5 26.66 -73.70 -19.41
C LEU F 5 25.54 -73.42 -18.42
N TYR F 6 24.75 -72.40 -18.71
CA TYR F 6 23.58 -72.14 -17.93
C TYR F 6 22.40 -72.02 -18.82
N ILE F 7 21.48 -72.96 -18.70
CA ILE F 7 20.41 -73.14 -19.67
C ILE F 7 19.09 -73.38 -18.95
N ASP F 8 18.10 -72.54 -19.23
CA ASP F 8 16.79 -72.66 -18.59
C ASP F 8 16.90 -72.89 -17.08
N GLY F 9 17.77 -72.14 -16.41
CA GLY F 9 17.79 -72.17 -14.95
C GLY F 9 18.67 -73.22 -14.29
N GLN F 10 19.45 -73.96 -15.06
CA GLN F 10 20.34 -74.99 -14.49
C GLN F 10 21.75 -74.86 -15.07
N TRP F 11 22.77 -75.12 -14.25
CA TRP F 11 24.14 -75.29 -14.72
C TRP F 11 24.26 -76.69 -15.28
N VAL F 12 24.77 -76.83 -16.50
CA VAL F 12 24.87 -78.15 -17.15
C VAL F 12 26.15 -78.28 -17.99
N ASN F 13 26.48 -79.53 -18.31
CA ASN F 13 27.53 -79.82 -19.28
C ASN F 13 27.03 -79.67 -20.69
N SER F 14 27.95 -79.55 -21.63
CA SER F 14 27.62 -79.67 -23.04
C SER F 14 26.92 -81.01 -23.28
N SER F 15 25.92 -81.06 -24.16
CA SER F 15 25.30 -82.37 -24.42
C SER F 15 26.20 -83.31 -25.24
N SER F 16 27.31 -82.83 -25.81
CA SER F 16 28.32 -83.74 -26.40
C SER F 16 29.33 -84.22 -25.37
N GLY F 17 29.36 -83.61 -24.18
CA GLY F 17 30.40 -83.93 -23.21
C GLY F 17 31.71 -83.23 -23.51
N LYS F 18 31.88 -82.56 -24.66
CA LYS F 18 33.18 -82.03 -25.08
C LYS F 18 33.57 -80.73 -24.34
N THR F 19 34.87 -80.54 -24.15
CA THR F 19 35.38 -79.31 -23.54
C THR F 19 36.54 -78.76 -24.37
N VAL F 20 36.92 -77.52 -24.10
CA VAL F 20 38.05 -76.81 -24.74
C VAL F 20 38.94 -76.21 -23.63
N ASP F 21 40.24 -76.22 -23.88
CA ASP F 21 41.26 -75.74 -22.98
C ASP F 21 41.39 -74.22 -23.08
N LYS F 22 41.70 -73.62 -21.92
CA LYS F 22 41.98 -72.19 -21.81
C LYS F 22 43.42 -71.98 -21.36
N TYR F 23 44.14 -71.18 -22.14
CA TYR F 23 45.55 -70.91 -21.90
C TYR F 23 45.75 -69.59 -21.14
N SER F 24 46.69 -69.56 -20.20
CA SER F 24 47.12 -68.30 -19.57
C SER F 24 48.03 -67.59 -20.56
N PRO F 25 47.82 -66.27 -20.78
CA PRO F 25 48.75 -65.51 -21.64
C PRO F 25 50.01 -65.02 -20.89
N VAL F 26 50.03 -65.19 -19.57
CA VAL F 26 51.18 -64.82 -18.76
C VAL F 26 52.19 -65.96 -18.80
N THR F 27 51.71 -67.20 -18.68
CA THR F 27 52.61 -68.36 -18.56
C THR F 27 52.58 -69.30 -19.75
N GLY F 28 51.56 -69.20 -20.61
CA GLY F 28 51.45 -70.12 -21.74
C GLY F 28 50.93 -71.50 -21.38
N GLN F 29 50.49 -71.70 -20.14
CA GLN F 29 50.02 -73.06 -19.72
C GLN F 29 48.50 -73.08 -19.71
N VAL F 30 47.94 -74.28 -19.72
CA VAL F 30 46.51 -74.52 -19.58
C VAL F 30 46.11 -74.21 -18.13
N ILE F 31 45.13 -73.34 -17.92
CA ILE F 31 44.65 -72.98 -16.59
C ILE F 31 43.17 -73.33 -16.35
N GLY F 32 42.51 -73.83 -17.36
CA GLY F 32 41.09 -74.06 -17.20
C GLY F 32 40.48 -74.66 -18.43
N ARG F 33 39.23 -75.07 -18.30
CA ARG F 33 38.48 -75.70 -19.37
C ARG F 33 37.08 -75.05 -19.43
N PHE F 34 36.50 -74.98 -20.62
CA PHE F 34 35.08 -74.63 -20.77
C PHE F 34 34.28 -75.62 -21.63
N GLU F 35 32.97 -75.65 -21.43
CA GLU F 35 32.14 -76.57 -22.18
C GLU F 35 32.03 -76.11 -23.64
N ALA F 36 32.10 -77.09 -24.51
CA ALA F 36 31.90 -76.92 -25.93
C ALA F 36 30.40 -77.13 -26.25
N ALA F 37 29.57 -76.11 -26.07
CA ALA F 37 28.13 -76.32 -26.38
C ALA F 37 27.87 -76.76 -27.82
N THR F 38 26.80 -77.54 -27.97
CA THR F 38 26.32 -78.00 -29.29
C THR F 38 25.17 -77.12 -29.78
N ARG F 39 24.76 -77.37 -31.01
CA ARG F 39 23.62 -76.64 -31.58
C ARG F 39 22.35 -76.93 -30.79
N ASP F 40 22.23 -78.15 -30.27
CA ASP F 40 21.08 -78.55 -29.43
C ASP F 40 21.05 -77.73 -28.15
N ASP F 41 22.22 -77.50 -27.55
CA ASP F 41 22.30 -76.66 -26.36
C ASP F 41 21.89 -75.22 -26.67
N VAL F 42 22.37 -74.68 -27.79
CA VAL F 42 21.92 -73.35 -28.28
C VAL F 42 20.41 -73.27 -28.43
N ASP F 43 19.83 -74.30 -29.01
CA ASP F 43 18.38 -74.36 -29.23
C ASP F 43 17.62 -74.33 -27.94
N ARG F 44 18.05 -75.16 -26.98
CA ARG F 44 17.43 -75.19 -25.67
CA ARG F 44 17.40 -75.18 -25.69
C ARG F 44 17.55 -73.84 -24.95
N ALA F 45 18.68 -73.15 -25.12
CA ALA F 45 18.89 -71.83 -24.51
C ALA F 45 17.97 -70.76 -25.09
N ILE F 46 17.88 -70.75 -26.41
CA ILE F 46 17.02 -69.81 -27.16
C ILE F 46 15.54 -70.06 -26.90
N ASP F 47 15.12 -71.33 -26.94
CA ASP F 47 13.76 -71.71 -26.57
C ASP F 47 13.44 -71.29 -25.13
N ALA F 48 14.40 -71.43 -24.20
CA ALA F 48 14.20 -71.02 -22.80
C ALA F 48 13.96 -69.50 -22.70
N ALA F 49 14.74 -68.73 -23.43
CA ALA F 49 14.55 -67.31 -23.54
C ALA F 49 13.20 -66.88 -24.16
N GLU F 50 12.71 -67.63 -25.15
CA GLU F 50 11.39 -67.34 -25.70
C GLU F 50 10.30 -67.57 -24.67
N ASP F 51 10.40 -68.67 -23.93
CA ASP F 51 9.35 -69.06 -22.99
C ASP F 51 9.35 -68.16 -21.73
N ALA F 52 10.47 -67.49 -21.45
CA ALA F 52 10.55 -66.54 -20.33
C ALA F 52 10.15 -65.13 -20.72
N PHE F 53 10.11 -64.82 -22.01
CA PHE F 53 9.91 -63.46 -22.43
C PHE F 53 8.68 -62.74 -21.87
N TRP F 54 7.47 -63.29 -21.99
CA TRP F 54 6.30 -62.45 -21.61
C TRP F 54 6.28 -62.14 -20.12
N ALA F 55 6.59 -63.12 -19.29
CA ALA F 55 6.61 -62.92 -17.88
C ALA F 55 7.72 -61.90 -17.45
N TRP F 56 8.83 -61.87 -18.18
CA TRP F 56 9.93 -60.92 -17.95
C TRP F 56 9.54 -59.51 -18.37
N ASN F 57 9.04 -59.39 -19.59
CA ASN F 57 8.44 -58.16 -20.06
C ASN F 57 7.37 -57.61 -19.10
N ASP F 58 6.42 -58.46 -18.74
CA ASP F 58 5.34 -58.06 -17.83
C ASP F 58 5.82 -57.70 -16.38
N LEU F 59 7.01 -58.07 -15.96
CA LEU F 59 7.52 -57.53 -14.69
C LEU F 59 7.60 -56.01 -14.65
N GLY F 60 7.86 -55.36 -15.79
CA GLY F 60 8.05 -53.93 -15.85
C GLY F 60 9.49 -53.62 -15.47
N SER F 61 9.98 -52.50 -15.96
CA SER F 61 11.36 -52.07 -15.77
C SER F 61 11.71 -51.82 -14.32
N VAL F 62 10.78 -51.34 -13.50
CA VAL F 62 11.13 -51.12 -12.04
C VAL F 62 11.55 -52.44 -11.36
N GLU F 63 10.66 -53.45 -11.44
CA GLU F 63 11.02 -54.73 -10.85
C GLU F 63 12.23 -55.39 -11.46
N ARG F 64 12.43 -55.22 -12.76
CA ARG F 64 13.63 -55.75 -13.39
C ARG F 64 14.87 -55.05 -12.86
N SER F 65 14.78 -53.73 -12.65
CA SER F 65 15.92 -52.94 -12.14
C SER F 65 16.35 -53.34 -10.72
N LYS F 66 15.38 -53.73 -9.88
CA LYS F 66 15.68 -54.27 -8.53
C LYS F 66 16.57 -55.47 -8.60
N ILE F 67 16.29 -56.36 -9.56
CA ILE F 67 17.14 -57.52 -9.74
C ILE F 67 18.56 -57.13 -10.21
N ILE F 68 18.63 -56.21 -11.17
CA ILE F 68 19.88 -55.77 -11.77
C ILE F 68 20.74 -55.02 -10.70
N TYR F 69 20.08 -54.17 -9.93
CA TYR F 69 20.73 -53.49 -8.80
C TYR F 69 21.30 -54.47 -7.80
N ARG F 70 20.54 -55.51 -7.48
CA ARG F 70 21.00 -56.55 -6.57
C ARG F 70 22.23 -57.31 -7.15
N ALA F 71 22.21 -57.57 -8.48
CA ALA F 71 23.37 -58.17 -9.14
C ALA F 71 24.62 -57.27 -8.97
N LYS F 72 24.43 -55.97 -9.13
CA LYS F 72 25.50 -55.03 -9.00
C LYS F 72 26.04 -55.07 -7.57
N GLU F 73 25.16 -55.10 -6.58
CA GLU F 73 25.64 -55.15 -5.17
C GLU F 73 26.48 -56.40 -4.86
N LEU F 74 26.00 -57.54 -5.39
CA LEU F 74 26.67 -58.80 -5.19
C LEU F 74 28.04 -58.77 -5.85
N ILE F 75 28.15 -58.12 -7.01
CA ILE F 75 29.42 -57.99 -7.72
C ILE F 75 30.42 -57.10 -6.93
N GLU F 76 29.95 -55.97 -6.45
CA GLU F 76 30.74 -55.01 -5.74
C GLU F 76 31.26 -55.67 -4.46
N LYS F 77 30.41 -56.37 -3.73
CA LYS F 77 30.80 -57.06 -2.52
C LYS F 77 31.84 -58.18 -2.75
N ASN F 78 31.78 -58.90 -3.88
CA ASN F 78 32.75 -59.95 -4.19
C ASN F 78 33.74 -59.62 -5.29
N ARG F 79 33.99 -58.33 -5.47
CA ARG F 79 34.74 -57.82 -6.63
C ARG F 79 36.15 -58.36 -6.77
N ALA F 80 36.89 -58.64 -5.66
CA ALA F 80 38.27 -59.16 -5.76
C ALA F 80 38.30 -60.46 -6.60
N GLU F 81 37.27 -61.30 -6.50
CA GLU F 81 37.24 -62.51 -7.28
C GLU F 81 37.24 -62.24 -8.79
N LEU F 82 36.42 -61.28 -9.25
CA LEU F 82 36.40 -60.93 -10.67
C LEU F 82 37.70 -60.22 -11.10
N GLU F 83 38.22 -59.30 -10.27
CA GLU F 83 39.62 -58.79 -10.46
C GLU F 83 40.61 -59.90 -10.75
N ASN F 84 40.60 -60.96 -9.96
CA ASN F 84 41.58 -62.00 -10.08
C ASN F 84 41.39 -62.85 -11.35
N ILE F 85 40.15 -63.17 -11.64
CA ILE F 85 39.82 -63.84 -12.90
C ILE F 85 40.36 -63.07 -14.12
N ILE F 86 40.20 -61.74 -14.13
CA ILE F 86 40.66 -60.95 -15.25
C ILE F 86 42.18 -61.01 -15.35
N MET F 87 42.86 -60.90 -14.21
CA MET F 87 44.32 -61.04 -14.20
C MET F 87 44.75 -62.43 -14.64
N GLU F 88 44.03 -63.47 -14.22
CA GLU F 88 44.41 -64.83 -14.60
C GLU F 88 44.19 -65.05 -16.11
N GLU F 89 43.03 -64.66 -16.60
CA GLU F 89 42.67 -65.01 -17.99
C GLU F 89 43.33 -64.06 -19.04
N ASN F 90 43.50 -62.78 -18.72
CA ASN F 90 43.99 -61.82 -19.67
C ASN F 90 45.39 -61.32 -19.39
N GLY F 91 45.87 -61.50 -18.16
CA GLY F 91 47.16 -60.98 -17.80
C GLY F 91 47.22 -59.48 -17.62
N LYS F 92 46.07 -58.85 -17.39
CA LYS F 92 46.03 -57.41 -17.24
C LYS F 92 46.75 -56.95 -16.00
N PRO F 93 47.53 -55.86 -16.11
CA PRO F 93 48.09 -55.23 -14.91
C PRO F 93 47.01 -54.99 -13.86
N VAL F 94 47.33 -55.14 -12.60
CA VAL F 94 46.34 -55.03 -11.53
C VAL F 94 45.41 -53.80 -11.64
N LYS F 95 45.98 -52.64 -11.92
CA LYS F 95 45.20 -51.43 -11.96
C LYS F 95 44.23 -51.46 -13.12
N GLU F 96 44.60 -52.11 -14.22
CA GLU F 96 43.67 -52.22 -15.35
C GLU F 96 42.51 -53.18 -15.01
N ALA F 97 42.80 -54.23 -14.25
CA ALA F 97 41.80 -55.20 -13.83
C ALA F 97 40.79 -54.53 -12.90
N LYS F 98 41.30 -53.81 -11.91
CA LYS F 98 40.43 -53.06 -10.98
C LYS F 98 39.57 -52.00 -11.66
N GLU F 99 40.15 -51.32 -12.62
CA GLU F 99 39.47 -50.31 -13.43
C GLU F 99 38.31 -50.93 -14.27
N GLU F 100 38.60 -52.07 -14.87
CA GLU F 100 37.59 -52.82 -15.58
C GLU F 100 36.39 -53.17 -14.68
N VAL F 101 36.68 -53.66 -13.47
CA VAL F 101 35.63 -54.01 -12.55
C VAL F 101 34.87 -52.76 -12.04
N ASP F 102 35.60 -51.65 -11.80
CA ASP F 102 34.90 -50.37 -11.54
C ASP F 102 33.87 -50.07 -12.68
N GLY F 103 34.23 -50.28 -13.93
CA GLY F 103 33.38 -49.98 -15.08
C GLY F 103 32.18 -50.93 -15.21
N VAL F 104 32.35 -52.18 -14.76
CA VAL F 104 31.24 -53.17 -14.71
C VAL F 104 30.20 -52.67 -13.71
N ILE F 105 30.65 -52.23 -12.52
CA ILE F 105 29.76 -51.71 -11.52
C ILE F 105 29.10 -50.45 -12.01
N ASP F 106 29.87 -49.54 -12.56
CA ASP F 106 29.35 -48.27 -13.02
C ASP F 106 28.24 -48.45 -14.13
N GLN F 107 28.50 -49.36 -15.03
CA GLN F 107 27.67 -49.62 -16.17
C GLN F 107 26.36 -50.21 -15.70
N ILE F 108 26.43 -51.20 -14.80
CA ILE F 108 25.19 -51.84 -14.33
C ILE F 108 24.28 -50.82 -13.67
N GLN F 109 24.87 -49.94 -12.86
CA GLN F 109 24.15 -48.87 -12.19
C GLN F 109 23.51 -47.93 -13.21
N TYR F 110 24.32 -47.42 -14.13
CA TYR F 110 23.88 -46.49 -15.12
C TYR F 110 22.64 -47.04 -15.91
N TYR F 111 22.72 -48.27 -16.42
CA TYR F 111 21.66 -48.82 -17.21
C TYR F 111 20.43 -49.10 -16.39
N ALA F 112 20.59 -49.66 -15.20
CA ALA F 112 19.44 -49.89 -14.37
C ALA F 112 18.67 -48.60 -14.02
N GLU F 113 19.38 -47.48 -13.97
CA GLU F 113 18.79 -46.20 -13.61
C GLU F 113 17.81 -45.70 -14.68
N TRP F 114 17.88 -46.26 -15.86
CA TRP F 114 16.94 -45.91 -16.92
C TRP F 114 15.50 -46.43 -16.65
N ALA F 115 15.30 -47.23 -15.60
CA ALA F 115 13.93 -47.67 -15.20
C ALA F 115 12.86 -46.53 -15.27
N ARG F 116 11.75 -46.87 -15.94
CA ARG F 116 10.61 -46.01 -16.17
C ARG F 116 10.92 -44.66 -16.75
N LYS F 117 12.04 -44.53 -17.42
CA LYS F 117 12.37 -43.28 -18.02
C LYS F 117 12.46 -43.27 -19.56
N LEU F 118 12.41 -44.42 -20.23
CA LEU F 118 12.49 -44.50 -21.71
C LEU F 118 11.03 -44.50 -22.25
N ASN F 119 10.48 -43.31 -22.38
CA ASN F 119 9.11 -43.07 -22.69
C ASN F 119 8.80 -43.31 -24.16
N GLY F 120 7.60 -43.74 -24.44
CA GLY F 120 7.05 -43.67 -25.77
C GLY F 120 6.53 -42.29 -26.03
N GLU F 121 5.80 -42.15 -27.15
CA GLU F 121 5.28 -40.87 -27.60
C GLU F 121 3.78 -40.90 -27.96
N VAL F 122 3.21 -39.73 -28.04
CA VAL F 122 1.86 -39.59 -28.48
C VAL F 122 1.87 -38.48 -29.52
N VAL F 123 1.43 -38.76 -30.75
CA VAL F 123 1.30 -37.75 -31.81
C VAL F 123 -0.14 -37.52 -32.27
N GLU F 124 -0.40 -36.31 -32.78
CA GLU F 124 -1.68 -36.00 -33.46
C GLU F 124 -1.99 -37.01 -34.57
N GLY F 125 -3.24 -37.40 -34.66
CA GLY F 125 -3.69 -38.27 -35.74
C GLY F 125 -4.12 -37.41 -36.88
N THR F 126 -4.89 -37.97 -37.81
CA THR F 126 -5.31 -37.23 -39.01
C THR F 126 -6.65 -36.59 -38.84
N SER F 127 -7.22 -36.59 -37.64
CA SER F 127 -8.41 -35.83 -37.35
C SER F 127 -8.42 -35.55 -35.87
N SER F 128 -9.39 -34.72 -35.42
CA SER F 128 -9.47 -34.40 -33.99
C SER F 128 -9.88 -35.58 -33.10
N HIS F 129 -10.43 -36.66 -33.67
CA HIS F 129 -10.75 -37.85 -32.89
C HIS F 129 -9.89 -39.05 -33.25
N ARG F 130 -8.64 -38.77 -33.63
CA ARG F 130 -7.62 -39.76 -33.84
C ARG F 130 -6.33 -39.33 -33.13
N LYS F 131 -5.62 -40.34 -32.66
CA LYS F 131 -4.27 -40.18 -32.09
C LYS F 131 -3.44 -41.33 -32.53
N ILE F 132 -2.13 -41.13 -32.47
CA ILE F 132 -1.15 -42.17 -32.72
C ILE F 132 -0.25 -42.35 -31.48
N PHE F 133 -0.35 -43.51 -30.85
CA PHE F 133 0.38 -43.85 -29.66
C PHE F 133 1.62 -44.64 -30.08
N GLN F 134 2.80 -44.24 -29.62
CA GLN F 134 4.03 -44.95 -29.98
C GLN F 134 4.67 -45.53 -28.75
N TYR F 135 4.57 -46.84 -28.59
CA TYR F 135 5.12 -47.55 -27.41
C TYR F 135 6.51 -48.01 -27.74
N LYS F 136 7.36 -48.04 -26.72
CA LYS F 136 8.67 -48.64 -26.84
C LYS F 136 8.63 -49.93 -26.07
N VAL F 137 8.93 -51.04 -26.74
CA VAL F 137 8.79 -52.39 -26.20
C VAL F 137 10.07 -53.17 -26.53
N PRO F 138 10.35 -54.27 -25.81
CA PRO F 138 11.51 -55.11 -26.10
C PRO F 138 11.47 -55.80 -27.44
N TYR F 139 12.65 -55.99 -28.03
CA TYR F 139 12.76 -56.76 -29.27
C TYR F 139 12.42 -58.18 -29.01
N GLY F 140 12.61 -58.71 -27.82
CA GLY F 140 12.38 -60.15 -27.58
C GLY F 140 13.66 -60.87 -27.13
N ILE F 141 14.20 -61.71 -28.02
CA ILE F 141 15.37 -62.52 -27.66
C ILE F 141 16.62 -61.83 -28.19
N VAL F 142 17.54 -61.51 -27.26
CA VAL F 142 18.84 -60.87 -27.56
C VAL F 142 19.96 -61.94 -27.47
N VAL F 143 20.82 -61.98 -28.48
CA VAL F 143 22.04 -62.80 -28.48
C VAL F 143 23.17 -61.81 -28.24
N ALA F 144 23.92 -61.97 -27.19
CA ALA F 144 25.07 -61.11 -26.87
C ALA F 144 26.37 -61.87 -27.10
N LEU F 145 27.28 -61.32 -27.93
CA LEU F 145 28.55 -61.93 -28.27
C LEU F 145 29.62 -60.97 -27.80
N THR F 146 30.28 -61.32 -26.72
CA THR F 146 31.30 -60.44 -26.12
C THR F 146 32.72 -60.84 -26.54
N PRO F 147 33.61 -59.84 -26.66
CA PRO F 147 34.98 -60.14 -27.03
C PRO F 147 35.89 -60.46 -25.79
N TRP F 148 37.12 -60.84 -26.08
CA TRP F 148 38.09 -61.19 -25.03
C TRP F 148 38.81 -59.99 -24.38
N ASN F 149 38.84 -58.84 -25.05
CA ASN F 149 39.75 -57.74 -24.62
C ASN F 149 39.29 -56.98 -23.35
N PHE F 150 37.97 -56.82 -23.19
CA PHE F 150 37.37 -56.28 -21.99
C PHE F 150 36.27 -57.28 -21.64
N PRO F 151 36.69 -58.46 -21.13
CA PRO F 151 35.80 -59.59 -21.04
C PRO F 151 34.77 -59.50 -19.92
N ALA F 152 34.91 -58.53 -18.99
CA ALA F 152 33.94 -58.33 -17.96
C ALA F 152 33.08 -57.11 -18.28
N GLY F 153 33.78 -56.01 -18.60
CA GLY F 153 33.12 -54.75 -18.99
C GLY F 153 32.11 -54.92 -20.10
N MET F 154 32.45 -55.70 -21.13
CA MET F 154 31.51 -55.89 -22.27
C MET F 154 30.27 -56.71 -21.94
N VAL F 155 30.40 -57.64 -21.00
CA VAL F 155 29.32 -58.42 -20.53
C VAL F 155 28.35 -57.51 -19.82
N ALA F 156 28.88 -56.66 -18.92
CA ALA F 156 28.09 -55.63 -18.28
C ALA F 156 27.39 -54.73 -19.32
N ARG F 157 28.17 -54.26 -20.30
CA ARG F 157 27.68 -53.32 -21.28
C ARG F 157 26.44 -53.82 -22.08
N LYS F 158 26.40 -55.13 -22.30
CA LYS F 158 25.37 -55.75 -23.16
C LYS F 158 24.22 -56.31 -22.35
N LEU F 159 24.52 -56.97 -21.24
CA LEU F 159 23.47 -57.54 -20.39
C LEU F 159 22.55 -56.53 -19.70
N ALA F 160 23.15 -55.51 -19.07
CA ALA F 160 22.36 -54.57 -18.23
C ALA F 160 21.28 -53.86 -19.06
N PRO F 161 21.63 -53.24 -20.20
CA PRO F 161 20.55 -52.61 -20.99
C PRO F 161 19.54 -53.59 -21.61
N ALA F 162 19.99 -54.71 -22.12
CA ALA F 162 19.12 -55.71 -22.69
C ALA F 162 18.11 -56.20 -21.65
N LEU F 163 18.58 -56.50 -20.43
CA LEU F 163 17.69 -56.95 -19.38
C LEU F 163 16.79 -55.86 -18.86
N LEU F 164 17.35 -54.66 -18.67
CA LEU F 164 16.53 -53.58 -18.10
C LEU F 164 15.31 -53.33 -18.98
N THR F 165 15.54 -53.35 -20.28
CA THR F 165 14.51 -53.02 -21.23
C THR F 165 13.53 -54.18 -21.47
N GLY F 166 13.68 -55.29 -20.78
CA GLY F 166 12.70 -56.36 -20.83
C GLY F 166 12.95 -57.44 -21.88
N ASN F 167 14.17 -57.53 -22.40
CA ASN F 167 14.53 -58.60 -23.34
C ASN F 167 15.08 -59.77 -22.54
N THR F 168 15.02 -60.97 -23.11
CA THR F 168 15.65 -62.13 -22.57
C THR F 168 16.91 -62.31 -23.36
N VAL F 169 17.89 -63.00 -22.79
CA VAL F 169 19.24 -63.00 -23.33
C VAL F 169 19.85 -64.41 -23.38
N VAL F 170 20.62 -64.64 -24.45
CA VAL F 170 21.56 -65.76 -24.57
C VAL F 170 22.92 -65.14 -24.78
N LEU F 171 23.84 -65.33 -23.83
CA LEU F 171 25.16 -64.74 -23.89
C LEU F 171 26.19 -65.76 -24.26
N LYS F 172 27.04 -65.47 -25.22
CA LYS F 172 28.14 -66.33 -25.59
C LYS F 172 29.43 -65.53 -25.52
N PRO F 173 30.29 -65.82 -24.56
CA PRO F 173 31.51 -65.03 -24.52
C PRO F 173 32.55 -65.51 -25.48
N SER F 174 33.60 -64.71 -25.64
CA SER F 174 34.81 -65.15 -26.34
C SER F 174 35.40 -66.44 -25.74
N SER F 175 35.86 -67.35 -26.60
CA SER F 175 36.59 -68.56 -26.16
C SER F 175 37.90 -68.33 -25.36
N ASP F 176 38.51 -67.18 -25.55
CA ASP F 176 39.65 -66.80 -24.73
C ASP F 176 39.33 -66.45 -23.31
N THR F 177 38.09 -66.08 -23.01
CA THR F 177 37.74 -65.49 -21.73
C THR F 177 36.40 -65.95 -21.17
N PRO F 178 36.17 -67.26 -21.09
CA PRO F 178 34.85 -67.61 -20.55
C PRO F 178 34.65 -67.36 -19.03
N GLY F 179 35.71 -67.31 -18.24
CA GLY F 179 35.60 -67.28 -16.76
C GLY F 179 34.93 -66.04 -16.24
N SER F 180 35.36 -64.90 -16.76
CA SER F 180 34.86 -63.64 -16.22
C SER F 180 33.38 -63.47 -16.54
N ALA F 181 32.98 -63.95 -17.72
CA ALA F 181 31.55 -63.99 -18.14
C ALA F 181 30.75 -64.90 -17.28
N GLU F 182 31.28 -66.10 -17.04
CA GLU F 182 30.54 -67.03 -16.19
C GLU F 182 30.31 -66.47 -14.80
N TRP F 183 31.32 -65.83 -14.26
CA TRP F 183 31.22 -65.28 -12.88
C TRP F 183 30.11 -64.20 -12.80
N ILE F 184 30.04 -63.36 -13.83
CA ILE F 184 29.06 -62.30 -13.87
C ILE F 184 27.68 -62.90 -13.97
N VAL F 185 27.52 -63.91 -14.83
CA VAL F 185 26.19 -64.52 -15.06
C VAL F 185 25.71 -65.13 -13.75
N ARG F 186 26.58 -65.82 -13.05
CA ARG F 186 26.27 -66.41 -11.76
C ARG F 186 25.76 -65.37 -10.72
N LYS F 187 26.38 -64.18 -10.70
CA LYS F 187 25.90 -63.10 -9.84
C LYS F 187 24.50 -62.64 -10.21
N PHE F 188 24.23 -62.56 -11.51
CA PHE F 188 22.84 -62.29 -11.98
C PHE F 188 21.84 -63.35 -11.54
N VAL F 189 22.25 -64.60 -11.61
CA VAL F 189 21.45 -65.70 -11.12
C VAL F 189 21.27 -65.59 -9.59
N GLU F 190 22.33 -65.27 -8.84
CA GLU F 190 22.19 -65.19 -7.39
C GLU F 190 21.30 -64.01 -6.99
N ALA F 191 21.25 -62.95 -7.81
CA ALA F 191 20.38 -61.81 -7.59
C ALA F 191 18.90 -62.07 -7.84
N GLY F 192 18.58 -63.17 -8.54
CA GLY F 192 17.19 -63.57 -8.80
C GLY F 192 16.64 -63.39 -10.19
N VAL F 193 17.49 -63.46 -11.21
CA VAL F 193 16.98 -63.43 -12.59
C VAL F 193 16.15 -64.69 -12.78
N PRO F 194 14.90 -64.57 -13.18
CA PRO F 194 14.09 -65.80 -13.35
C PRO F 194 14.64 -66.77 -14.41
N LYS F 195 14.30 -68.04 -14.23
CA LYS F 195 14.54 -69.13 -15.18
C LYS F 195 14.26 -68.72 -16.63
N GLY F 196 15.24 -68.94 -17.50
CA GLY F 196 15.12 -68.69 -18.91
C GLY F 196 15.52 -67.30 -19.36
N VAL F 197 15.53 -66.34 -18.45
CA VAL F 197 15.74 -64.96 -18.81
C VAL F 197 17.18 -64.68 -19.23
N LEU F 198 18.14 -65.33 -18.56
CA LEU F 198 19.57 -65.19 -18.89
C LEU F 198 20.14 -66.59 -19.10
N ASN F 199 20.72 -66.85 -20.27
CA ASN F 199 21.33 -68.12 -20.62
C ASN F 199 22.81 -67.87 -21.03
N PHE F 200 23.66 -68.85 -20.72
CA PHE F 200 25.11 -68.75 -20.89
C PHE F 200 25.61 -69.97 -21.66
N ILE F 201 26.19 -69.71 -22.81
CA ILE F 201 26.64 -70.69 -23.76
C ILE F 201 28.07 -70.41 -24.14
N THR F 202 28.97 -71.38 -23.99
CA THR F 202 30.31 -71.28 -24.53
C THR F 202 30.52 -72.35 -25.58
N GLY F 203 31.48 -72.11 -26.47
CA GLY F 203 31.89 -73.13 -27.45
C GLY F 203 32.66 -72.51 -28.59
N ARG F 204 32.98 -73.30 -29.59
CA ARG F 204 33.80 -72.88 -30.73
C ARG F 204 32.95 -72.14 -31.78
N GLY F 205 33.48 -71.01 -32.29
CA GLY F 205 32.85 -70.25 -33.35
C GLY F 205 32.49 -71.12 -34.54
N SER F 206 33.41 -72.00 -34.93
CA SER F 206 33.25 -72.91 -36.04
C SER F 206 32.12 -73.89 -35.85
N GLU F 207 31.75 -74.19 -34.60
CA GLU F 207 30.64 -75.11 -34.39
C GLU F 207 29.28 -74.38 -34.27
N ILE F 208 29.22 -73.27 -33.51
CA ILE F 208 27.94 -72.61 -33.18
C ILE F 208 27.78 -71.13 -33.52
N GLY F 209 28.81 -70.52 -34.05
CA GLY F 209 28.85 -69.06 -34.24
C GLY F 209 27.80 -68.67 -35.24
N ASP F 210 27.80 -69.31 -36.41
CA ASP F 210 26.73 -69.00 -37.41
C ASP F 210 25.34 -69.39 -36.89
N TYR F 211 25.27 -70.54 -36.23
CA TYR F 211 23.99 -71.09 -35.83
C TYR F 211 23.22 -70.15 -34.87
N ILE F 212 23.92 -69.63 -33.89
CA ILE F 212 23.29 -68.76 -32.92
C ILE F 212 22.83 -67.46 -33.57
N VAL F 213 23.56 -66.94 -34.55
CA VAL F 213 23.18 -65.67 -35.17
C VAL F 213 22.10 -65.79 -36.22
N GLU F 214 21.97 -66.94 -36.88
CA GLU F 214 20.97 -67.06 -37.96
C GLU F 214 19.68 -67.72 -37.49
N HIS F 215 19.60 -68.11 -36.20
CA HIS F 215 18.43 -68.76 -35.64
C HIS F 215 17.13 -67.94 -35.78
N LYS F 216 16.08 -68.65 -36.18
CA LYS F 216 14.84 -67.97 -36.55
C LYS F 216 14.16 -67.20 -35.38
N LYS F 217 14.35 -67.61 -34.15
CA LYS F 217 13.78 -66.95 -32.97
C LYS F 217 14.58 -65.79 -32.38
N VAL F 218 15.75 -65.49 -32.95
CA VAL F 218 16.59 -64.38 -32.45
C VAL F 218 16.11 -63.06 -33.02
N ASN F 219 15.93 -62.08 -32.14
CA ASN F 219 15.38 -60.79 -32.54
C ASN F 219 16.43 -59.67 -32.61
N LEU F 220 17.52 -59.80 -31.85
CA LEU F 220 18.53 -58.74 -31.84
C LEU F 220 19.90 -59.35 -31.52
N ILE F 221 20.95 -58.86 -32.16
CA ILE F 221 22.29 -59.36 -31.92
C ILE F 221 23.11 -58.15 -31.48
N THR F 222 23.77 -58.27 -30.34
CA THR F 222 24.66 -57.25 -29.83
C THR F 222 26.03 -57.85 -29.70
N MET F 223 27.02 -57.30 -30.39
CA MET F 223 28.34 -57.92 -30.53
C MET F 223 29.43 -56.88 -30.66
N THR F 224 30.58 -57.18 -30.07
CA THR F 224 31.79 -56.41 -30.24
C THR F 224 32.87 -57.43 -30.60
N GLY F 225 33.75 -57.11 -31.55
CA GLY F 225 34.82 -58.00 -32.01
C GLY F 225 35.45 -57.56 -33.35
N SER F 226 35.90 -58.48 -34.16
CA SER F 226 36.64 -58.14 -35.37
C SER F 226 35.70 -57.78 -36.52
N THR F 227 36.20 -56.98 -37.47
CA THR F 227 35.50 -56.62 -38.68
C THR F 227 34.93 -57.84 -39.45
N ALA F 228 35.75 -58.85 -39.62
CA ALA F 228 35.37 -60.07 -40.34
C ALA F 228 34.20 -60.78 -39.70
N THR F 229 34.20 -60.90 -38.38
CA THR F 229 33.16 -61.61 -37.66
C THR F 229 31.89 -60.79 -37.74
N GLY F 230 32.02 -59.47 -37.61
CA GLY F 230 30.89 -58.57 -37.79
C GLY F 230 30.26 -58.63 -39.19
N GLN F 231 31.09 -58.65 -40.24
CA GLN F 231 30.58 -58.88 -41.61
C GLN F 231 29.83 -60.17 -41.77
N ARG F 232 30.45 -61.22 -41.24
CA ARG F 232 29.82 -62.54 -41.29
C ARG F 232 28.45 -62.51 -40.53
N ILE F 233 28.35 -61.84 -39.38
CA ILE F 233 27.09 -61.79 -38.69
C ILE F 233 26.01 -61.09 -39.49
N MET F 234 26.39 -59.98 -40.09
CA MET F 234 25.50 -59.23 -40.93
C MET F 234 24.95 -60.07 -42.12
N GLN F 235 25.81 -60.85 -42.72
CA GLN F 235 25.42 -61.83 -43.73
C GLN F 235 24.43 -62.88 -43.21
N LYS F 236 24.75 -63.49 -42.06
CA LYS F 236 23.93 -64.58 -41.54
C LYS F 236 22.61 -64.08 -40.96
N ALA F 237 22.61 -62.88 -40.38
CA ALA F 237 21.41 -62.28 -39.82
C ALA F 237 20.40 -61.86 -40.86
N SER F 238 20.75 -61.81 -42.12
CA SER F 238 19.72 -61.70 -43.16
C SER F 238 18.64 -62.80 -43.08
N ALA F 239 18.93 -63.94 -42.46
CA ALA F 239 17.93 -65.02 -42.31
C ALA F 239 16.77 -64.65 -41.38
N ASN F 240 17.04 -63.84 -40.36
CA ASN F 240 16.04 -63.43 -39.37
C ASN F 240 15.78 -61.94 -39.29
N MET F 241 16.52 -61.13 -40.03
CA MET F 241 16.40 -59.68 -39.95
C MET F 241 16.55 -59.13 -38.54
N ALA F 242 17.40 -59.77 -37.74
CA ALA F 242 17.65 -59.28 -36.39
C ALA F 242 18.23 -57.85 -36.45
N LYS F 243 17.81 -57.05 -35.49
CA LYS F 243 18.38 -55.78 -35.21
C LYS F 243 19.86 -56.01 -34.79
N LEU F 244 20.73 -55.27 -35.41
CA LEU F 244 22.12 -55.38 -35.16
C LEU F 244 22.79 -54.21 -34.42
N ILE F 245 23.59 -54.58 -33.44
CA ILE F 245 24.42 -53.66 -32.70
C ILE F 245 25.80 -54.26 -32.83
N LEU F 246 26.61 -53.70 -33.68
CA LEU F 246 27.92 -54.22 -33.93
C LEU F 246 28.99 -53.19 -33.73
N GLU F 247 30.03 -53.56 -33.02
CA GLU F 247 31.12 -52.62 -32.77
C GLU F 247 32.41 -53.35 -33.08
N LEU F 248 33.07 -52.91 -34.16
CA LEU F 248 34.09 -53.70 -34.88
C LEU F 248 35.50 -53.03 -34.83
N GLY F 249 35.79 -52.30 -33.78
CA GLY F 249 37.13 -51.71 -33.63
C GLY F 249 37.44 -50.57 -34.61
N GLY F 250 38.70 -50.27 -34.80
CA GLY F 250 39.03 -49.10 -35.55
C GLY F 250 40.51 -48.91 -35.76
N LYS F 251 40.85 -47.71 -36.18
CA LYS F 251 42.24 -47.37 -36.49
C LYS F 251 42.46 -45.91 -36.07
N ALA F 252 42.44 -45.64 -34.78
CA ALA F 252 42.36 -44.25 -34.32
C ALA F 252 43.54 -43.46 -34.70
N PRO F 253 43.32 -42.30 -35.32
CA PRO F 253 44.40 -41.37 -35.52
C PRO F 253 44.64 -40.54 -34.27
N PHE F 254 45.90 -40.29 -33.99
CA PHE F 254 46.34 -39.56 -32.80
C PHE F 254 47.12 -38.41 -33.36
N MET F 255 46.53 -37.22 -33.21
CA MET F 255 46.95 -36.02 -33.89
C MET F 255 47.45 -34.99 -32.86
N VAL F 256 48.72 -34.64 -32.98
CA VAL F 256 49.34 -33.65 -32.11
C VAL F 256 49.66 -32.40 -32.92
N TRP F 257 48.92 -31.31 -32.69
CA TRP F 257 49.20 -30.05 -33.35
C TRP F 257 50.38 -29.32 -32.69
N LYS F 258 50.99 -28.40 -33.41
CA LYS F 258 52.21 -27.71 -32.92
C LYS F 258 52.07 -26.97 -31.62
N ASP F 259 50.84 -26.60 -31.23
CA ASP F 259 50.61 -25.85 -29.99
C ASP F 259 50.15 -26.74 -28.81
N ALA F 260 50.20 -28.08 -28.98
CA ALA F 260 49.73 -29.01 -27.95
C ALA F 260 50.53 -28.89 -26.67
N ASP F 261 49.90 -29.23 -25.53
CA ASP F 261 50.70 -29.46 -24.31
C ASP F 261 51.46 -30.79 -24.48
N MET F 262 52.78 -30.71 -24.51
CA MET F 262 53.60 -31.89 -24.80
C MET F 262 53.45 -33.01 -23.79
N ASP F 263 53.54 -32.67 -22.51
CA ASP F 263 53.38 -33.64 -21.44
C ASP F 263 52.00 -34.34 -21.47
N ASN F 264 50.93 -33.58 -21.64
CA ASN F 264 49.58 -34.18 -21.66
C ASN F 264 49.37 -35.11 -22.84
N ALA F 265 49.88 -34.70 -23.98
CA ALA F 265 49.85 -35.47 -25.23
C ALA F 265 50.64 -36.74 -25.08
N LEU F 266 51.84 -36.63 -24.54
CA LEU F 266 52.66 -37.83 -24.24
C LEU F 266 51.99 -38.77 -23.21
N LYS F 267 51.49 -38.26 -22.08
CA LYS F 267 50.77 -39.12 -21.11
C LYS F 267 49.59 -39.89 -21.79
N THR F 268 48.83 -39.17 -22.58
CA THR F 268 47.62 -39.72 -23.25
C THR F 268 47.99 -40.77 -24.29
N LEU F 269 49.08 -40.52 -25.03
CA LEU F 269 49.55 -41.48 -26.00
C LEU F 269 50.05 -42.75 -25.29
N LEU F 270 50.74 -42.63 -24.14
CA LEU F 270 51.15 -43.87 -23.42
C LEU F 270 49.92 -44.70 -23.05
N TRP F 271 48.84 -44.04 -22.62
CA TRP F 271 47.60 -44.71 -22.32
C TRP F 271 46.99 -45.31 -23.62
N ALA F 272 46.85 -44.50 -24.65
CA ALA F 272 46.12 -44.91 -25.88
C ALA F 272 46.85 -46.03 -26.62
N LYS F 273 48.18 -46.08 -26.56
CA LYS F 273 48.86 -47.18 -27.20
C LYS F 273 49.01 -48.42 -26.35
N TYR F 274 49.35 -48.23 -25.08
CA TYR F 274 49.82 -49.33 -24.26
C TYR F 274 48.82 -49.83 -23.23
N TRP F 275 47.76 -49.07 -22.96
CA TRP F 275 46.63 -49.64 -22.16
C TRP F 275 46.09 -50.92 -22.85
N ASN F 276 46.02 -51.99 -22.06
CA ASN F 276 45.65 -53.34 -22.50
C ASN F 276 46.54 -53.89 -23.67
N ALA F 277 47.80 -53.46 -23.65
CA ALA F 277 48.75 -53.75 -24.67
C ALA F 277 48.25 -53.40 -26.08
N GLY F 278 47.47 -52.32 -26.18
CA GLY F 278 46.95 -51.90 -27.43
C GLY F 278 45.76 -52.72 -27.95
N GLN F 279 45.24 -53.63 -27.13
CA GLN F 279 44.12 -54.51 -27.51
C GLN F 279 42.82 -53.85 -27.15
N SER F 280 42.61 -52.69 -27.75
CA SER F 280 41.49 -51.83 -27.42
C SER F 280 40.90 -51.31 -28.72
N ILE F 282 39.59 -48.58 -29.18
CA ILE F 282 39.92 -47.15 -29.36
C ILE F 282 41.43 -46.87 -29.22
N ALA F 283 42.28 -47.88 -29.40
CA ALA F 283 43.75 -47.68 -29.21
C ALA F 283 44.28 -46.71 -30.24
N ALA F 284 45.27 -45.92 -29.87
CA ALA F 284 46.01 -45.14 -30.86
C ALA F 284 46.65 -46.11 -31.84
N GLU F 285 46.33 -45.94 -33.11
CA GLU F 285 46.83 -46.81 -34.18
C GLU F 285 47.67 -46.15 -35.26
N ARG F 286 47.60 -44.82 -35.35
CA ARG F 286 48.33 -44.00 -36.28
C ARG F 286 48.70 -42.71 -35.54
N LEU F 287 49.94 -42.26 -35.64
CA LEU F 287 50.39 -41.07 -34.95
C LEU F 287 50.76 -39.97 -35.96
N TYR F 288 50.16 -38.80 -35.82
CA TYR F 288 50.41 -37.69 -36.72
C TYR F 288 50.81 -36.50 -35.88
N VAL F 289 52.06 -36.07 -36.01
CA VAL F 289 52.58 -34.98 -35.19
C VAL F 289 53.08 -33.84 -36.08
N HIS F 290 52.75 -32.61 -35.71
CA HIS F 290 53.17 -31.44 -36.46
C HIS F 290 54.69 -31.44 -36.61
N GLU F 291 55.17 -31.10 -37.79
CA GLU F 291 56.62 -31.18 -38.13
C GLU F 291 57.51 -30.29 -37.23
N ASP F 292 57.00 -29.15 -36.78
CA ASP F 292 57.68 -28.28 -35.78
C ASP F 292 58.05 -28.99 -34.50
N ILE F 293 57.28 -29.99 -34.06
CA ILE F 293 57.58 -30.67 -32.75
C ILE F 293 57.80 -32.18 -32.92
N TYR F 294 57.84 -32.64 -34.16
CA TYR F 294 57.88 -34.07 -34.43
C TYR F 294 59.09 -34.71 -33.81
N ASP F 295 60.24 -34.08 -33.93
CA ASP F 295 61.51 -34.72 -33.51
C ASP F 295 61.61 -34.89 -32.00
N THR F 296 61.37 -33.79 -31.28
CA THR F 296 61.28 -33.83 -29.83
C THR F 296 60.13 -34.76 -29.37
N PHE F 297 58.97 -34.71 -30.01
CA PHE F 297 57.89 -35.60 -29.57
C PHE F 297 58.30 -37.07 -29.62
N MET F 298 58.81 -37.49 -30.78
CA MET F 298 59.19 -38.91 -31.02
C MET F 298 60.33 -39.34 -30.11
N SER F 299 61.28 -38.47 -29.93
CA SER F 299 62.40 -38.79 -29.02
C SER F 299 61.96 -39.08 -27.53
N ARG F 300 61.11 -38.22 -26.97
CA ARG F 300 60.54 -38.47 -25.63
C ARG F 300 59.57 -39.64 -25.65
N PHE F 301 58.82 -39.83 -26.76
CA PHE F 301 57.90 -40.97 -26.82
C PHE F 301 58.65 -42.27 -26.69
N VAL F 302 59.75 -42.37 -27.44
CA VAL F 302 60.68 -43.52 -27.34
C VAL F 302 61.28 -43.72 -25.95
N GLU F 303 61.83 -42.67 -25.33
CA GLU F 303 62.47 -42.81 -23.99
C GLU F 303 61.44 -43.25 -22.93
N LEU F 304 60.20 -42.73 -23.04
CA LEU F 304 59.12 -43.16 -22.13
C LEU F 304 58.74 -44.63 -22.32
N SER F 305 58.54 -45.01 -23.59
CA SER F 305 58.21 -46.39 -23.99
C SER F 305 59.23 -47.44 -23.49
N ARG F 306 60.52 -47.05 -23.53
CA ARG F 306 61.62 -47.87 -23.00
C ARG F 306 61.49 -48.17 -21.51
N LYS F 307 60.76 -47.33 -20.77
CA LYS F 307 60.72 -47.44 -19.31
C LYS F 307 59.53 -48.30 -18.85
N LEU F 308 58.69 -48.76 -19.77
CA LEU F 308 57.55 -49.56 -19.39
C LEU F 308 57.94 -51.00 -19.10
N ALA F 309 57.54 -51.51 -17.94
CA ALA F 309 57.75 -52.90 -17.57
C ALA F 309 56.66 -53.86 -18.07
N LEU F 310 57.11 -55.03 -18.48
CA LEU F 310 56.28 -56.10 -18.99
C LEU F 310 56.43 -57.27 -18.06
N GLY F 311 55.35 -57.99 -17.78
CA GLY F 311 55.41 -59.20 -16.95
C GLY F 311 54.20 -59.47 -16.08
N ASP F 312 54.45 -59.83 -14.83
CA ASP F 312 53.40 -60.16 -13.90
C ASP F 312 52.42 -59.00 -13.69
N PRO F 313 51.11 -59.29 -13.66
CA PRO F 313 50.11 -58.27 -13.33
C PRO F 313 50.32 -57.45 -12.03
N LYS F 314 50.94 -58.04 -11.01
CA LYS F 314 51.18 -57.30 -9.75
C LYS F 314 52.04 -56.07 -9.96
N ASN F 315 53.01 -56.07 -10.86
CA ASN F 315 53.83 -54.84 -11.02
C ASN F 315 54.13 -54.36 -12.43
N ALA F 316 53.61 -55.03 -13.45
CA ALA F 316 53.88 -54.58 -14.81
C ALA F 316 53.09 -53.33 -15.13
N ASP F 317 53.63 -52.52 -16.05
CA ASP F 317 52.89 -51.47 -16.69
C ASP F 317 52.05 -51.99 -17.85
N MET F 318 52.44 -53.10 -18.47
CA MET F 318 51.74 -53.61 -19.63
C MET F 318 51.78 -55.12 -19.62
N GLY F 319 50.62 -55.72 -19.89
CA GLY F 319 50.46 -57.17 -19.93
C GLY F 319 50.74 -57.80 -21.31
N PRO F 320 50.53 -59.12 -21.42
CA PRO F 320 50.79 -59.83 -22.67
C PRO F 320 49.62 -59.70 -23.65
N LEU F 321 49.84 -60.19 -24.85
CA LEU F 321 48.75 -60.36 -25.79
C LEU F 321 48.02 -61.63 -25.38
N ILE F 322 46.81 -61.81 -25.91
CA ILE F 322 45.85 -62.74 -25.34
C ILE F 322 46.17 -64.21 -25.65
N ASN F 323 46.73 -64.47 -26.83
CA ASN F 323 47.00 -65.84 -27.23
C ASN F 323 48.18 -65.93 -28.21
N LYS F 324 48.62 -67.15 -28.50
CA LYS F 324 49.77 -67.41 -29.40
C LYS F 324 49.51 -66.83 -30.81
N GLY F 325 48.26 -66.96 -31.28
CA GLY F 325 47.88 -66.44 -32.60
C GLY F 325 48.06 -64.94 -32.65
N ALA F 326 47.72 -64.25 -31.56
CA ALA F 326 47.93 -62.82 -31.53
C ALA F 326 49.41 -62.48 -31.56
N LEU F 327 50.24 -63.26 -30.85
CA LEU F 327 51.69 -63.07 -30.90
C LEU F 327 52.25 -63.23 -32.33
N GLN F 328 51.86 -64.31 -33.01
CA GLN F 328 52.31 -64.60 -34.39
C GLN F 328 51.93 -63.44 -35.34
N ALA F 329 50.69 -62.96 -35.29
CA ALA F 329 50.25 -61.92 -36.23
C ALA F 329 50.96 -60.57 -36.02
N THR F 330 51.22 -60.23 -34.77
CA THR F 330 51.94 -58.99 -34.48
C THR F 330 53.36 -59.04 -35.03
N SER F 331 54.06 -60.14 -34.78
CA SER F 331 55.37 -60.42 -35.39
C SER F 331 55.39 -60.26 -36.88
N GLU F 332 54.42 -60.88 -37.53
CA GLU F 332 54.20 -60.76 -38.99
C GLU F 332 53.99 -59.32 -39.43
N ILE F 333 53.14 -58.58 -38.71
CA ILE F 333 52.94 -57.14 -38.99
C ILE F 333 54.27 -56.35 -38.93
N VAL F 334 55.07 -56.59 -37.90
CA VAL F 334 56.33 -55.88 -37.72
C VAL F 334 57.30 -56.28 -38.83
N GLU F 335 57.35 -57.58 -39.15
CA GLU F 335 58.19 -58.06 -40.24
C GLU F 335 57.86 -57.46 -41.60
N GLU F 336 56.57 -57.47 -41.96
CA GLU F 336 56.06 -56.83 -43.20
C GLU F 336 56.43 -55.33 -43.29
N ALA F 337 56.34 -54.60 -42.16
CA ALA F 337 56.65 -53.17 -42.17
C ALA F 337 58.13 -52.95 -42.44
N LYS F 338 58.99 -53.79 -41.83
CA LYS F 338 60.46 -53.73 -42.05
C LYS F 338 60.84 -54.12 -43.49
N GLU F 339 60.13 -55.09 -44.08
CA GLU F 339 60.29 -55.45 -45.51
C GLU F 339 59.89 -54.29 -46.41
N SER F 340 58.82 -53.57 -46.05
CA SER F 340 58.40 -52.41 -46.81
C SER F 340 59.28 -51.14 -46.64
N GLY F 341 60.40 -51.26 -45.91
CA GLY F 341 61.31 -50.14 -45.68
C GLY F 341 60.98 -49.18 -44.54
N ALA F 342 60.23 -49.64 -43.55
CA ALA F 342 60.03 -48.84 -42.33
C ALA F 342 61.18 -49.04 -41.34
N LYS F 343 61.47 -47.99 -40.54
CA LYS F 343 62.52 -48.01 -39.51
C LYS F 343 61.85 -48.34 -38.17
N ILE F 344 62.32 -49.36 -37.48
CA ILE F 344 61.99 -49.63 -36.07
C ILE F 344 62.71 -48.65 -35.14
N LEU F 345 61.98 -47.63 -34.67
CA LEU F 345 62.56 -46.68 -33.70
C LEU F 345 62.79 -47.31 -32.31
N PHE F 346 61.94 -48.24 -31.92
CA PHE F 346 62.05 -48.96 -30.64
C PHE F 346 61.27 -50.28 -30.71
N GLY F 347 61.80 -51.27 -30.01
CA GLY F 347 61.14 -52.56 -29.80
C GLY F 347 61.03 -53.41 -31.05
N GLY F 348 59.84 -53.97 -31.26
CA GLY F 348 59.58 -54.78 -32.46
C GLY F 348 59.97 -56.23 -32.31
N SER F 349 60.09 -56.72 -31.08
CA SER F 349 60.25 -58.13 -30.79
C SER F 349 59.56 -58.48 -29.46
N GLN F 350 59.60 -59.75 -29.08
CA GLN F 350 59.32 -60.16 -27.69
C GLN F 350 60.34 -59.59 -26.68
N PRO F 351 59.93 -59.28 -25.42
CA PRO F 351 60.92 -58.88 -24.36
C PRO F 351 61.72 -60.07 -23.84
N SER F 352 62.79 -59.84 -23.09
CA SER F 352 63.48 -60.92 -22.37
C SER F 352 63.08 -60.90 -20.91
N LEU F 353 62.33 -61.89 -20.45
CA LEU F 353 61.79 -61.88 -19.07
C LEU F 353 62.35 -63.11 -18.36
N SER F 354 62.00 -63.32 -17.11
CA SER F 354 62.49 -64.48 -16.31
C SER F 354 61.40 -65.56 -16.14
N GLY F 355 61.78 -66.77 -15.72
CA GLY F 355 60.80 -67.75 -15.20
C GLY F 355 59.67 -68.10 -16.15
N PRO F 356 58.44 -68.34 -15.62
CA PRO F 356 57.32 -68.77 -16.51
C PRO F 356 56.92 -67.75 -17.56
N TYR F 357 57.22 -66.47 -17.31
CA TYR F 357 56.84 -65.36 -18.22
C TYR F 357 57.49 -65.49 -19.61
N ARG F 358 58.62 -66.17 -19.68
CA ARG F 358 59.27 -66.50 -20.97
C ARG F 358 58.36 -67.20 -21.98
N ASN F 359 57.39 -68.00 -21.54
CA ASN F 359 56.40 -68.66 -22.43
C ASN F 359 55.03 -67.97 -22.56
N GLY F 360 54.91 -66.77 -22.01
CA GLY F 360 53.74 -65.94 -22.15
C GLY F 360 53.84 -65.18 -23.45
N TYR F 361 52.79 -64.51 -23.84
CA TYR F 361 52.69 -63.94 -25.18
C TYR F 361 52.99 -62.46 -25.13
N PHE F 362 54.11 -62.12 -24.48
CA PHE F 362 54.50 -60.71 -24.32
C PHE F 362 55.15 -60.17 -25.58
N PHE F 363 54.89 -58.90 -25.86
CA PHE F 363 55.47 -58.22 -27.03
C PHE F 363 55.80 -56.80 -26.66
N LEU F 364 56.97 -56.32 -27.10
CA LEU F 364 57.47 -54.99 -26.62
C LEU F 364 56.72 -53.87 -27.25
N PRO F 365 56.63 -52.72 -26.55
CA PRO F 365 56.25 -51.52 -27.26
C PRO F 365 57.11 -51.34 -28.52
N THR F 366 56.45 -50.98 -29.62
CA THR F 366 57.09 -50.92 -30.92
C THR F 366 56.69 -49.65 -31.65
N ILE F 367 57.69 -48.84 -31.93
CA ILE F 367 57.47 -47.57 -32.58
C ILE F 367 58.16 -47.61 -33.94
N ILE F 368 57.40 -47.24 -34.98
CA ILE F 368 57.84 -47.40 -36.37
C ILE F 368 57.82 -46.03 -37.05
N GLY F 369 58.88 -45.75 -37.82
CA GLY F 369 59.00 -44.54 -38.59
C GLY F 369 59.13 -44.88 -40.07
N ASN F 370 58.94 -43.91 -40.95
CA ASN F 370 59.09 -44.13 -42.37
C ASN F 370 58.06 -45.05 -43.04
N ALA F 371 56.87 -45.20 -42.49
CA ALA F 371 55.87 -46.03 -43.15
C ALA F 371 54.95 -45.10 -43.94
N ASP F 372 54.47 -45.54 -45.08
CA ASP F 372 53.61 -44.66 -45.87
C ASP F 372 52.24 -44.58 -45.21
N GLN F 373 51.56 -43.48 -45.48
CA GLN F 373 50.13 -43.37 -45.25
C GLN F 373 49.27 -44.54 -45.85
N LYS F 374 49.73 -45.08 -47.00
CA LYS F 374 49.04 -46.16 -47.71
C LYS F 374 49.45 -47.56 -47.21
N SER F 375 50.46 -47.67 -46.34
CA SER F 375 50.93 -48.97 -45.88
C SER F 375 49.94 -49.67 -44.93
N LYS F 376 50.17 -50.97 -44.73
CA LYS F 376 49.39 -51.83 -43.83
C LYS F 376 49.42 -51.32 -42.38
N ILE F 377 50.60 -50.86 -41.92
CA ILE F 377 50.76 -50.16 -40.63
C ILE F 377 49.80 -48.98 -40.41
N PHE F 378 49.51 -48.22 -41.47
CA PHE F 378 48.60 -47.10 -41.45
C PHE F 378 47.18 -47.35 -41.92
N GLN F 379 46.88 -48.51 -42.53
CA GLN F 379 45.54 -48.85 -43.06
C GLN F 379 44.85 -50.10 -42.49
N GLU F 380 45.57 -51.03 -41.82
CA GLU F 380 44.97 -52.25 -41.24
C GLU F 380 45.12 -52.19 -39.73
N GLU F 381 44.05 -52.55 -39.00
CA GLU F 381 44.07 -52.58 -37.54
C GLU F 381 45.12 -53.55 -37.08
N ILE F 382 45.90 -53.13 -36.10
CA ILE F 382 46.97 -53.94 -35.49
C ILE F 382 46.57 -54.57 -34.14
N PHE F 383 45.88 -53.83 -33.28
CA PHE F 383 45.39 -54.40 -32.00
C PHE F 383 46.53 -55.01 -31.17
N ALA F 384 47.66 -54.30 -31.10
CA ALA F 384 48.87 -54.73 -30.33
C ALA F 384 49.73 -53.49 -30.09
N PRO F 385 50.80 -53.58 -29.27
CA PRO F 385 51.48 -52.34 -28.86
C PRO F 385 52.42 -51.77 -29.90
N VAL F 386 51.89 -51.48 -31.09
CA VAL F 386 52.67 -51.13 -32.26
C VAL F 386 52.02 -49.91 -32.89
N ILE F 387 52.83 -48.91 -33.19
CA ILE F 387 52.38 -47.70 -33.88
C ILE F 387 53.40 -47.11 -34.84
N GLY F 388 52.89 -46.59 -35.95
CA GLY F 388 53.63 -45.80 -36.93
C GLY F 388 53.34 -44.30 -36.80
N ALA F 389 54.35 -43.49 -37.12
CA ALA F 389 54.29 -42.02 -36.96
C ALA F 389 54.60 -41.31 -38.29
N ARG F 390 53.90 -40.21 -38.55
CA ARG F 390 54.12 -39.35 -39.72
C ARG F 390 54.05 -37.88 -39.29
N LYS F 391 54.72 -37.02 -40.04
CA LYS F 391 54.59 -35.57 -39.87
C LYS F 391 53.37 -35.03 -40.59
N ILE F 392 52.86 -33.90 -40.13
CA ILE F 392 51.80 -33.15 -40.81
C ILE F 392 52.18 -31.69 -40.75
N SER F 393 51.66 -30.88 -41.69
CA SER F 393 51.94 -29.42 -41.66
C SER F 393 50.72 -28.49 -41.88
N SER F 394 49.54 -29.04 -42.11
CA SER F 394 48.36 -28.20 -42.27
C SER F 394 47.13 -28.90 -41.69
N VAL F 395 46.19 -28.07 -41.32
CA VAL F 395 44.98 -28.52 -40.68
C VAL F 395 44.16 -29.38 -41.66
N GLU F 396 44.05 -28.93 -42.91
CA GLU F 396 43.29 -29.65 -43.93
C GLU F 396 43.89 -30.99 -44.24
N GLU F 397 45.22 -31.02 -44.37
CA GLU F 397 45.95 -32.25 -44.53
C GLU F 397 45.68 -33.22 -43.37
N MET F 398 45.73 -32.68 -42.15
CA MET F 398 45.45 -33.48 -40.94
C MET F 398 44.05 -34.12 -41.02
N TYR F 399 43.03 -33.34 -41.33
CA TYR F 399 41.68 -33.90 -41.49
C TYR F 399 41.69 -35.00 -42.54
N ASP F 400 42.29 -34.73 -43.70
CA ASP F 400 42.27 -35.70 -44.81
C ASP F 400 43.02 -37.00 -44.48
N LEU F 401 44.17 -36.88 -43.82
CA LEU F 401 44.89 -38.07 -43.40
C LEU F 401 44.07 -38.88 -42.38
N ALA F 402 43.47 -38.22 -41.39
CA ALA F 402 42.65 -38.94 -40.40
C ALA F 402 41.48 -39.68 -41.04
N ASN F 403 40.78 -39.02 -41.95
CA ASN F 403 39.62 -39.61 -42.59
C ASN F 403 39.95 -40.64 -43.65
N ASP F 404 41.20 -40.71 -44.10
CA ASP F 404 41.68 -41.73 -45.07
C ASP F 404 41.85 -43.07 -44.37
N SER F 405 40.72 -43.69 -44.09
CA SER F 405 40.65 -44.95 -43.42
C SER F 405 39.33 -45.62 -43.74
N LYS F 406 39.33 -46.94 -43.82
CA LYS F 406 38.03 -47.67 -43.86
C LYS F 406 37.41 -47.71 -42.44
N TYR F 407 38.23 -47.39 -41.41
CA TYR F 407 37.75 -47.36 -40.03
C TYR F 407 37.25 -46.00 -39.58
N GLY F 408 36.56 -45.95 -38.44
CA GLY F 408 35.86 -44.72 -38.05
C GLY F 408 35.33 -44.60 -36.64
N LEU F 409 36.05 -45.18 -35.70
CA LEU F 409 35.58 -45.21 -34.32
C LEU F 409 36.22 -44.06 -33.57
N ALA F 410 37.37 -44.28 -32.89
CA ALA F 410 37.99 -43.21 -32.05
C ALA F 410 39.05 -42.41 -32.77
N SER F 411 39.41 -41.27 -32.16
CA SER F 411 40.39 -40.35 -32.65
C SER F 411 40.77 -39.43 -31.49
N TYR F 412 41.98 -38.85 -31.57
CA TYR F 412 42.58 -38.08 -30.48
C TYR F 412 43.18 -36.80 -31.08
N LEU F 413 42.95 -35.68 -30.42
CA LEU F 413 43.42 -34.40 -30.90
C LEU F 413 43.93 -33.58 -29.73
N PHE F 414 45.17 -33.14 -29.88
CA PHE F 414 45.85 -32.28 -28.94
C PHE F 414 46.20 -30.94 -29.59
N THR F 415 45.54 -29.87 -29.11
CA THR F 415 45.76 -28.50 -29.59
C THR F 415 45.13 -27.50 -28.60
N LYS F 416 45.59 -26.26 -28.60
CA LYS F 416 44.94 -25.21 -27.86
C LYS F 416 44.19 -24.22 -28.82
N ASP F 417 44.13 -24.49 -30.12
CA ASP F 417 43.41 -23.59 -31.03
C ASP F 417 41.89 -23.93 -31.10
N PRO F 418 41.05 -23.03 -30.54
CA PRO F 418 39.62 -23.29 -30.46
C PRO F 418 38.96 -23.42 -31.82
N ASN F 419 39.54 -22.79 -32.84
CA ASN F 419 39.02 -22.98 -34.20
C ASN F 419 39.29 -24.38 -34.77
N ILE F 420 40.44 -24.97 -34.43
CA ILE F 420 40.66 -26.34 -34.80
C ILE F 420 39.70 -27.29 -34.04
N ILE F 421 39.54 -27.09 -32.74
CA ILE F 421 38.69 -27.94 -31.94
C ILE F 421 37.24 -27.92 -32.45
N PHE F 422 36.67 -26.74 -32.64
CA PHE F 422 35.26 -26.68 -33.12
C PHE F 422 35.12 -27.17 -34.54
N GLU F 423 36.01 -26.81 -35.43
CA GLU F 423 35.95 -27.32 -36.80
C GLU F 423 36.16 -28.86 -36.88
N ALA F 424 37.13 -29.38 -36.12
CA ALA F 424 37.37 -30.83 -36.16
C ALA F 424 36.17 -31.60 -35.63
N SER F 425 35.37 -31.02 -34.75
CA SER F 425 34.15 -31.70 -34.26
C SER F 425 33.20 -32.10 -35.39
N GLU F 426 33.27 -31.42 -36.53
CA GLU F 426 32.52 -31.85 -37.74
C GLU F 426 33.37 -32.53 -38.83
N ARG F 427 34.60 -32.03 -39.03
CA ARG F 427 35.46 -32.50 -40.11
CA ARG F 427 35.46 -32.50 -40.12
C ARG F 427 36.19 -33.83 -39.86
N ILE F 428 36.40 -34.22 -38.60
CA ILE F 428 36.99 -35.51 -38.29
C ILE F 428 35.81 -36.48 -38.24
N ARG F 429 35.68 -37.38 -39.22
CA ARG F 429 34.47 -38.22 -39.41
C ARG F 429 34.68 -39.58 -38.71
N PHE F 430 34.76 -39.46 -37.40
CA PHE F 430 34.97 -40.53 -36.45
C PHE F 430 33.89 -40.39 -35.39
N GLY F 431 33.49 -41.53 -34.88
CA GLY F 431 32.55 -41.61 -33.80
C GLY F 431 32.85 -40.92 -32.51
N GLU F 432 34.12 -40.97 -32.13
CA GLU F 432 34.57 -40.39 -30.91
C GLU F 432 35.84 -39.58 -31.21
N LEU F 433 35.87 -38.33 -30.78
CA LEU F 433 37.01 -37.47 -30.86
C LEU F 433 37.35 -36.98 -29.43
N TYR F 434 38.46 -37.47 -28.92
CA TYR F 434 39.02 -37.07 -27.61
C TYR F 434 39.97 -35.91 -27.77
N VAL F 435 39.58 -34.78 -27.19
CA VAL F 435 40.23 -33.54 -27.35
C VAL F 435 40.96 -33.20 -26.03
N ASN F 436 42.28 -33.28 -26.10
CA ASN F 436 43.15 -32.99 -24.98
C ASN F 436 42.93 -33.88 -23.79
N MET F 437 42.49 -35.11 -24.03
CA MET F 437 42.28 -36.07 -22.95
C MET F 437 42.30 -37.48 -23.52
N PRO F 438 42.53 -38.50 -22.66
CA PRO F 438 42.48 -39.90 -23.05
C PRO F 438 41.04 -40.36 -22.99
N GLY F 439 40.82 -41.52 -23.54
CA GLY F 439 39.61 -42.30 -23.26
C GLY F 439 39.83 -42.99 -21.93
N PRO F 440 39.05 -43.99 -21.56
CA PRO F 440 37.99 -44.57 -22.35
C PRO F 440 36.66 -43.79 -22.41
N GLU F 441 35.74 -44.36 -23.18
CA GLU F 441 34.43 -43.78 -23.38
C GLU F 441 33.65 -43.87 -22.09
N ALA F 442 32.71 -42.97 -21.91
CA ALA F 442 31.92 -42.94 -20.70
C ALA F 442 30.57 -43.60 -20.99
N SER F 443 29.87 -44.03 -19.94
CA SER F 443 28.55 -44.66 -20.12
C SER F 443 27.51 -43.80 -20.79
N GLN F 444 27.58 -42.51 -20.52
CA GLN F 444 26.68 -41.51 -21.05
C GLN F 444 26.99 -41.08 -22.48
N GLY F 445 28.11 -41.51 -23.02
CA GLY F 445 28.39 -41.33 -24.44
C GLY F 445 27.80 -42.44 -25.28
N TYR F 446 27.63 -42.20 -26.56
CA TYR F 446 27.09 -43.19 -27.49
C TYR F 446 28.23 -43.71 -28.32
N HIS F 447 28.76 -44.83 -27.90
CA HIS F 447 29.98 -45.42 -28.48
C HIS F 447 29.55 -45.99 -29.86
N THR F 448 30.10 -45.45 -30.94
CA THR F 448 29.67 -45.77 -32.32
C THR F 448 30.78 -45.28 -33.24
N GLY F 449 30.61 -45.56 -34.52
CA GLY F 449 31.49 -45.01 -35.50
C GLY F 449 31.00 -45.02 -36.93
N PHE F 450 31.87 -44.50 -37.80
CA PHE F 450 31.63 -44.41 -39.23
C PHE F 450 32.27 -45.58 -39.99
N ARG F 451 31.85 -45.72 -41.23
CA ARG F 451 32.44 -46.66 -42.19
C ARG F 451 32.40 -48.10 -41.64
N MET F 452 33.54 -48.76 -41.46
CA MET F 452 33.50 -50.13 -41.10
C MET F 452 33.38 -50.39 -39.60
N THR F 453 33.01 -49.38 -38.81
CA THR F 453 32.89 -49.56 -37.39
C THR F 453 31.79 -50.49 -36.96
N GLY F 454 30.68 -50.55 -37.71
CA GLY F 454 29.64 -51.47 -37.31
C GLY F 454 28.24 -50.96 -37.55
N GLN F 455 27.35 -51.25 -36.62
CA GLN F 455 25.96 -50.88 -36.73
C GLN F 455 25.46 -50.33 -35.40
N ALA F 456 24.60 -49.34 -35.44
CA ALA F 456 24.08 -48.72 -34.22
C ALA F 456 25.18 -48.25 -33.24
N GLY F 457 24.92 -48.35 -31.93
CA GLY F 457 25.85 -47.91 -30.90
C GLY F 457 25.51 -48.32 -29.48
N GLU F 458 26.37 -48.01 -28.52
CA GLU F 458 26.17 -48.41 -27.14
C GLU F 458 26.46 -47.26 -26.14
N GLY F 459 25.66 -47.20 -25.08
CA GLY F 459 25.72 -46.13 -24.10
C GLY F 459 24.88 -44.93 -24.49
N SER F 460 24.63 -44.09 -23.49
CA SER F 460 23.73 -42.96 -23.60
C SER F 460 22.25 -43.43 -23.71
N LYS F 461 21.35 -42.47 -23.61
CA LYS F 461 19.92 -42.70 -23.94
C LYS F 461 19.75 -43.46 -25.27
N TYR F 462 20.56 -43.11 -26.27
CA TYR F 462 20.44 -43.66 -27.63
C TYR F 462 20.85 -45.09 -27.66
N GLY F 463 21.88 -45.44 -26.85
CA GLY F 463 22.34 -46.79 -26.79
C GLY F 463 21.40 -47.78 -26.15
N ILE F 464 20.87 -47.46 -25.00
CA ILE F 464 19.94 -48.34 -24.35
C ILE F 464 18.65 -48.44 -25.21
N SER F 465 18.21 -47.33 -25.78
CA SER F 465 17.07 -47.34 -26.72
C SER F 465 17.26 -48.25 -27.93
N GLU F 466 18.50 -48.63 -28.26
CA GLU F 466 18.73 -49.61 -29.30
C GLU F 466 18.11 -51.00 -29.02
N TYR F 467 17.80 -51.29 -27.74
CA TYR F 467 17.19 -52.50 -27.27
C TYR F 467 15.67 -52.40 -27.14
N LEU F 468 15.10 -51.29 -27.62
CA LEU F 468 13.68 -51.10 -27.66
C LEU F 468 13.20 -50.86 -29.07
N LYS F 469 12.04 -51.45 -29.37
CA LYS F 469 11.39 -51.31 -30.66
C LYS F 469 10.21 -50.36 -30.49
N LEU F 470 10.08 -49.40 -31.36
CA LEU F 470 8.98 -48.51 -31.25
C LEU F 470 7.81 -49.10 -32.10
N LYS F 471 6.58 -49.13 -31.61
CA LYS F 471 5.40 -49.62 -32.36
C LYS F 471 4.31 -48.57 -32.28
N ASN F 472 3.45 -48.51 -33.30
CA ASN F 472 2.41 -47.52 -33.37
C ASN F 472 1.07 -48.09 -33.25
N ILE F 473 0.23 -47.41 -32.50
CA ILE F 473 -1.18 -47.73 -32.41
C ILE F 473 -1.95 -46.51 -32.85
N TYR F 474 -2.65 -46.69 -33.97
CA TYR F 474 -3.54 -45.71 -34.54
C TYR F 474 -4.98 -45.93 -34.06
N VAL F 475 -5.58 -44.97 -33.37
CA VAL F 475 -6.91 -45.10 -32.82
C VAL F 475 -7.85 -44.05 -33.39
N ASP F 476 -9.04 -44.47 -33.80
CA ASP F 476 -10.10 -43.58 -34.18
C ASP F 476 -11.21 -43.70 -33.14
N TYR F 477 -11.53 -42.61 -32.47
CA TYR F 477 -12.57 -42.63 -31.45
C TYR F 477 -13.72 -41.69 -31.73
N SER F 478 -14.04 -41.45 -33.01
CA SER F 478 -15.09 -40.52 -33.37
C SER F 478 -16.43 -41.11 -33.01
N GLY F 479 -16.51 -42.44 -32.99
CA GLY F 479 -17.78 -43.13 -32.81
C GLY F 479 -18.74 -42.92 -33.94
N LYS F 480 -18.25 -42.50 -35.10
CA LYS F 480 -19.11 -42.04 -36.23
C LYS F 480 -18.86 -42.99 -37.39
N PRO F 481 -19.78 -43.04 -38.37
CA PRO F 481 -19.41 -43.80 -39.59
C PRO F 481 -18.07 -43.34 -40.25
N LEU F 482 -17.26 -44.28 -40.74
CA LEU F 482 -16.03 -43.92 -41.46
C LEU F 482 -16.34 -43.40 -42.81
N HIS F 483 -15.49 -42.49 -43.30
CA HIS F 483 -15.52 -42.08 -44.73
C HIS F 483 -14.12 -42.29 -45.26
N ILE F 484 -14.02 -43.18 -46.23
CA ILE F 484 -12.76 -43.58 -46.85
C ILE F 484 -12.90 -43.17 -48.30
N ASN F 485 -12.00 -42.28 -48.73
CA ASN F 485 -12.02 -41.64 -50.04
C ASN F 485 -12.13 -42.63 -51.20
N THR F 486 -11.49 -43.80 -51.11
CA THR F 486 -11.60 -44.84 -52.18
C THR F 486 -12.67 -45.92 -51.96
N VAL F 487 -13.41 -45.88 -50.87
CA VAL F 487 -14.57 -46.77 -50.73
C VAL F 487 -15.88 -46.00 -50.95
N ARG F 488 -16.61 -46.38 -51.99
CA ARG F 488 -17.87 -45.74 -52.33
C ARG F 488 -18.89 -45.95 -51.26
N ASP F 489 -19.50 -44.87 -50.84
CA ASP F 489 -20.50 -44.91 -49.81
C ASP F 489 -21.79 -45.58 -50.25
N ASP F 490 -22.07 -45.53 -51.53
CA ASP F 490 -23.30 -46.11 -52.02
C ASP F 490 -23.36 -47.60 -51.81
N LEU F 491 -22.28 -48.17 -51.30
CA LEU F 491 -22.28 -49.58 -51.01
C LEU F 491 -22.82 -49.83 -49.62
N PHE F 492 -23.06 -48.78 -48.85
CA PHE F 492 -23.44 -48.89 -47.42
C PHE F 492 -24.56 -47.94 -47.00
N MET G 1 8.59 -35.06 20.56
CA MET G 1 9.72 -34.60 19.69
C MET G 1 9.76 -33.09 19.82
N ASP G 2 10.91 -32.61 20.21
CA ASP G 2 11.32 -31.24 20.01
C ASP G 2 12.31 -31.15 18.84
N THR G 3 11.89 -30.47 17.78
CA THR G 3 12.77 -30.28 16.63
C THR G 3 13.58 -29.00 16.76
N LYS G 4 14.70 -28.98 16.06
CA LYS G 4 15.64 -27.87 16.07
C LYS G 4 15.74 -27.39 14.63
N LEU G 5 16.55 -26.37 14.39
CA LEU G 5 16.92 -25.88 13.10
C LEU G 5 18.23 -26.45 12.64
N TYR G 6 18.39 -26.58 11.33
CA TYR G 6 19.68 -26.97 10.75
C TYR G 6 20.19 -25.90 9.77
N ILE G 7 21.27 -25.26 10.14
CA ILE G 7 21.79 -24.07 9.43
C ILE G 7 23.33 -24.16 9.30
N ASP G 8 23.83 -24.10 8.07
CA ASP G 8 25.24 -24.17 7.79
C ASP G 8 25.93 -25.35 8.54
N GLY G 9 25.34 -26.55 8.41
CA GLY G 9 25.95 -27.75 9.03
C GLY G 9 25.80 -27.97 10.54
N GLN G 10 25.06 -27.13 11.28
CA GLN G 10 24.82 -27.36 12.72
C GLN G 10 23.34 -27.36 13.09
N TRP G 11 22.95 -28.26 13.98
CA TRP G 11 21.66 -28.20 14.68
C TRP G 11 21.67 -27.06 15.70
N VAL G 12 20.74 -26.12 15.62
CA VAL G 12 20.74 -24.97 16.52
C VAL G 12 19.32 -24.63 16.95
N ASN G 13 19.27 -23.80 17.98
CA ASN G 13 18.04 -23.21 18.40
C ASN G 13 17.77 -21.97 17.59
N SER G 14 16.53 -21.52 17.62
CA SER G 14 16.16 -20.18 17.14
C SER G 14 17.01 -19.12 17.79
N SER G 15 17.33 -18.04 17.09
CA SER G 15 18.15 -17.00 17.78
C SER G 15 17.33 -16.18 18.80
N SER G 16 15.99 -16.21 18.73
CA SER G 16 15.14 -15.58 19.76
C SER G 16 14.97 -16.50 20.98
N GLY G 17 15.29 -17.79 20.86
CA GLY G 17 14.98 -18.76 21.93
C GLY G 17 13.50 -19.26 21.90
N LYS G 18 12.64 -18.71 21.04
CA LYS G 18 11.23 -18.96 21.15
C LYS G 18 10.90 -20.29 20.45
N THR G 19 9.89 -20.97 20.97
CA THR G 19 9.37 -22.18 20.36
C THR G 19 7.87 -22.07 20.19
N VAL G 20 7.30 -23.04 19.46
CA VAL G 20 5.87 -23.15 19.24
C VAL G 20 5.40 -24.60 19.44
N ASP G 21 4.23 -24.79 20.03
CA ASP G 21 3.75 -26.13 20.37
C ASP G 21 3.10 -26.85 19.18
N LYS G 22 3.14 -28.17 19.22
CA LYS G 22 2.50 -29.05 18.26
C LYS G 22 1.56 -30.03 18.99
N TYR G 23 0.33 -30.15 18.49
CA TYR G 23 -0.73 -31.01 19.04
C TYR G 23 -0.96 -32.30 18.32
N SER G 24 -1.40 -33.31 19.07
CA SER G 24 -1.85 -34.55 18.47
C SER G 24 -3.24 -34.29 17.89
N PRO G 25 -3.46 -34.61 16.62
CA PRO G 25 -4.87 -34.54 16.14
C PRO G 25 -5.77 -35.69 16.53
N VAL G 26 -5.19 -36.77 17.02
CA VAL G 26 -5.88 -37.95 17.51
C VAL G 26 -6.51 -37.68 18.87
N THR G 27 -5.79 -36.97 19.75
CA THR G 27 -6.24 -36.72 21.11
C THR G 27 -6.33 -35.22 21.47
N GLY G 28 -5.88 -34.32 20.61
CA GLY G 28 -5.84 -32.91 20.98
C GLY G 28 -4.80 -32.57 22.06
N GLN G 29 -3.90 -33.51 22.36
CA GLN G 29 -2.91 -33.38 23.44
C GLN G 29 -1.64 -32.77 22.83
N VAL G 30 -0.98 -31.82 23.55
CA VAL G 30 0.36 -31.36 23.13
C VAL G 30 1.32 -32.55 23.17
N ILE G 31 2.09 -32.73 22.10
CA ILE G 31 3.07 -33.80 21.98
C ILE G 31 4.49 -33.35 21.63
N GLY G 32 4.70 -32.06 21.36
CA GLY G 32 5.98 -31.62 20.80
C GLY G 32 6.08 -30.11 20.72
N ARG G 33 7.28 -29.65 20.39
CA ARG G 33 7.49 -28.26 20.03
C ARG G 33 8.63 -28.11 18.99
N PHE G 34 8.62 -26.98 18.32
CA PHE G 34 9.62 -26.68 17.33
C PHE G 34 10.18 -25.29 17.52
N GLU G 35 11.38 -25.03 17.03
CA GLU G 35 11.97 -23.68 17.09
C GLU G 35 11.24 -22.72 16.14
N ALA G 36 11.08 -21.49 16.63
CA ALA G 36 10.47 -20.37 15.88
C ALA G 36 11.64 -19.55 15.35
N ALA G 37 12.15 -19.91 14.18
CA ALA G 37 13.29 -19.22 13.58
C ALA G 37 13.01 -17.74 13.34
N THR G 38 14.04 -16.93 13.52
CA THR G 38 13.95 -15.51 13.22
C THR G 38 14.33 -15.24 11.78
N ARG G 39 14.15 -13.99 11.37
CA ARG G 39 14.58 -13.52 10.03
C ARG G 39 16.13 -13.59 9.94
N ASP G 40 16.84 -13.35 11.05
CA ASP G 40 18.31 -13.55 11.10
C ASP G 40 18.68 -15.00 10.81
N ASP G 41 17.91 -15.97 11.35
CA ASP G 41 18.15 -17.41 11.12
C ASP G 41 17.91 -17.74 9.62
N VAL G 42 16.85 -17.18 9.06
CA VAL G 42 16.58 -17.31 7.65
C VAL G 42 17.75 -16.78 6.82
N ASP G 43 18.20 -15.55 7.06
CA ASP G 43 19.38 -15.02 6.34
C ASP G 43 20.59 -15.91 6.42
N ARG G 44 20.86 -16.49 7.58
CA ARG G 44 22.04 -17.32 7.76
C ARG G 44 21.89 -18.64 6.94
N ALA G 45 20.68 -19.20 6.91
CA ALA G 45 20.43 -20.40 6.13
C ALA G 45 20.64 -20.17 4.62
N ILE G 46 20.08 -19.07 4.14
CA ILE G 46 20.16 -18.68 2.72
C ILE G 46 21.61 -18.38 2.31
N ASP G 47 22.30 -17.63 3.15
CA ASP G 47 23.75 -17.36 2.92
C ASP G 47 24.57 -18.62 2.89
N ALA G 48 24.32 -19.52 3.84
CA ALA G 48 24.94 -20.82 3.81
C ALA G 48 24.68 -21.57 2.46
N ALA G 49 23.43 -21.54 2.01
CA ALA G 49 23.10 -22.15 0.71
C ALA G 49 23.85 -21.47 -0.42
N GLU G 50 23.94 -20.13 -0.37
CA GLU G 50 24.72 -19.44 -1.39
C GLU G 50 26.19 -19.85 -1.36
N ASP G 51 26.78 -19.88 -0.16
CA ASP G 51 28.23 -20.19 0.01
C ASP G 51 28.54 -21.63 -0.44
N ALA G 52 27.57 -22.55 -0.34
CA ALA G 52 27.84 -23.98 -0.68
C ALA G 52 27.62 -24.29 -2.19
N PHE G 53 27.00 -23.40 -2.93
CA PHE G 53 26.41 -23.73 -4.26
C PHE G 53 27.48 -24.25 -5.24
N TRP G 54 28.57 -23.49 -5.39
CA TRP G 54 29.56 -23.77 -6.45
C TRP G 54 30.20 -25.11 -6.26
N ALA G 55 30.54 -25.47 -5.02
CA ALA G 55 31.20 -26.75 -4.76
C ALA G 55 30.21 -27.92 -4.91
N TRP G 56 28.94 -27.67 -4.64
CA TRP G 56 27.89 -28.68 -4.84
C TRP G 56 27.59 -28.88 -6.33
N ASN G 57 27.30 -27.82 -7.06
CA ASN G 57 27.32 -27.86 -8.54
C ASN G 57 28.55 -28.63 -9.12
N ASP G 58 29.77 -28.26 -8.69
CA ASP G 58 30.98 -28.90 -9.24
C ASP G 58 31.18 -30.37 -8.90
N LEU G 59 30.54 -30.91 -7.89
CA LEU G 59 30.62 -32.36 -7.64
C LEU G 59 30.09 -33.17 -8.81
N GLY G 60 29.11 -32.65 -9.55
CA GLY G 60 28.47 -33.44 -10.62
C GLY G 60 27.31 -34.27 -10.08
N SER G 61 26.42 -34.66 -11.02
CA SER G 61 25.23 -35.36 -10.66
C SER G 61 25.53 -36.77 -10.13
N VAL G 62 26.57 -37.44 -10.61
CA VAL G 62 26.81 -38.80 -10.14
C VAL G 62 27.21 -38.82 -8.66
N GLU G 63 28.21 -38.03 -8.29
CA GLU G 63 28.59 -37.89 -6.85
C GLU G 63 27.45 -37.39 -5.98
N ARG G 64 26.64 -36.46 -6.47
CA ARG G 64 25.50 -36.05 -5.67
C ARG G 64 24.51 -37.17 -5.49
N SER G 65 24.32 -37.98 -6.53
CA SER G 65 23.38 -39.09 -6.49
C SER G 65 23.88 -40.13 -5.48
N LYS G 66 25.17 -40.32 -5.33
CA LYS G 66 25.66 -41.29 -4.30
C LYS G 66 25.22 -40.94 -2.87
N ILE G 67 25.27 -39.67 -2.59
CA ILE G 67 24.83 -39.15 -1.30
C ILE G 67 23.30 -39.35 -1.18
N ILE G 68 22.60 -39.06 -2.25
CA ILE G 68 21.15 -39.17 -2.22
C ILE G 68 20.76 -40.61 -2.02
N TYR G 69 21.45 -41.53 -2.68
CA TYR G 69 21.12 -42.92 -2.54
C TYR G 69 21.37 -43.45 -1.09
N ARG G 70 22.46 -43.03 -0.52
CA ARG G 70 22.81 -43.39 0.85
C ARG G 70 21.71 -42.90 1.83
N ALA G 71 21.18 -41.70 1.59
CA ALA G 71 20.07 -41.21 2.41
C ALA G 71 18.84 -42.14 2.24
N LYS G 72 18.54 -42.56 1.00
CA LYS G 72 17.46 -43.49 0.82
C LYS G 72 17.64 -44.78 1.63
N GLU G 73 18.85 -45.34 1.57
CA GLU G 73 19.22 -46.52 2.35
C GLU G 73 19.07 -46.35 3.88
N LEU G 74 19.55 -45.24 4.42
CA LEU G 74 19.35 -44.94 5.84
C LEU G 74 17.85 -44.81 6.22
N ILE G 75 17.06 -44.24 5.30
CA ILE G 75 15.66 -44.06 5.55
C ILE G 75 15.00 -45.42 5.54
N GLU G 76 15.30 -46.25 4.53
CA GLU G 76 14.74 -47.61 4.44
C GLU G 76 15.10 -48.43 5.71
N LYS G 77 16.34 -48.35 6.17
CA LYS G 77 16.78 -49.18 7.25
C LYS G 77 15.99 -48.81 8.54
N ASN G 78 15.60 -47.55 8.70
CA ASN G 78 15.06 -47.03 9.97
C ASN G 78 13.66 -46.55 9.72
N ARG G 79 12.99 -47.14 8.75
CA ARG G 79 11.71 -46.67 8.32
C ARG G 79 10.62 -46.65 9.38
N ALA G 80 10.66 -47.58 10.33
CA ALA G 80 9.69 -47.66 11.42
C ALA G 80 9.56 -46.32 12.16
N GLU G 81 10.68 -45.62 12.42
CA GLU G 81 10.64 -44.34 13.13
C GLU G 81 9.85 -43.26 12.36
N LEU G 82 9.98 -43.22 11.03
CA LEU G 82 9.25 -42.24 10.23
C LEU G 82 7.76 -42.59 10.22
N GLU G 83 7.44 -43.87 10.06
CA GLU G 83 6.04 -44.35 10.12
C GLU G 83 5.38 -43.87 11.42
N ASN G 84 6.10 -44.09 12.53
CA ASN G 84 5.61 -43.69 13.83
C ASN G 84 5.45 -42.19 13.98
N ILE G 85 6.35 -41.39 13.42
CA ILE G 85 6.22 -39.92 13.50
C ILE G 85 4.97 -39.45 12.73
N ILE G 86 4.74 -40.02 11.55
CA ILE G 86 3.57 -39.61 10.71
C ILE G 86 2.28 -39.95 11.45
N MET G 87 2.21 -41.15 12.06
CA MET G 87 1.04 -41.57 12.83
C MET G 87 0.78 -40.64 14.02
N GLU G 88 1.83 -40.14 14.67
CA GLU G 88 1.69 -39.28 15.83
C GLU G 88 1.36 -37.84 15.42
N GLU G 89 2.04 -37.32 14.41
CA GLU G 89 1.82 -35.93 14.05
C GLU G 89 0.50 -35.72 13.22
N ASN G 90 0.18 -36.68 12.36
CA ASN G 90 -1.00 -36.60 11.50
C ASN G 90 -2.16 -37.50 11.93
N GLY G 91 -1.92 -38.51 12.75
CA GLY G 91 -2.97 -39.46 13.06
C GLY G 91 -3.38 -40.35 11.91
N LYS G 92 -2.51 -40.55 10.91
CA LYS G 92 -2.85 -41.37 9.75
C LYS G 92 -2.99 -42.82 10.17
N PRO G 93 -4.00 -43.53 9.62
CA PRO G 93 -4.06 -45.00 9.78
C PRO G 93 -2.74 -45.67 9.39
N VAL G 94 -2.40 -46.76 10.04
CA VAL G 94 -1.08 -47.34 9.92
C VAL G 94 -0.75 -47.67 8.48
N LYS G 95 -1.71 -48.21 7.72
CA LYS G 95 -1.45 -48.50 6.32
C LYS G 95 -1.10 -47.25 5.48
N GLU G 96 -1.76 -46.13 5.79
CA GLU G 96 -1.46 -44.87 5.14
C GLU G 96 -0.08 -44.38 5.47
N ALA G 97 0.31 -44.46 6.74
CA ALA G 97 1.67 -44.10 7.18
C ALA G 97 2.71 -44.93 6.43
N LYS G 98 2.53 -46.24 6.40
CA LYS G 98 3.46 -47.13 5.68
C LYS G 98 3.59 -46.82 4.18
N GLU G 99 2.43 -46.58 3.54
CA GLU G 99 2.37 -46.19 2.16
C GLU G 99 3.12 -44.88 1.88
N GLU G 100 2.98 -43.88 2.74
CA GLU G 100 3.68 -42.64 2.54
C GLU G 100 5.20 -42.88 2.59
N VAL G 101 5.68 -43.71 3.50
CA VAL G 101 7.11 -43.98 3.59
C VAL G 101 7.61 -44.87 2.40
N ASP G 102 6.79 -45.82 1.92
CA ASP G 102 7.10 -46.50 0.65
C ASP G 102 7.38 -45.47 -0.48
N GLY G 103 6.60 -44.41 -0.47
CA GLY G 103 6.62 -43.37 -1.49
C GLY G 103 7.80 -42.40 -1.27
N VAL G 104 8.19 -42.15 -0.03
CA VAL G 104 9.43 -41.43 0.23
C VAL G 104 10.63 -42.13 -0.41
N ILE G 105 10.70 -43.43 -0.16
CA ILE G 105 11.76 -44.29 -0.68
C ILE G 105 11.75 -44.37 -2.21
N ASP G 106 10.58 -44.61 -2.81
CA ASP G 106 10.40 -44.70 -4.24
C ASP G 106 10.83 -43.41 -4.93
N GLN G 107 10.37 -42.27 -4.42
CA GLN G 107 10.70 -40.96 -5.00
C GLN G 107 12.16 -40.59 -4.96
N ILE G 108 12.81 -40.83 -3.83
CA ILE G 108 14.25 -40.54 -3.68
C ILE G 108 15.05 -41.37 -4.69
N GLN G 109 14.70 -42.66 -4.83
CA GLN G 109 15.33 -43.52 -5.79
C GLN G 109 15.14 -43.00 -7.22
N TYR G 110 13.87 -42.75 -7.56
CA TYR G 110 13.48 -42.32 -8.92
C TYR G 110 14.24 -41.07 -9.33
N TYR G 111 14.29 -40.06 -8.44
CA TYR G 111 14.95 -38.84 -8.76
C TYR G 111 16.49 -38.97 -8.85
N ALA G 112 17.12 -39.69 -7.94
CA ALA G 112 18.58 -39.94 -8.03
C ALA G 112 19.03 -40.67 -9.30
N GLU G 113 18.18 -41.56 -9.78
CA GLU G 113 18.37 -42.26 -11.07
C GLU G 113 18.52 -41.35 -12.32
N TRP G 114 18.09 -40.09 -12.25
CA TRP G 114 18.26 -39.16 -13.34
C TRP G 114 19.71 -38.66 -13.49
N ALA G 115 20.61 -39.01 -12.55
CA ALA G 115 22.05 -38.73 -12.71
C ALA G 115 22.58 -38.96 -14.10
N ARG G 116 23.23 -37.92 -14.61
CA ARG G 116 23.87 -37.89 -15.95
C ARG G 116 22.97 -38.22 -17.12
N LYS G 117 21.66 -38.03 -16.97
CA LYS G 117 20.71 -38.26 -18.06
C LYS G 117 19.89 -37.08 -18.47
N LEU G 118 19.96 -35.95 -17.75
CA LEU G 118 19.26 -34.74 -18.18
C LEU G 118 20.14 -33.84 -19.09
N ASN G 119 20.22 -34.22 -20.36
CA ASN G 119 21.16 -33.66 -21.33
C ASN G 119 20.79 -32.26 -21.74
N GLY G 120 21.78 -31.47 -22.16
CA GLY G 120 21.51 -30.20 -22.84
C GLY G 120 21.47 -30.53 -24.33
N GLU G 121 21.60 -29.52 -25.17
CA GLU G 121 21.46 -29.67 -26.61
C GLU G 121 22.53 -28.89 -27.38
N VAL G 122 22.80 -29.34 -28.62
CA VAL G 122 23.60 -28.61 -29.62
C VAL G 122 22.66 -28.31 -30.81
N VAL G 123 22.48 -27.04 -31.18
CA VAL G 123 21.72 -26.74 -32.39
C VAL G 123 22.60 -26.03 -33.39
N GLU G 124 22.21 -26.16 -34.67
CA GLU G 124 22.83 -25.41 -35.75
C GLU G 124 22.80 -23.94 -35.49
N GLY G 125 23.87 -23.28 -35.87
CA GLY G 125 23.93 -21.84 -35.76
C GLY G 125 23.56 -21.25 -37.10
N THR G 126 23.87 -19.97 -37.27
CA THR G 126 23.44 -19.22 -38.47
C THR G 126 24.47 -19.29 -39.60
N SER G 127 25.58 -20.03 -39.45
CA SER G 127 26.43 -20.39 -40.57
C SER G 127 27.04 -21.73 -40.24
N SER G 128 27.84 -22.25 -41.16
CA SER G 128 28.51 -23.55 -40.97
C SER G 128 29.56 -23.54 -39.88
N HIS G 129 30.12 -22.37 -39.56
CA HIS G 129 31.13 -22.27 -38.55
C HIS G 129 30.58 -21.61 -37.27
N ARG G 130 29.31 -21.89 -36.98
CA ARG G 130 28.65 -21.47 -35.76
C ARG G 130 27.79 -22.59 -35.21
N LYS G 131 27.80 -22.75 -33.89
CA LYS G 131 26.91 -23.63 -33.19
C LYS G 131 26.33 -22.92 -31.98
N ILE G 132 25.19 -23.44 -31.52
CA ILE G 132 24.54 -22.95 -30.33
C ILE G 132 24.50 -24.16 -29.38
N PHE G 133 25.24 -24.03 -28.29
CA PHE G 133 25.23 -25.00 -27.21
C PHE G 133 24.27 -24.60 -26.15
N GLN G 134 23.49 -25.57 -25.66
CA GLN G 134 22.43 -25.27 -24.69
C GLN G 134 22.69 -26.15 -23.48
N TYR G 135 23.15 -25.56 -22.39
CA TYR G 135 23.47 -26.34 -21.21
C TYR G 135 22.31 -26.26 -20.26
N LYS G 136 22.10 -27.31 -19.47
CA LYS G 136 21.19 -27.29 -18.34
C LYS G 136 21.96 -27.20 -17.04
N VAL G 137 21.72 -26.15 -16.25
CA VAL G 137 22.47 -25.96 -15.03
C VAL G 137 21.47 -25.69 -13.90
N PRO G 138 21.95 -25.78 -12.63
CA PRO G 138 21.03 -25.52 -11.50
C PRO G 138 20.60 -24.04 -11.44
N TYR G 139 19.42 -23.78 -10.89
CA TYR G 139 19.00 -22.40 -10.59
C TYR G 139 19.82 -21.77 -9.51
N GLY G 140 20.29 -22.52 -8.51
CA GLY G 140 21.06 -21.92 -7.42
C GLY G 140 20.45 -22.34 -6.09
N ILE G 141 19.83 -21.37 -5.41
CA ILE G 141 19.22 -21.56 -4.12
C ILE G 141 17.70 -21.84 -4.29
N VAL G 142 17.27 -22.98 -3.77
CA VAL G 142 15.90 -23.42 -3.81
C VAL G 142 15.31 -23.27 -2.44
N VAL G 143 14.16 -22.62 -2.36
CA VAL G 143 13.40 -22.65 -1.13
C VAL G 143 12.27 -23.70 -1.29
N ALA G 144 12.22 -24.68 -0.39
CA ALA G 144 11.21 -25.71 -0.40
C ALA G 144 10.23 -25.47 0.72
N LEU G 145 8.94 -25.30 0.36
CA LEU G 145 7.87 -25.14 1.32
C LEU G 145 6.88 -26.32 1.26
N THR G 146 6.84 -27.13 2.35
CA THR G 146 6.03 -28.38 2.32
C THR G 146 4.79 -28.29 3.16
N PRO G 147 3.67 -28.94 2.74
CA PRO G 147 2.43 -28.90 3.47
C PRO G 147 2.39 -29.98 4.57
N TRP G 148 1.33 -29.94 5.36
CA TRP G 148 1.15 -30.84 6.48
C TRP G 148 0.54 -32.16 6.09
N ASN G 149 -0.12 -32.22 4.93
CA ASN G 149 -0.97 -33.36 4.62
C ASN G 149 -0.22 -34.65 4.26
N PHE G 150 0.90 -34.48 3.54
CA PHE G 150 1.83 -35.57 3.15
C PHE G 150 3.19 -35.08 3.50
N PRO G 151 3.44 -35.05 4.80
CA PRO G 151 4.52 -34.28 5.36
C PRO G 151 5.85 -34.97 5.20
N ALA G 152 5.85 -36.24 4.81
CA ALA G 152 7.10 -36.92 4.50
C ALA G 152 7.23 -37.02 3.00
N GLY G 153 6.18 -37.45 2.31
CA GLY G 153 6.18 -37.53 0.85
C GLY G 153 6.57 -36.26 0.13
N MET G 154 6.07 -35.14 0.62
CA MET G 154 6.31 -33.87 -0.03
C MET G 154 7.74 -33.36 0.22
N VAL G 155 8.37 -33.75 1.32
CA VAL G 155 9.78 -33.42 1.56
C VAL G 155 10.65 -34.11 0.55
N ALA G 156 10.40 -35.40 0.33
CA ALA G 156 11.23 -36.18 -0.61
C ALA G 156 11.06 -35.67 -2.01
N ARG G 157 9.81 -35.42 -2.37
CA ARG G 157 9.42 -34.93 -3.70
C ARG G 157 10.21 -33.66 -4.12
N LYS G 158 10.51 -32.78 -3.15
CA LYS G 158 11.09 -31.51 -3.42
C LYS G 158 12.61 -31.57 -3.20
N LEU G 159 13.09 -32.21 -2.13
CA LEU G 159 14.53 -32.26 -1.83
C LEU G 159 15.26 -33.06 -2.89
N ALA G 160 14.75 -34.24 -3.23
CA ALA G 160 15.51 -35.14 -4.07
C ALA G 160 15.87 -34.57 -5.46
N PRO G 161 14.89 -34.08 -6.21
CA PRO G 161 15.28 -33.49 -7.51
C PRO G 161 16.05 -32.19 -7.41
N ALA G 162 15.74 -31.35 -6.42
CA ALA G 162 16.49 -30.10 -6.26
C ALA G 162 17.97 -30.39 -6.03
N LEU G 163 18.22 -31.39 -5.20
CA LEU G 163 19.61 -31.81 -4.89
C LEU G 163 20.36 -32.55 -5.99
N LEU G 164 19.70 -33.49 -6.64
CA LEU G 164 20.31 -34.22 -7.74
C LEU G 164 20.79 -33.22 -8.81
N THR G 165 19.93 -32.25 -9.15
CA THR G 165 20.23 -31.26 -10.17
C THR G 165 21.27 -30.18 -9.77
N GLY G 166 21.79 -30.19 -8.54
CA GLY G 166 22.88 -29.34 -8.14
C GLY G 166 22.45 -28.04 -7.50
N ASN G 167 21.20 -27.95 -7.09
CA ASN G 167 20.75 -26.78 -6.34
C ASN G 167 21.08 -27.00 -4.86
N THR G 168 21.14 -25.90 -4.13
CA THR G 168 21.24 -25.92 -2.63
C THR G 168 19.86 -25.56 -2.12
N VAL G 169 19.55 -26.00 -0.90
CA VAL G 169 18.15 -25.97 -0.44
C VAL G 169 17.99 -25.36 0.96
N VAL G 170 16.97 -24.50 1.10
CA VAL G 170 16.41 -24.15 2.42
C VAL G 170 14.99 -24.70 2.53
N LEU G 171 14.82 -25.67 3.42
CA LEU G 171 13.50 -26.30 3.62
C LEU G 171 12.78 -25.72 4.84
N LYS G 172 11.51 -25.40 4.64
CA LYS G 172 10.65 -24.99 5.72
C LYS G 172 9.35 -25.79 5.68
N PRO G 173 9.10 -26.65 6.66
CA PRO G 173 7.85 -27.42 6.68
C PRO G 173 6.69 -26.69 7.28
N SER G 174 5.52 -27.34 7.15
CA SER G 174 4.30 -26.88 7.79
C SER G 174 4.54 -26.85 9.29
N SER G 175 4.02 -25.84 9.95
CA SER G 175 4.06 -25.76 11.39
C SER G 175 3.26 -26.89 12.05
N ASP G 176 2.37 -27.57 11.32
CA ASP G 176 1.70 -28.74 11.87
C ASP G 176 2.53 -30.02 11.88
N THR G 177 3.59 -30.10 11.08
CA THR G 177 4.30 -31.40 10.91
C THR G 177 5.82 -31.23 10.79
N PRO G 178 6.42 -30.49 11.74
CA PRO G 178 7.86 -30.32 11.61
C PRO G 178 8.69 -31.62 11.86
N GLY G 179 8.18 -32.61 12.60
CA GLY G 179 8.94 -33.84 12.95
C GLY G 179 9.39 -34.74 11.79
N SER G 180 8.48 -34.99 10.84
CA SER G 180 8.79 -35.89 9.75
C SER G 180 9.82 -35.25 8.84
N ALA G 181 9.68 -33.95 8.57
CA ALA G 181 10.67 -33.21 7.80
C ALA G 181 12.06 -33.22 8.49
N GLU G 182 12.10 -32.92 9.79
CA GLU G 182 13.37 -32.95 10.52
C GLU G 182 14.07 -34.27 10.43
N TRP G 183 13.32 -35.33 10.66
CA TRP G 183 13.84 -36.68 10.58
C TRP G 183 14.38 -36.98 9.17
N ILE G 184 13.67 -36.56 8.13
CA ILE G 184 14.21 -36.76 6.78
C ILE G 184 15.51 -35.94 6.59
N VAL G 185 15.54 -34.69 7.06
CA VAL G 185 16.75 -33.86 6.90
C VAL G 185 17.92 -34.51 7.60
N ARG G 186 17.69 -35.02 8.82
CA ARG G 186 18.72 -35.67 9.61
C ARG G 186 19.29 -36.88 8.82
N LYS G 187 18.44 -37.58 8.05
CA LYS G 187 18.95 -38.70 7.32
C LYS G 187 19.87 -38.23 6.14
N PHE G 188 19.51 -37.12 5.51
CA PHE G 188 20.36 -36.52 4.49
C PHE G 188 21.70 -36.04 5.03
N VAL G 189 21.70 -35.47 6.23
CA VAL G 189 22.97 -35.12 6.91
C VAL G 189 23.82 -36.36 7.18
N GLU G 190 23.22 -37.38 7.78
CA GLU G 190 23.94 -38.61 8.10
C GLU G 190 24.46 -39.25 6.81
N ALA G 191 23.74 -39.15 5.68
CA ALA G 191 24.23 -39.66 4.38
C ALA G 191 25.46 -38.92 3.80
N GLY G 192 25.76 -37.73 4.32
CA GLY G 192 26.91 -36.99 3.85
C GLY G 192 26.62 -35.74 3.07
N VAL G 193 25.44 -35.16 3.12
CA VAL G 193 25.22 -33.91 2.40
C VAL G 193 26.19 -32.87 3.01
N PRO G 194 26.96 -32.16 2.15
CA PRO G 194 27.92 -31.26 2.77
C PRO G 194 27.28 -30.05 3.37
N LYS G 195 28.07 -29.43 4.20
CA LYS G 195 27.69 -28.26 4.97
C LYS G 195 27.08 -27.14 4.14
N GLY G 196 25.97 -26.60 4.57
CA GLY G 196 25.30 -25.52 3.80
C GLY G 196 24.43 -25.91 2.61
N VAL G 197 24.59 -27.12 2.10
CA VAL G 197 23.77 -27.56 0.95
C VAL G 197 22.28 -27.76 1.29
N LEU G 198 22.00 -28.30 2.48
CA LEU G 198 20.68 -28.50 2.97
C LEU G 198 20.47 -27.81 4.30
N ASN G 199 19.50 -26.92 4.39
CA ASN G 199 19.26 -26.18 5.62
C ASN G 199 17.80 -26.35 6.00
N PHE G 200 17.48 -26.31 7.29
CA PHE G 200 16.16 -26.64 7.78
C PHE G 200 15.70 -25.56 8.72
N ILE G 201 14.56 -24.97 8.37
CA ILE G 201 14.01 -23.80 9.07
C ILE G 201 12.56 -24.05 9.41
N THR G 202 12.22 -23.84 10.67
CA THR G 202 10.85 -23.86 11.15
C THR G 202 10.50 -22.49 11.71
N GLY G 203 9.22 -22.16 11.66
CA GLY G 203 8.74 -20.90 12.19
C GLY G 203 7.32 -20.58 11.74
N ARG G 204 6.84 -19.46 12.23
CA ARG G 204 5.52 -19.00 11.96
C ARG G 204 5.56 -18.39 10.55
N GLY G 205 4.71 -18.90 9.66
CA GLY G 205 4.39 -18.25 8.35
C GLY G 205 4.18 -16.74 8.48
N SER G 206 3.69 -16.32 9.65
CA SER G 206 3.40 -14.94 10.02
C SER G 206 4.61 -14.07 10.28
N GLU G 207 5.74 -14.68 10.65
CA GLU G 207 6.94 -13.94 10.97
C GLU G 207 7.99 -14.02 9.86
N ILE G 208 8.08 -15.17 9.19
CA ILE G 208 9.16 -15.46 8.25
C ILE G 208 8.73 -15.93 6.86
N GLY G 209 7.44 -16.17 6.64
CA GLY G 209 6.95 -16.68 5.34
C GLY G 209 7.22 -15.72 4.19
N ASP G 210 6.79 -14.47 4.31
CA ASP G 210 7.05 -13.48 3.26
C ASP G 210 8.55 -13.25 3.13
N TYR G 211 9.21 -13.26 4.28
CA TYR G 211 10.61 -12.93 4.29
C TYR G 211 11.42 -13.97 3.50
N ILE G 212 11.11 -15.24 3.68
CA ILE G 212 11.91 -16.28 3.04
C ILE G 212 11.68 -16.31 1.53
N VAL G 213 10.45 -15.98 1.09
CA VAL G 213 10.19 -16.00 -0.33
C VAL G 213 10.61 -14.78 -1.06
N GLU G 214 10.65 -13.62 -0.43
CA GLU G 214 11.04 -12.42 -1.18
C GLU G 214 12.55 -12.11 -1.13
N HIS G 215 13.28 -12.85 -0.32
CA HIS G 215 14.74 -12.67 -0.18
C HIS G 215 15.43 -12.59 -1.54
N LYS G 216 16.27 -11.58 -1.72
CA LYS G 216 16.92 -11.35 -3.03
C LYS G 216 17.89 -12.43 -3.55
N LYS G 217 18.36 -13.36 -2.72
CA LYS G 217 19.22 -14.44 -3.16
C LYS G 217 18.48 -15.73 -3.51
N VAL G 218 17.16 -15.80 -3.35
CA VAL G 218 16.42 -17.02 -3.69
C VAL G 218 16.21 -17.04 -5.19
N ASN G 219 16.50 -18.18 -5.80
CA ASN G 219 16.36 -18.38 -7.24
C ASN G 219 15.16 -19.21 -7.65
N LEU G 220 14.67 -20.11 -6.78
CA LEU G 220 13.55 -20.98 -7.10
C LEU G 220 12.73 -21.27 -5.85
N ILE G 221 11.40 -21.22 -5.97
CA ILE G 221 10.54 -21.57 -4.87
C ILE G 221 9.70 -22.77 -5.28
N THR G 222 9.78 -23.85 -4.51
CA THR G 222 8.93 -25.03 -4.75
C THR G 222 8.03 -25.22 -3.55
N MET G 223 6.71 -25.27 -3.78
CA MET G 223 5.76 -25.21 -2.71
C MET G 223 4.50 -26.01 -3.05
N THR G 224 3.96 -26.69 -2.04
CA THR G 224 2.63 -27.29 -2.13
C THR G 224 1.80 -26.79 -0.92
N GLY G 225 0.49 -26.59 -1.13
CA GLY G 225 -0.34 -26.04 -0.05
C GLY G 225 -1.57 -25.38 -0.57
N SER G 226 -2.05 -24.36 0.16
CA SER G 226 -3.35 -23.70 -0.10
C SER G 226 -3.29 -22.69 -1.24
N THR G 227 -4.42 -22.49 -1.92
CA THR G 227 -4.48 -21.50 -2.97
C THR G 227 -3.99 -20.14 -2.51
N ALA G 228 -4.48 -19.70 -1.35
CA ALA G 228 -4.20 -18.33 -0.91
C ALA G 228 -2.69 -18.08 -0.61
N THR G 229 -2.00 -19.08 -0.02
CA THR G 229 -0.55 -18.97 0.25
C THR G 229 0.19 -18.97 -1.06
N GLY G 230 -0.19 -19.85 -1.96
CA GLY G 230 0.32 -19.85 -3.32
C GLY G 230 0.26 -18.48 -3.98
N GLN G 231 -0.90 -17.83 -3.87
CA GLN G 231 -1.06 -16.50 -4.47
C GLN G 231 -0.14 -15.47 -3.80
N ARG G 232 -0.06 -15.53 -2.48
CA ARG G 232 0.81 -14.62 -1.72
C ARG G 232 2.30 -14.82 -2.11
N ILE G 233 2.71 -16.07 -2.31
CA ILE G 233 4.09 -16.37 -2.72
C ILE G 233 4.36 -15.78 -4.08
N MET G 234 3.38 -15.93 -4.98
CA MET G 234 3.54 -15.41 -6.31
C MET G 234 3.72 -13.88 -6.26
N GLN G 235 2.93 -13.20 -5.46
CA GLN G 235 3.05 -11.75 -5.33
C GLN G 235 4.41 -11.31 -4.72
N LYS G 236 4.83 -12.03 -3.68
CA LYS G 236 6.12 -11.71 -3.03
C LYS G 236 7.33 -12.05 -3.85
N ALA G 237 7.29 -13.16 -4.56
CA ALA G 237 8.38 -13.58 -5.39
C ALA G 237 8.57 -12.66 -6.60
N SER G 238 7.61 -11.78 -6.89
CA SER G 238 7.86 -10.70 -7.82
C SER G 238 9.12 -9.88 -7.48
N ALA G 239 9.53 -9.81 -6.22
CA ALA G 239 10.80 -9.14 -5.86
C ALA G 239 12.11 -9.73 -6.44
N ASN G 240 12.21 -11.04 -6.56
CA ASN G 240 13.39 -11.72 -7.02
C ASN G 240 13.18 -12.48 -8.35
N MET G 241 11.96 -12.47 -8.93
CA MET G 241 11.65 -13.28 -10.15
C MET G 241 12.00 -14.75 -10.03
N ALA G 242 11.86 -15.28 -8.82
CA ALA G 242 12.12 -16.69 -8.61
C ALA G 242 11.23 -17.47 -9.56
N LYS G 243 11.79 -18.55 -10.06
CA LYS G 243 11.06 -19.62 -10.75
C LYS G 243 10.19 -20.32 -9.70
N LEU G 244 8.90 -20.46 -10.04
CA LEU G 244 7.95 -21.03 -9.12
C LEU G 244 7.46 -22.41 -9.56
N ILE G 245 7.42 -23.33 -8.61
CA ILE G 245 6.82 -24.64 -8.75
C ILE G 245 5.81 -24.62 -7.62
N LEU G 246 4.51 -24.52 -7.94
CA LEU G 246 3.47 -24.39 -6.94
C LEU G 246 2.38 -25.38 -7.25
N GLU G 247 1.98 -26.11 -6.20
CA GLU G 247 0.88 -27.00 -6.36
C GLU G 247 -0.13 -26.75 -5.30
N LEU G 248 -1.34 -26.29 -5.74
CA LEU G 248 -2.30 -25.68 -4.81
C LEU G 248 -3.64 -26.39 -4.68
N GLY G 249 -3.66 -27.70 -4.90
CA GLY G 249 -4.85 -28.49 -4.57
C GLY G 249 -5.91 -28.38 -5.70
N GLY G 250 -7.14 -28.81 -5.45
CA GLY G 250 -8.11 -28.81 -6.53
C GLY G 250 -9.47 -29.19 -6.08
N LYS G 251 -10.33 -29.62 -7.04
CA LYS G 251 -11.68 -29.88 -6.73
C LYS G 251 -12.12 -30.96 -7.68
N ALA G 252 -11.58 -32.14 -7.42
CA ALA G 252 -11.68 -33.20 -8.41
C ALA G 252 -13.12 -33.70 -8.66
N PRO G 253 -13.60 -33.59 -9.91
CA PRO G 253 -14.85 -34.27 -10.25
C PRO G 253 -14.61 -35.78 -10.36
N PHE G 254 -15.52 -36.58 -9.81
CA PHE G 254 -15.48 -38.02 -9.91
C PHE G 254 -16.71 -38.39 -10.76
N MET G 255 -16.49 -38.93 -11.96
CA MET G 255 -17.53 -39.13 -12.94
C MET G 255 -17.78 -40.59 -13.15
N VAL G 256 -19.06 -41.02 -13.00
CA VAL G 256 -19.43 -42.42 -13.10
C VAL G 256 -20.50 -42.51 -14.18
N TRP G 257 -20.09 -43.08 -15.30
CA TRP G 257 -20.96 -43.26 -16.49
C TRP G 257 -21.81 -44.48 -16.29
N LYS G 258 -22.92 -44.51 -17.01
CA LYS G 258 -23.89 -45.60 -16.90
C LYS G 258 -23.33 -47.03 -16.99
N ASP G 259 -22.26 -47.24 -17.74
CA ASP G 259 -21.73 -48.60 -17.91
C ASP G 259 -20.52 -48.84 -16.97
N ALA G 260 -20.38 -48.09 -15.90
CA ALA G 260 -19.23 -48.26 -15.00
C ALA G 260 -19.28 -49.58 -14.29
N ASP G 261 -18.13 -50.20 -13.99
CA ASP G 261 -18.10 -51.30 -13.01
C ASP G 261 -18.38 -50.69 -11.62
N MET G 262 -19.54 -51.04 -11.06
CA MET G 262 -20.04 -50.43 -9.83
C MET G 262 -19.04 -50.62 -8.66
N ASP G 263 -18.52 -51.84 -8.53
CA ASP G 263 -17.66 -52.20 -7.43
C ASP G 263 -16.34 -51.43 -7.44
N ASN G 264 -15.69 -51.39 -8.61
CA ASN G 264 -14.42 -50.66 -8.75
C ASN G 264 -14.62 -49.17 -8.57
N ALA G 265 -15.73 -48.63 -9.12
CA ALA G 265 -16.03 -47.23 -8.91
C ALA G 265 -16.18 -46.91 -7.42
N LEU G 266 -16.87 -47.79 -6.69
CA LEU G 266 -17.16 -47.53 -5.28
C LEU G 266 -15.87 -47.69 -4.44
N LYS G 267 -15.06 -48.71 -4.72
CA LYS G 267 -13.75 -48.88 -4.08
C LYS G 267 -12.90 -47.65 -4.27
N THR G 268 -12.87 -47.20 -5.52
CA THR G 268 -12.12 -46.06 -5.86
C THR G 268 -12.65 -44.78 -5.21
N LEU G 269 -13.95 -44.63 -5.07
CA LEU G 269 -14.51 -43.45 -4.44
C LEU G 269 -14.19 -43.45 -2.92
N LEU G 270 -14.30 -44.61 -2.28
CA LEU G 270 -13.95 -44.75 -0.86
C LEU G 270 -12.51 -44.27 -0.64
N TRP G 271 -11.62 -44.70 -1.54
CA TRP G 271 -10.22 -44.25 -1.52
C TRP G 271 -10.12 -42.72 -1.74
N ALA G 272 -10.71 -42.26 -2.84
CA ALA G 272 -10.55 -40.87 -3.24
C ALA G 272 -11.17 -39.89 -2.26
N LYS G 273 -12.27 -40.28 -1.61
CA LYS G 273 -12.86 -39.40 -0.64
C LYS G 273 -12.19 -39.46 0.73
N TYR G 274 -11.89 -40.67 1.20
CA TYR G 274 -11.60 -40.91 2.64
C TYR G 274 -10.16 -41.19 2.96
N TRP G 275 -9.35 -41.51 1.95
CA TRP G 275 -7.89 -41.56 2.16
C TRP G 275 -7.34 -40.20 2.71
N ASN G 276 -6.54 -40.33 3.77
CA ASN G 276 -6.13 -39.15 4.55
C ASN G 276 -7.28 -38.25 4.99
N ALA G 277 -8.43 -38.84 5.27
CA ALA G 277 -9.64 -38.08 5.61
C ALA G 277 -10.00 -36.96 4.63
N GLY G 278 -9.72 -37.16 3.34
CA GLY G 278 -10.13 -36.21 2.29
C GLY G 278 -9.14 -35.06 2.14
N GLN G 279 -8.05 -35.10 2.92
CA GLN G 279 -7.05 -34.01 3.02
C GLN G 279 -5.95 -34.27 2.01
N SER G 280 -6.36 -34.25 0.75
CA SER G 280 -5.53 -34.61 -0.35
C SER G 280 -5.81 -33.69 -1.54
N ILE G 282 -5.71 -34.46 -4.49
CA ILE G 282 -6.48 -35.16 -5.55
C ILE G 282 -7.78 -35.81 -5.05
N ALA G 283 -8.23 -35.44 -3.85
CA ALA G 283 -9.44 -36.03 -3.27
C ALA G 283 -10.64 -35.82 -4.19
N ALA G 284 -11.52 -36.82 -4.25
CA ALA G 284 -12.82 -36.67 -4.91
C ALA G 284 -13.54 -35.57 -4.15
N GLU G 285 -13.90 -34.51 -4.88
CA GLU G 285 -14.59 -33.36 -4.25
C GLU G 285 -15.97 -33.07 -4.83
N ARG G 286 -16.32 -33.67 -5.96
CA ARG G 286 -17.69 -33.55 -6.49
C ARG G 286 -17.98 -34.86 -7.15
N LEU G 287 -19.21 -35.38 -7.02
CA LEU G 287 -19.57 -36.67 -7.52
C LEU G 287 -20.69 -36.49 -8.55
N TYR G 288 -20.48 -36.99 -9.77
CA TYR G 288 -21.45 -36.88 -10.89
C TYR G 288 -21.69 -38.29 -11.33
N VAL G 289 -22.90 -38.77 -11.14
CA VAL G 289 -23.25 -40.15 -11.45
C VAL G 289 -24.41 -40.16 -12.45
N HIS G 290 -24.28 -40.97 -13.47
CA HIS G 290 -25.32 -41.11 -14.52
C HIS G 290 -26.65 -41.46 -13.90
N GLU G 291 -27.68 -40.71 -14.30
CA GLU G 291 -29.08 -40.93 -13.87
C GLU G 291 -29.55 -42.38 -13.80
N ASP G 292 -29.15 -43.25 -14.70
CA ASP G 292 -29.61 -44.65 -14.68
C ASP G 292 -29.14 -45.40 -13.45
N ILE G 293 -28.01 -44.99 -12.89
CA ILE G 293 -27.45 -45.68 -11.72
C ILE G 293 -27.28 -44.80 -10.48
N TYR G 294 -27.72 -43.54 -10.52
CA TYR G 294 -27.50 -42.61 -9.40
C TYR G 294 -28.12 -43.20 -8.11
N ASP G 295 -29.38 -43.65 -8.17
CA ASP G 295 -30.05 -44.10 -6.94
C ASP G 295 -29.27 -45.26 -6.25
N THR G 296 -28.88 -46.26 -7.04
CA THR G 296 -28.20 -47.49 -6.55
C THR G 296 -26.74 -47.21 -6.10
N PHE G 297 -26.08 -46.32 -6.84
CA PHE G 297 -24.74 -45.91 -6.50
C PHE G 297 -24.71 -45.19 -5.14
N MET G 298 -25.55 -44.17 -4.98
CA MET G 298 -25.64 -43.40 -3.76
C MET G 298 -26.00 -44.23 -2.53
N SER G 299 -27.01 -45.11 -2.62
CA SER G 299 -27.31 -45.92 -1.43
C SER G 299 -26.12 -46.86 -1.10
N ARG G 300 -25.47 -47.46 -2.08
CA ARG G 300 -24.31 -48.29 -1.74
C ARG G 300 -23.18 -47.44 -1.15
N PHE G 301 -22.93 -46.27 -1.74
CA PHE G 301 -21.92 -45.35 -1.21
C PHE G 301 -22.23 -44.94 0.25
N VAL G 302 -23.51 -44.60 0.51
CA VAL G 302 -23.91 -44.24 1.86
C VAL G 302 -23.63 -45.41 2.79
N GLU G 303 -24.09 -46.59 2.42
CA GLU G 303 -23.86 -47.75 3.28
C GLU G 303 -22.37 -48.17 3.48
N LEU G 304 -21.51 -47.95 2.50
CA LEU G 304 -20.08 -48.28 2.71
C LEU G 304 -19.41 -47.28 3.67
N SER G 305 -19.72 -46.00 3.50
CA SER G 305 -19.21 -44.91 4.35
C SER G 305 -19.59 -45.11 5.82
N ARG G 306 -20.76 -45.70 6.04
CA ARG G 306 -21.27 -46.04 7.36
C ARG G 306 -20.38 -47.01 8.14
N LYS G 307 -19.69 -47.88 7.41
CA LYS G 307 -18.94 -48.99 7.96
C LYS G 307 -17.48 -48.62 8.18
N LEU G 308 -17.10 -47.38 7.86
CA LEU G 308 -15.74 -46.92 8.07
C LEU G 308 -15.54 -46.58 9.54
N ALA G 309 -14.48 -47.12 10.11
CA ALA G 309 -14.16 -46.88 11.51
C ALA G 309 -13.24 -45.72 11.68
N LEU G 310 -13.63 -44.79 12.52
CA LEU G 310 -12.79 -43.66 12.82
C LEU G 310 -12.11 -43.86 14.19
N GLY G 311 -10.86 -43.47 14.29
CA GLY G 311 -10.16 -43.62 15.54
C GLY G 311 -8.65 -43.66 15.51
N ASP G 312 -8.09 -44.56 16.29
CA ASP G 312 -6.68 -44.74 16.46
C ASP G 312 -5.92 -45.29 15.27
N PRO G 313 -4.81 -44.66 14.91
CA PRO G 313 -3.99 -45.18 13.80
C PRO G 313 -3.84 -46.71 13.70
N LYS G 314 -3.71 -47.38 14.85
CA LYS G 314 -3.58 -48.85 14.90
C LYS G 314 -4.65 -49.63 14.15
N ASN G 315 -5.91 -49.17 14.14
CA ASN G 315 -6.99 -49.94 13.52
C ASN G 315 -8.17 -49.19 12.88
N ALA G 316 -8.08 -47.88 12.76
CA ALA G 316 -9.13 -47.11 12.15
C ALA G 316 -9.01 -47.15 10.63
N ASP G 317 -10.09 -46.84 9.95
CA ASP G 317 -10.10 -46.82 8.51
C ASP G 317 -9.72 -45.40 8.11
N MET G 318 -10.07 -44.44 8.93
CA MET G 318 -9.86 -43.05 8.62
C MET G 318 -9.43 -42.28 9.85
N GLY G 319 -8.44 -41.40 9.67
CA GLY G 319 -7.89 -40.63 10.76
C GLY G 319 -8.54 -39.27 10.92
N PRO G 320 -8.01 -38.44 11.85
CA PRO G 320 -8.60 -37.14 12.14
C PRO G 320 -8.16 -36.06 11.15
N LEU G 321 -8.79 -34.90 11.23
CA LEU G 321 -8.36 -33.72 10.52
C LEU G 321 -7.16 -33.15 11.26
N ILE G 322 -6.38 -32.32 10.59
CA ILE G 322 -5.06 -31.97 11.08
C ILE G 322 -5.06 -31.10 12.38
N ASN G 323 -6.02 -30.19 12.53
CA ASN G 323 -5.99 -29.29 13.68
C ASN G 323 -7.35 -28.74 13.99
N LYS G 324 -7.49 -28.04 15.12
CA LYS G 324 -8.78 -27.41 15.53
C LYS G 324 -9.38 -26.47 14.44
N GLY G 325 -8.55 -25.72 13.78
CA GLY G 325 -8.98 -24.84 12.72
C GLY G 325 -9.62 -25.58 11.56
N ALA G 326 -9.11 -26.75 11.23
CA ALA G 326 -9.64 -27.55 10.16
C ALA G 326 -11.00 -28.09 10.55
N LEU G 327 -11.15 -28.48 11.79
CA LEU G 327 -12.40 -29.01 12.28
C LEU G 327 -13.44 -27.92 12.28
N GLN G 328 -13.09 -26.75 12.77
CA GLN G 328 -13.93 -25.55 12.74
C GLN G 328 -14.35 -25.17 11.27
N ALA G 329 -13.38 -25.00 10.36
CA ALA G 329 -13.70 -24.73 8.93
C ALA G 329 -14.66 -25.74 8.29
N THR G 330 -14.53 -27.02 8.67
CA THR G 330 -15.34 -28.12 8.13
C THR G 330 -16.78 -28.05 8.61
N SER G 331 -16.95 -27.80 9.90
CA SER G 331 -18.25 -27.64 10.48
C SER G 331 -18.91 -26.45 9.88
N GLU G 332 -18.20 -25.38 9.67
CA GLU G 332 -18.82 -24.18 9.05
C GLU G 332 -19.36 -24.47 7.63
N ILE G 333 -18.60 -25.22 6.83
CA ILE G 333 -18.98 -25.65 5.49
C ILE G 333 -20.26 -26.52 5.46
N VAL G 334 -20.32 -27.53 6.32
CA VAL G 334 -21.47 -28.41 6.41
C VAL G 334 -22.66 -27.61 6.94
N GLU G 335 -22.44 -26.77 7.95
CA GLU G 335 -23.50 -25.85 8.40
C GLU G 335 -24.00 -24.86 7.31
N GLU G 336 -23.13 -24.29 6.49
CA GLU G 336 -23.51 -23.37 5.42
C GLU G 336 -24.34 -24.15 4.41
N ALA G 337 -23.89 -25.36 4.08
CA ALA G 337 -24.66 -26.23 3.18
C ALA G 337 -26.00 -26.62 3.74
N LYS G 338 -26.11 -26.75 5.06
CA LYS G 338 -27.38 -27.04 5.72
C LYS G 338 -28.32 -25.82 5.70
N GLU G 339 -27.78 -24.61 5.85
CA GLU G 339 -28.56 -23.36 5.80
C GLU G 339 -29.10 -23.09 4.39
N SER G 340 -28.40 -23.57 3.36
CA SER G 340 -28.90 -23.55 1.97
C SER G 340 -29.80 -24.71 1.54
N GLY G 341 -30.31 -25.52 2.46
CA GLY G 341 -31.18 -26.67 2.13
C GLY G 341 -30.54 -27.86 1.40
N ALA G 342 -29.34 -28.28 1.77
CA ALA G 342 -28.78 -29.53 1.23
C ALA G 342 -29.39 -30.73 1.95
N LYS G 343 -29.52 -31.85 1.26
CA LYS G 343 -30.10 -33.08 1.83
C LYS G 343 -28.87 -33.85 2.25
N ILE G 344 -28.69 -34.04 3.56
CA ILE G 344 -27.65 -34.88 4.09
C ILE G 344 -28.08 -36.34 4.02
N LEU G 345 -27.38 -37.14 3.27
CA LEU G 345 -27.67 -38.52 3.17
C LEU G 345 -26.94 -39.33 4.24
N PHE G 346 -25.90 -38.75 4.82
CA PHE G 346 -25.08 -39.40 5.85
C PHE G 346 -24.09 -38.48 6.53
N GLY G 347 -23.85 -38.74 7.79
CA GLY G 347 -22.91 -37.94 8.57
C GLY G 347 -23.40 -36.55 8.79
N GLY G 348 -22.51 -35.60 8.65
CA GLY G 348 -22.79 -34.17 8.82
C GLY G 348 -22.41 -33.63 10.19
N SER G 349 -21.49 -34.28 10.87
CA SER G 349 -21.04 -33.81 12.20
C SER G 349 -19.78 -34.55 12.66
N GLN G 350 -19.34 -34.30 13.89
CA GLN G 350 -18.28 -35.12 14.49
C GLN G 350 -18.90 -36.48 14.89
N PRO G 351 -18.09 -37.56 14.93
CA PRO G 351 -18.56 -38.84 15.50
C PRO G 351 -18.71 -38.74 16.99
N SER G 352 -19.22 -39.80 17.60
CA SER G 352 -19.26 -39.99 19.04
C SER G 352 -18.29 -41.15 19.37
N LEU G 353 -17.02 -40.80 19.57
CA LEU G 353 -16.00 -41.80 19.83
C LEU G 353 -15.88 -42.03 21.32
N SER G 354 -15.07 -43.04 21.66
CA SER G 354 -14.77 -43.39 23.02
C SER G 354 -13.46 -42.75 23.46
N GLY G 355 -13.32 -42.53 24.77
CA GLY G 355 -12.03 -42.29 25.37
C GLY G 355 -11.41 -40.97 24.97
N PRO G 356 -10.05 -40.92 24.87
CA PRO G 356 -9.32 -39.71 24.45
C PRO G 356 -9.60 -39.25 23.02
N TYR G 357 -10.15 -40.16 22.21
CA TYR G 357 -10.40 -39.87 20.81
C TYR G 357 -11.51 -38.84 20.73
N ARG G 358 -12.31 -38.79 21.82
CA ARG G 358 -13.26 -37.70 22.14
C ARG G 358 -12.76 -36.29 21.79
N ASN G 359 -11.49 -36.01 22.08
CA ASN G 359 -10.92 -34.67 21.97
C ASN G 359 -10.04 -34.45 20.74
N GLY G 360 -9.88 -35.47 19.89
CA GLY G 360 -9.19 -35.32 18.61
C GLY G 360 -10.04 -34.59 17.59
N TYR G 361 -9.52 -34.36 16.40
CA TYR G 361 -10.25 -33.46 15.49
C TYR G 361 -10.98 -34.26 14.39
N PHE G 362 -11.83 -35.17 14.82
CA PHE G 362 -12.47 -36.09 13.91
C PHE G 362 -13.70 -35.52 13.28
N PHE G 363 -13.92 -35.84 12.01
CA PHE G 363 -15.21 -35.51 11.37
C PHE G 363 -15.76 -36.71 10.57
N LEU G 364 -17.05 -36.97 10.70
CA LEU G 364 -17.65 -38.11 10.02
C LEU G 364 -17.67 -37.95 8.50
N PRO G 365 -17.54 -39.08 7.76
CA PRO G 365 -17.87 -39.12 6.34
C PRO G 365 -19.23 -38.49 6.13
N THR G 366 -19.28 -37.54 5.20
CA THR G 366 -20.44 -36.69 5.01
C THR G 366 -20.87 -36.68 3.53
N ILE G 367 -22.12 -37.05 3.24
CA ILE G 367 -22.57 -37.24 1.86
C ILE G 367 -23.81 -36.40 1.66
N ILE G 368 -23.78 -35.52 0.66
CA ILE G 368 -24.85 -34.58 0.38
C ILE G 368 -25.46 -34.97 -0.98
N GLY G 369 -26.78 -35.12 -0.98
CA GLY G 369 -27.53 -35.49 -2.18
C GLY G 369 -28.10 -34.32 -2.95
N ASN G 370 -28.17 -34.46 -4.27
CA ASN G 370 -28.86 -33.48 -5.12
C ASN G 370 -28.21 -32.11 -4.98
N ALA G 371 -26.89 -32.11 -5.12
CA ALA G 371 -26.04 -31.00 -4.73
C ALA G 371 -26.15 -29.97 -5.84
N ASP G 372 -26.07 -28.70 -5.46
CA ASP G 372 -26.16 -27.56 -6.37
C ASP G 372 -24.78 -27.34 -7.07
N GLN G 373 -24.75 -27.27 -8.40
CA GLN G 373 -23.51 -27.11 -9.16
C GLN G 373 -22.71 -25.84 -8.83
N LYS G 374 -23.43 -24.75 -8.55
CA LYS G 374 -22.85 -23.47 -8.22
C LYS G 374 -22.66 -23.19 -6.72
N SER G 375 -23.05 -24.11 -5.85
CA SER G 375 -22.89 -23.90 -4.43
C SER G 375 -21.43 -23.95 -4.00
N LYS G 376 -21.15 -23.41 -2.81
CA LYS G 376 -19.80 -23.44 -2.18
C LYS G 376 -19.23 -24.87 -2.07
N ILE G 377 -20.10 -25.79 -1.73
CA ILE G 377 -19.82 -27.23 -1.68
C ILE G 377 -19.28 -27.80 -3.01
N PHE G 378 -19.70 -27.23 -4.14
CA PHE G 378 -19.16 -27.63 -5.45
C PHE G 378 -18.11 -26.75 -6.03
N GLN G 379 -18.00 -25.50 -5.58
CA GLN G 379 -17.10 -24.50 -6.18
C GLN G 379 -15.87 -24.11 -5.35
N GLU G 380 -15.83 -24.56 -4.09
CA GLU G 380 -14.75 -24.20 -3.14
C GLU G 380 -14.19 -25.48 -2.48
N GLU G 381 -12.86 -25.56 -2.40
CA GLU G 381 -12.17 -26.77 -1.96
C GLU G 381 -12.55 -26.99 -0.51
N ILE G 382 -12.82 -28.23 -0.17
CA ILE G 382 -13.22 -28.63 1.18
C ILE G 382 -12.06 -29.24 1.96
N PHE G 383 -11.34 -30.17 1.37
CA PHE G 383 -10.20 -30.81 2.03
C PHE G 383 -10.61 -31.51 3.34
N ALA G 384 -11.67 -32.32 3.26
CA ALA G 384 -12.20 -33.04 4.42
C ALA G 384 -13.16 -34.14 3.89
N PRO G 385 -13.74 -35.01 4.77
CA PRO G 385 -14.48 -36.15 4.26
C PRO G 385 -15.95 -35.83 3.98
N VAL G 386 -16.17 -34.83 3.12
CA VAL G 386 -17.48 -34.29 2.75
C VAL G 386 -17.58 -34.23 1.22
N ILE G 387 -18.70 -34.64 0.63
CA ILE G 387 -18.87 -34.53 -0.82
C ILE G 387 -20.36 -34.49 -1.17
N GLY G 388 -20.72 -33.67 -2.16
CA GLY G 388 -22.07 -33.65 -2.73
C GLY G 388 -22.09 -34.41 -4.04
N ALA G 389 -23.26 -34.93 -4.40
CA ALA G 389 -23.44 -35.73 -5.60
C ALA G 389 -24.57 -35.16 -6.43
N ARG G 390 -24.45 -35.35 -7.71
CA ARG G 390 -25.35 -34.68 -8.70
C ARG G 390 -25.54 -35.67 -9.86
N LYS G 391 -26.73 -35.69 -10.46
CA LYS G 391 -27.03 -36.53 -11.62
C LYS G 391 -26.46 -35.93 -12.91
N ILE G 392 -26.09 -36.80 -13.83
CA ILE G 392 -25.76 -36.38 -15.21
C ILE G 392 -26.51 -37.27 -16.18
N SER G 393 -26.64 -36.78 -17.40
CA SER G 393 -27.34 -37.55 -18.42
C SER G 393 -26.77 -37.51 -19.84
N SER G 394 -25.74 -36.74 -20.10
CA SER G 394 -25.04 -36.79 -21.38
C SER G 394 -23.56 -36.53 -21.16
N VAL G 395 -22.76 -36.90 -22.15
CA VAL G 395 -21.31 -36.78 -22.11
C VAL G 395 -20.88 -35.32 -22.15
N GLU G 396 -21.51 -34.54 -23.03
CA GLU G 396 -21.20 -33.10 -23.17
C GLU G 396 -21.50 -32.33 -21.85
N GLU G 397 -22.67 -32.62 -21.25
CA GLU G 397 -23.02 -32.11 -19.91
C GLU G 397 -21.92 -32.42 -18.90
N MET G 398 -21.48 -33.68 -18.87
CA MET G 398 -20.44 -34.16 -17.96
C MET G 398 -19.15 -33.38 -18.11
N TYR G 399 -18.70 -33.16 -19.36
CA TYR G 399 -17.49 -32.35 -19.59
C TYR G 399 -17.68 -30.91 -19.10
N ASP G 400 -18.86 -30.34 -19.38
CA ASP G 400 -19.14 -28.96 -19.02
C ASP G 400 -19.21 -28.80 -17.50
N LEU G 401 -19.85 -29.72 -16.78
CA LEU G 401 -19.91 -29.62 -15.32
C LEU G 401 -18.52 -29.83 -14.68
N ALA G 402 -17.74 -30.77 -15.21
CA ALA G 402 -16.43 -31.08 -14.69
C ALA G 402 -15.47 -29.88 -14.81
N ASN G 403 -15.52 -29.20 -15.95
CA ASN G 403 -14.71 -28.05 -16.28
C ASN G 403 -15.15 -26.71 -15.65
N ASP G 404 -16.38 -26.63 -15.17
CA ASP G 404 -16.96 -25.50 -14.46
C ASP G 404 -16.40 -25.49 -13.02
N SER G 405 -15.18 -24.98 -12.94
CA SER G 405 -14.40 -24.95 -11.71
C SER G 405 -13.24 -23.99 -11.86
N LYS G 406 -12.87 -23.32 -10.77
CA LYS G 406 -11.59 -22.56 -10.77
C LYS G 406 -10.39 -23.46 -10.58
N TYR G 407 -10.63 -24.73 -10.26
CA TYR G 407 -9.61 -25.69 -10.02
C TYR G 407 -9.41 -26.57 -11.19
N GLY G 408 -8.36 -27.37 -11.14
CA GLY G 408 -7.88 -28.05 -12.31
C GLY G 408 -6.82 -29.12 -12.18
N LEU G 409 -6.79 -29.84 -11.06
CA LEU G 409 -5.77 -30.84 -10.79
C LEU G 409 -6.24 -32.28 -11.18
N ALA G 410 -6.88 -33.03 -10.29
CA ALA G 410 -7.24 -34.39 -10.59
C ALA G 410 -8.77 -34.50 -10.99
N SER G 411 -9.10 -35.63 -11.52
CA SER G 411 -10.43 -35.97 -12.02
C SER G 411 -10.43 -37.51 -12.18
N TYR G 412 -11.60 -38.14 -12.06
CA TYR G 412 -11.76 -39.57 -12.09
C TYR G 412 -12.93 -39.86 -12.99
N LEU G 413 -12.82 -40.95 -13.75
CA LEU G 413 -13.81 -41.33 -14.74
C LEU G 413 -13.95 -42.82 -14.69
N PHE G 414 -15.18 -43.29 -14.48
CA PHE G 414 -15.51 -44.71 -14.61
C PHE G 414 -16.47 -44.95 -15.78
N THR G 415 -15.97 -45.72 -16.75
CA THR G 415 -16.70 -46.04 -17.97
C THR G 415 -16.02 -47.24 -18.68
N LYS G 416 -16.80 -47.96 -19.46
CA LYS G 416 -16.35 -49.04 -20.37
C LYS G 416 -16.32 -48.53 -21.82
N ASP G 417 -16.70 -47.28 -22.09
CA ASP G 417 -16.85 -46.80 -23.48
C ASP G 417 -15.54 -46.16 -23.94
N PRO G 418 -14.84 -46.78 -24.90
CA PRO G 418 -13.55 -46.30 -25.40
C PRO G 418 -13.62 -44.89 -26.00
N ASN G 419 -14.75 -44.56 -26.63
CA ASN G 419 -14.94 -43.22 -27.19
C ASN G 419 -15.00 -42.12 -26.08
N ILE G 420 -15.57 -42.44 -24.93
CA ILE G 420 -15.55 -41.52 -23.82
C ILE G 420 -14.14 -41.40 -23.27
N ILE G 421 -13.46 -42.52 -23.04
CA ILE G 421 -12.09 -42.50 -22.49
C ILE G 421 -11.15 -41.64 -23.33
N PHE G 422 -11.11 -41.91 -24.63
CA PHE G 422 -10.25 -41.14 -25.49
C PHE G 422 -10.62 -39.65 -25.64
N GLU G 423 -11.90 -39.32 -25.68
CA GLU G 423 -12.30 -37.97 -25.90
C GLU G 423 -12.16 -37.19 -24.63
N ALA G 424 -12.53 -37.80 -23.51
CA ALA G 424 -12.28 -37.24 -22.19
C ALA G 424 -10.81 -36.84 -21.99
N SER G 425 -9.90 -37.59 -22.59
CA SER G 425 -8.51 -37.26 -22.49
C SER G 425 -8.16 -35.86 -22.94
N GLU G 426 -8.85 -35.31 -23.95
CA GLU G 426 -8.68 -33.91 -24.31
C GLU G 426 -9.75 -32.98 -23.74
N ARG G 427 -10.97 -33.46 -23.55
CA ARG G 427 -12.06 -32.59 -23.18
C ARG G 427 -12.19 -32.31 -21.66
N ILE G 428 -11.61 -33.18 -20.81
CA ILE G 428 -11.53 -32.92 -19.36
C ILE G 428 -10.26 -32.16 -19.14
N ARG G 429 -10.41 -30.88 -18.83
CA ARG G 429 -9.31 -29.95 -18.75
C ARG G 429 -8.72 -29.89 -17.33
N PHE G 430 -8.15 -31.02 -16.96
CA PHE G 430 -7.61 -31.30 -15.63
C PHE G 430 -6.25 -31.93 -15.90
N GLY G 431 -5.32 -31.58 -15.04
CA GLY G 431 -3.96 -32.10 -15.10
C GLY G 431 -3.80 -33.60 -15.03
N GLU G 432 -4.69 -34.28 -14.28
CA GLU G 432 -4.65 -35.75 -14.10
C GLU G 432 -6.09 -36.27 -14.22
N LEU G 433 -6.25 -37.26 -15.09
CA LEU G 433 -7.51 -37.95 -15.24
C LEU G 433 -7.20 -39.40 -14.96
N TYR G 434 -7.82 -39.92 -13.90
CA TYR G 434 -7.70 -41.32 -13.55
C TYR G 434 -8.90 -42.11 -14.06
N VAL G 435 -8.64 -43.04 -14.98
CA VAL G 435 -9.65 -43.76 -15.69
C VAL G 435 -9.70 -45.17 -15.17
N ASN G 436 -10.81 -45.50 -14.48
CA ASN G 436 -11.02 -46.85 -13.95
C ASN G 436 -9.96 -47.30 -12.91
N MET G 437 -9.42 -46.33 -12.20
CA MET G 437 -8.42 -46.62 -11.16
C MET G 437 -8.33 -45.45 -10.19
N PRO G 438 -7.90 -45.70 -8.93
CA PRO G 438 -7.60 -44.60 -8.02
C PRO G 438 -6.28 -43.98 -8.33
N GLY G 439 -6.05 -42.82 -7.74
CA GLY G 439 -4.71 -42.35 -7.46
C GLY G 439 -3.98 -43.22 -6.42
N PRO G 440 -2.83 -42.78 -5.93
CA PRO G 440 -2.24 -41.47 -6.19
C PRO G 440 -1.39 -41.43 -7.40
N GLU G 441 -0.87 -40.26 -7.67
CA GLU G 441 0.07 -40.08 -8.78
C GLU G 441 1.37 -40.87 -8.63
N ALA G 442 2.01 -41.12 -9.75
CA ALA G 442 3.23 -41.91 -9.81
C ALA G 442 4.38 -40.91 -10.01
N SER G 443 5.59 -41.29 -9.58
CA SER G 443 6.77 -40.44 -9.78
C SER G 443 7.07 -40.15 -11.25
N GLN G 444 6.72 -41.06 -12.14
CA GLN G 444 6.96 -40.85 -13.57
C GLN G 444 5.90 -39.98 -14.27
N GLY G 445 4.83 -39.63 -13.57
CA GLY G 445 3.85 -38.70 -14.07
C GLY G 445 4.21 -37.26 -13.78
N TYR G 446 3.67 -36.32 -14.53
CA TYR G 446 3.89 -34.90 -14.30
C TYR G 446 2.68 -34.31 -13.56
N HIS G 447 2.79 -34.20 -12.24
CA HIS G 447 1.74 -33.76 -11.36
C HIS G 447 1.61 -32.26 -11.53
N THR G 448 0.49 -31.82 -12.08
CA THR G 448 0.29 -30.40 -12.51
C THR G 448 -1.22 -30.23 -12.73
N GLY G 449 -1.63 -29.05 -13.11
CA GLY G 449 -3.00 -28.79 -13.47
C GLY G 449 -3.22 -27.48 -14.15
N PHE G 450 -4.51 -27.17 -14.35
CA PHE G 450 -4.97 -26.01 -15.08
C PHE G 450 -5.55 -25.03 -14.07
N ARG G 451 -5.78 -23.81 -14.54
CA ARG G 451 -6.50 -22.76 -13.80
C ARG G 451 -5.75 -22.49 -12.44
N MET G 452 -6.42 -22.58 -11.29
CA MET G 452 -5.81 -22.18 -10.03
C MET G 452 -4.90 -23.25 -9.36
N THR G 453 -4.47 -24.27 -10.09
CA THR G 453 -3.72 -25.37 -9.56
C THR G 453 -2.31 -24.88 -9.14
N GLY G 454 -1.72 -23.96 -9.90
CA GLY G 454 -0.44 -23.43 -9.61
C GLY G 454 0.44 -23.09 -10.81
N GLN G 455 1.68 -23.54 -10.71
CA GLN G 455 2.74 -23.16 -11.62
C GLN G 455 3.63 -24.39 -11.79
N ALA G 456 3.92 -24.72 -13.03
CA ALA G 456 4.84 -25.80 -13.36
C ALA G 456 4.25 -27.13 -12.85
N GLY G 457 5.09 -28.06 -12.42
CA GLY G 457 4.61 -29.37 -11.96
C GLY G 457 5.79 -30.20 -11.45
N GLU G 458 5.50 -31.38 -10.92
CA GLU G 458 6.49 -32.21 -10.29
C GLU G 458 6.38 -33.64 -10.75
N GLY G 459 7.52 -34.33 -10.83
CA GLY G 459 7.54 -35.71 -11.32
C GLY G 459 7.72 -35.78 -12.84
N SER G 460 8.18 -36.94 -13.32
CA SER G 460 8.61 -37.17 -14.70
C SER G 460 9.91 -36.39 -15.01
N LYS G 461 10.46 -36.71 -16.18
CA LYS G 461 11.51 -35.92 -16.77
C LYS G 461 11.23 -34.40 -16.74
N TYR G 462 9.99 -33.98 -17.04
CA TYR G 462 9.67 -32.56 -17.03
C TYR G 462 9.70 -31.92 -15.65
N GLY G 463 9.31 -32.66 -14.63
CA GLY G 463 9.33 -32.11 -13.26
C GLY G 463 10.74 -31.88 -12.76
N ILE G 464 11.59 -32.85 -12.92
CA ILE G 464 12.95 -32.73 -12.46
C ILE G 464 13.63 -31.61 -13.23
N SER G 465 13.35 -31.50 -14.52
CA SER G 465 13.90 -30.47 -15.38
C SER G 465 13.45 -29.11 -14.98
N GLU G 466 12.36 -28.99 -14.22
CA GLU G 466 11.97 -27.69 -13.69
C GLU G 466 13.03 -27.06 -12.70
N TYR G 467 13.96 -27.89 -12.21
CA TYR G 467 15.05 -27.48 -11.25
C TYR G 467 16.34 -27.17 -11.99
N LEU G 468 16.26 -27.19 -13.32
CA LEU G 468 17.35 -26.82 -14.19
C LEU G 468 17.03 -25.66 -15.14
N LYS G 469 17.98 -24.75 -15.28
CA LYS G 469 17.86 -23.62 -16.23
C LYS G 469 18.61 -23.91 -17.49
N LEU G 470 18.01 -23.61 -18.62
CA LEU G 470 18.68 -23.77 -19.87
C LEU G 470 19.41 -22.45 -20.18
N LYS G 471 20.68 -22.52 -20.52
CA LYS G 471 21.43 -21.37 -20.98
C LYS G 471 22.06 -21.69 -22.34
N ASN G 472 22.30 -20.66 -23.14
CA ASN G 472 22.81 -20.81 -24.51
C ASN G 472 24.19 -20.20 -24.62
N ILE G 473 25.09 -20.91 -25.32
CA ILE G 473 26.37 -20.40 -25.73
C ILE G 473 26.41 -20.42 -27.27
N TYR G 474 26.48 -19.22 -27.87
CA TYR G 474 26.60 -19.04 -29.32
C TYR G 474 28.07 -18.89 -29.67
N VAL G 475 28.64 -19.84 -30.44
CA VAL G 475 30.05 -19.80 -30.77
C VAL G 475 30.26 -19.58 -32.27
N ASP G 476 31.13 -18.62 -32.63
CA ASP G 476 31.66 -18.47 -33.99
C ASP G 476 33.10 -18.92 -34.00
N TYR G 477 33.41 -19.91 -34.82
CA TYR G 477 34.76 -20.47 -34.96
C TYR G 477 35.23 -20.45 -36.39
N SER G 478 34.72 -19.50 -37.17
CA SER G 478 35.19 -19.31 -38.53
C SER G 478 36.66 -18.85 -38.57
N GLY G 479 37.11 -18.08 -37.56
CA GLY G 479 38.46 -17.50 -37.55
C GLY G 479 38.65 -16.42 -38.61
N LYS G 480 37.53 -15.91 -39.16
CA LYS G 480 37.55 -14.98 -40.28
C LYS G 480 36.98 -13.66 -39.82
N PRO G 481 37.27 -12.57 -40.56
CA PRO G 481 36.67 -11.27 -40.21
C PRO G 481 35.17 -11.35 -40.20
N LEU G 482 34.56 -10.76 -39.20
CA LEU G 482 33.09 -10.76 -39.09
C LEU G 482 32.50 -9.77 -40.08
N HIS G 483 31.33 -10.07 -40.63
CA HIS G 483 30.59 -9.07 -41.41
C HIS G 483 29.22 -8.92 -40.75
N ILE G 484 28.93 -7.72 -40.29
CA ILE G 484 27.70 -7.44 -39.60
C ILE G 484 26.96 -6.41 -40.47
N ASN G 485 25.75 -6.78 -40.89
CA ASN G 485 24.92 -6.04 -41.82
C ASN G 485 24.82 -4.53 -41.54
N THR G 486 24.58 -4.15 -40.28
CA THR G 486 24.45 -2.72 -39.91
C THR G 486 25.73 -2.01 -39.46
N VAL G 487 26.88 -2.67 -39.53
CA VAL G 487 28.15 -2.04 -39.19
C VAL G 487 28.97 -1.88 -40.48
N ARG G 488 29.26 -0.64 -40.85
CA ARG G 488 29.86 -0.40 -42.18
C ARG G 488 31.27 -0.99 -42.29
N ASP G 489 31.51 -1.76 -43.35
CA ASP G 489 32.84 -2.33 -43.65
C ASP G 489 33.91 -1.24 -43.79
N ASP G 490 33.53 -0.06 -44.30
CA ASP G 490 34.51 1.02 -44.50
C ASP G 490 35.03 1.73 -43.22
N LEU G 491 34.39 1.49 -42.07
CA LEU G 491 34.96 1.85 -40.76
C LEU G 491 36.21 1.01 -40.41
N PHE G 492 36.37 -0.13 -41.06
CA PHE G 492 37.49 -1.02 -40.93
C PHE G 492 38.10 -1.17 -42.33
N MET H 1 -1.08 7.46 -39.62
CA MET H 1 -1.87 6.19 -39.51
C MET H 1 -2.77 6.22 -38.26
N ASP H 2 -4.05 6.00 -38.45
CA ASP H 2 -4.97 5.79 -37.36
C ASP H 2 -5.29 4.30 -37.22
N THR H 3 -5.02 3.71 -36.07
CA THR H 3 -5.32 2.30 -35.84
C THR H 3 -6.64 2.12 -35.05
N LYS H 4 -7.24 0.93 -35.19
CA LYS H 4 -8.49 0.59 -34.58
C LYS H 4 -8.30 -0.67 -33.74
N LEU H 5 -9.36 -1.13 -33.07
CA LEU H 5 -9.37 -2.38 -32.29
C LEU H 5 -9.84 -3.51 -33.19
N TYR H 6 -9.42 -4.74 -32.94
CA TYR H 6 -10.03 -5.90 -33.68
C TYR H 6 -10.56 -6.84 -32.65
N ILE H 7 -11.88 -6.91 -32.53
CA ILE H 7 -12.55 -7.67 -31.48
C ILE H 7 -13.61 -8.62 -32.08
N ASP H 8 -13.43 -9.92 -31.83
CA ASP H 8 -14.38 -10.95 -32.35
C ASP H 8 -14.70 -10.79 -33.82
N GLY H 9 -13.68 -10.73 -34.65
CA GLY H 9 -13.89 -10.70 -36.09
C GLY H 9 -14.20 -9.35 -36.70
N GLN H 10 -14.18 -8.24 -35.93
CA GLN H 10 -14.53 -6.92 -36.47
C GLN H 10 -13.53 -5.82 -36.08
N TRP H 11 -13.20 -4.92 -37.00
CA TRP H 11 -12.47 -3.68 -36.66
C TRP H 11 -13.44 -2.66 -36.12
N VAL H 12 -13.18 -2.15 -34.92
CA VAL H 12 -14.08 -1.30 -34.18
C VAL H 12 -13.30 -0.19 -33.45
N ASN H 13 -14.06 0.84 -33.06
CA ASN H 13 -13.57 1.90 -32.23
C ASN H 13 -13.63 1.50 -30.78
N SER H 14 -12.88 2.26 -29.98
CA SER H 14 -13.03 2.13 -28.56
C SER H 14 -14.44 2.54 -28.14
N SER H 15 -14.99 1.87 -27.13
CA SER H 15 -16.34 2.19 -26.69
C SER H 15 -16.31 3.50 -25.85
N SER H 16 -15.13 4.03 -25.50
CA SER H 16 -15.08 5.38 -24.87
C SER H 16 -15.16 6.47 -25.90
N GLY H 17 -14.86 6.15 -27.17
CA GLY H 17 -14.63 7.18 -28.16
C GLY H 17 -13.26 7.87 -28.04
N LYS H 18 -12.39 7.50 -27.11
CA LYS H 18 -11.11 8.22 -26.99
C LYS H 18 -9.96 7.60 -27.75
N THR H 19 -9.00 8.45 -28.13
CA THR H 19 -7.76 8.02 -28.79
C THR H 19 -6.53 8.63 -28.05
N VAL H 20 -5.36 8.12 -28.39
CA VAL H 20 -4.08 8.60 -27.85
C VAL H 20 -3.21 8.92 -29.07
N ASP H 21 -2.46 10.01 -28.96
CA ASP H 21 -1.58 10.46 -30.07
C ASP H 21 -0.27 9.64 -30.09
N LYS H 22 0.27 9.43 -31.29
CA LYS H 22 1.54 8.76 -31.51
C LYS H 22 2.45 9.79 -32.13
N TYR H 23 3.67 9.87 -31.62
CA TYR H 23 4.66 10.91 -32.02
C TYR H 23 5.78 10.30 -32.79
N SER H 24 6.25 10.96 -33.84
CA SER H 24 7.47 10.53 -34.53
C SER H 24 8.67 10.78 -33.61
N PRO H 25 9.54 9.78 -33.41
CA PRO H 25 10.80 10.06 -32.69
C PRO H 25 11.86 10.80 -33.51
N VAL H 26 11.64 10.91 -34.83
CA VAL H 26 12.54 11.61 -35.76
C VAL H 26 12.24 13.10 -35.80
N THR H 27 10.96 13.44 -35.88
CA THR H 27 10.58 14.83 -35.98
C THR H 27 9.99 15.42 -34.70
N GLY H 28 9.62 14.56 -33.76
CA GLY H 28 8.88 15.01 -32.57
C GLY H 28 7.43 15.44 -32.80
N GLN H 29 6.90 15.30 -34.00
CA GLN H 29 5.54 15.73 -34.31
C GLN H 29 4.57 14.54 -34.29
N VAL H 30 3.30 14.82 -34.06
CA VAL H 30 2.25 13.81 -34.04
C VAL H 30 2.11 13.22 -35.47
N ILE H 31 2.11 11.89 -35.61
CA ILE H 31 1.97 11.23 -36.93
C ILE H 31 0.78 10.27 -37.04
N GLY H 32 -0.04 10.15 -36.00
CA GLY H 32 -1.05 9.11 -35.95
C GLY H 32 -1.70 9.02 -34.57
N ARG H 33 -2.75 8.20 -34.50
CA ARG H 33 -3.48 7.98 -33.25
C ARG H 33 -3.88 6.52 -33.15
N PHE H 34 -4.15 6.06 -31.95
CA PHE H 34 -4.72 4.75 -31.73
C PHE H 34 -5.91 4.84 -30.79
N GLU H 35 -6.74 3.80 -30.81
CA GLU H 35 -7.91 3.73 -29.93
C GLU H 35 -7.56 3.40 -28.47
N ALA H 36 -8.16 4.12 -27.53
CA ALA H 36 -7.90 3.91 -26.08
C ALA H 36 -9.00 2.96 -25.59
N ALA H 37 -8.74 1.67 -25.67
CA ALA H 37 -9.74 0.68 -25.33
C ALA H 37 -10.18 0.75 -23.89
N THR H 38 -11.43 0.40 -23.64
CA THR H 38 -11.98 0.35 -22.28
C THR H 38 -11.86 -1.04 -21.72
N ARG H 39 -12.12 -1.14 -20.43
CA ARG H 39 -12.20 -2.42 -19.70
CA ARG H 39 -12.11 -2.44 -19.79
C ARG H 39 -13.24 -3.33 -20.36
N ASP H 40 -14.35 -2.73 -20.78
CA ASP H 40 -15.42 -3.46 -21.44
C ASP H 40 -14.96 -4.06 -22.82
N ASP H 41 -14.16 -3.28 -23.58
CA ASP H 41 -13.52 -3.74 -24.79
C ASP H 41 -12.61 -4.95 -24.55
N VAL H 42 -11.81 -4.88 -23.47
CA VAL H 42 -10.99 -6.02 -23.05
C VAL H 42 -11.83 -7.27 -22.74
N ASP H 43 -12.88 -7.09 -21.94
CA ASP H 43 -13.79 -8.19 -21.62
C ASP H 43 -14.38 -8.82 -22.90
N ARG H 44 -14.78 -8.01 -23.88
CA ARG H 44 -15.34 -8.53 -25.14
CA ARG H 44 -15.33 -8.55 -25.13
C ARG H 44 -14.27 -9.34 -25.93
N ALA H 45 -13.03 -8.86 -25.91
CA ALA H 45 -11.92 -9.54 -26.60
C ALA H 45 -11.58 -10.88 -25.96
N ILE H 46 -11.53 -10.88 -24.65
CA ILE H 46 -11.23 -12.09 -23.91
C ILE H 46 -12.37 -13.10 -24.06
N ASP H 47 -13.61 -12.66 -24.01
CA ASP H 47 -14.78 -13.54 -24.20
C ASP H 47 -14.84 -14.17 -25.60
N ALA H 48 -14.40 -13.43 -26.60
CA ALA H 48 -14.35 -13.91 -27.97
C ALA H 48 -13.27 -14.99 -28.11
N ALA H 49 -12.15 -14.76 -27.48
CA ALA H 49 -11.08 -15.72 -27.44
C ALA H 49 -11.50 -17.01 -26.79
N GLU H 50 -12.20 -16.90 -25.66
CA GLU H 50 -12.76 -18.05 -24.99
C GLU H 50 -13.74 -18.83 -25.92
N ASP H 51 -14.64 -18.10 -26.56
CA ASP H 51 -15.66 -18.77 -27.38
C ASP H 51 -15.06 -19.40 -28.62
N ALA H 52 -13.92 -18.90 -29.10
CA ALA H 52 -13.32 -19.50 -30.28
C ALA H 52 -12.36 -20.64 -29.98
N PHE H 53 -12.04 -20.90 -28.73
CA PHE H 53 -10.95 -21.80 -28.37
C PHE H 53 -11.13 -23.26 -28.88
N TRP H 54 -12.29 -23.88 -28.57
CA TRP H 54 -12.46 -25.32 -28.84
C TRP H 54 -12.42 -25.65 -30.31
N ALA H 55 -13.02 -24.79 -31.13
CA ALA H 55 -12.93 -24.97 -32.60
C ALA H 55 -11.53 -24.71 -33.16
N TRP H 56 -10.75 -23.80 -32.54
CA TRP H 56 -9.41 -23.56 -33.01
C TRP H 56 -8.53 -24.74 -32.61
N ASN H 57 -8.69 -25.19 -31.37
CA ASN H 57 -8.00 -26.41 -30.89
C ASN H 57 -8.29 -27.63 -31.77
N ASP H 58 -9.58 -27.85 -32.08
CA ASP H 58 -10.04 -29.02 -32.84
C ASP H 58 -9.57 -29.03 -34.28
N LEU H 59 -9.26 -27.89 -34.88
CA LEU H 59 -8.64 -27.90 -36.18
C LEU H 59 -7.35 -28.70 -36.30
N GLY H 60 -6.54 -28.78 -35.24
CA GLY H 60 -5.25 -29.44 -35.31
C GLY H 60 -4.14 -28.55 -35.87
N SER H 61 -2.89 -28.89 -35.52
CA SER H 61 -1.72 -28.08 -35.83
C SER H 61 -1.43 -27.96 -37.31
N VAL H 62 -1.73 -28.99 -38.10
CA VAL H 62 -1.47 -28.88 -39.50
C VAL H 62 -2.39 -27.81 -40.14
N GLU H 63 -3.71 -27.84 -39.85
CA GLU H 63 -4.59 -26.80 -40.45
C GLU H 63 -4.31 -25.40 -39.90
N ARG H 64 -3.96 -25.29 -38.62
CA ARG H 64 -3.52 -23.96 -38.09
C ARG H 64 -2.27 -23.46 -38.78
N SER H 65 -1.34 -24.38 -38.99
CA SER H 65 -0.09 -24.05 -39.68
C SER H 65 -0.30 -23.50 -41.10
N LYS H 66 -1.22 -24.10 -41.85
CA LYS H 66 -1.58 -23.58 -43.18
C LYS H 66 -1.98 -22.10 -43.13
N ILE H 67 -2.76 -21.67 -42.15
CA ILE H 67 -3.20 -20.30 -42.03
C ILE H 67 -1.97 -19.42 -41.67
N ILE H 68 -1.13 -19.93 -40.78
CA ILE H 68 0.07 -19.18 -40.34
C ILE H 68 1.05 -18.95 -41.51
N TYR H 69 1.28 -19.97 -42.32
CA TYR H 69 2.12 -19.85 -43.49
C TYR H 69 1.56 -18.86 -44.51
N ARG H 70 0.25 -18.92 -44.76
CA ARG H 70 -0.41 -17.95 -45.69
C ARG H 70 -0.11 -16.53 -45.11
N ALA H 71 -0.19 -16.35 -43.81
CA ALA H 71 0.07 -15.01 -43.24
C ALA H 71 1.51 -14.56 -43.50
N LYS H 72 2.47 -15.46 -43.30
CA LYS H 72 3.84 -15.22 -43.66
C LYS H 72 3.98 -14.82 -45.11
N GLU H 73 3.28 -15.53 -45.99
CA GLU H 73 3.31 -15.18 -47.43
C GLU H 73 2.74 -13.79 -47.73
N LEU H 74 1.66 -13.41 -47.06
CA LEU H 74 1.11 -12.07 -47.29
C LEU H 74 2.05 -10.99 -46.75
N ILE H 75 2.71 -11.28 -45.63
CA ILE H 75 3.66 -10.36 -45.08
C ILE H 75 4.82 -10.20 -46.02
N GLU H 76 5.37 -11.30 -46.53
CA GLU H 76 6.55 -11.25 -47.38
C GLU H 76 6.25 -10.49 -48.69
N LYS H 77 5.09 -10.71 -49.31
CA LYS H 77 4.74 -10.02 -50.56
C LYS H 77 4.56 -8.50 -50.33
N ASN H 78 4.10 -8.08 -49.15
CA ASN H 78 3.78 -6.70 -48.90
C ASN H 78 4.77 -6.07 -47.91
N ARG H 79 5.98 -6.59 -47.87
CA ARG H 79 6.89 -6.32 -46.77
C ARG H 79 7.31 -4.86 -46.69
N ALA H 80 7.47 -4.18 -47.82
CA ALA H 80 7.84 -2.77 -47.82
C ALA H 80 6.93 -1.89 -46.93
N GLU H 81 5.62 -2.20 -46.88
CA GLU H 81 4.71 -1.42 -46.07
C GLU H 81 5.12 -1.46 -44.57
N LEU H 82 5.45 -2.65 -44.09
CA LEU H 82 5.84 -2.85 -42.70
C LEU H 82 7.19 -2.22 -42.46
N GLU H 83 8.14 -2.39 -43.37
CA GLU H 83 9.43 -1.66 -43.22
C GLU H 83 9.20 -0.15 -43.02
N ASN H 84 8.30 0.44 -43.82
CA ASN H 84 8.01 1.85 -43.74
C ASN H 84 7.39 2.27 -42.41
N ILE H 85 6.51 1.43 -41.88
CA ILE H 85 5.84 1.69 -40.63
C ILE H 85 6.90 1.69 -39.50
N ILE H 86 7.82 0.74 -39.55
CA ILE H 86 8.87 0.65 -38.57
C ILE H 86 9.72 1.93 -38.63
N MET H 87 10.15 2.30 -39.81
CA MET H 87 10.93 3.53 -39.93
C MET H 87 10.15 4.76 -39.46
N GLU H 88 8.86 4.83 -39.75
CA GLU H 88 8.10 6.00 -39.31
C GLU H 88 7.86 6.02 -37.75
N GLU H 89 7.49 4.88 -37.18
CA GLU H 89 7.10 4.79 -35.78
C GLU H 89 8.31 4.77 -34.81
N ASN H 90 9.37 4.12 -35.25
CA ASN H 90 10.59 3.95 -34.49
C ASN H 90 11.79 4.78 -34.91
N GLY H 91 11.85 5.24 -36.16
CA GLY H 91 13.00 5.95 -36.68
C GLY H 91 14.21 5.07 -36.90
N LYS H 92 13.99 3.76 -37.04
CA LYS H 92 15.06 2.79 -37.30
C LYS H 92 15.74 3.05 -38.64
N PRO H 93 17.07 3.01 -38.65
CA PRO H 93 17.80 3.06 -39.92
C PRO H 93 17.27 1.96 -40.82
N VAL H 94 17.22 2.24 -42.12
CA VAL H 94 16.59 1.38 -43.11
C VAL H 94 17.06 -0.07 -43.01
N LYS H 95 18.37 -0.30 -42.85
CA LYS H 95 18.83 -1.69 -42.73
C LYS H 95 18.31 -2.42 -41.49
N GLU H 96 18.09 -1.68 -40.40
CA GLU H 96 17.56 -2.27 -39.22
C GLU H 96 16.09 -2.68 -39.41
N ALA H 97 15.30 -1.83 -40.10
CA ALA H 97 13.92 -2.06 -40.39
C ALA H 97 13.73 -3.29 -41.30
N LYS H 98 14.60 -3.39 -42.29
CA LYS H 98 14.59 -4.56 -43.19
C LYS H 98 14.96 -5.81 -42.48
N GLU H 99 15.94 -5.75 -41.60
CA GLU H 99 16.32 -6.88 -40.80
C GLU H 99 15.20 -7.38 -39.88
N GLU H 100 14.51 -6.45 -39.25
CA GLU H 100 13.43 -6.79 -38.38
C GLU H 100 12.32 -7.52 -39.18
N VAL H 101 12.03 -7.05 -40.38
CA VAL H 101 11.00 -7.69 -41.20
C VAL H 101 11.47 -9.11 -41.68
N ASP H 102 12.74 -9.27 -42.02
CA ASP H 102 13.33 -10.60 -42.27
C ASP H 102 13.08 -11.57 -41.12
N GLY H 103 13.29 -11.05 -39.90
CA GLY H 103 13.06 -11.79 -38.70
C GLY H 103 11.58 -12.05 -38.44
N VAL H 104 10.68 -11.15 -38.80
CA VAL H 104 9.26 -11.46 -38.70
C VAL H 104 8.96 -12.70 -39.55
N ILE H 105 9.42 -12.65 -40.78
CA ILE H 105 9.20 -13.72 -41.74
C ILE H 105 9.81 -15.05 -41.30
N ASP H 106 11.08 -15.02 -40.87
CA ASP H 106 11.80 -16.23 -40.45
C ASP H 106 11.18 -16.85 -39.21
N GLN H 107 10.78 -16.05 -38.23
CA GLN H 107 10.19 -16.55 -37.01
C GLN H 107 8.80 -17.23 -37.29
N ILE H 108 7.96 -16.56 -38.07
CA ILE H 108 6.67 -17.18 -38.50
C ILE H 108 6.88 -18.57 -39.18
N GLN H 109 7.81 -18.61 -40.11
CA GLN H 109 8.18 -19.87 -40.76
C GLN H 109 8.60 -20.92 -39.73
N TYR H 110 9.59 -20.55 -38.92
CA TYR H 110 10.16 -21.43 -37.88
C TYR H 110 9.09 -22.09 -36.95
N TYR H 111 8.20 -21.29 -36.37
CA TYR H 111 7.21 -21.79 -35.43
C TYR H 111 6.12 -22.65 -36.10
N ALA H 112 5.68 -22.24 -37.28
CA ALA H 112 4.67 -23.00 -38.03
C ALA H 112 5.23 -24.41 -38.39
N GLU H 113 6.55 -24.50 -38.59
CA GLU H 113 7.22 -25.77 -38.91
C GLU H 113 7.18 -26.82 -37.79
N TRP H 114 6.80 -26.40 -36.58
CA TRP H 114 6.58 -27.34 -35.47
C TRP H 114 5.26 -28.13 -35.53
N ALA H 115 4.41 -27.86 -36.56
CA ALA H 115 3.19 -28.63 -36.74
C ALA H 115 3.46 -30.11 -36.65
N ARG H 116 2.64 -30.82 -35.87
CA ARG H 116 2.69 -32.26 -35.63
C ARG H 116 3.99 -32.79 -35.10
N LYS H 117 4.88 -31.99 -34.49
CA LYS H 117 6.14 -32.49 -34.04
C LYS H 117 6.36 -32.31 -32.52
N LEU H 118 5.43 -31.68 -31.81
CA LEU H 118 5.54 -31.46 -30.37
C LEU H 118 4.75 -32.57 -29.66
N ASN H 119 5.40 -33.72 -29.55
CA ASN H 119 4.74 -34.95 -29.15
C ASN H 119 4.46 -34.95 -27.65
N GLY H 120 3.41 -35.67 -27.26
CA GLY H 120 3.27 -36.13 -25.90
C GLY H 120 4.09 -37.39 -25.55
N GLU H 121 3.80 -38.02 -24.43
CA GLU H 121 4.58 -39.16 -23.96
C GLU H 121 3.65 -40.28 -23.47
N VAL H 122 4.13 -41.52 -23.55
CA VAL H 122 3.51 -42.68 -22.93
C VAL H 122 4.56 -43.20 -21.92
N VAL H 123 4.21 -43.28 -20.62
CA VAL H 123 5.09 -43.95 -19.63
C VAL H 123 4.40 -45.16 -19.00
N GLU H 124 5.24 -46.07 -18.52
CA GLU H 124 4.78 -47.21 -17.77
C GLU H 124 3.96 -46.77 -16.59
N GLY H 125 2.97 -47.60 -16.34
CA GLY H 125 2.12 -47.48 -15.19
C GLY H 125 2.68 -48.27 -14.02
N THR H 126 1.87 -48.38 -12.97
CA THR H 126 2.23 -49.11 -11.77
C THR H 126 1.86 -50.60 -11.79
N SER H 127 1.46 -51.15 -12.95
CA SER H 127 1.30 -52.59 -13.16
C SER H 127 1.40 -52.80 -14.64
N SER H 128 1.42 -54.05 -15.07
CA SER H 128 1.49 -54.34 -16.50
C SER H 128 0.21 -54.00 -17.27
N HIS H 129 -0.92 -53.81 -16.61
CA HIS H 129 -2.17 -53.40 -17.26
C HIS H 129 -2.54 -51.94 -16.97
N ARG H 130 -1.53 -51.11 -16.79
CA ARG H 130 -1.67 -49.71 -16.60
C ARG H 130 -0.66 -48.96 -17.45
N LYS H 131 -1.07 -47.80 -17.94
CA LYS H 131 -0.17 -46.87 -18.63
C LYS H 131 -0.51 -45.47 -18.20
N ILE H 132 0.43 -44.57 -18.40
CA ILE H 132 0.16 -43.16 -18.20
C ILE H 132 0.40 -42.44 -19.55
N PHE H 133 -0.66 -41.83 -20.10
CA PHE H 133 -0.51 -41.04 -21.33
C PHE H 133 -0.33 -39.60 -21.00
N GLN H 134 0.64 -38.91 -21.59
CA GLN H 134 0.86 -37.50 -21.30
C GLN H 134 0.63 -36.70 -22.58
N TYR H 135 -0.46 -35.97 -22.66
CA TYR H 135 -0.82 -35.21 -23.85
C TYR H 135 -0.32 -33.77 -23.66
N LYS H 136 0.09 -33.13 -24.76
CA LYS H 136 0.43 -31.72 -24.73
C LYS H 136 -0.71 -30.98 -25.38
N VAL H 137 -1.35 -30.05 -24.66
CA VAL H 137 -2.58 -29.40 -25.15
C VAL H 137 -2.41 -27.88 -24.94
N PRO H 138 -3.19 -27.03 -25.65
CA PRO H 138 -3.04 -25.58 -25.45
C PRO H 138 -3.44 -25.17 -24.01
N TYR H 139 -2.86 -24.09 -23.54
CA TYR H 139 -3.28 -23.44 -22.28
C TYR H 139 -4.67 -22.87 -22.36
N GLY H 140 -4.99 -22.29 -23.50
CA GLY H 140 -6.31 -21.69 -23.73
C GLY H 140 -6.21 -20.25 -24.19
N ILE H 141 -6.56 -19.29 -23.35
CA ILE H 141 -6.44 -17.89 -23.75
C ILE H 141 -5.03 -17.33 -23.34
N VAL H 142 -4.30 -16.87 -24.35
CA VAL H 142 -3.01 -16.21 -24.24
C VAL H 142 -3.20 -14.70 -24.35
N VAL H 143 -2.67 -13.95 -23.40
CA VAL H 143 -2.50 -12.52 -23.52
C VAL H 143 -1.08 -12.22 -23.92
N ALA H 144 -0.94 -11.53 -25.06
CA ALA H 144 0.41 -11.13 -25.55
C ALA H 144 0.61 -9.65 -25.36
N LEU H 145 1.73 -9.29 -24.73
CA LEU H 145 2.03 -7.90 -24.42
C LEU H 145 3.36 -7.61 -25.02
N THR H 146 3.37 -6.75 -26.05
CA THR H 146 4.61 -6.49 -26.75
C THR H 146 5.21 -5.12 -26.43
N PRO H 147 6.53 -4.99 -26.53
CA PRO H 147 7.26 -3.76 -26.34
C PRO H 147 7.43 -2.96 -27.62
N TRP H 148 7.97 -1.75 -27.47
CA TRP H 148 8.13 -0.83 -28.59
C TRP H 148 9.45 -1.01 -29.33
N ASN H 149 10.41 -1.73 -28.76
CA ASN H 149 11.77 -1.69 -29.34
C ASN H 149 11.94 -2.53 -30.60
N PHE H 150 11.29 -3.71 -30.60
CA PHE H 150 11.22 -4.56 -31.79
C PHE H 150 9.72 -4.78 -32.01
N PRO H 151 9.03 -3.74 -32.45
CA PRO H 151 7.60 -3.76 -32.37
C PRO H 151 6.97 -4.74 -33.42
N ALA H 152 7.70 -5.21 -34.41
CA ALA H 152 7.17 -6.16 -35.40
C ALA H 152 7.65 -7.57 -35.04
N GLY H 153 8.95 -7.68 -34.83
CA GLY H 153 9.59 -8.91 -34.38
C GLY H 153 8.98 -9.53 -33.15
N MET H 154 8.61 -8.73 -32.13
CA MET H 154 8.05 -9.33 -30.93
C MET H 154 6.60 -9.78 -31.12
N VAL H 155 5.88 -9.18 -32.05
CA VAL H 155 4.54 -9.59 -32.31
C VAL H 155 4.62 -10.95 -32.98
N ALA H 156 5.53 -11.08 -33.92
CA ALA H 156 5.70 -12.38 -34.61
C ALA H 156 6.09 -13.49 -33.66
N ARG H 157 6.99 -13.16 -32.74
CA ARG H 157 7.55 -14.09 -31.78
C ARG H 157 6.55 -14.70 -30.88
N LYS H 158 5.56 -13.91 -30.48
CA LYS H 158 4.55 -14.34 -29.56
C LYS H 158 3.32 -14.94 -30.29
N LEU H 159 2.82 -14.31 -31.36
CA LEU H 159 1.64 -14.82 -32.04
C LEU H 159 1.84 -16.19 -32.70
N ALA H 160 2.94 -16.38 -33.39
CA ALA H 160 3.19 -17.63 -34.14
C ALA H 160 3.17 -18.91 -33.33
N PRO H 161 3.94 -18.98 -32.23
CA PRO H 161 3.90 -20.19 -31.40
C PRO H 161 2.61 -20.36 -30.64
N ALA H 162 2.01 -19.26 -30.21
CA ALA H 162 0.76 -19.32 -29.49
C ALA H 162 -0.36 -19.90 -30.35
N LEU H 163 -0.46 -19.36 -31.55
CA LEU H 163 -1.43 -19.83 -32.53
C LEU H 163 -1.14 -21.24 -33.03
N LEU H 164 0.10 -21.54 -33.39
CA LEU H 164 0.43 -22.90 -33.87
C LEU H 164 -0.01 -24.01 -32.88
N THR H 165 0.20 -23.73 -31.59
CA THR H 165 -0.07 -24.70 -30.58
C THR H 165 -1.54 -24.73 -30.14
N GLY H 166 -2.38 -23.88 -30.70
CA GLY H 166 -3.80 -24.05 -30.54
C GLY H 166 -4.38 -23.14 -29.47
N ASN H 167 -3.63 -22.15 -29.02
CA ASN H 167 -4.19 -21.14 -28.13
C ASN H 167 -4.90 -20.07 -28.96
N THR H 168 -5.87 -19.41 -28.35
CA THR H 168 -6.41 -18.17 -28.89
C THR H 168 -5.69 -16.98 -28.18
N VAL H 169 -5.72 -15.79 -28.82
CA VAL H 169 -4.90 -14.67 -28.40
C VAL H 169 -5.61 -13.35 -28.30
N VAL H 170 -5.27 -12.59 -27.26
CA VAL H 170 -5.52 -11.15 -27.20
C VAL H 170 -4.16 -10.44 -27.17
N LEU H 171 -3.86 -9.66 -28.20
CA LEU H 171 -2.60 -8.94 -28.28
C LEU H 171 -2.80 -7.47 -27.92
N LYS H 172 -1.91 -6.92 -27.11
CA LYS H 172 -1.90 -5.50 -26.82
C LYS H 172 -0.48 -5.00 -27.02
N PRO H 173 -0.24 -4.15 -28.01
CA PRO H 173 1.08 -3.64 -28.26
C PRO H 173 1.42 -2.43 -27.40
N SER H 174 2.68 -2.05 -27.42
CA SER H 174 3.13 -0.82 -26.83
C SER H 174 2.37 0.37 -27.39
N SER H 175 2.00 1.28 -26.51
CA SER H 175 1.43 2.58 -26.88
C SER H 175 2.35 3.42 -27.77
N ASP H 176 3.63 3.10 -27.82
CA ASP H 176 4.53 3.80 -28.74
C ASP H 176 4.52 3.27 -30.17
N THR H 177 4.10 2.03 -30.37
CA THR H 177 4.20 1.38 -31.70
C THR H 177 2.98 0.52 -32.05
N PRO H 178 1.80 1.09 -31.97
CA PRO H 178 0.60 0.31 -32.34
C PRO H 178 0.51 -0.05 -33.81
N GLY H 179 1.09 0.75 -34.69
CA GLY H 179 1.00 0.55 -36.13
C GLY H 179 1.54 -0.75 -36.73
N SER H 180 2.75 -1.13 -36.32
CA SER H 180 3.33 -2.36 -36.82
C SER H 180 2.53 -3.58 -36.34
N ALA H 181 2.09 -3.54 -35.08
CA ALA H 181 1.30 -4.67 -34.56
C ALA H 181 -0.04 -4.78 -35.34
N GLU H 182 -0.70 -3.66 -35.57
CA GLU H 182 -1.97 -3.64 -36.23
C GLU H 182 -1.84 -4.24 -37.67
N TRP H 183 -0.78 -3.87 -38.37
CA TRP H 183 -0.55 -4.31 -39.72
C TRP H 183 -0.30 -5.83 -39.76
N ILE H 184 0.47 -6.35 -38.80
CA ILE H 184 0.68 -7.81 -38.68
C ILE H 184 -0.66 -8.52 -38.39
N VAL H 185 -1.44 -7.96 -37.47
CA VAL H 185 -2.73 -8.56 -37.16
C VAL H 185 -3.66 -8.62 -38.40
N ARG H 186 -3.71 -7.52 -39.16
CA ARG H 186 -4.44 -7.45 -40.39
C ARG H 186 -4.00 -8.55 -41.40
N LYS H 187 -2.69 -8.88 -41.43
CA LYS H 187 -2.21 -9.92 -42.31
C LYS H 187 -2.67 -11.34 -41.88
N PHE H 188 -2.73 -11.57 -40.57
CA PHE H 188 -3.22 -12.82 -40.06
C PHE H 188 -4.74 -12.96 -40.33
N VAL H 189 -5.51 -11.89 -40.13
CA VAL H 189 -6.93 -11.86 -40.50
C VAL H 189 -7.11 -12.15 -42.04
N GLU H 190 -6.38 -11.47 -42.93
CA GLU H 190 -6.43 -11.73 -44.39
C GLU H 190 -6.03 -13.17 -44.73
N ALA H 191 -5.15 -13.80 -43.96
CA ALA H 191 -4.74 -15.17 -44.14
C ALA H 191 -5.79 -16.20 -43.71
N GLY H 192 -6.83 -15.82 -43.00
CA GLY H 192 -7.97 -16.71 -42.68
C GLY H 192 -8.03 -17.06 -41.17
N VAL H 193 -7.45 -16.25 -40.26
CA VAL H 193 -7.58 -16.62 -38.84
C VAL H 193 -9.03 -16.46 -38.51
N PRO H 194 -9.69 -17.46 -37.92
CA PRO H 194 -11.13 -17.37 -37.70
C PRO H 194 -11.50 -16.37 -36.59
N LYS H 195 -12.69 -15.84 -36.72
CA LYS H 195 -13.30 -14.96 -35.79
C LYS H 195 -13.00 -15.30 -34.31
N GLY H 196 -12.51 -14.34 -33.54
CA GLY H 196 -12.33 -14.56 -32.09
C GLY H 196 -11.00 -15.21 -31.72
N VAL H 197 -10.31 -15.81 -32.70
CA VAL H 197 -9.02 -16.45 -32.40
C VAL H 197 -7.90 -15.47 -32.19
N LEU H 198 -7.97 -14.31 -32.85
CA LEU H 198 -6.98 -13.29 -32.68
C LEU H 198 -7.63 -11.95 -32.50
N ASN H 199 -7.34 -11.29 -31.38
CA ASN H 199 -7.94 -10.03 -30.98
C ASN H 199 -6.84 -9.01 -30.70
N PHE H 200 -7.11 -7.75 -31.01
CA PHE H 200 -6.14 -6.68 -31.00
C PHE H 200 -6.74 -5.51 -30.21
N ILE H 201 -6.07 -5.21 -29.10
CA ILE H 201 -6.46 -4.18 -28.16
C ILE H 201 -5.26 -3.21 -28.00
N THR H 202 -5.54 -1.89 -28.10
CA THR H 202 -4.57 -0.84 -27.79
C THR H 202 -5.18 -0.01 -26.68
N GLY H 203 -4.31 0.64 -25.91
CA GLY H 203 -4.69 1.50 -24.79
C GLY H 203 -3.50 1.66 -23.87
N ARG H 204 -3.62 2.51 -22.87
CA ARG H 204 -2.51 2.73 -21.96
C ARG H 204 -2.34 1.57 -20.97
N GLY H 205 -1.19 0.94 -20.97
CA GLY H 205 -0.92 -0.14 -20.03
C GLY H 205 -1.11 0.33 -18.60
N SER H 206 -0.76 1.61 -18.34
CA SER H 206 -0.98 2.24 -17.05
C SER H 206 -2.47 2.24 -16.68
N GLU H 207 -3.38 2.16 -17.64
CA GLU H 207 -4.83 2.14 -17.33
C GLU H 207 -5.54 0.74 -17.43
N ILE H 208 -5.25 -0.06 -18.48
CA ILE H 208 -5.92 -1.35 -18.70
C ILE H 208 -5.03 -2.58 -18.59
N GLY H 209 -3.73 -2.40 -18.39
CA GLY H 209 -2.86 -3.55 -18.38
C GLY H 209 -3.14 -4.48 -17.18
N ASP H 210 -3.26 -3.91 -15.98
CA ASP H 210 -3.53 -4.73 -14.82
C ASP H 210 -4.81 -5.51 -15.04
N TYR H 211 -5.80 -4.84 -15.60
CA TYR H 211 -7.12 -5.46 -15.78
C TYR H 211 -7.00 -6.66 -16.71
N ILE H 212 -6.27 -6.49 -17.80
CA ILE H 212 -6.08 -7.55 -18.81
C ILE H 212 -5.38 -8.76 -18.14
N VAL H 213 -4.28 -8.51 -17.41
CA VAL H 213 -3.48 -9.62 -16.92
C VAL H 213 -4.18 -10.43 -15.82
N GLU H 214 -5.02 -9.78 -15.00
CA GLU H 214 -5.65 -10.44 -13.84
C GLU H 214 -7.08 -10.99 -14.16
N HIS H 215 -7.51 -10.87 -15.42
CA HIS H 215 -8.84 -11.29 -15.84
C HIS H 215 -8.95 -12.78 -15.53
N LYS H 216 -10.08 -13.19 -14.95
CA LYS H 216 -10.24 -14.59 -14.52
C LYS H 216 -10.14 -15.62 -15.63
N LYS H 217 -10.39 -15.27 -16.90
CA LYS H 217 -10.33 -16.19 -18.02
C LYS H 217 -8.98 -16.33 -18.70
N VAL H 218 -7.96 -15.58 -18.26
CA VAL H 218 -6.68 -15.60 -18.92
C VAL H 218 -5.89 -16.80 -18.42
N ASN H 219 -5.29 -17.57 -19.33
CA ASN H 219 -4.54 -18.74 -18.96
C ASN H 219 -3.04 -18.60 -19.05
N LEU H 220 -2.55 -17.69 -19.90
CA LEU H 220 -1.14 -17.54 -20.13
C LEU H 220 -0.85 -16.11 -20.51
N ILE H 221 0.24 -15.54 -19.96
CA ILE H 221 0.71 -14.21 -20.33
C ILE H 221 2.13 -14.30 -20.90
N THR H 222 2.28 -13.79 -22.14
CA THR H 222 3.57 -13.71 -22.80
C THR H 222 3.89 -12.27 -23.05
N MET H 223 5.00 -11.80 -22.46
CA MET H 223 5.28 -10.38 -22.41
C MET H 223 6.76 -10.14 -22.52
N THR H 224 7.14 -9.03 -23.18
CA THR H 224 8.51 -8.52 -23.15
C THR H 224 8.47 -7.05 -22.84
N GLY H 225 9.35 -6.60 -21.96
CA GLY H 225 9.42 -5.17 -21.61
C GLY H 225 10.28 -4.92 -20.41
N SER H 226 9.85 -3.99 -19.58
CA SER H 226 10.70 -3.54 -18.45
C SER H 226 10.56 -4.43 -17.23
N THR H 227 11.54 -4.30 -16.33
CA THR H 227 11.58 -5.11 -15.15
C THR H 227 10.34 -4.78 -14.32
N ALA H 228 10.08 -3.50 -14.09
CA ALA H 228 8.95 -3.10 -13.28
C ALA H 228 7.58 -3.59 -13.74
N THR H 229 7.33 -3.54 -15.06
CA THR H 229 6.06 -4.03 -15.61
C THR H 229 6.03 -5.54 -15.45
N GLY H 230 7.14 -6.20 -15.69
CA GLY H 230 7.24 -7.61 -15.42
C GLY H 230 6.86 -8.00 -13.98
N GLN H 231 7.37 -7.26 -12.99
CA GLN H 231 7.11 -7.55 -11.59
C GLN H 231 5.66 -7.39 -11.23
N ARG H 232 5.12 -6.33 -11.77
CA ARG H 232 3.75 -6.00 -11.62
C ARG H 232 2.83 -7.09 -12.24
N ILE H 233 3.19 -7.60 -13.41
CA ILE H 233 2.39 -8.68 -14.07
C ILE H 233 2.40 -9.93 -13.22
N MET H 234 3.59 -10.29 -12.70
CA MET H 234 3.70 -11.38 -11.76
C MET H 234 2.82 -11.26 -10.53
N GLN H 235 2.71 -10.06 -9.95
CA GLN H 235 1.76 -9.90 -8.84
C GLN H 235 0.30 -10.06 -9.24
N LYS H 236 -0.07 -9.44 -10.33
CA LYS H 236 -1.47 -9.42 -10.73
C LYS H 236 -1.90 -10.79 -11.23
N ALA H 237 -1.01 -11.53 -11.88
CA ALA H 237 -1.35 -12.88 -12.31
C ALA H 237 -1.52 -13.88 -11.18
N SER H 238 -1.21 -13.51 -9.95
CA SER H 238 -1.58 -14.31 -8.77
C SER H 238 -3.10 -14.51 -8.71
N ALA H 239 -3.89 -13.64 -9.36
CA ALA H 239 -5.37 -13.79 -9.39
C ALA H 239 -5.87 -14.97 -10.22
N ASN H 240 -5.21 -15.33 -11.31
CA ASN H 240 -5.62 -16.43 -12.16
C ASN H 240 -4.58 -17.53 -12.29
N MET H 241 -3.42 -17.42 -11.61
CA MET H 241 -2.31 -18.35 -11.79
C MET H 241 -1.89 -18.55 -13.23
N ALA H 242 -2.01 -17.50 -14.04
CA ALA H 242 -1.54 -17.63 -15.41
C ALA H 242 -0.08 -18.09 -15.50
N LYS H 243 0.17 -18.96 -16.46
CA LYS H 243 1.52 -19.28 -16.87
C LYS H 243 2.17 -18.02 -17.43
N LEU H 244 3.41 -17.72 -17.06
CA LEU H 244 4.05 -16.47 -17.40
C LEU H 244 5.23 -16.73 -18.28
N ILE H 245 5.35 -15.99 -19.34
CA ILE H 245 6.52 -15.99 -20.22
C ILE H 245 6.92 -14.51 -20.28
N LEU H 246 7.94 -14.13 -19.46
CA LEU H 246 8.32 -12.75 -19.30
C LEU H 246 9.78 -12.60 -19.63
N GLU H 247 10.06 -11.63 -20.49
CA GLU H 247 11.46 -11.35 -20.82
C GLU H 247 11.67 -9.84 -20.59
N LEU H 248 12.55 -9.56 -19.65
CA LEU H 248 12.56 -8.25 -19.05
C LEU H 248 13.90 -7.52 -19.19
N GLY H 249 14.67 -7.83 -20.22
CA GLY H 249 15.88 -7.08 -20.53
C GLY H 249 17.06 -7.46 -19.63
N GLY H 250 18.06 -6.59 -19.58
CA GLY H 250 19.31 -7.01 -18.99
C GLY H 250 20.36 -5.93 -18.84
N LYS H 251 21.55 -6.41 -18.49
CA LYS H 251 22.71 -5.56 -18.33
C LYS H 251 23.89 -6.34 -18.81
N ALA H 252 23.94 -6.56 -20.13
CA ALA H 252 24.95 -7.46 -20.69
C ALA H 252 26.39 -7.01 -20.50
N PRO H 253 27.23 -7.90 -19.97
CA PRO H 253 28.66 -7.59 -19.90
C PRO H 253 29.34 -7.97 -21.20
N PHE H 254 30.16 -7.08 -21.67
CA PHE H 254 30.91 -7.29 -22.88
C PHE H 254 32.37 -7.45 -22.47
N MET H 255 32.91 -8.65 -22.61
CA MET H 255 34.19 -9.06 -22.00
C MET H 255 35.22 -9.33 -23.08
N VAL H 256 36.34 -8.61 -23.03
CA VAL H 256 37.37 -8.71 -24.06
C VAL H 256 38.67 -9.11 -23.39
N TRP H 257 39.07 -10.35 -23.63
CA TRP H 257 40.31 -10.89 -23.04
C TRP H 257 41.52 -10.42 -23.88
N LYS H 258 42.71 -10.51 -23.28
CA LYS H 258 43.98 -10.03 -23.88
C LYS H 258 44.28 -10.58 -25.25
N ASP H 259 43.78 -11.78 -25.57
CA ASP H 259 44.07 -12.43 -26.84
C ASP H 259 42.90 -12.30 -27.86
N ALA H 260 41.95 -11.43 -27.61
CA ALA H 260 40.78 -11.22 -28.54
C ALA H 260 41.26 -10.70 -29.88
N ASP H 261 40.55 -11.03 -30.95
CA ASP H 261 40.77 -10.34 -32.21
C ASP H 261 40.12 -8.97 -32.05
N MET H 262 40.93 -7.93 -32.14
CA MET H 262 40.51 -6.56 -31.87
C MET H 262 39.46 -6.06 -32.86
N ASP H 263 39.68 -6.25 -34.15
CA ASP H 263 38.71 -5.80 -35.14
C ASP H 263 37.33 -6.46 -34.95
N ASN H 264 37.32 -7.77 -34.70
CA ASN H 264 36.07 -8.51 -34.49
C ASN H 264 35.33 -8.08 -33.21
N ALA H 265 36.09 -7.88 -32.16
CA ALA H 265 35.57 -7.36 -30.90
C ALA H 265 34.95 -5.95 -31.08
N LEU H 266 35.66 -5.07 -31.79
CA LEU H 266 35.19 -3.71 -31.99
C LEU H 266 33.96 -3.64 -32.91
N LYS H 267 33.98 -4.39 -34.02
CA LYS H 267 32.81 -4.50 -34.86
C LYS H 267 31.58 -5.01 -34.05
N THR H 268 31.77 -6.02 -33.22
CA THR H 268 30.67 -6.58 -32.44
C THR H 268 30.18 -5.60 -31.39
N LEU H 269 31.07 -4.84 -30.79
CA LEU H 269 30.66 -3.84 -29.76
C LEU H 269 29.88 -2.69 -30.38
N LEU H 270 30.30 -2.27 -31.57
CA LEU H 270 29.57 -1.28 -32.33
C LEU H 270 28.18 -1.75 -32.53
N TRP H 271 28.01 -2.99 -32.95
CA TRP H 271 26.67 -3.58 -33.04
C TRP H 271 25.96 -3.64 -31.65
N ALA H 272 26.62 -4.22 -30.66
CA ALA H 272 25.98 -4.48 -29.43
C ALA H 272 25.56 -3.22 -28.71
N LYS H 273 26.31 -2.13 -28.88
CA LYS H 273 25.97 -0.90 -28.22
C LYS H 273 24.97 -0.07 -28.98
N TYR H 274 25.12 0.08 -30.29
CA TYR H 274 24.44 1.12 -31.03
C TYR H 274 23.32 0.62 -31.97
N TRP H 275 23.20 -0.68 -32.20
CA TRP H 275 22.05 -1.26 -32.87
C TRP H 275 20.79 -0.89 -32.10
N ASN H 276 19.88 -0.29 -32.83
CA ASN H 276 18.62 0.23 -32.28
C ASN H 276 18.87 1.29 -31.17
N ALA H 277 19.97 2.03 -31.28
CA ALA H 277 20.43 3.02 -30.27
C ALA H 277 20.55 2.49 -28.82
N GLY H 278 20.95 1.22 -28.74
CA GLY H 278 21.08 0.51 -27.48
C GLY H 278 19.79 0.05 -26.82
N GLN H 279 18.68 0.20 -27.55
CA GLN H 279 17.36 -0.07 -26.98
C GLN H 279 17.07 -1.50 -27.31
N SER H 280 17.89 -2.38 -26.72
CA SER H 280 17.87 -3.80 -27.02
C SER H 280 18.04 -4.56 -25.69
N ILE H 282 19.42 -7.21 -25.30
CA ILE H 282 20.77 -7.78 -25.26
C ILE H 282 21.91 -6.80 -25.55
N ALA H 283 21.64 -5.50 -25.49
CA ALA H 283 22.59 -4.46 -25.75
C ALA H 283 23.80 -4.60 -24.77
N ALA H 284 24.98 -4.34 -25.27
CA ALA H 284 26.10 -4.24 -24.35
C ALA H 284 25.83 -3.08 -23.39
N GLU H 285 25.91 -3.37 -22.10
CA GLU H 285 25.61 -2.42 -21.06
C GLU H 285 26.79 -2.16 -20.11
N ARG H 286 27.84 -3.00 -20.09
CA ARG H 286 29.09 -2.79 -19.26
C ARG H 286 30.24 -3.33 -20.08
N LEU H 287 31.38 -2.65 -20.13
CA LEU H 287 32.47 -3.10 -20.94
C LEU H 287 33.62 -3.46 -20.01
N TYR H 288 34.09 -4.69 -20.08
CA TYR H 288 35.27 -5.11 -19.35
C TYR H 288 36.37 -5.46 -20.31
N VAL H 289 37.49 -4.73 -20.30
CA VAL H 289 38.53 -5.02 -21.26
C VAL H 289 39.83 -5.35 -20.51
N HIS H 290 40.55 -6.37 -20.97
CA HIS H 290 41.84 -6.74 -20.34
C HIS H 290 42.79 -5.55 -20.33
N GLU H 291 43.40 -5.30 -19.19
CA GLU H 291 44.39 -4.20 -19.06
C GLU H 291 45.48 -4.13 -20.14
N ASP H 292 45.94 -5.24 -20.65
CA ASP H 292 46.96 -5.31 -21.70
C ASP H 292 46.56 -4.79 -23.09
N ILE H 293 45.27 -4.63 -23.37
CA ILE H 293 44.78 -4.09 -24.63
C ILE H 293 43.76 -2.94 -24.42
N TYR H 294 43.47 -2.56 -23.18
CA TYR H 294 42.48 -1.52 -22.85
C TYR H 294 42.67 -0.18 -23.54
N ASP H 295 43.88 0.38 -23.59
CA ASP H 295 44.06 1.67 -24.20
C ASP H 295 43.98 1.61 -25.70
N THR H 296 44.55 0.60 -26.34
CA THR H 296 44.26 0.40 -27.79
C THR H 296 42.71 0.29 -28.04
N PHE H 297 42.03 -0.55 -27.26
CA PHE H 297 40.60 -0.83 -27.44
C PHE H 297 39.72 0.44 -27.29
N MET H 298 39.83 1.10 -26.16
CA MET H 298 39.07 2.32 -25.89
C MET H 298 39.39 3.48 -26.86
N SER H 299 40.68 3.68 -27.20
CA SER H 299 41.07 4.56 -28.31
C SER H 299 40.29 4.30 -29.61
N ARG H 300 40.36 3.05 -30.11
CA ARG H 300 39.71 2.69 -31.34
C ARG H 300 38.18 2.81 -31.18
N PHE H 301 37.64 2.49 -30.00
CA PHE H 301 36.20 2.50 -29.81
C PHE H 301 35.66 3.93 -29.82
N VAL H 302 36.40 4.87 -29.23
CA VAL H 302 36.07 6.28 -29.34
C VAL H 302 36.19 6.76 -30.79
N GLU H 303 37.31 6.49 -31.50
CA GLU H 303 37.42 6.92 -32.92
C GLU H 303 36.29 6.34 -33.80
N LEU H 304 35.86 5.10 -33.56
CA LEU H 304 34.76 4.54 -34.31
C LEU H 304 33.43 5.20 -33.97
N SER H 305 33.16 5.39 -32.68
CA SER H 305 31.87 5.90 -32.22
C SER H 305 31.66 7.28 -32.79
N ARG H 306 32.72 8.05 -32.87
CA ARG H 306 32.59 9.42 -33.41
C ARG H 306 32.29 9.49 -34.92
N LYS H 307 32.52 8.40 -35.64
CA LYS H 307 32.23 8.38 -37.07
C LYS H 307 30.78 7.91 -37.39
N LEU H 308 29.96 7.60 -36.38
CA LEU H 308 28.58 7.18 -36.57
C LEU H 308 27.59 8.33 -36.86
N ALA H 309 26.86 8.24 -37.97
CA ALA H 309 25.88 9.30 -38.33
C ALA H 309 24.56 9.05 -37.66
N LEU H 310 24.02 10.10 -37.04
CA LEU H 310 22.65 10.08 -36.51
C LEU H 310 21.78 10.89 -37.47
N GLY H 311 20.53 10.46 -37.64
CA GLY H 311 19.54 11.27 -38.34
C GLY H 311 18.46 10.44 -39.02
N ASP H 312 18.23 10.74 -40.28
CA ASP H 312 17.13 10.17 -41.10
C ASP H 312 17.34 8.68 -41.20
N PRO H 313 16.27 7.88 -41.05
CA PRO H 313 16.34 6.44 -41.37
C PRO H 313 17.04 6.06 -42.68
N LYS H 314 16.90 6.89 -43.70
CA LYS H 314 17.46 6.55 -45.03
C LYS H 314 18.97 6.54 -45.08
N ASN H 315 19.67 7.30 -44.25
CA ASN H 315 21.16 7.23 -44.24
C ASN H 315 21.89 7.20 -42.89
N ALA H 316 21.18 7.26 -41.77
CA ALA H 316 21.82 7.20 -40.47
C ALA H 316 22.39 5.82 -40.16
N ASP H 317 23.47 5.81 -39.37
CA ASP H 317 23.93 4.59 -38.73
C ASP H 317 23.10 4.26 -37.48
N MET H 318 22.55 5.25 -36.80
CA MET H 318 21.84 5.06 -35.54
C MET H 318 20.67 6.02 -35.47
N GLY H 319 19.53 5.51 -35.02
CA GLY H 319 18.33 6.29 -34.94
C GLY H 319 18.19 6.97 -33.58
N PRO H 320 17.02 7.65 -33.38
CA PRO H 320 16.71 8.32 -32.14
C PRO H 320 16.15 7.37 -31.09
N LEU H 321 16.08 7.85 -29.85
CA LEU H 321 15.37 7.14 -28.79
C LEU H 321 13.85 7.21 -29.11
N ILE H 322 13.08 6.33 -28.50
CA ILE H 322 11.65 6.13 -28.84
C ILE H 322 10.72 7.32 -28.52
N ASN H 323 11.00 7.99 -27.40
CA ASN H 323 10.09 9.04 -26.92
C ASN H 323 10.79 10.06 -26.03
N LYS H 324 10.09 11.15 -25.75
CA LYS H 324 10.69 12.28 -25.02
C LYS H 324 11.15 11.86 -23.64
N GLY H 325 10.35 11.01 -22.99
CA GLY H 325 10.71 10.41 -21.67
C GLY H 325 11.98 9.55 -21.70
N ALA H 326 12.24 8.81 -22.75
CA ALA H 326 13.54 8.12 -22.89
C ALA H 326 14.71 9.11 -23.01
N LEU H 327 14.53 10.16 -23.80
CA LEU H 327 15.56 11.19 -23.93
C LEU H 327 15.84 11.83 -22.55
N GLN H 328 14.77 12.17 -21.83
CA GLN H 328 14.87 12.74 -20.49
C GLN H 328 15.62 11.79 -19.55
N ALA H 329 15.19 10.51 -19.49
CA ALA H 329 15.79 9.57 -18.56
C ALA H 329 17.26 9.35 -18.86
N THR H 330 17.61 9.31 -20.15
CA THR H 330 18.99 9.12 -20.57
C THR H 330 19.90 10.32 -20.17
N SER H 331 19.41 11.54 -20.31
CA SER H 331 20.15 12.73 -19.88
C SER H 331 20.42 12.69 -18.38
N GLU H 332 19.43 12.26 -17.59
CA GLU H 332 19.58 12.05 -16.15
C GLU H 332 20.64 11.02 -15.81
N ILE H 333 20.62 9.90 -16.50
CA ILE H 333 21.65 8.89 -16.34
C ILE H 333 23.05 9.47 -16.59
N VAL H 334 23.23 10.23 -17.67
CA VAL H 334 24.56 10.77 -17.93
C VAL H 334 24.92 11.85 -16.88
N GLU H 335 23.97 12.69 -16.49
CA GLU H 335 24.20 13.64 -15.39
C GLU H 335 24.52 13.00 -14.04
N GLU H 336 23.88 11.89 -13.68
CA GLU H 336 24.20 11.22 -12.39
C GLU H 336 25.61 10.63 -12.41
N ALA H 337 26.02 10.07 -13.57
CA ALA H 337 27.37 9.56 -13.73
C ALA H 337 28.45 10.65 -13.61
N LYS H 338 28.23 11.79 -14.27
CA LYS H 338 29.08 12.98 -14.16
C LYS H 338 29.12 13.51 -12.72
N GLU H 339 27.99 13.43 -11.99
CA GLU H 339 27.89 13.86 -10.55
C GLU H 339 28.59 12.89 -9.59
N SER H 340 28.82 11.67 -10.02
CA SER H 340 29.52 10.67 -9.25
C SER H 340 31.00 10.56 -9.59
N GLY H 341 31.53 11.53 -10.33
CA GLY H 341 32.94 11.57 -10.69
C GLY H 341 33.38 10.84 -11.94
N ALA H 342 32.43 10.39 -12.80
CA ALA H 342 32.80 9.62 -13.97
C ALA H 342 33.43 10.51 -15.05
N LYS H 343 34.27 9.95 -15.92
CA LYS H 343 34.88 10.73 -17.03
C LYS H 343 34.17 10.42 -18.36
N ILE H 344 33.65 11.47 -19.00
CA ILE H 344 33.00 11.33 -20.28
C ILE H 344 34.11 11.26 -21.30
N LEU H 345 34.32 10.11 -21.93
CA LEU H 345 35.35 9.98 -22.93
C LEU H 345 34.87 10.45 -24.30
N PHE H 346 33.58 10.39 -24.53
CA PHE H 346 32.99 10.81 -25.79
C PHE H 346 31.50 11.00 -25.60
N GLY H 347 30.94 12.00 -26.29
CA GLY H 347 29.51 12.24 -26.32
C GLY H 347 28.95 12.79 -25.04
N GLY H 348 27.83 12.25 -24.58
CA GLY H 348 27.17 12.72 -23.34
C GLY H 348 26.06 13.76 -23.48
N SER H 349 25.54 13.91 -24.68
CA SER H 349 24.47 14.89 -24.90
C SER H 349 23.77 14.58 -26.21
N GLN H 350 22.78 15.40 -26.53
CA GLN H 350 22.11 15.35 -27.83
C GLN H 350 23.08 15.85 -28.90
N PRO H 351 22.94 15.39 -30.14
CA PRO H 351 23.78 15.95 -31.22
C PRO H 351 23.30 17.35 -31.59
N SER H 352 24.02 18.03 -32.49
CA SER H 352 23.53 19.24 -33.18
C SER H 352 23.01 18.73 -34.54
N LEU H 353 21.70 18.62 -34.72
CA LEU H 353 21.11 18.21 -36.01
C LEU H 353 20.56 19.39 -36.83
N SER H 354 20.43 19.20 -38.15
CA SER H 354 19.79 20.17 -39.05
C SER H 354 18.30 19.83 -39.24
N GLY H 355 17.54 20.80 -39.75
CA GLY H 355 16.17 20.58 -40.19
C GLY H 355 15.21 20.06 -39.13
N PRO H 356 14.28 19.14 -39.51
CA PRO H 356 13.27 18.63 -38.55
C PRO H 356 13.84 17.77 -37.43
N TYR H 357 15.08 17.29 -37.61
CA TYR H 357 15.69 16.35 -36.68
C TYR H 357 16.00 17.01 -35.32
N ARG H 358 16.07 18.34 -35.30
CA ARG H 358 16.26 19.14 -34.08
C ARG H 358 15.25 18.84 -32.97
N ASN H 359 14.01 18.53 -33.34
CA ASN H 359 12.94 18.21 -32.38
C ASN H 359 12.74 16.71 -32.13
N GLY H 360 13.55 15.86 -32.75
CA GLY H 360 13.51 14.45 -32.49
C GLY H 360 14.34 14.07 -31.27
N TYR H 361 14.24 12.81 -30.86
CA TYR H 361 14.76 12.40 -29.55
C TYR H 361 16.12 11.74 -29.72
N PHE H 362 17.04 12.45 -30.36
CA PHE H 362 18.35 11.90 -30.66
C PHE H 362 19.27 12.08 -29.47
N PHE H 363 20.12 11.09 -29.28
CA PHE H 363 21.16 11.13 -28.28
C PHE H 363 22.49 10.58 -28.79
N LEU H 364 23.59 11.28 -28.50
CA LEU H 364 24.92 10.84 -28.99
C LEU H 364 25.43 9.59 -28.28
N PRO H 365 26.21 8.77 -29.01
CA PRO H 365 27.00 7.70 -28.44
C PRO H 365 27.83 8.25 -27.30
N THR H 366 27.78 7.59 -26.16
CA THR H 366 28.41 8.12 -24.95
C THR H 366 29.19 7.03 -24.25
N ILE H 367 30.49 7.28 -24.08
CA ILE H 367 31.42 6.32 -23.54
C ILE H 367 32.02 6.92 -22.29
N ILE H 368 31.94 6.17 -21.20
CA ILE H 368 32.30 6.66 -19.86
C ILE H 368 33.44 5.82 -19.25
N GLY H 369 34.47 6.49 -18.72
CA GLY H 369 35.63 5.78 -18.04
C GLY H 369 35.57 5.93 -16.51
N ASN H 370 36.27 5.08 -15.80
CA ASN H 370 36.30 5.20 -14.36
C ASN H 370 35.03 5.43 -13.56
N ALA H 371 34.05 4.57 -13.75
CA ALA H 371 32.85 4.62 -12.96
C ALA H 371 33.01 3.29 -12.23
N ASP H 372 32.56 3.24 -10.99
CA ASP H 372 32.72 2.06 -10.21
C ASP H 372 31.84 0.87 -10.65
N GLN H 373 32.27 -0.33 -10.34
CA GLN H 373 31.52 -1.58 -10.57
C GLN H 373 30.12 -1.52 -9.90
N LYS H 374 30.05 -0.90 -8.72
CA LYS H 374 28.82 -0.73 -7.94
C LYS H 374 27.98 0.51 -8.33
N SER H 375 28.47 1.36 -9.23
CA SER H 375 27.67 2.52 -9.69
C SER H 375 26.39 2.21 -10.50
N LYS H 376 25.49 3.18 -10.52
CA LYS H 376 24.21 3.04 -11.30
C LYS H 376 24.45 2.73 -12.82
N ILE H 377 25.48 3.33 -13.41
CA ILE H 377 25.92 3.02 -14.81
C ILE H 377 26.29 1.52 -15.05
N PHE H 378 26.79 0.87 -13.98
CA PHE H 378 27.15 -0.55 -14.01
C PHE H 378 26.07 -1.47 -13.40
N GLN H 379 25.12 -0.94 -12.63
CA GLN H 379 24.15 -1.78 -11.95
C GLN H 379 22.71 -1.65 -12.41
N GLU H 380 22.36 -0.58 -13.12
CA GLU H 380 21.00 -0.33 -13.54
C GLU H 380 20.94 -0.21 -15.09
N GLU H 381 19.88 -0.79 -15.67
CA GLU H 381 19.73 -0.88 -17.12
C GLU H 381 19.58 0.53 -17.69
N ILE H 382 20.29 0.79 -18.78
CA ILE H 382 20.33 2.08 -19.45
C ILE H 382 19.40 2.16 -20.68
N PHE H 383 19.46 1.15 -21.52
CA PHE H 383 18.57 1.05 -22.70
C PHE H 383 18.72 2.30 -23.58
N ALA H 384 19.97 2.67 -23.81
CA ALA H 384 20.31 3.86 -24.59
C ALA H 384 21.79 3.77 -25.03
N PRO H 385 22.26 4.67 -25.91
CA PRO H 385 23.60 4.43 -26.45
C PRO H 385 24.75 4.93 -25.53
N VAL H 386 24.76 4.46 -24.30
CA VAL H 386 25.73 4.88 -23.30
C VAL H 386 26.35 3.63 -22.73
N ILE H 387 27.66 3.64 -22.50
CA ILE H 387 28.31 2.55 -21.82
C ILE H 387 29.57 3.01 -21.05
N GLY H 388 29.84 2.33 -19.92
CA GLY H 388 31.05 2.54 -19.14
C GLY H 388 32.00 1.35 -19.26
N ALA H 389 33.29 1.63 -19.13
CA ALA H 389 34.35 0.62 -19.22
C ALA H 389 35.12 0.52 -17.91
N ARG H 390 35.52 -0.73 -17.57
CA ARG H 390 36.56 -0.90 -16.56
CA ARG H 390 36.39 -1.14 -16.44
C ARG H 390 37.53 -1.95 -17.04
N LYS H 391 38.72 -1.92 -16.44
CA LYS H 391 39.80 -2.86 -16.77
C LYS H 391 39.61 -4.16 -16.01
N ILE H 392 40.14 -5.25 -16.56
CA ILE H 392 40.19 -6.53 -15.85
C ILE H 392 41.60 -7.08 -15.95
N SER H 393 41.93 -7.97 -15.03
CA SER H 393 43.21 -8.66 -15.13
C SER H 393 43.22 -10.13 -14.83
N SER H 394 42.13 -10.74 -14.33
CA SER H 394 42.13 -12.20 -14.16
C SER H 394 40.82 -12.77 -14.64
N VAL H 395 40.86 -14.03 -15.03
CA VAL H 395 39.61 -14.72 -15.39
C VAL H 395 38.57 -14.78 -14.23
N GLU H 396 38.95 -15.26 -13.04
CA GLU H 396 38.04 -15.36 -11.87
C GLU H 396 37.33 -14.03 -11.59
N GLU H 397 38.08 -12.95 -11.68
CA GLU H 397 37.56 -11.61 -11.54
C GLU H 397 36.55 -11.27 -12.65
N MET H 398 36.87 -11.62 -13.89
CA MET H 398 35.97 -11.40 -15.02
C MET H 398 34.62 -12.09 -14.76
N TYR H 399 34.66 -13.36 -14.36
CA TYR H 399 33.39 -14.04 -14.00
C TYR H 399 32.65 -13.31 -12.85
N ASP H 400 33.37 -12.98 -11.80
CA ASP H 400 32.72 -12.32 -10.66
C ASP H 400 32.09 -10.95 -10.95
N LEU H 401 32.77 -10.12 -11.74
CA LEU H 401 32.24 -8.85 -12.15
C LEU H 401 31.01 -8.99 -13.07
N ALA H 402 31.07 -9.96 -14.01
CA ALA H 402 29.98 -10.22 -14.90
C ALA H 402 28.73 -10.66 -14.13
N ASN H 403 28.92 -11.61 -13.22
CA ASN H 403 27.83 -12.10 -12.43
C ASN H 403 27.33 -11.18 -11.31
N ASP H 404 28.06 -10.11 -11.01
CA ASP H 404 27.69 -9.15 -9.97
C ASP H 404 26.63 -8.19 -10.57
N SER H 405 25.40 -8.72 -10.71
CA SER H 405 24.31 -8.01 -11.38
C SER H 405 23.02 -8.60 -10.93
N LYS H 406 22.00 -7.79 -10.78
CA LYS H 406 20.64 -8.35 -10.68
C LYS H 406 20.04 -8.87 -12.00
N TYR H 407 20.70 -8.55 -13.12
CA TYR H 407 20.33 -8.99 -14.45
C TYR H 407 21.13 -10.24 -14.86
N GLY H 408 20.67 -10.89 -15.93
CA GLY H 408 21.18 -12.19 -16.30
C GLY H 408 20.77 -12.70 -17.69
N LEU H 409 20.60 -11.81 -18.68
CA LEU H 409 20.22 -12.22 -20.03
C LEU H 409 21.42 -12.43 -20.95
N ALA H 410 21.86 -11.46 -21.73
CA ALA H 410 22.97 -11.68 -22.63
C ALA H 410 24.30 -11.29 -21.95
N SER H 411 25.36 -11.76 -22.58
CA SER H 411 26.74 -11.44 -22.30
C SER H 411 27.54 -11.73 -23.56
N TYR H 412 28.75 -11.17 -23.63
CA TYR H 412 29.61 -11.29 -24.80
C TYR H 412 31.00 -11.55 -24.30
N LEU H 413 31.69 -12.42 -25.00
CA LEU H 413 33.08 -12.80 -24.70
C LEU H 413 33.93 -12.93 -25.97
N PHE H 414 35.07 -12.21 -25.97
CA PHE H 414 36.06 -12.32 -26.99
C PHE H 414 37.39 -12.84 -26.43
N THR H 415 37.75 -14.02 -26.91
CA THR H 415 38.99 -14.69 -26.52
C THR H 415 39.25 -15.81 -27.50
N LYS H 416 40.51 -16.23 -27.51
CA LYS H 416 40.96 -17.37 -28.28
C LYS H 416 41.40 -18.51 -27.36
N ASP H 417 41.20 -18.39 -26.05
CA ASP H 417 41.66 -19.40 -25.11
C ASP H 417 40.46 -20.37 -24.86
N PRO H 418 40.58 -21.63 -25.35
CA PRO H 418 39.47 -22.59 -25.24
C PRO H 418 39.14 -22.88 -23.80
N ASN H 419 40.12 -22.81 -22.91
CA ASN H 419 39.85 -23.07 -21.50
C ASN H 419 38.91 -22.03 -20.91
N ILE H 420 39.04 -20.80 -21.39
CA ILE H 420 38.13 -19.78 -20.94
C ILE H 420 36.75 -19.95 -21.59
N ILE H 421 36.72 -20.28 -22.89
CA ILE H 421 35.44 -20.40 -23.58
C ILE H 421 34.60 -21.48 -22.88
N PHE H 422 35.19 -22.64 -22.66
CA PHE H 422 34.45 -23.77 -22.07
C PHE H 422 34.03 -23.57 -20.64
N GLU H 423 34.94 -23.04 -19.83
CA GLU H 423 34.64 -22.79 -18.43
C GLU H 423 33.60 -21.69 -18.27
N ALA H 424 33.77 -20.61 -19.02
CA ALA H 424 32.76 -19.54 -19.05
C ALA H 424 31.38 -20.01 -19.44
N SER H 425 31.32 -21.06 -20.23
CA SER H 425 29.98 -21.63 -20.56
C SER H 425 29.15 -22.07 -19.34
N GLU H 426 29.83 -22.46 -18.26
CA GLU H 426 29.20 -22.69 -16.99
C GLU H 426 29.30 -21.52 -16.01
N ARG H 427 30.45 -20.84 -15.96
CA ARG H 427 30.68 -19.87 -14.88
C ARG H 427 30.00 -18.52 -15.11
N ILE H 428 29.72 -18.16 -16.39
CA ILE H 428 29.01 -16.95 -16.67
C ILE H 428 27.49 -17.27 -16.60
N ARG H 429 26.86 -16.74 -15.54
CA ARG H 429 25.47 -17.10 -15.15
C ARG H 429 24.49 -16.17 -15.82
N PHE H 430 24.53 -16.25 -17.17
CA PHE H 430 23.72 -15.48 -18.08
C PHE H 430 23.00 -16.46 -19.07
N GLY H 431 21.75 -16.16 -19.40
CA GLY H 431 21.01 -17.02 -20.37
C GLY H 431 21.62 -17.18 -21.74
N GLU H 432 22.31 -16.14 -22.20
CA GLU H 432 22.96 -16.17 -23.52
C GLU H 432 24.39 -15.63 -23.38
N LEU H 433 25.39 -16.39 -23.83
CA LEU H 433 26.78 -15.98 -23.95
C LEU H 433 27.21 -16.04 -25.40
N TYR H 434 27.56 -14.90 -25.97
CA TYR H 434 27.95 -14.79 -27.36
C TYR H 434 29.44 -14.75 -27.39
N VAL H 435 30.03 -15.80 -27.93
CA VAL H 435 31.46 -16.01 -27.96
C VAL H 435 32.01 -15.71 -29.36
N ASN H 436 32.83 -14.68 -29.47
CA ASN H 436 33.47 -14.25 -30.71
C ASN H 436 32.49 -13.87 -31.84
N MET H 437 31.32 -13.41 -31.45
CA MET H 437 30.27 -13.02 -32.42
C MET H 437 29.26 -12.13 -31.76
N PRO H 438 28.53 -11.34 -32.57
CA PRO H 438 27.39 -10.58 -32.09
C PRO H 438 26.08 -11.42 -31.99
N GLY H 439 25.09 -10.85 -31.33
CA GLY H 439 23.70 -11.29 -31.44
C GLY H 439 23.16 -10.81 -32.81
N PRO H 440 21.86 -10.83 -33.04
CA PRO H 440 20.87 -11.26 -32.05
C PRO H 440 20.64 -12.77 -31.95
N GLU H 441 19.78 -13.13 -31.02
CA GLU H 441 19.44 -14.51 -30.79
C GLU H 441 18.87 -15.11 -32.07
N ALA H 442 18.95 -16.43 -32.17
CA ALA H 442 18.39 -17.18 -33.33
C ALA H 442 17.06 -17.80 -32.87
N SER H 443 16.15 -18.11 -33.80
CA SER H 443 14.92 -18.77 -33.41
C SER H 443 15.12 -20.12 -32.80
N GLN H 444 16.15 -20.81 -33.20
CA GLN H 444 16.45 -22.11 -32.61
C GLN H 444 17.07 -22.07 -31.19
N GLY H 445 17.41 -20.88 -30.67
CA GLY H 445 17.94 -20.78 -29.27
C GLY H 445 16.81 -20.50 -28.32
N TYR H 446 17.04 -20.72 -27.04
CA TYR H 446 16.02 -20.49 -26.03
C TYR H 446 16.39 -19.21 -25.27
N HIS H 447 15.74 -18.14 -25.66
CA HIS H 447 15.96 -16.81 -25.22
C HIS H 447 15.38 -16.66 -23.81
N THR H 448 16.27 -16.52 -22.83
CA THR H 448 15.94 -16.62 -21.40
C THR H 448 17.08 -16.03 -20.59
N GLY H 449 16.90 -15.98 -19.28
CA GLY H 449 18.00 -15.60 -18.41
C GLY H 449 17.77 -15.88 -16.95
N PHE H 450 18.75 -15.48 -16.14
CA PHE H 450 18.75 -15.69 -14.74
C PHE H 450 18.31 -14.43 -14.00
N ARG H 451 18.12 -14.60 -12.69
CA ARG H 451 17.88 -13.47 -11.75
C ARG H 451 16.69 -12.63 -12.22
N MET H 452 16.81 -11.33 -12.51
CA MET H 452 15.64 -10.51 -12.81
C MET H 452 15.17 -10.53 -14.30
N THR H 453 15.69 -11.45 -15.12
CA THR H 453 15.34 -11.51 -16.52
C THR H 453 13.87 -11.84 -16.75
N GLY H 454 13.26 -12.60 -15.87
CA GLY H 454 11.86 -12.97 -16.01
C GLY H 454 11.53 -14.41 -15.68
N GLN H 455 10.70 -14.97 -16.57
CA GLN H 455 10.09 -16.29 -16.38
C GLN H 455 10.08 -17.02 -17.71
N ALA H 456 10.47 -18.29 -17.71
CA ALA H 456 10.46 -19.18 -18.89
C ALA H 456 11.38 -18.58 -19.97
N GLY H 457 11.00 -18.69 -21.22
CA GLY H 457 11.83 -18.23 -22.29
C GLY H 457 11.15 -18.47 -23.63
N GLU H 458 11.83 -18.11 -24.72
CA GLU H 458 11.21 -18.02 -26.08
C GLU H 458 12.17 -18.54 -27.15
N GLY H 459 11.63 -19.31 -28.11
CA GLY H 459 12.47 -19.97 -29.11
C GLY H 459 12.95 -21.35 -28.71
N SER H 460 13.38 -22.13 -29.71
CA SER H 460 13.70 -23.57 -29.59
C SER H 460 12.46 -24.38 -29.34
N LYS H 461 12.63 -25.69 -29.38
CA LYS H 461 11.60 -26.63 -28.95
C LYS H 461 11.00 -26.24 -27.56
N TYR H 462 11.90 -25.79 -26.65
CA TYR H 462 11.49 -25.50 -25.28
C TYR H 462 10.66 -24.25 -25.24
N GLY H 463 10.91 -23.29 -26.12
CA GLY H 463 10.18 -22.04 -26.14
C GLY H 463 8.75 -22.26 -26.62
N ILE H 464 8.59 -22.93 -27.73
CA ILE H 464 7.25 -23.19 -28.23
C ILE H 464 6.48 -24.06 -27.25
N SER H 465 7.15 -25.00 -26.62
CA SER H 465 6.50 -25.86 -25.64
C SER H 465 6.01 -25.13 -24.41
N GLU H 466 6.44 -23.91 -24.17
CA GLU H 466 5.93 -23.13 -23.05
C GLU H 466 4.45 -22.75 -23.23
N TYR H 467 3.95 -22.86 -24.46
CA TYR H 467 2.55 -22.58 -24.84
C TYR H 467 1.65 -23.85 -24.86
N LEU H 468 2.23 -24.99 -24.41
CA LEU H 468 1.55 -26.25 -24.24
C LEU H 468 1.59 -26.68 -22.81
N LYS H 469 0.47 -27.17 -22.28
CA LYS H 469 0.41 -27.74 -20.95
C LYS H 469 0.40 -29.27 -21.09
N LEU H 470 1.15 -29.96 -20.29
CA LEU H 470 1.16 -31.38 -20.26
C LEU H 470 0.06 -31.86 -19.32
N LYS H 471 -0.74 -32.83 -19.72
CA LYS H 471 -1.74 -33.42 -18.85
C LYS H 471 -1.60 -34.94 -18.92
N ASN H 472 -2.01 -35.64 -17.87
CA ASN H 472 -1.78 -37.04 -17.74
C ASN H 472 -3.15 -37.73 -17.67
N ILE H 473 -3.20 -38.88 -18.32
CA ILE H 473 -4.29 -39.79 -18.22
C ILE H 473 -3.73 -41.13 -17.76
N TYR H 474 -4.14 -41.54 -16.58
CA TYR H 474 -3.79 -42.83 -16.01
C TYR H 474 -4.88 -43.86 -16.36
N VAL H 475 -4.56 -44.91 -17.12
CA VAL H 475 -5.56 -45.96 -17.46
C VAL H 475 -5.19 -47.30 -16.84
N ASP H 476 -6.18 -47.95 -16.24
CA ASP H 476 -6.10 -49.34 -15.81
C ASP H 476 -7.00 -50.13 -16.73
N TYR H 477 -6.43 -51.05 -17.48
CA TYR H 477 -7.18 -51.88 -18.38
C TYR H 477 -7.02 -53.35 -17.99
N SER H 478 -6.80 -53.67 -16.72
CA SER H 478 -6.86 -55.08 -16.36
C SER H 478 -8.23 -55.79 -16.52
N GLY H 479 -9.34 -55.07 -16.50
CA GLY H 479 -10.68 -55.67 -16.43
C GLY H 479 -10.95 -56.60 -15.25
N LYS H 480 -10.20 -56.43 -14.17
CA LYS H 480 -10.28 -57.28 -13.00
C LYS H 480 -10.76 -56.42 -11.81
N PRO H 481 -11.13 -57.05 -10.67
CA PRO H 481 -11.44 -56.27 -9.47
C PRO H 481 -10.21 -55.50 -8.99
N LEU H 482 -10.40 -54.26 -8.54
CA LEU H 482 -9.29 -53.44 -8.03
C LEU H 482 -9.02 -53.88 -6.60
N HIS H 483 -7.74 -53.81 -6.23
CA HIS H 483 -7.30 -54.06 -4.87
C HIS H 483 -6.55 -52.80 -4.43
N ILE H 484 -7.14 -52.08 -3.50
CA ILE H 484 -6.56 -50.83 -3.02
C ILE H 484 -6.15 -51.13 -1.58
N ASN H 485 -4.92 -50.80 -1.23
CA ASN H 485 -4.32 -51.18 0.09
C ASN H 485 -5.18 -50.74 1.29
N THR H 486 -5.68 -49.52 1.27
CA THR H 486 -6.46 -48.98 2.41
C THR H 486 -7.96 -49.12 2.29
N VAL H 487 -8.48 -49.85 1.30
CA VAL H 487 -9.90 -50.12 1.20
C VAL H 487 -10.08 -51.60 1.51
N ARG H 488 -10.83 -51.90 2.57
CA ARG H 488 -10.91 -53.27 3.05
C ARG H 488 -11.75 -54.05 2.07
N ASP H 489 -11.23 -55.17 1.57
CA ASP H 489 -12.01 -55.95 0.58
C ASP H 489 -13.19 -56.74 1.17
N ASP H 490 -13.25 -56.90 2.49
CA ASP H 490 -14.44 -57.48 3.16
C ASP H 490 -15.73 -56.61 3.13
N LEU H 491 -15.59 -55.35 2.70
CA LEU H 491 -16.74 -54.51 2.40
C LEU H 491 -17.42 -54.88 1.09
N PHE H 492 -16.76 -55.66 0.22
CA PHE H 492 -17.31 -56.09 -1.09
C PHE H 492 -17.21 -57.61 -1.24
#